data_5URM
#
_entry.id   5URM
#
_cell.length_a   103.863
_cell.length_b   105.874
_cell.length_c   135.285
_cell.angle_alpha   71.14
_cell.angle_beta   70.48
_cell.angle_gamma   89.83
#
_symmetry.space_group_name_H-M   'P 1'
#
loop_
_entity.id
_entity.type
_entity.pdbx_description
1 polymer 'U5 small nuclear ribonucleoprotein 200 kDa helicase'
2 non-polymer '3-(5-{[(2R)-5-amino-2-cyclohexyl-7-oxo-2,3-dihydro-7H-[1,3,4]thiadiazolo[3,2-a]pyrimidin-6-yl]methyl}furan-2-yl)benzoic acid'
3 water water
#
_entity_poly.entity_id   1
_entity_poly.type   'polypeptide(L)'
_entity_poly.pdbx_seq_one_letter_code
;GGSDLDQGGEALAPRQVLDLEDLVFTQGSHFMANKRCQLPDGSFRRQRKGYEEVHVPALKPKPFGSEEQLLPVEKLPKYA
QAGFEGFKTLNRIQSKLYRAALETDENLLLCAPTGAGKTNVALMCMLREIGKHINMDGTINVDDFKIIYIAPMRSLVQEM
VGSFGKRLATYGITVAELTGDHQLCKEEISATQIIVCTPEKWDIITRKGGERTYTQLVRLIILDEIHLLHDDRGPVLEAL
VARAIRNIEMTQEDVRLIGLSATLPNYEDVATFLRVDPAKGLFYFDNSFRPVPLEQTYVGITEKKAIKRFQIMNEIVYEK
IMEHAGKNQVLVFVHSRKETGKTARAIRDMCLEKDTLGLFLREGSASTEVLRTEAEQCKNLELKDLLPYGFAIHHAGMTR
VDRTLVEDLFADKHIQVLVSTATLAWGVNLPAHTVIIKGTQVYSPEKGRWTELGALDILQMLGRAGRPQYDTKGEGILIT
SHGELQYYLSLLNQQLPIESQMVSKLPDMLNAEIVLGNVQNAKDAVNWLGYAYLYIRMLRSPTLYGISHDDLKGDPLLDQ
RRLDLVHTAALMLDKNNLVKYDKKTGNFQVTELGRIASHYYITNDTVQTYNQLLKPTLSEIELFRVFSLSSEFKNITVRE
EEKLELQKLLERVPIPVKESIEEPSAKINVLLQAFISQLKLEGFALMADMVYVTQSAGRLMRAIFEIVLNRGWAQLTDKT
LNLCKMIDKRMWQSMCPLRQFRKLPEEVVKKIEKKNFPFERLYDLNHNEIGELIRMPKMGKTIHKYVHLFPKLELSVHLQ
PITRSTLKVELTITPDFQWDEKVHGSSEAFWILVEDVDSEVILHHEYFLLKAKYAQDEHLITFFVPVFEPLPPQYFIRVV
SDRWLSCETQLPVSFRHLILPEKYPPPTELLDLQPLPVSALRNSAFESLYQDKFPFFNPIQTQVFNTVYNSDDNVFVGAP
TGSGKTICAEFAILRMLLQSSEGRCVYITPMEALAEQVYMDWYEKFQDRLNKKVVLLTGETSTDLKLLGKGNIIISTPEK
WDILSRRWKQRKNVQNINLFVVDEVHLIGGENGPVLEVICSRMRYISSQIERPIRIVALSSSLSNAKDVAHWLGCSATST
FNFHPNVRPVPLELHIQGFNISHTQTRLLSMAKPVYHAITKHSPKKPVIVFVPSRKQTRLTAIDILTTCAADIQRQRFLH
CTEKDLIPYLEKLSDSTLKETLLNGVGYLHEGLSPMERRLVEQLFSSGAIQVVVASRSLCWGMNVAAHLVIIMDTQYYNG
KIHAYVDYPIYDVLQMVGHANRPLQDDEGRCVIMCQGSKKDFFKKFLYEPLPVESHLDHCMHDHFNAEIVTKTIENKQDA
VDYLTWTFLYRRMTQNPNYYNLQGISHRHLSDHLSELVEQTLSDLEQSKCISIEDEMDVAPLNLGMIAAYYYINYTTIEL
FSMSLNAKTKVRGLIEIISNAAEYENIPIRHHEDNLLRQLAQKVPHKLNNPKFNDPHVKTNLLLQAHLSRMQLSAELQSD
TEEILSKAIRLIQACVDVLSSNGWLSPALAAMELAQMVTQAMWSKDSYLKQLPHFTSEHIKRCTDKGVESVFDIMEMEDE
ERNALLQLTDSQIADVARFCNRYPNIELSYEVVDKDSIRSGGPVVVLVQLEREEEVTGPVIAPLFPQKREEGWWVVIGDA
KSNSLISIKRLTLQQKAKVKLDFVAPATGAHNYTLYFMSDAYMGCDQEYKFSVDVKEA
;
_entity_poly.pdbx_strand_id   A,B
#
# COMPACT_ATOMS: atom_id res chain seq x y z
N ALA A 13 2.81 1.04 -30.01
CA ALA A 13 2.68 -0.37 -30.35
C ALA A 13 1.81 -0.56 -31.61
N PRO A 14 2.06 -1.64 -32.36
CA PRO A 14 1.31 -1.93 -33.60
C PRO A 14 -0.20 -2.06 -33.38
N ARG A 15 -0.98 -1.34 -34.18
CA ARG A 15 -2.42 -1.41 -34.10
C ARG A 15 -3.00 -1.95 -35.40
N GLN A 16 -4.03 -2.78 -35.29
CA GLN A 16 -4.71 -3.32 -36.47
C GLN A 16 -6.18 -2.90 -36.50
N VAL A 17 -6.65 -2.40 -37.64
CA VAL A 17 -8.07 -2.09 -37.72
C VAL A 17 -8.84 -3.38 -37.96
N LEU A 18 -9.68 -3.72 -36.99
CA LEU A 18 -10.51 -4.92 -37.06
C LEU A 18 -11.80 -4.71 -37.85
N ASP A 19 -12.33 -5.81 -38.39
CA ASP A 19 -13.68 -5.81 -38.89
C ASP A 19 -14.57 -6.29 -37.75
N LEU A 20 -15.34 -5.35 -37.17
CA LEU A 20 -16.12 -5.63 -35.97
C LEU A 20 -17.34 -6.49 -36.27
N GLU A 21 -17.85 -6.40 -37.49
CA GLU A 21 -19.01 -7.16 -37.92
C GLU A 21 -18.67 -8.65 -38.04
N ASP A 22 -17.38 -8.93 -38.07
CA ASP A 22 -16.89 -10.29 -38.09
C ASP A 22 -16.91 -10.89 -36.68
N LEU A 23 -16.51 -10.08 -35.70
CA LEU A 23 -16.28 -10.57 -34.33
C LEU A 23 -17.52 -10.54 -33.42
N VAL A 24 -18.57 -9.84 -33.83
CA VAL A 24 -19.77 -9.71 -33.00
C VAL A 24 -20.67 -10.93 -33.09
N PHE A 25 -21.45 -11.17 -32.05
CA PHE A 25 -22.45 -12.22 -32.11
C PHE A 25 -23.75 -11.60 -32.59
N THR A 26 -24.13 -11.94 -33.82
CA THR A 26 -25.22 -11.26 -34.49
C THR A 26 -26.54 -11.55 -33.81
N GLN A 27 -26.76 -12.81 -33.46
CA GLN A 27 -28.03 -13.29 -32.92
C GLN A 27 -28.33 -12.71 -31.54
N GLY A 28 -27.35 -12.01 -30.96
CA GLY A 28 -27.54 -11.39 -29.66
C GLY A 28 -27.95 -12.42 -28.63
N SER A 29 -29.05 -12.17 -27.93
CA SER A 29 -29.53 -13.08 -26.89
C SER A 29 -29.78 -14.48 -27.40
N HIS A 30 -29.99 -14.59 -28.71
CA HIS A 30 -30.39 -15.83 -29.33
C HIS A 30 -29.18 -16.70 -29.69
N PHE A 31 -27.98 -16.15 -29.48
CA PHE A 31 -26.73 -16.86 -29.78
C PHE A 31 -26.48 -18.06 -28.88
N MET A 32 -26.12 -19.19 -29.47
CA MET A 32 -25.74 -20.34 -28.68
C MET A 32 -24.34 -20.83 -29.06
N ALA A 33 -23.42 -20.70 -28.11
CA ALA A 33 -22.06 -21.21 -28.24
C ALA A 33 -22.14 -22.71 -28.07
N ASN A 34 -23.24 -23.09 -27.42
CA ASN A 34 -23.62 -24.47 -27.17
C ASN A 34 -23.56 -25.33 -28.43
N LYS A 35 -23.08 -26.56 -28.29
CA LYS A 35 -22.97 -27.43 -29.45
C LYS A 35 -24.08 -28.50 -29.48
N ARG A 36 -23.99 -29.50 -28.60
CA ARG A 36 -25.08 -30.45 -28.42
C ARG A 36 -25.97 -29.94 -27.30
N CYS A 37 -27.08 -30.63 -27.02
CA CYS A 37 -27.83 -30.38 -25.80
C CYS A 37 -28.24 -31.71 -25.18
N GLN A 38 -27.75 -32.00 -23.98
CA GLN A 38 -28.02 -33.30 -23.37
C GLN A 38 -29.19 -33.23 -22.40
N LEU A 39 -30.25 -33.98 -22.69
CA LEU A 39 -31.43 -33.98 -21.85
C LEU A 39 -31.25 -34.79 -20.57
N PRO A 40 -31.71 -34.23 -19.43
CA PRO A 40 -31.63 -34.84 -18.11
C PRO A 40 -32.42 -36.14 -17.95
N ASP A 41 -31.98 -36.98 -17.02
CA ASP A 41 -32.66 -38.22 -16.62
C ASP A 41 -33.17 -39.04 -17.79
N GLY A 42 -34.33 -39.64 -17.57
CA GLY A 42 -35.14 -40.23 -18.63
C GLY A 42 -35.84 -39.09 -19.33
N SER A 43 -35.87 -39.06 -20.65
CA SER A 43 -36.56 -38.00 -21.37
C SER A 43 -36.97 -38.59 -22.68
N PHE A 44 -38.00 -38.05 -23.32
CA PHE A 44 -38.43 -38.72 -24.54
C PHE A 44 -39.07 -37.86 -25.61
N ARG A 45 -39.13 -38.42 -26.81
CA ARG A 45 -39.67 -37.71 -27.96
C ARG A 45 -40.86 -38.46 -28.57
N ARG A 46 -41.95 -37.72 -28.76
CA ARG A 46 -43.17 -38.25 -29.35
C ARG A 46 -43.47 -37.51 -30.65
N GLN A 47 -43.47 -38.22 -31.77
CA GLN A 47 -43.71 -37.56 -33.05
C GLN A 47 -45.19 -37.68 -33.45
N ARG A 48 -45.88 -36.55 -33.39
CA ARG A 48 -47.30 -36.46 -33.70
C ARG A 48 -47.58 -36.03 -35.13
N LYS A 49 -46.51 -35.97 -35.94
CA LYS A 49 -46.58 -35.79 -37.40
C LYS A 49 -47.05 -34.38 -37.79
N GLY A 50 -47.60 -33.65 -36.84
CA GLY A 50 -47.81 -32.23 -37.02
C GLY A 50 -46.69 -31.49 -36.31
N TYR A 51 -45.99 -32.21 -35.44
CA TYR A 51 -45.01 -31.62 -34.56
C TYR A 51 -44.31 -32.69 -33.71
N GLU A 52 -43.17 -32.33 -33.12
CA GLU A 52 -42.49 -33.22 -32.18
C GLU A 52 -42.57 -32.73 -30.75
N GLU A 53 -42.76 -33.66 -29.81
CA GLU A 53 -42.92 -33.32 -28.40
C GLU A 53 -41.80 -33.92 -27.54
N VAL A 54 -40.98 -33.07 -26.95
CA VAL A 54 -39.89 -33.51 -26.07
C VAL A 54 -40.22 -33.35 -24.57
N HIS A 55 -40.18 -34.46 -23.82
CA HIS A 55 -40.49 -34.40 -22.39
C HIS A 55 -39.24 -34.55 -21.52
N VAL A 56 -39.07 -33.59 -20.62
CA VAL A 56 -38.03 -33.59 -19.59
C VAL A 56 -38.67 -33.60 -18.19
N PRO A 57 -38.48 -34.68 -17.42
CA PRO A 57 -39.04 -34.95 -16.10
C PRO A 57 -38.50 -34.02 -15.02
N ALA A 58 -39.19 -33.96 -13.89
CA ALA A 58 -38.68 -33.19 -12.75
C ALA A 58 -37.40 -33.84 -12.23
N LEU A 59 -36.53 -33.04 -11.64
CA LEU A 59 -35.29 -33.58 -11.08
C LEU A 59 -35.45 -33.83 -9.58
N LYS A 60 -34.82 -34.90 -9.13
CA LYS A 60 -34.93 -35.31 -7.74
C LYS A 60 -34.14 -34.39 -6.79
N PRO A 61 -34.64 -34.24 -5.56
CA PRO A 61 -34.12 -33.41 -4.47
C PRO A 61 -32.84 -33.95 -3.82
N LYS A 62 -31.69 -33.50 -4.33
CA LYS A 62 -30.36 -33.92 -3.87
C LYS A 62 -30.33 -33.95 -2.34
N PRO A 63 -29.82 -35.04 -1.76
CA PRO A 63 -29.87 -35.12 -0.29
C PRO A 63 -29.10 -33.99 0.38
N PHE A 64 -29.47 -33.63 1.60
CA PHE A 64 -28.87 -32.50 2.30
C PHE A 64 -27.42 -32.80 2.61
N GLY A 65 -26.63 -31.74 2.79
CA GLY A 65 -25.24 -31.90 3.13
C GLY A 65 -25.05 -31.82 4.64
N SER A 66 -23.82 -32.01 5.09
CA SER A 66 -23.51 -31.94 6.51
C SER A 66 -23.83 -30.55 7.05
N GLU A 67 -24.61 -30.52 8.13
CA GLU A 67 -25.01 -29.26 8.77
C GLU A 67 -25.69 -28.32 7.77
N GLU A 68 -26.85 -28.74 7.27
CA GLU A 68 -27.67 -27.93 6.37
C GLU A 68 -29.14 -28.06 6.79
N GLN A 69 -29.84 -26.94 6.90
CA GLN A 69 -31.21 -26.94 7.39
C GLN A 69 -32.04 -25.81 6.82
N LEU A 70 -33.33 -26.07 6.57
CA LEU A 70 -34.25 -24.96 6.34
C LEU A 70 -34.33 -24.17 7.65
N LEU A 71 -34.31 -22.85 7.52
CA LEU A 71 -34.02 -21.98 8.65
C LEU A 71 -35.15 -21.00 8.91
N PRO A 72 -36.02 -21.33 9.87
CA PRO A 72 -37.15 -20.50 10.28
C PRO A 72 -36.72 -19.07 10.58
N VAL A 73 -37.61 -18.11 10.31
CA VAL A 73 -37.29 -16.69 10.44
C VAL A 73 -36.80 -16.34 11.84
N GLU A 74 -37.32 -17.02 12.86
CA GLU A 74 -36.87 -16.84 14.24
C GLU A 74 -35.36 -17.04 14.42
N LYS A 75 -34.74 -17.86 13.58
CA LYS A 75 -33.30 -18.11 13.70
C LYS A 75 -32.43 -17.03 13.04
N LEU A 76 -32.92 -16.39 11.98
CA LEU A 76 -32.14 -15.33 11.34
C LEU A 76 -32.14 -14.12 12.29
N PRO A 77 -31.17 -13.19 12.13
CA PRO A 77 -30.93 -12.14 13.13
C PRO A 77 -32.15 -11.32 13.54
N LYS A 78 -32.12 -10.84 14.77
CA LYS A 78 -33.24 -10.16 15.42
C LYS A 78 -33.88 -9.10 14.54
N TYR A 79 -33.09 -8.06 14.23
CA TYR A 79 -33.62 -6.88 13.55
C TYR A 79 -34.15 -7.20 12.16
N ALA A 80 -33.78 -8.38 11.65
CA ALA A 80 -34.07 -8.77 10.28
C ALA A 80 -35.40 -9.50 10.12
N GLN A 81 -36.00 -9.94 11.22
CA GLN A 81 -37.22 -10.75 11.17
C GLN A 81 -38.36 -9.98 10.52
N ALA A 82 -38.41 -8.68 10.78
CA ALA A 82 -39.38 -7.82 10.13
C ALA A 82 -39.12 -7.88 8.63
N GLY A 83 -40.18 -7.80 7.84
CA GLY A 83 -40.03 -7.90 6.39
C GLY A 83 -40.10 -9.34 5.94
N PHE A 84 -39.78 -10.26 6.85
CA PHE A 84 -39.91 -11.69 6.59
C PHE A 84 -41.20 -12.25 7.18
N GLU A 85 -42.02 -11.39 7.78
CA GLU A 85 -43.31 -11.82 8.29
C GLU A 85 -44.18 -12.34 7.14
N GLY A 86 -44.96 -13.39 7.40
CA GLY A 86 -45.65 -14.09 6.34
C GLY A 86 -44.83 -15.28 5.88
N PHE A 87 -43.57 -15.32 6.32
CA PHE A 87 -42.68 -16.45 6.10
C PHE A 87 -42.30 -17.11 7.42
N LYS A 88 -42.69 -18.36 7.62
CA LYS A 88 -42.23 -19.07 8.80
C LYS A 88 -40.92 -19.82 8.59
N THR A 89 -40.59 -20.07 7.32
CA THR A 89 -39.42 -20.87 7.01
C THR A 89 -38.69 -20.40 5.77
N LEU A 90 -37.39 -20.18 5.88
CA LEU A 90 -36.60 -19.78 4.73
C LEU A 90 -36.52 -20.94 3.75
N ASN A 91 -36.50 -20.61 2.46
CA ASN A 91 -36.33 -21.59 1.40
C ASN A 91 -34.94 -22.24 1.48
N ARG A 92 -34.82 -23.45 0.94
CA ARG A 92 -33.57 -24.21 0.91
C ARG A 92 -32.38 -23.36 0.46
N ILE A 93 -32.48 -22.86 -0.77
CA ILE A 93 -31.47 -21.97 -1.32
C ILE A 93 -31.20 -20.78 -0.40
N GLN A 94 -32.28 -20.12 0.00
CA GLN A 94 -32.19 -18.97 0.90
C GLN A 94 -31.51 -19.32 2.22
N SER A 95 -31.77 -20.53 2.71
CA SER A 95 -31.15 -21.01 3.94
C SER A 95 -29.66 -21.23 3.77
N LYS A 96 -29.26 -21.78 2.62
CA LYS A 96 -27.83 -21.95 2.36
C LYS A 96 -27.11 -20.62 2.18
N LEU A 97 -27.84 -19.62 1.70
CA LEU A 97 -27.23 -18.31 1.47
C LEU A 97 -27.28 -17.36 2.65
N TYR A 98 -28.08 -17.69 3.67
CA TYR A 98 -28.38 -16.68 4.68
C TYR A 98 -27.15 -16.24 5.47
N ARG A 99 -26.21 -17.15 5.72
CA ARG A 99 -24.99 -16.77 6.41
C ARG A 99 -24.09 -15.89 5.56
N ALA A 100 -23.88 -16.29 4.31
CA ALA A 100 -23.03 -15.54 3.40
C ALA A 100 -23.57 -14.13 3.16
N ALA A 101 -24.89 -14.05 2.97
CA ALA A 101 -25.53 -12.78 2.67
C ALA A 101 -25.60 -11.86 3.89
N LEU A 102 -26.07 -12.40 5.02
CA LEU A 102 -26.28 -11.59 6.22
C LEU A 102 -25.03 -11.31 7.07
N GLU A 103 -24.14 -12.30 7.19
CA GLU A 103 -23.02 -12.15 8.11
C GLU A 103 -21.68 -11.74 7.48
N THR A 104 -21.63 -11.59 6.16
CA THR A 104 -20.38 -11.20 5.49
C THR A 104 -20.61 -10.07 4.49
N ASP A 105 -19.55 -9.34 4.19
CA ASP A 105 -19.59 -8.30 3.17
C ASP A 105 -19.09 -8.77 1.81
N GLU A 106 -18.82 -10.06 1.71
CA GLU A 106 -18.30 -10.65 0.48
C GLU A 106 -19.26 -10.51 -0.70
N ASN A 107 -18.70 -10.24 -1.88
CA ASN A 107 -19.48 -10.19 -3.11
C ASN A 107 -20.04 -11.57 -3.46
N LEU A 108 -21.30 -11.62 -3.86
CA LEU A 108 -21.91 -12.94 -4.10
C LEU A 108 -22.35 -13.07 -5.54
N LEU A 109 -22.21 -14.27 -6.09
CA LEU A 109 -22.89 -14.61 -7.33
C LEU A 109 -23.78 -15.81 -7.08
N LEU A 110 -25.09 -15.59 -7.16
CA LEU A 110 -26.04 -16.66 -6.94
C LEU A 110 -26.66 -17.12 -8.25
N CYS A 111 -26.38 -18.36 -8.62
CA CYS A 111 -27.06 -18.95 -9.77
C CYS A 111 -28.12 -19.88 -9.25
N ALA A 112 -29.35 -19.67 -9.68
CA ALA A 112 -30.45 -20.42 -9.12
C ALA A 112 -31.41 -20.85 -10.22
N PRO A 113 -32.25 -21.84 -9.93
CA PRO A 113 -33.24 -22.17 -10.95
C PRO A 113 -34.29 -21.07 -11.05
N THR A 114 -34.98 -21.01 -12.18
CA THR A 114 -36.08 -20.07 -12.33
C THR A 114 -37.13 -20.37 -11.26
N GLY A 115 -37.50 -19.34 -10.50
CA GLY A 115 -38.51 -19.50 -9.45
C GLY A 115 -37.94 -19.61 -8.04
N ALA A 116 -36.62 -19.61 -7.92
CA ALA A 116 -35.94 -19.94 -6.67
C ALA A 116 -36.18 -18.96 -5.52
N GLY A 117 -36.84 -17.84 -5.79
CA GLY A 117 -37.09 -16.86 -4.76
C GLY A 117 -35.83 -16.09 -4.39
N LYS A 118 -35.19 -15.50 -5.40
CA LYS A 118 -33.99 -14.71 -5.20
C LYS A 118 -34.26 -13.38 -4.48
N THR A 119 -35.51 -12.92 -4.53
CA THR A 119 -35.91 -11.69 -3.86
C THR A 119 -35.48 -11.74 -2.39
N ASN A 120 -35.77 -12.82 -1.69
CA ASN A 120 -35.43 -12.89 -0.27
C ASN A 120 -33.92 -12.90 -0.05
N VAL A 121 -33.16 -13.37 -1.05
CA VAL A 121 -31.71 -13.37 -0.94
C VAL A 121 -31.18 -11.94 -0.99
N ALA A 122 -31.60 -11.21 -2.04
CA ALA A 122 -31.22 -9.81 -2.19
C ALA A 122 -31.65 -9.05 -0.95
N LEU A 123 -32.85 -9.36 -0.46
CA LEU A 123 -33.40 -8.74 0.73
C LEU A 123 -32.53 -9.01 1.94
N MET A 124 -31.92 -10.19 2.00
CA MET A 124 -31.04 -10.49 3.12
C MET A 124 -29.78 -9.62 3.00
N CYS A 125 -29.29 -9.43 1.78
CA CYS A 125 -28.12 -8.57 1.56
C CYS A 125 -28.41 -7.13 2.03
N MET A 126 -29.56 -6.64 1.58
CA MET A 126 -30.04 -5.31 1.91
C MET A 126 -30.16 -5.17 3.42
N LEU A 127 -30.74 -6.18 4.06
CA LEU A 127 -30.92 -6.14 5.52
C LEU A 127 -29.58 -6.18 6.24
N ARG A 128 -28.58 -6.81 5.64
CA ARG A 128 -27.24 -6.74 6.21
C ARG A 128 -26.76 -5.30 6.20
N GLU A 129 -26.89 -4.63 5.06
CA GLU A 129 -26.40 -3.25 4.98
C GLU A 129 -27.18 -2.33 5.94
N ILE A 130 -28.50 -2.44 5.91
CA ILE A 130 -29.39 -1.66 6.77
C ILE A 130 -29.07 -1.92 8.24
N GLY A 131 -28.68 -3.15 8.56
CA GLY A 131 -28.42 -3.51 9.95
C GLY A 131 -27.21 -2.85 10.57
N LYS A 132 -26.37 -2.19 9.76
CA LYS A 132 -25.20 -1.52 10.30
C LYS A 132 -25.59 -0.18 10.90
N HIS A 133 -26.64 0.38 10.31
CA HIS A 133 -27.11 1.72 10.61
C HIS A 133 -28.27 1.76 11.60
N ILE A 134 -28.52 0.62 12.25
CA ILE A 134 -29.69 0.43 13.11
C ILE A 134 -29.95 1.60 14.06
N ASN A 135 -28.89 2.17 14.65
CA ASN A 135 -29.07 3.38 15.47
C ASN A 135 -30.04 3.02 16.58
N MET A 136 -29.62 2.11 17.47
CA MET A 136 -30.51 1.59 18.51
C MET A 136 -31.27 2.65 19.30
N ASP A 137 -30.79 3.89 19.27
CA ASP A 137 -31.47 4.98 19.97
C ASP A 137 -32.86 5.13 19.37
N GLY A 138 -32.90 5.67 18.15
CA GLY A 138 -34.11 5.72 17.33
C GLY A 138 -34.25 4.52 16.42
N THR A 139 -34.97 4.72 15.31
CA THR A 139 -35.38 3.61 14.45
C THR A 139 -34.24 3.12 13.55
N ILE A 140 -33.81 3.99 12.65
CA ILE A 140 -32.75 3.71 11.66
C ILE A 140 -31.97 4.98 11.30
N ASN A 141 -30.75 4.83 10.79
CA ASN A 141 -30.03 5.97 10.25
C ASN A 141 -30.17 5.94 8.73
N VAL A 142 -31.01 6.83 8.21
CA VAL A 142 -31.43 6.79 6.82
C VAL A 142 -30.43 7.45 5.88
N ASP A 143 -29.74 8.47 6.38
CA ASP A 143 -28.89 9.30 5.55
C ASP A 143 -27.47 8.77 5.45
N ASP A 144 -27.21 7.62 6.06
CA ASP A 144 -25.87 7.05 6.08
C ASP A 144 -25.57 6.13 4.90
N PHE A 145 -26.60 5.75 4.14
CA PHE A 145 -26.42 4.73 3.11
C PHE A 145 -27.44 4.81 1.98
N LYS A 146 -27.08 4.17 0.87
CA LYS A 146 -27.99 3.95 -0.23
C LYS A 146 -27.78 2.57 -0.83
N ILE A 147 -28.86 1.97 -1.31
CA ILE A 147 -28.81 0.64 -1.93
C ILE A 147 -29.35 0.77 -3.34
N ILE A 148 -28.68 0.15 -4.30
CA ILE A 148 -29.13 0.19 -5.69
C ILE A 148 -29.53 -1.20 -6.17
N TYR A 149 -30.77 -1.34 -6.63
CA TYR A 149 -31.28 -2.59 -7.18
C TYR A 149 -31.48 -2.46 -8.69
N ILE A 150 -30.65 -3.12 -9.47
CA ILE A 150 -30.78 -3.06 -10.91
C ILE A 150 -31.60 -4.22 -11.43
N ALA A 151 -32.72 -3.90 -12.09
CA ALA A 151 -33.55 -4.90 -12.76
C ALA A 151 -33.66 -4.58 -14.24
N PRO A 152 -33.68 -5.60 -15.10
CA PRO A 152 -33.66 -5.36 -16.56
C PRO A 152 -34.97 -4.81 -17.14
N MET A 153 -36.09 -5.05 -16.48
CA MET A 153 -37.39 -4.70 -17.04
C MET A 153 -38.13 -3.66 -16.18
N ARG A 154 -38.73 -2.68 -16.84
CA ARG A 154 -39.48 -1.62 -16.17
C ARG A 154 -40.60 -2.21 -15.32
N SER A 155 -41.28 -3.21 -15.87
CA SER A 155 -42.31 -3.94 -15.14
C SER A 155 -41.76 -4.48 -13.84
N LEU A 156 -40.63 -5.18 -13.94
CA LEU A 156 -39.96 -5.77 -12.79
C LEU A 156 -39.47 -4.70 -11.82
N VAL A 157 -39.04 -3.56 -12.36
CA VAL A 157 -38.64 -2.42 -11.54
C VAL A 157 -39.80 -1.97 -10.66
N GLN A 158 -40.97 -1.78 -11.27
CA GLN A 158 -42.16 -1.32 -10.55
C GLN A 158 -42.58 -2.35 -9.49
N GLU A 159 -42.61 -3.61 -9.89
CA GLU A 159 -42.91 -4.73 -8.99
C GLU A 159 -42.00 -4.75 -7.76
N MET A 160 -40.70 -4.68 -8.00
CA MET A 160 -39.73 -4.72 -6.91
C MET A 160 -39.86 -3.50 -6.01
N VAL A 161 -40.20 -2.34 -6.58
CA VAL A 161 -40.41 -1.14 -5.76
C VAL A 161 -41.59 -1.36 -4.81
N GLY A 162 -42.68 -1.88 -5.34
CA GLY A 162 -43.82 -2.21 -4.50
C GLY A 162 -43.45 -3.19 -3.39
N SER A 163 -42.87 -4.31 -3.80
CA SER A 163 -42.50 -5.39 -2.88
C SER A 163 -41.55 -4.95 -1.77
N PHE A 164 -40.41 -4.40 -2.16
CA PHE A 164 -39.41 -3.96 -1.18
C PHE A 164 -39.98 -2.84 -0.32
N GLY A 165 -40.84 -2.01 -0.91
CA GLY A 165 -41.50 -0.95 -0.17
C GLY A 165 -42.32 -1.48 0.98
N LYS A 166 -43.24 -2.40 0.67
CA LYS A 166 -44.03 -3.07 1.71
C LYS A 166 -43.15 -3.78 2.74
N ARG A 167 -42.31 -4.70 2.30
CA ARG A 167 -41.53 -5.51 3.23
C ARG A 167 -40.54 -4.72 4.10
N LEU A 168 -39.99 -3.63 3.57
CA LEU A 168 -39.05 -2.81 4.36
C LEU A 168 -39.69 -1.63 5.07
N ALA A 169 -40.99 -1.44 4.87
CA ALA A 169 -41.71 -0.29 5.46
C ALA A 169 -41.52 -0.16 6.97
N THR A 170 -41.29 -1.29 7.64
CA THR A 170 -41.12 -1.30 9.10
C THR A 170 -39.86 -0.57 9.55
N TYR A 171 -38.90 -0.41 8.63
CA TYR A 171 -37.61 0.17 8.96
C TYR A 171 -37.52 1.67 8.72
N GLY A 172 -38.63 2.27 8.32
CA GLY A 172 -38.66 3.69 8.01
C GLY A 172 -37.74 3.96 6.84
N ILE A 173 -37.94 3.20 5.78
CA ILE A 173 -37.06 3.22 4.63
C ILE A 173 -37.83 3.53 3.36
N THR A 174 -37.31 4.48 2.58
CA THR A 174 -37.91 4.87 1.32
C THR A 174 -37.34 4.06 0.17
N VAL A 175 -38.23 3.39 -0.57
CA VAL A 175 -37.84 2.64 -1.75
C VAL A 175 -38.49 3.28 -2.97
N ALA A 176 -37.71 3.55 -4.02
CA ALA A 176 -38.27 4.28 -5.16
C ALA A 176 -37.75 3.87 -6.53
N GLU A 177 -38.61 4.06 -7.54
CA GLU A 177 -38.25 3.91 -8.93
C GLU A 177 -37.55 5.17 -9.41
N LEU A 178 -36.64 5.05 -10.36
CA LEU A 178 -35.98 6.23 -10.91
C LEU A 178 -36.55 6.52 -12.28
N THR A 179 -37.36 7.57 -12.37
CA THR A 179 -38.05 7.96 -13.60
C THR A 179 -37.29 9.08 -14.29
N GLY A 180 -37.08 8.96 -15.59
CA GLY A 180 -36.12 9.83 -16.27
C GLY A 180 -36.46 11.30 -16.25
N ASP A 181 -35.57 12.07 -15.62
CA ASP A 181 -35.65 13.51 -15.51
C ASP A 181 -34.27 14.08 -15.20
N HIS A 182 -34.07 15.37 -15.46
CA HIS A 182 -32.82 16.03 -15.10
C HIS A 182 -32.71 16.22 -13.58
N GLN A 183 -33.70 16.92 -13.04
CA GLN A 183 -33.66 17.42 -11.66
C GLN A 183 -34.41 16.54 -10.65
N LEU A 184 -35.67 16.20 -10.94
CA LEU A 184 -36.47 15.42 -10.01
C LEU A 184 -35.74 14.14 -9.56
N CYS A 185 -34.99 13.53 -10.46
CA CYS A 185 -34.06 12.43 -10.12
C CYS A 185 -33.14 12.81 -8.96
N LYS A 186 -32.55 14.01 -9.03
CA LYS A 186 -31.53 14.45 -8.09
C LYS A 186 -32.02 14.47 -6.63
N GLU A 187 -33.16 15.11 -6.37
CA GLU A 187 -33.66 15.21 -4.99
C GLU A 187 -34.58 14.05 -4.60
N GLU A 188 -35.06 13.28 -5.57
CA GLU A 188 -35.78 12.05 -5.21
C GLU A 188 -34.78 10.95 -4.88
N ILE A 189 -33.54 11.14 -5.33
CA ILE A 189 -32.48 10.21 -5.02
C ILE A 189 -32.07 10.45 -3.58
N SER A 190 -31.85 11.71 -3.24
CA SER A 190 -31.42 12.08 -1.89
C SER A 190 -32.33 11.54 -0.78
N ALA A 191 -33.62 11.40 -1.09
CA ALA A 191 -34.60 10.97 -0.08
C ALA A 191 -34.77 9.45 -0.08
N THR A 192 -34.12 8.79 -1.02
CA THR A 192 -34.34 7.36 -1.23
C THR A 192 -33.16 6.49 -0.81
N GLN A 193 -33.43 5.49 0.02
CA GLN A 193 -32.42 4.52 0.44
C GLN A 193 -32.24 3.39 -0.57
N ILE A 194 -33.35 2.87 -1.10
CA ILE A 194 -33.28 1.82 -2.12
C ILE A 194 -33.80 2.34 -3.44
N ILE A 195 -32.87 2.55 -4.37
CA ILE A 195 -33.20 2.98 -5.72
C ILE A 195 -33.29 1.77 -6.63
N VAL A 196 -34.47 1.52 -7.17
CA VAL A 196 -34.64 0.41 -8.09
C VAL A 196 -34.70 0.96 -9.51
N CYS A 197 -33.99 0.31 -10.44
CA CYS A 197 -33.88 0.86 -11.80
C CYS A 197 -33.19 -0.06 -12.77
N THR A 198 -33.23 0.32 -14.05
CA THR A 198 -32.67 -0.47 -15.13
C THR A 198 -31.19 -0.18 -15.37
N PRO A 199 -30.45 -1.16 -15.94
CA PRO A 199 -29.02 -1.00 -16.19
C PRO A 199 -28.66 0.28 -16.91
N GLU A 200 -29.37 0.60 -17.99
CA GLU A 200 -29.01 1.77 -18.78
C GLU A 200 -29.36 3.07 -18.05
N LYS A 201 -30.31 3.00 -17.11
CA LYS A 201 -30.67 4.17 -16.30
C LYS A 201 -29.55 4.53 -15.32
N TRP A 202 -29.10 3.53 -14.56
CA TRP A 202 -28.00 3.74 -13.65
C TRP A 202 -26.74 4.07 -14.44
N ASP A 203 -26.67 3.57 -15.66
CA ASP A 203 -25.58 3.92 -16.56
C ASP A 203 -25.62 5.41 -16.90
N ILE A 204 -26.81 5.92 -17.23
CA ILE A 204 -27.00 7.33 -17.55
C ILE A 204 -26.63 8.20 -16.32
N ILE A 205 -27.06 7.76 -15.15
CA ILE A 205 -26.70 8.46 -13.92
C ILE A 205 -25.19 8.47 -13.65
N THR A 206 -24.53 7.31 -13.75
CA THR A 206 -23.12 7.25 -13.39
C THR A 206 -22.21 7.66 -14.55
N ARG A 207 -22.81 8.11 -15.65
CA ARG A 207 -22.05 8.70 -16.76
C ARG A 207 -21.79 10.21 -16.62
N LYS A 208 -22.52 10.86 -15.72
CA LYS A 208 -22.60 12.33 -15.76
C LYS A 208 -21.33 13.05 -15.27
N GLY A 209 -20.44 12.32 -14.62
CA GLY A 209 -19.14 12.87 -14.23
C GLY A 209 -19.21 13.56 -12.89
N GLY A 210 -20.40 14.05 -12.56
CA GLY A 210 -20.71 14.52 -11.22
C GLY A 210 -21.49 13.39 -10.55
N GLU A 211 -21.28 12.19 -11.10
CA GLU A 211 -22.00 10.99 -10.72
C GLU A 211 -21.98 10.75 -9.22
N ARG A 212 -20.88 11.13 -8.59
CA ARG A 212 -20.65 10.82 -7.18
C ARG A 212 -21.65 11.49 -6.24
N THR A 213 -22.38 12.47 -6.73
CA THR A 213 -23.41 13.11 -5.91
C THR A 213 -24.54 12.12 -5.65
N TYR A 214 -24.80 11.26 -6.64
CA TYR A 214 -25.77 10.20 -6.49
C TYR A 214 -25.17 8.97 -5.80
N THR A 215 -23.95 8.60 -6.20
CA THR A 215 -23.36 7.32 -5.81
C THR A 215 -22.51 7.27 -4.53
N GLN A 216 -22.13 8.42 -3.97
CA GLN A 216 -21.21 8.45 -2.81
C GLN A 216 -21.69 7.63 -1.61
N LEU A 217 -23.01 7.56 -1.40
CA LEU A 217 -23.56 6.83 -0.25
C LEU A 217 -23.91 5.38 -0.57
N VAL A 218 -23.65 4.93 -1.78
CA VAL A 218 -24.09 3.60 -2.16
C VAL A 218 -23.12 2.57 -1.60
N ARG A 219 -23.60 1.75 -0.67
CA ARG A 219 -22.78 0.69 -0.08
C ARG A 219 -23.03 -0.69 -0.70
N LEU A 220 -24.13 -0.78 -1.46
CA LEU A 220 -24.56 -2.07 -1.99
C LEU A 220 -25.21 -1.96 -3.37
N ILE A 221 -24.82 -2.85 -4.27
CA ILE A 221 -25.41 -2.92 -5.60
C ILE A 221 -25.82 -4.36 -5.91
N ILE A 222 -27.09 -4.53 -6.23
CA ILE A 222 -27.62 -5.83 -6.55
C ILE A 222 -28.00 -5.86 -8.02
N LEU A 223 -27.41 -6.78 -8.76
CA LEU A 223 -27.71 -6.96 -10.14
C LEU A 223 -28.64 -8.15 -10.29
N ASP A 224 -29.89 -7.86 -10.60
CA ASP A 224 -30.89 -8.87 -10.85
C ASP A 224 -30.80 -9.27 -12.32
N GLU A 225 -31.02 -10.55 -12.62
CA GLU A 225 -30.96 -11.07 -13.98
C GLU A 225 -29.64 -10.73 -14.66
N ILE A 226 -28.54 -11.06 -14.00
CA ILE A 226 -27.22 -10.68 -14.50
C ILE A 226 -26.85 -11.48 -15.77
N HIS A 227 -27.59 -12.55 -16.04
CA HIS A 227 -27.42 -13.30 -17.28
C HIS A 227 -27.85 -12.46 -18.50
N LEU A 228 -28.39 -11.27 -18.20
CA LEU A 228 -28.61 -10.24 -19.21
C LEU A 228 -27.31 -9.92 -19.94
N LEU A 229 -26.18 -10.32 -19.35
CA LEU A 229 -24.89 -10.16 -20.02
C LEU A 229 -24.92 -10.74 -21.42
N HIS A 230 -25.65 -11.84 -21.60
CA HIS A 230 -25.68 -12.53 -22.88
C HIS A 230 -26.53 -11.78 -23.92
N ASP A 231 -27.45 -10.95 -23.43
CA ASP A 231 -28.34 -10.15 -24.27
C ASP A 231 -27.62 -8.98 -24.95
N ASP A 232 -28.23 -8.43 -26.01
CA ASP A 232 -27.70 -7.26 -26.69
C ASP A 232 -27.56 -6.06 -25.75
N ARG A 233 -28.23 -6.12 -24.61
CA ARG A 233 -28.14 -5.10 -23.58
C ARG A 233 -27.03 -5.34 -22.55
N GLY A 234 -26.44 -6.53 -22.56
CA GLY A 234 -25.40 -6.89 -21.60
C GLY A 234 -24.25 -5.93 -21.36
N PRO A 235 -23.65 -5.39 -22.44
CA PRO A 235 -22.55 -4.42 -22.33
C PRO A 235 -22.85 -3.28 -21.38
N VAL A 236 -24.12 -2.96 -21.18
CA VAL A 236 -24.47 -1.96 -20.18
C VAL A 236 -24.08 -2.45 -18.80
N LEU A 237 -24.39 -3.71 -18.52
CA LEU A 237 -24.01 -4.30 -17.23
C LEU A 237 -22.49 -4.36 -17.13
N GLU A 238 -21.83 -4.65 -18.25
CA GLU A 238 -20.37 -4.66 -18.24
C GLU A 238 -19.79 -3.28 -17.92
N ALA A 239 -20.36 -2.24 -18.52
CA ALA A 239 -19.91 -0.88 -18.27
C ALA A 239 -20.14 -0.50 -16.83
N LEU A 240 -21.31 -0.86 -16.31
CA LEU A 240 -21.69 -0.56 -14.93
C LEU A 240 -20.71 -1.14 -13.95
N VAL A 241 -20.42 -2.44 -14.12
CA VAL A 241 -19.56 -3.13 -13.18
C VAL A 241 -18.12 -2.69 -13.32
N ALA A 242 -17.63 -2.58 -14.55
CA ALA A 242 -16.27 -2.08 -14.77
C ALA A 242 -16.09 -0.75 -14.05
N ARG A 243 -17.01 0.18 -14.32
CA ARG A 243 -17.01 1.52 -13.73
C ARG A 243 -17.03 1.48 -12.21
N ALA A 244 -17.92 0.67 -11.65
CA ALA A 244 -18.07 0.58 -10.21
C ALA A 244 -16.81 0.02 -9.55
N ILE A 245 -16.25 -1.03 -10.16
CA ILE A 245 -15.06 -1.69 -9.63
C ILE A 245 -13.91 -0.70 -9.61
N ARG A 246 -13.62 -0.09 -10.75
CA ARG A 246 -12.56 0.91 -10.82
C ARG A 246 -12.78 2.07 -9.83
N ASN A 247 -14.02 2.52 -9.70
CA ASN A 247 -14.33 3.56 -8.72
C ASN A 247 -14.07 3.11 -7.29
N ILE A 248 -14.29 1.83 -7.01
CA ILE A 248 -13.98 1.27 -5.71
C ILE A 248 -12.48 1.34 -5.51
N GLU A 249 -11.73 1.14 -6.59
CA GLU A 249 -10.28 1.28 -6.51
C GLU A 249 -9.87 2.71 -6.19
N MET A 250 -10.51 3.67 -6.87
CA MET A 250 -10.11 5.07 -6.76
C MET A 250 -10.61 5.83 -5.52
N THR A 251 -11.76 5.46 -4.97
CA THR A 251 -12.21 6.12 -3.74
C THR A 251 -11.80 5.36 -2.49
N GLN A 252 -11.36 4.11 -2.67
CA GLN A 252 -10.95 3.24 -1.56
C GLN A 252 -12.13 2.89 -0.63
N GLU A 253 -13.29 3.45 -0.93
CA GLU A 253 -14.53 3.14 -0.22
C GLU A 253 -15.14 1.87 -0.80
N ASP A 254 -15.48 0.91 0.06
CA ASP A 254 -15.96 -0.37 -0.42
C ASP A 254 -17.44 -0.35 -0.80
N VAL A 255 -17.76 -1.09 -1.85
CA VAL A 255 -19.14 -1.30 -2.27
C VAL A 255 -19.40 -2.76 -2.63
N ARG A 256 -20.43 -3.35 -2.03
CA ARG A 256 -20.69 -4.78 -2.22
C ARG A 256 -21.51 -5.07 -3.50
N LEU A 257 -21.06 -6.04 -4.28
CA LEU A 257 -21.81 -6.48 -5.47
C LEU A 257 -22.46 -7.85 -5.26
N ILE A 258 -23.74 -7.93 -5.62
CA ILE A 258 -24.48 -9.18 -5.56
C ILE A 258 -25.06 -9.44 -6.93
N GLY A 259 -24.59 -10.48 -7.62
CA GLY A 259 -25.23 -10.92 -8.84
C GLY A 259 -26.28 -11.99 -8.60
N LEU A 260 -27.34 -11.97 -9.41
CA LEU A 260 -28.36 -13.00 -9.37
C LEU A 260 -28.58 -13.47 -10.79
N SER A 261 -28.38 -14.76 -11.01
CA SER A 261 -28.37 -15.29 -12.34
C SER A 261 -29.14 -16.60 -12.45
N ALA A 262 -29.54 -16.89 -13.68
CA ALA A 262 -30.07 -18.19 -14.06
C ALA A 262 -28.96 -19.21 -14.06
N THR A 263 -29.31 -20.48 -14.07
CA THR A 263 -28.27 -21.48 -14.06
C THR A 263 -27.89 -21.74 -15.50
N LEU A 264 -26.70 -21.26 -15.85
CA LEU A 264 -26.19 -21.27 -17.22
C LEU A 264 -24.67 -21.42 -17.21
N PRO A 265 -24.10 -21.92 -18.33
CA PRO A 265 -22.65 -22.02 -18.46
C PRO A 265 -21.96 -20.66 -18.37
N ASN A 266 -20.66 -20.70 -18.05
CA ASN A 266 -19.80 -19.52 -17.94
C ASN A 266 -20.00 -18.76 -16.63
N TYR A 267 -20.93 -19.24 -15.80
CA TYR A 267 -21.25 -18.56 -14.55
C TYR A 267 -20.02 -18.31 -13.66
N GLU A 268 -19.02 -19.17 -13.74
CA GLU A 268 -17.79 -18.98 -12.98
C GLU A 268 -17.04 -17.75 -13.49
N ASP A 269 -17.13 -17.49 -14.79
CA ASP A 269 -16.56 -16.28 -15.35
C ASP A 269 -17.32 -15.04 -14.92
N VAL A 270 -18.64 -15.16 -14.82
CA VAL A 270 -19.47 -14.06 -14.34
C VAL A 270 -19.05 -13.79 -12.90
N ALA A 271 -18.67 -14.84 -12.20
CA ALA A 271 -18.16 -14.71 -10.84
C ALA A 271 -16.85 -13.93 -10.82
N THR A 272 -15.96 -14.24 -11.76
CA THR A 272 -14.69 -13.50 -11.89
C THR A 272 -14.92 -12.02 -12.21
N PHE A 273 -15.82 -11.78 -13.14
CA PHE A 273 -16.24 -10.46 -13.59
C PHE A 273 -16.66 -9.56 -12.44
N LEU A 274 -17.45 -10.11 -11.52
CA LEU A 274 -17.98 -9.38 -10.37
C LEU A 274 -17.03 -9.36 -9.19
N ARG A 275 -15.87 -9.99 -9.34
CA ARG A 275 -14.89 -10.14 -8.26
C ARG A 275 -15.45 -10.86 -7.02
N VAL A 276 -16.14 -11.97 -7.22
CA VAL A 276 -16.59 -12.80 -6.08
C VAL A 276 -15.61 -13.96 -5.88
N ASP A 277 -15.28 -14.24 -4.63
CA ASP A 277 -14.41 -15.37 -4.29
C ASP A 277 -15.19 -16.67 -4.45
N PRO A 278 -14.71 -17.55 -5.37
CA PRO A 278 -15.39 -18.82 -5.69
C PRO A 278 -15.54 -19.71 -4.46
N ALA A 279 -14.63 -19.58 -3.50
CA ALA A 279 -14.65 -20.40 -2.30
C ALA A 279 -15.50 -19.76 -1.20
N LYS A 280 -15.93 -18.52 -1.44
CA LYS A 280 -16.70 -17.75 -0.47
C LYS A 280 -18.09 -17.35 -0.97
N GLY A 281 -18.14 -16.58 -2.06
CA GLY A 281 -19.38 -15.99 -2.52
C GLY A 281 -20.04 -16.58 -3.76
N LEU A 282 -19.55 -17.71 -4.25
CA LEU A 282 -20.18 -18.30 -5.42
C LEU A 282 -21.11 -19.42 -5.02
N PHE A 283 -22.37 -19.29 -5.42
CA PHE A 283 -23.35 -20.31 -5.11
C PHE A 283 -24.12 -20.67 -6.38
N TYR A 284 -24.01 -21.93 -6.76
CA TYR A 284 -24.63 -22.45 -7.96
C TYR A 284 -25.50 -23.63 -7.59
N PHE A 285 -26.81 -23.47 -7.80
CA PHE A 285 -27.78 -24.52 -7.53
C PHE A 285 -28.46 -24.97 -8.80
N ASP A 286 -28.31 -26.24 -9.16
CA ASP A 286 -28.89 -26.74 -10.40
C ASP A 286 -30.42 -26.83 -10.27
N ASN A 287 -31.06 -27.24 -11.35
CA ASN A 287 -32.52 -27.19 -11.45
C ASN A 287 -33.23 -27.97 -10.34
N SER A 288 -32.53 -28.93 -9.76
CA SER A 288 -33.06 -29.77 -8.68
C SER A 288 -33.25 -29.05 -7.36
N PHE A 289 -32.75 -27.82 -7.27
CA PHE A 289 -32.86 -27.07 -6.03
C PHE A 289 -34.08 -26.19 -6.09
N ARG A 290 -34.76 -26.23 -7.23
CA ARG A 290 -35.99 -25.49 -7.41
C ARG A 290 -37.02 -25.88 -6.34
N PRO A 291 -37.60 -24.89 -5.66
CA PRO A 291 -38.50 -25.21 -4.53
C PRO A 291 -39.77 -25.94 -4.96
N VAL A 292 -40.26 -25.72 -6.17
CA VAL A 292 -41.33 -26.56 -6.71
C VAL A 292 -40.83 -27.28 -7.95
N PRO A 293 -40.67 -28.62 -7.85
CA PRO A 293 -40.12 -29.45 -8.92
C PRO A 293 -40.90 -29.26 -10.22
N LEU A 294 -40.19 -29.14 -11.34
CA LEU A 294 -40.85 -28.70 -12.57
C LEU A 294 -40.75 -29.73 -13.69
N GLU A 295 -41.91 -30.18 -14.16
CA GLU A 295 -41.98 -31.03 -15.34
C GLU A 295 -42.06 -30.16 -16.60
N GLN A 296 -41.24 -30.51 -17.60
CA GLN A 296 -41.13 -29.71 -18.82
C GLN A 296 -41.57 -30.49 -20.06
N THR A 297 -42.31 -29.80 -20.93
CA THR A 297 -42.70 -30.33 -22.22
C THR A 297 -42.37 -29.30 -23.30
N TYR A 298 -41.66 -29.73 -24.33
CA TYR A 298 -41.27 -28.85 -25.42
C TYR A 298 -41.93 -29.28 -26.73
N VAL A 299 -42.92 -28.51 -27.18
CA VAL A 299 -43.54 -28.77 -28.47
C VAL A 299 -42.80 -28.01 -29.57
N GLY A 300 -42.65 -28.60 -30.75
CA GLY A 300 -42.18 -27.80 -31.86
C GLY A 300 -42.75 -28.23 -33.19
N ILE A 301 -42.96 -27.27 -34.08
CA ILE A 301 -43.81 -27.48 -35.25
C ILE A 301 -43.03 -27.85 -36.50
N THR A 302 -43.47 -28.92 -37.16
CA THR A 302 -42.73 -29.49 -38.28
C THR A 302 -42.51 -28.52 -39.42
N GLU A 303 -43.58 -28.08 -40.07
CA GLU A 303 -43.40 -27.32 -41.31
C GLU A 303 -44.18 -26.02 -41.45
N LYS A 304 -43.89 -25.36 -42.57
CA LYS A 304 -43.94 -23.91 -42.71
C LYS A 304 -45.30 -23.23 -42.91
N LYS A 305 -46.36 -23.99 -43.16
CA LYS A 305 -47.49 -23.35 -43.81
C LYS A 305 -48.46 -22.66 -42.87
N ALA A 306 -48.44 -21.33 -42.98
CA ALA A 306 -49.54 -20.42 -42.67
C ALA A 306 -50.36 -20.74 -41.42
N ILE A 307 -51.67 -20.76 -41.65
CA ILE A 307 -52.68 -20.95 -40.63
C ILE A 307 -52.70 -22.35 -40.03
N LYS A 308 -52.21 -23.34 -40.77
CA LYS A 308 -52.22 -24.71 -40.29
C LYS A 308 -51.33 -24.85 -39.06
N ARG A 309 -50.25 -24.06 -39.05
CA ARG A 309 -49.32 -24.08 -37.93
C ARG A 309 -50.00 -23.51 -36.69
N PHE A 310 -50.70 -22.39 -36.85
CA PHE A 310 -51.40 -21.74 -35.75
C PHE A 310 -52.58 -22.58 -35.26
N GLN A 311 -53.21 -23.31 -36.17
CA GLN A 311 -54.31 -24.19 -35.78
C GLN A 311 -53.75 -25.32 -34.95
N ILE A 312 -52.61 -25.84 -35.40
CA ILE A 312 -51.92 -26.89 -34.65
C ILE A 312 -51.62 -26.37 -33.25
N MET A 313 -51.15 -25.14 -33.17
CA MET A 313 -50.78 -24.51 -31.91
C MET A 313 -51.97 -24.40 -30.95
N ASN A 314 -53.09 -23.88 -31.46
CA ASN A 314 -54.30 -23.74 -30.66
C ASN A 314 -54.74 -25.13 -30.17
N GLU A 315 -54.58 -26.13 -31.04
CA GLU A 315 -54.92 -27.50 -30.70
C GLU A 315 -54.05 -28.00 -29.54
N ILE A 316 -52.75 -27.71 -29.59
CA ILE A 316 -51.84 -28.15 -28.53
C ILE A 316 -52.31 -27.54 -27.23
N VAL A 317 -52.57 -26.24 -27.29
CA VAL A 317 -52.98 -25.49 -26.11
C VAL A 317 -54.23 -26.07 -25.50
N TYR A 318 -55.20 -26.42 -26.35
CA TYR A 318 -56.45 -26.99 -25.86
C TYR A 318 -56.24 -28.35 -25.22
N GLU A 319 -55.48 -29.20 -25.93
CA GLU A 319 -55.23 -30.55 -25.47
C GLU A 319 -54.60 -30.49 -24.09
N LYS A 320 -53.68 -29.55 -23.90
CA LYS A 320 -52.99 -29.43 -22.62
C LYS A 320 -53.82 -28.74 -21.54
N ILE A 321 -54.78 -27.88 -21.91
CA ILE A 321 -55.64 -27.33 -20.86
C ILE A 321 -56.52 -28.44 -20.34
N MET A 322 -56.94 -29.32 -21.26
CA MET A 322 -57.88 -30.39 -20.95
C MET A 322 -57.36 -31.35 -19.88
N GLU A 323 -56.04 -31.53 -19.84
CA GLU A 323 -55.43 -32.45 -18.89
C GLU A 323 -55.42 -31.87 -17.48
N HIS A 324 -55.79 -30.59 -17.35
CA HIS A 324 -56.03 -29.96 -16.05
C HIS A 324 -57.47 -29.43 -16.08
N ALA A 325 -58.41 -30.06 -15.38
CA ALA A 325 -59.81 -29.75 -15.68
C ALA A 325 -60.41 -28.80 -14.66
N GLY A 326 -60.79 -29.34 -13.52
CA GLY A 326 -61.17 -28.52 -12.38
C GLY A 326 -60.02 -28.68 -11.43
N LYS A 327 -59.01 -29.38 -11.92
CA LYS A 327 -57.86 -29.77 -11.14
C LYS A 327 -56.93 -28.59 -10.90
N ASN A 328 -56.31 -28.08 -11.97
CA ASN A 328 -55.34 -27.01 -11.80
C ASN A 328 -55.70 -25.72 -12.52
N GLN A 329 -54.90 -24.68 -12.30
CA GLN A 329 -55.03 -23.42 -13.01
C GLN A 329 -53.99 -23.37 -14.11
N VAL A 330 -54.34 -22.81 -15.25
CA VAL A 330 -53.37 -22.74 -16.32
C VAL A 330 -53.12 -21.28 -16.70
N LEU A 331 -51.85 -20.92 -16.84
CA LEU A 331 -51.46 -19.61 -17.31
C LEU A 331 -50.87 -19.77 -18.71
N VAL A 332 -51.40 -19.02 -19.67
CA VAL A 332 -50.93 -19.14 -21.04
C VAL A 332 -50.40 -17.79 -21.53
N PHE A 333 -49.14 -17.78 -21.97
CA PHE A 333 -48.50 -16.55 -22.41
C PHE A 333 -48.57 -16.39 -23.93
N VAL A 334 -49.15 -15.28 -24.35
CA VAL A 334 -49.21 -14.88 -25.75
C VAL A 334 -48.44 -13.57 -25.96
N HIS A 335 -48.04 -13.33 -27.20
CA HIS A 335 -47.10 -12.27 -27.52
C HIS A 335 -47.75 -10.95 -27.95
N SER A 336 -49.08 -10.90 -27.93
CA SER A 336 -49.83 -9.68 -28.23
C SER A 336 -50.97 -9.50 -27.24
N ARG A 337 -51.34 -8.26 -26.95
CA ARG A 337 -52.43 -8.01 -26.02
C ARG A 337 -53.79 -8.37 -26.59
N LYS A 338 -53.92 -8.31 -27.91
CA LYS A 338 -55.19 -8.63 -28.55
C LYS A 338 -55.32 -10.16 -28.64
N GLU A 339 -54.16 -10.82 -28.64
CA GLU A 339 -54.10 -12.27 -28.78
C GLU A 339 -54.51 -12.92 -27.46
N THR A 340 -54.48 -12.15 -26.37
CA THR A 340 -54.97 -12.66 -25.09
C THR A 340 -56.42 -13.05 -25.24
N GLY A 341 -57.23 -12.10 -25.68
CA GLY A 341 -58.66 -12.32 -25.87
C GLY A 341 -58.92 -13.26 -27.01
N LYS A 342 -58.15 -13.13 -28.09
CA LYS A 342 -58.31 -14.01 -29.25
C LYS A 342 -58.14 -15.50 -28.87
N THR A 343 -57.07 -15.80 -28.15
CA THR A 343 -56.80 -17.17 -27.75
C THR A 343 -57.73 -17.64 -26.63
N ALA A 344 -58.03 -16.77 -25.68
CA ALA A 344 -58.85 -17.20 -24.55
C ALA A 344 -60.29 -17.46 -25.00
N ARG A 345 -60.71 -16.76 -26.03
CA ARG A 345 -62.00 -16.97 -26.66
C ARG A 345 -61.94 -18.26 -27.47
N ALA A 346 -60.94 -18.37 -28.34
CA ALA A 346 -60.74 -19.57 -29.16
C ALA A 346 -60.75 -20.87 -28.34
N ILE A 347 -60.11 -20.85 -27.18
CA ILE A 347 -60.03 -22.04 -26.35
C ILE A 347 -61.36 -22.42 -25.70
N ARG A 348 -62.16 -21.44 -25.28
CA ARG A 348 -63.41 -21.80 -24.64
C ARG A 348 -64.50 -22.09 -25.68
N ASP A 349 -64.31 -21.59 -26.89
CA ASP A 349 -65.23 -21.88 -27.99
C ASP A 349 -64.87 -23.24 -28.57
N MET A 350 -63.62 -23.65 -28.33
CA MET A 350 -63.12 -24.98 -28.68
C MET A 350 -63.60 -25.98 -27.64
N CYS A 351 -64.00 -25.46 -26.49
CA CYS A 351 -64.49 -26.26 -25.37
C CYS A 351 -65.95 -26.69 -25.54
N LEU A 352 -66.61 -26.22 -26.59
CA LEU A 352 -68.00 -26.64 -26.85
C LEU A 352 -67.99 -28.04 -27.46
N GLU A 353 -67.13 -28.27 -28.46
CA GLU A 353 -66.81 -29.63 -28.91
C GLU A 353 -67.93 -30.56 -29.40
N LYS A 354 -67.82 -31.81 -28.97
CA LYS A 354 -68.75 -32.91 -29.31
C LYS A 354 -69.84 -32.94 -28.25
N ASP A 355 -69.46 -33.40 -27.06
CA ASP A 355 -70.27 -33.31 -25.86
C ASP A 355 -69.43 -32.39 -24.98
N THR A 356 -69.93 -31.18 -24.76
CA THR A 356 -69.12 -30.08 -24.24
C THR A 356 -68.30 -30.28 -22.96
N LEU A 357 -67.03 -29.88 -23.07
CA LEU A 357 -66.15 -29.65 -21.94
C LEU A 357 -66.13 -28.17 -21.61
N GLY A 358 -67.01 -27.40 -22.26
CA GLY A 358 -67.03 -25.95 -22.16
C GLY A 358 -66.89 -25.41 -20.76
N LEU A 359 -67.64 -25.95 -19.82
CA LEU A 359 -67.29 -25.69 -18.45
C LEU A 359 -67.04 -27.05 -17.83
N PHE A 360 -65.79 -27.50 -17.89
CA PHE A 360 -65.38 -28.63 -17.08
C PHE A 360 -64.51 -28.00 -16.00
N LEU A 361 -64.22 -26.72 -16.24
CA LEU A 361 -63.21 -25.99 -15.48
C LEU A 361 -63.76 -25.48 -14.16
N ARG A 362 -64.99 -24.96 -14.16
CA ARG A 362 -65.69 -24.84 -12.90
C ARG A 362 -66.89 -25.78 -12.96
N GLU A 363 -66.73 -27.00 -12.46
CA GLU A 363 -67.85 -27.93 -12.28
C GLU A 363 -68.23 -27.85 -10.82
N GLY A 364 -67.55 -26.92 -10.18
CA GLY A 364 -67.81 -26.49 -8.82
C GLY A 364 -68.91 -25.46 -8.95
N SER A 365 -69.75 -25.66 -9.95
CA SER A 365 -70.75 -24.70 -10.42
C SER A 365 -71.96 -24.68 -9.48
N ALA A 366 -71.78 -25.30 -8.30
CA ALA A 366 -72.72 -25.22 -7.18
C ALA A 366 -72.54 -23.85 -6.49
N SER A 367 -71.76 -23.03 -7.18
CA SER A 367 -71.70 -21.56 -7.11
C SER A 367 -70.71 -20.93 -6.12
N THR A 368 -70.16 -21.72 -5.19
CA THR A 368 -68.73 -21.66 -4.85
C THR A 368 -68.09 -20.28 -4.91
N GLU A 369 -67.05 -20.23 -5.74
CA GLU A 369 -66.44 -19.03 -6.25
C GLU A 369 -67.09 -18.64 -7.58
N VAL A 370 -67.96 -19.52 -8.07
CA VAL A 370 -68.63 -19.34 -9.36
C VAL A 370 -69.47 -18.07 -9.35
N LEU A 371 -70.09 -17.73 -8.23
CA LEU A 371 -70.86 -16.48 -8.19
C LEU A 371 -69.98 -15.33 -7.73
N ARG A 372 -68.73 -15.61 -7.36
CA ARG A 372 -67.79 -14.54 -7.09
C ARG A 372 -67.28 -13.99 -8.42
N THR A 373 -67.04 -14.89 -9.36
CA THR A 373 -66.61 -14.50 -10.69
C THR A 373 -67.79 -13.94 -11.47
N GLU A 374 -69.00 -14.33 -11.09
CA GLU A 374 -70.18 -13.79 -11.75
C GLU A 374 -70.75 -12.54 -11.05
N ALA A 375 -70.27 -12.25 -9.84
CA ALA A 375 -70.65 -11.01 -9.15
C ALA A 375 -69.73 -9.90 -9.62
N GLU A 376 -68.64 -10.31 -10.26
CA GLU A 376 -67.57 -9.41 -10.68
C GLU A 376 -67.88 -8.87 -12.07
N GLN A 377 -69.14 -9.03 -12.46
CA GLN A 377 -69.62 -8.62 -13.77
C GLN A 377 -70.00 -7.15 -13.81
N CYS A 378 -69.63 -6.44 -12.74
CA CYS A 378 -69.74 -4.99 -12.73
C CYS A 378 -68.58 -4.39 -13.53
N LYS A 379 -67.74 -5.25 -14.07
CA LYS A 379 -66.57 -4.85 -14.85
C LYS A 379 -66.82 -4.53 -16.33
N ASN A 380 -65.73 -4.42 -17.07
CA ASN A 380 -65.74 -4.08 -18.49
C ASN A 380 -65.01 -5.05 -19.43
N LEU A 381 -64.87 -4.59 -20.68
CA LEU A 381 -64.03 -5.20 -21.71
C LEU A 381 -64.41 -6.63 -22.11
N GLU A 382 -63.40 -7.45 -22.40
CA GLU A 382 -63.57 -8.83 -22.85
C GLU A 382 -63.72 -9.72 -21.64
N LEU A 383 -63.35 -9.16 -20.50
CA LEU A 383 -63.46 -9.82 -19.20
C LEU A 383 -64.89 -10.23 -18.94
N LYS A 384 -65.81 -9.29 -19.17
CA LYS A 384 -67.22 -9.49 -18.86
C LYS A 384 -67.78 -10.74 -19.56
N ASP A 385 -67.25 -11.05 -20.74
CA ASP A 385 -67.63 -12.25 -21.48
C ASP A 385 -66.97 -13.54 -20.95
N LEU A 386 -65.69 -13.46 -20.63
CA LEU A 386 -64.91 -14.65 -20.25
C LEU A 386 -65.06 -15.10 -18.79
N LEU A 387 -65.12 -14.14 -17.87
CA LEU A 387 -65.05 -14.39 -16.42
C LEU A 387 -66.07 -15.39 -15.85
N PRO A 388 -67.34 -15.32 -16.26
CA PRO A 388 -68.28 -16.33 -15.73
C PRO A 388 -67.95 -17.77 -16.09
N TYR A 389 -67.06 -17.99 -17.07
CA TYR A 389 -66.59 -19.33 -17.39
C TYR A 389 -65.31 -19.74 -16.66
N GLY A 390 -64.66 -18.79 -15.99
CA GLY A 390 -63.40 -19.07 -15.33
C GLY A 390 -62.19 -18.75 -16.20
N PHE A 391 -62.47 -18.21 -17.38
CA PHE A 391 -61.46 -17.68 -18.30
C PHE A 391 -61.17 -16.21 -18.04
N ALA A 392 -59.93 -15.79 -18.26
CA ALA A 392 -59.65 -14.35 -18.24
C ALA A 392 -58.45 -13.96 -19.11
N ILE A 393 -58.20 -12.66 -19.19
CA ILE A 393 -57.07 -12.13 -19.95
C ILE A 393 -56.31 -11.09 -19.13
N HIS A 394 -55.01 -10.98 -19.37
CA HIS A 394 -54.18 -9.99 -18.69
C HIS A 394 -53.18 -9.29 -19.62
N HIS A 395 -53.32 -7.99 -19.79
CA HIS A 395 -52.34 -7.21 -20.55
C HIS A 395 -52.29 -5.74 -20.11
N ALA A 396 -51.37 -4.98 -20.70
CA ALA A 396 -51.08 -3.63 -20.21
C ALA A 396 -52.02 -2.59 -20.81
N GLY A 397 -52.84 -3.03 -21.76
CA GLY A 397 -53.86 -2.20 -22.37
C GLY A 397 -55.15 -2.17 -21.56
N MET A 398 -55.21 -3.00 -20.53
CA MET A 398 -56.33 -3.00 -19.61
C MET A 398 -56.12 -1.89 -18.59
N THR A 399 -56.84 -1.93 -17.48
CA THR A 399 -56.72 -0.86 -16.49
C THR A 399 -56.41 -1.44 -15.13
N ARG A 400 -55.83 -0.63 -14.27
CA ARG A 400 -55.37 -1.10 -12.97
C ARG A 400 -56.49 -1.78 -12.17
N VAL A 401 -57.73 -1.34 -12.38
CA VAL A 401 -58.86 -1.94 -11.68
C VAL A 401 -59.16 -3.33 -12.25
N ASP A 402 -59.21 -3.41 -13.59
CA ASP A 402 -59.42 -4.70 -14.26
C ASP A 402 -58.25 -5.66 -14.08
N ARG A 403 -57.03 -5.15 -14.10
CA ARG A 403 -55.85 -6.01 -13.94
C ARG A 403 -55.76 -6.51 -12.50
N THR A 404 -56.01 -5.63 -11.54
CA THR A 404 -56.03 -6.03 -10.14
C THR A 404 -57.14 -7.04 -9.91
N LEU A 405 -58.26 -6.85 -10.60
CA LEU A 405 -59.38 -7.78 -10.50
C LEU A 405 -58.98 -9.17 -10.99
N VAL A 406 -58.41 -9.23 -12.19
CA VAL A 406 -57.96 -10.50 -12.77
C VAL A 406 -56.93 -11.19 -11.87
N GLU A 407 -55.95 -10.43 -11.40
CA GLU A 407 -54.90 -10.97 -10.55
C GLU A 407 -55.47 -11.52 -9.24
N ASP A 408 -56.41 -10.77 -8.66
CA ASP A 408 -57.01 -11.18 -7.40
C ASP A 408 -57.89 -12.41 -7.56
N LEU A 409 -58.61 -12.49 -8.67
CA LEU A 409 -59.47 -13.64 -8.92
C LEU A 409 -58.65 -14.88 -9.31
N PHE A 410 -57.47 -14.67 -9.87
CA PHE A 410 -56.59 -15.80 -10.17
C PHE A 410 -55.85 -16.28 -8.92
N ALA A 411 -55.59 -15.35 -8.01
CA ALA A 411 -54.89 -15.65 -6.77
C ALA A 411 -55.78 -16.36 -5.75
N ASP A 412 -57.07 -16.05 -5.80
CA ASP A 412 -58.06 -16.70 -4.95
C ASP A 412 -58.52 -18.04 -5.53
N LYS A 413 -57.92 -18.42 -6.66
CA LYS A 413 -58.22 -19.66 -7.36
C LYS A 413 -59.65 -19.67 -7.90
N HIS A 414 -60.13 -18.49 -8.30
CA HIS A 414 -61.43 -18.36 -8.95
C HIS A 414 -61.27 -18.59 -10.46
N ILE A 415 -60.49 -17.72 -11.11
CA ILE A 415 -60.12 -17.91 -12.51
C ILE A 415 -59.30 -19.17 -12.70
N GLN A 416 -59.74 -20.02 -13.63
CA GLN A 416 -59.08 -21.29 -13.90
C GLN A 416 -58.06 -21.14 -15.04
N VAL A 417 -58.54 -20.77 -16.21
CA VAL A 417 -57.67 -20.52 -17.36
C VAL A 417 -57.45 -19.02 -17.56
N LEU A 418 -56.17 -18.62 -17.56
CA LEU A 418 -55.83 -17.22 -17.74
C LEU A 418 -54.82 -17.04 -18.87
N VAL A 419 -55.19 -16.27 -19.89
CA VAL A 419 -54.25 -15.98 -20.97
C VAL A 419 -53.72 -14.55 -20.83
N SER A 420 -52.43 -14.37 -21.03
CA SER A 420 -51.76 -13.14 -20.65
C SER A 420 -50.52 -12.81 -21.47
N THR A 421 -49.87 -11.72 -21.10
CA THR A 421 -48.69 -11.21 -21.80
C THR A 421 -47.52 -11.27 -20.83
N ALA A 422 -46.29 -11.22 -21.36
CA ALA A 422 -45.09 -11.28 -20.54
C ALA A 422 -45.11 -10.24 -19.41
N THR A 423 -45.81 -9.14 -19.66
CA THR A 423 -45.96 -8.06 -18.69
C THR A 423 -46.39 -8.60 -17.33
N LEU A 424 -47.24 -9.62 -17.34
CA LEU A 424 -47.69 -10.24 -16.10
C LEU A 424 -46.56 -11.00 -15.43
N ALA A 425 -45.77 -11.70 -16.24
CA ALA A 425 -44.67 -12.52 -15.74
C ALA A 425 -43.66 -11.64 -15.01
N TRP A 426 -43.33 -10.50 -15.60
CA TRP A 426 -42.36 -9.60 -14.97
C TRP A 426 -42.96 -8.81 -13.83
N GLY A 427 -44.18 -8.31 -14.06
CA GLY A 427 -44.81 -7.30 -13.23
C GLY A 427 -45.36 -7.66 -11.86
N VAL A 428 -45.86 -8.88 -11.71
CA VAL A 428 -46.45 -9.27 -10.43
C VAL A 428 -46.14 -10.74 -10.19
N ASN A 429 -46.11 -11.15 -8.94
CA ASN A 429 -45.87 -12.55 -8.65
C ASN A 429 -47.20 -13.28 -8.50
N LEU A 430 -47.57 -14.04 -9.53
CA LEU A 430 -48.74 -14.91 -9.46
C LEU A 430 -48.45 -16.19 -10.22
N PRO A 431 -47.84 -17.17 -9.52
CA PRO A 431 -47.56 -18.45 -10.17
C PRO A 431 -48.83 -19.26 -10.38
N ALA A 432 -48.91 -19.95 -11.52
CA ALA A 432 -49.92 -20.98 -11.68
C ALA A 432 -49.27 -22.35 -11.58
N HIS A 433 -50.06 -23.41 -11.57
CA HIS A 433 -49.50 -24.75 -11.52
C HIS A 433 -48.92 -25.10 -12.88
N THR A 434 -49.59 -24.62 -13.92
CA THR A 434 -49.24 -24.94 -15.29
C THR A 434 -48.99 -23.67 -16.09
N VAL A 435 -47.94 -23.68 -16.91
CA VAL A 435 -47.65 -22.54 -17.77
C VAL A 435 -47.39 -22.97 -19.22
N ILE A 436 -48.21 -22.49 -20.14
CA ILE A 436 -48.00 -22.77 -21.56
C ILE A 436 -47.58 -21.49 -22.27
N ILE A 437 -46.57 -21.59 -23.12
CA ILE A 437 -46.06 -20.44 -23.84
C ILE A 437 -46.32 -20.64 -25.33
N LYS A 438 -47.11 -19.77 -25.94
CA LYS A 438 -47.47 -19.98 -27.33
C LYS A 438 -46.49 -19.32 -28.31
N GLY A 439 -45.73 -20.14 -29.02
CA GLY A 439 -45.07 -19.72 -30.25
C GLY A 439 -43.69 -19.11 -30.20
N THR A 440 -43.33 -18.49 -29.06
CA THR A 440 -42.03 -17.85 -28.87
C THR A 440 -41.63 -16.86 -29.97
N GLN A 441 -42.60 -16.29 -30.68
CA GLN A 441 -42.27 -15.31 -31.72
C GLN A 441 -42.73 -13.93 -31.24
N VAL A 442 -41.85 -12.94 -31.32
CA VAL A 442 -42.18 -11.63 -30.78
C VAL A 442 -41.64 -10.51 -31.67
N TYR A 443 -42.37 -9.41 -31.78
CA TYR A 443 -41.92 -8.29 -32.60
C TYR A 443 -40.94 -7.40 -31.84
N SER A 444 -39.80 -7.16 -32.45
CA SER A 444 -38.78 -6.24 -31.95
C SER A 444 -38.64 -5.03 -32.89
N PRO A 445 -39.11 -3.87 -32.42
CA PRO A 445 -39.02 -2.57 -33.11
C PRO A 445 -37.60 -2.17 -33.45
N GLU A 446 -36.67 -2.45 -32.54
CA GLU A 446 -35.28 -2.06 -32.71
C GLU A 446 -34.58 -2.97 -33.72
N LYS A 447 -35.02 -4.23 -33.80
CA LYS A 447 -34.54 -5.11 -34.85
C LYS A 447 -35.43 -4.93 -36.08
N GLY A 448 -36.58 -4.29 -35.85
CA GLY A 448 -37.52 -3.99 -36.92
C GLY A 448 -38.26 -5.20 -37.44
N ARG A 449 -38.04 -6.35 -36.81
CA ARG A 449 -38.61 -7.59 -37.35
C ARG A 449 -39.36 -8.40 -36.31
N TRP A 450 -39.88 -9.55 -36.73
CA TRP A 450 -40.25 -10.56 -35.77
C TRP A 450 -39.02 -11.40 -35.51
N THR A 451 -38.78 -11.70 -34.24
CA THR A 451 -37.61 -12.46 -33.82
C THR A 451 -37.95 -13.46 -32.73
N GLU A 452 -36.96 -14.24 -32.33
CA GLU A 452 -37.15 -15.23 -31.30
C GLU A 452 -37.11 -14.58 -29.92
N LEU A 453 -38.07 -15.00 -29.10
CA LEU A 453 -38.34 -14.38 -27.81
C LEU A 453 -37.07 -14.34 -26.95
N GLY A 454 -36.90 -13.27 -26.20
CA GLY A 454 -35.74 -13.11 -25.36
C GLY A 454 -35.65 -14.20 -24.31
N ALA A 455 -34.43 -14.72 -24.13
CA ALA A 455 -34.16 -15.78 -23.17
C ALA A 455 -34.64 -15.43 -21.76
N LEU A 456 -34.42 -14.17 -21.38
CA LEU A 456 -34.84 -13.68 -20.06
C LEU A 456 -36.34 -13.85 -19.89
N ASP A 457 -37.08 -13.61 -20.96
CA ASP A 457 -38.54 -13.70 -20.94
C ASP A 457 -39.04 -15.15 -20.78
N ILE A 458 -38.45 -16.08 -21.53
CA ILE A 458 -38.77 -17.48 -21.34
C ILE A 458 -38.45 -17.91 -19.91
N LEU A 459 -37.26 -17.55 -19.42
CA LEU A 459 -36.89 -17.95 -18.08
C LEU A 459 -37.86 -17.39 -17.04
N GLN A 460 -38.20 -16.11 -17.18
CA GLN A 460 -39.07 -15.45 -16.22
C GLN A 460 -40.51 -15.99 -16.30
N MET A 461 -40.92 -16.40 -17.50
CA MET A 461 -42.28 -16.92 -17.71
C MET A 461 -42.40 -18.32 -17.12
N LEU A 462 -41.58 -19.26 -17.60
CA LEU A 462 -41.57 -20.60 -17.03
C LEU A 462 -41.24 -20.60 -15.55
N GLY A 463 -40.65 -19.51 -15.07
CA GLY A 463 -40.38 -19.36 -13.66
C GLY A 463 -41.66 -19.21 -12.84
N ARG A 464 -42.78 -19.00 -13.51
CA ARG A 464 -44.06 -18.88 -12.81
C ARG A 464 -44.75 -20.23 -12.63
N ALA A 465 -44.16 -21.28 -13.20
CA ALA A 465 -44.73 -22.62 -13.05
C ALA A 465 -44.55 -23.14 -11.63
N GLY A 466 -45.65 -23.57 -11.04
CA GLY A 466 -45.68 -24.18 -9.71
C GLY A 466 -45.74 -23.15 -8.62
N ARG A 467 -46.50 -23.46 -7.58
CA ARG A 467 -46.83 -22.50 -6.52
C ARG A 467 -46.21 -22.98 -5.24
N PRO A 468 -45.32 -22.16 -4.64
CA PRO A 468 -44.43 -22.60 -3.56
C PRO A 468 -45.20 -23.32 -2.44
N GLN A 469 -46.28 -22.74 -1.94
CA GLN A 469 -47.01 -23.38 -0.86
C GLN A 469 -48.15 -24.29 -1.31
N TYR A 470 -48.57 -24.17 -2.57
CA TYR A 470 -49.76 -24.89 -3.00
C TYR A 470 -49.54 -26.12 -3.90
N ASP A 471 -48.30 -26.38 -4.33
CA ASP A 471 -48.10 -27.37 -5.37
C ASP A 471 -46.91 -28.31 -5.13
N THR A 472 -47.13 -29.60 -5.37
CA THR A 472 -46.12 -30.64 -5.20
C THR A 472 -45.21 -30.66 -6.41
N LYS A 473 -45.80 -30.34 -7.55
CA LYS A 473 -45.06 -30.23 -8.80
C LYS A 473 -45.65 -29.15 -9.70
N GLY A 474 -44.78 -28.47 -10.44
CA GLY A 474 -45.18 -27.48 -11.41
C GLY A 474 -45.07 -28.07 -12.80
N GLU A 475 -45.68 -27.41 -13.79
CA GLU A 475 -45.64 -27.89 -15.16
C GLU A 475 -45.47 -26.75 -16.15
N GLY A 476 -44.74 -27.01 -17.24
CA GLY A 476 -44.68 -26.01 -18.27
C GLY A 476 -44.51 -26.60 -19.65
N ILE A 477 -45.02 -25.87 -20.64
CA ILE A 477 -45.06 -26.31 -22.01
C ILE A 477 -44.59 -25.16 -22.87
N LEU A 478 -43.61 -25.42 -23.71
CA LEU A 478 -43.10 -24.40 -24.61
C LEU A 478 -43.42 -24.76 -26.05
N ILE A 479 -44.34 -24.03 -26.65
CA ILE A 479 -44.68 -24.28 -28.04
C ILE A 479 -43.82 -23.41 -28.93
N THR A 480 -43.02 -24.06 -29.78
CA THR A 480 -42.08 -23.34 -30.63
C THR A 480 -42.10 -23.93 -32.03
N SER A 481 -41.33 -23.36 -32.94
CA SER A 481 -41.05 -24.01 -34.20
C SER A 481 -40.06 -25.16 -33.92
N HIS A 482 -40.12 -26.23 -34.71
CA HIS A 482 -39.34 -27.43 -34.39
C HIS A 482 -37.85 -27.15 -34.37
N GLY A 483 -37.32 -26.62 -35.47
CA GLY A 483 -35.99 -26.07 -35.44
C GLY A 483 -36.16 -24.93 -34.46
N GLU A 484 -35.11 -24.65 -33.67
CA GLU A 484 -35.15 -23.78 -32.47
C GLU A 484 -35.62 -24.49 -31.20
N LEU A 485 -35.87 -25.78 -31.28
CA LEU A 485 -36.20 -26.53 -30.07
C LEU A 485 -34.96 -26.71 -29.20
N GLN A 486 -33.81 -26.73 -29.86
CA GLN A 486 -32.57 -27.09 -29.20
C GLN A 486 -32.07 -25.90 -28.41
N TYR A 487 -32.50 -24.71 -28.83
CA TYR A 487 -32.11 -23.50 -28.16
C TYR A 487 -32.81 -23.38 -26.82
N TYR A 488 -34.10 -23.68 -26.80
CA TYR A 488 -34.85 -23.51 -25.57
C TYR A 488 -34.55 -24.66 -24.62
N LEU A 489 -34.29 -25.84 -25.20
CA LEU A 489 -33.79 -26.96 -24.41
C LEU A 489 -32.48 -26.57 -23.72
N SER A 490 -31.54 -26.05 -24.52
CA SER A 490 -30.29 -25.53 -23.98
C SER A 490 -30.50 -24.52 -22.86
N LEU A 491 -31.40 -23.56 -23.08
CA LEU A 491 -31.62 -22.46 -22.16
C LEU A 491 -32.20 -22.91 -20.81
N LEU A 492 -33.23 -23.75 -20.83
CA LEU A 492 -33.92 -24.11 -19.60
C LEU A 492 -33.27 -25.29 -18.86
N ASN A 493 -32.42 -26.01 -19.56
CA ASN A 493 -31.68 -27.15 -19.01
C ASN A 493 -30.23 -26.89 -18.57
N GLN A 494 -29.88 -25.61 -18.45
CA GLN A 494 -28.56 -25.13 -18.00
C GLN A 494 -27.43 -25.36 -19.00
N GLN A 495 -27.77 -25.50 -20.28
CA GLN A 495 -26.73 -25.59 -21.31
C GLN A 495 -26.48 -24.37 -22.22
N LEU A 496 -27.23 -23.27 -22.07
CA LEU A 496 -27.03 -22.12 -22.97
C LEU A 496 -26.03 -21.12 -22.39
N PRO A 497 -24.82 -21.09 -22.95
CA PRO A 497 -23.71 -20.36 -22.31
C PRO A 497 -23.87 -18.84 -22.39
N ILE A 498 -23.49 -18.16 -21.32
CA ILE A 498 -23.53 -16.70 -21.27
C ILE A 498 -22.28 -16.10 -21.91
N GLU A 499 -22.47 -15.38 -23.01
CA GLU A 499 -21.32 -14.79 -23.69
C GLU A 499 -21.34 -13.27 -23.54
N SER A 500 -20.36 -12.61 -24.15
CA SER A 500 -20.24 -11.17 -24.05
C SER A 500 -20.50 -10.48 -25.38
N GLN A 501 -21.43 -9.52 -25.36
CA GLN A 501 -21.78 -8.78 -26.56
C GLN A 501 -21.02 -7.47 -26.65
N MET A 502 -20.06 -7.26 -25.76
CA MET A 502 -19.36 -5.98 -25.66
C MET A 502 -18.84 -5.46 -27.00
N VAL A 503 -18.47 -6.36 -27.90
CA VAL A 503 -17.89 -5.97 -29.17
C VAL A 503 -18.88 -5.15 -29.97
N SER A 504 -20.17 -5.39 -29.71
CA SER A 504 -21.27 -4.73 -30.41
C SER A 504 -21.36 -3.25 -30.06
N LYS A 505 -21.32 -2.96 -28.76
CA LYS A 505 -21.49 -1.61 -28.23
C LYS A 505 -20.18 -0.87 -27.91
N LEU A 506 -19.04 -1.47 -28.24
CA LEU A 506 -17.75 -0.95 -27.78
C LEU A 506 -17.52 0.56 -28.03
N PRO A 507 -17.80 1.08 -29.25
CA PRO A 507 -17.49 2.52 -29.41
C PRO A 507 -18.26 3.46 -28.47
N ASP A 508 -19.53 3.18 -28.23
CA ASP A 508 -20.32 4.04 -27.35
C ASP A 508 -19.83 3.91 -25.91
N MET A 509 -19.49 2.69 -25.52
CA MET A 509 -18.99 2.44 -24.16
C MET A 509 -17.64 3.15 -23.93
N LEU A 510 -16.75 3.03 -24.91
CA LEU A 510 -15.47 3.72 -24.89
C LEU A 510 -15.66 5.22 -24.79
N ASN A 511 -16.56 5.77 -25.59
CA ASN A 511 -16.82 7.21 -25.54
C ASN A 511 -17.26 7.64 -24.16
N ALA A 512 -18.19 6.88 -23.57
CA ALA A 512 -18.67 7.20 -22.23
C ALA A 512 -17.51 7.23 -21.22
N GLU A 513 -16.58 6.28 -21.34
CA GLU A 513 -15.44 6.26 -20.43
C GLU A 513 -14.42 7.38 -20.70
N ILE A 514 -14.32 7.83 -21.94
CA ILE A 514 -13.53 9.01 -22.26
C ILE A 514 -14.11 10.30 -21.65
N VAL A 515 -15.41 10.49 -21.83
CA VAL A 515 -16.08 11.71 -21.35
C VAL A 515 -15.97 11.84 -19.84
N LEU A 516 -16.12 10.73 -19.13
CA LEU A 516 -15.96 10.72 -17.68
C LEU A 516 -14.54 11.01 -17.26
N GLY A 517 -13.61 10.87 -18.19
CA GLY A 517 -12.22 11.12 -17.88
C GLY A 517 -11.52 9.94 -17.22
N ASN A 518 -12.20 8.79 -17.19
CA ASN A 518 -11.61 7.55 -16.67
C ASN A 518 -10.65 6.94 -17.68
N VAL A 519 -10.80 7.32 -18.94
CA VAL A 519 -9.89 6.88 -19.99
C VAL A 519 -9.36 8.09 -20.76
N GLN A 520 -8.09 8.41 -20.58
CA GLN A 520 -7.49 9.57 -21.25
C GLN A 520 -6.79 9.22 -22.56
N ASN A 521 -6.62 7.94 -22.82
CA ASN A 521 -5.88 7.48 -24.00
C ASN A 521 -6.05 5.98 -24.26
N ALA A 522 -5.44 5.51 -25.34
CA ALA A 522 -5.58 4.11 -25.78
C ALA A 522 -5.17 3.11 -24.71
N LYS A 523 -4.06 3.36 -24.03
CA LYS A 523 -3.56 2.45 -23.00
C LYS A 523 -4.55 2.32 -21.84
N ASP A 524 -5.07 3.46 -21.40
CA ASP A 524 -6.13 3.51 -20.40
C ASP A 524 -7.33 2.68 -20.81
N ALA A 525 -7.67 2.76 -22.10
CA ALA A 525 -8.77 1.98 -22.64
C ALA A 525 -8.47 0.48 -22.54
N VAL A 526 -7.25 0.07 -22.90
CA VAL A 526 -6.88 -1.33 -22.81
C VAL A 526 -7.03 -1.84 -21.36
N ASN A 527 -6.53 -1.04 -20.42
CA ASN A 527 -6.68 -1.38 -19.03
C ASN A 527 -8.14 -1.46 -18.64
N TRP A 528 -8.96 -0.59 -19.24
CA TRP A 528 -10.38 -0.56 -18.96
C TRP A 528 -11.05 -1.85 -19.44
N LEU A 529 -10.82 -2.19 -20.70
CA LEU A 529 -11.36 -3.43 -21.29
C LEU A 529 -11.00 -4.60 -20.41
N GLY A 530 -9.86 -4.51 -19.73
CA GLY A 530 -9.53 -5.52 -18.73
C GLY A 530 -10.55 -5.75 -17.63
N TYR A 531 -11.47 -4.80 -17.42
CA TYR A 531 -12.49 -4.96 -16.38
C TYR A 531 -13.77 -5.59 -16.90
N ALA A 532 -13.86 -5.73 -18.23
CA ALA A 532 -15.07 -6.23 -18.91
C ALA A 532 -15.22 -7.75 -18.91
N TYR A 533 -16.47 -8.20 -19.04
CA TYR A 533 -16.77 -9.63 -19.18
C TYR A 533 -16.09 -10.18 -20.44
N LEU A 534 -15.98 -9.31 -21.44
CA LEU A 534 -15.31 -9.62 -22.69
C LEU A 534 -13.88 -10.14 -22.50
N TYR A 535 -13.13 -9.55 -21.58
CA TYR A 535 -11.74 -9.96 -21.35
C TYR A 535 -11.65 -11.42 -20.90
N ILE A 536 -12.37 -11.75 -19.83
CA ILE A 536 -12.42 -13.11 -19.34
C ILE A 536 -12.89 -14.08 -20.42
N ARG A 537 -14.02 -13.75 -21.04
CA ARG A 537 -14.58 -14.64 -22.04
C ARG A 537 -13.62 -14.87 -23.21
N MET A 538 -12.91 -13.82 -23.60
CA MET A 538 -11.91 -13.95 -24.66
C MET A 538 -10.74 -14.81 -24.23
N LEU A 539 -10.36 -14.71 -22.95
CA LEU A 539 -9.29 -15.56 -22.44
C LEU A 539 -9.67 -17.02 -22.50
N ARG A 540 -10.89 -17.33 -22.07
CA ARG A 540 -11.26 -18.71 -21.83
C ARG A 540 -11.89 -19.41 -23.04
N SER A 541 -12.25 -18.64 -24.06
CA SER A 541 -12.74 -19.23 -25.30
C SER A 541 -12.28 -18.44 -26.51
N PRO A 542 -10.94 -18.36 -26.71
CA PRO A 542 -10.35 -17.49 -27.72
C PRO A 542 -10.92 -17.68 -29.12
N THR A 543 -11.15 -18.93 -29.50
CA THR A 543 -11.61 -19.27 -30.83
C THR A 543 -13.00 -18.72 -31.13
N LEU A 544 -13.93 -18.89 -30.18
CA LEU A 544 -15.27 -18.32 -30.30
C LEU A 544 -15.22 -16.80 -30.49
N TYR A 545 -14.25 -16.15 -29.85
CA TYR A 545 -14.07 -14.70 -29.97
C TYR A 545 -13.06 -14.30 -31.05
N GLY A 546 -12.62 -15.27 -31.84
CA GLY A 546 -11.79 -14.99 -33.00
C GLY A 546 -10.30 -14.84 -32.73
N ILE A 547 -9.80 -15.56 -31.74
CA ILE A 547 -8.39 -15.48 -31.38
C ILE A 547 -7.69 -16.83 -31.51
N SER A 548 -6.56 -16.85 -32.20
CA SER A 548 -5.74 -18.07 -32.37
C SER A 548 -5.17 -18.56 -31.06
N HIS A 549 -5.12 -19.87 -30.89
CA HIS A 549 -4.49 -20.44 -29.71
C HIS A 549 -3.00 -20.07 -29.65
N ASP A 550 -2.39 -19.90 -30.81
CA ASP A 550 -1.01 -19.44 -30.91
C ASP A 550 -0.85 -18.05 -30.32
N ASP A 551 -1.69 -17.14 -30.81
CA ASP A 551 -1.79 -15.77 -30.31
C ASP A 551 -1.91 -15.78 -28.78
N LEU A 552 -2.96 -16.43 -28.29
CA LEU A 552 -3.21 -16.55 -26.85
C LEU A 552 -1.98 -17.06 -26.09
N LYS A 553 -1.33 -18.10 -26.61
CA LYS A 553 -0.16 -18.68 -25.95
C LYS A 553 0.98 -17.67 -25.85
N GLY A 554 1.20 -16.91 -26.92
CA GLY A 554 2.25 -15.90 -26.91
C GLY A 554 1.81 -14.60 -26.26
N ASP A 555 0.50 -14.45 -26.05
CA ASP A 555 -0.02 -13.23 -25.44
C ASP A 555 -1.21 -13.50 -24.49
N PRO A 556 -0.93 -14.04 -23.31
CA PRO A 556 -1.97 -14.45 -22.37
C PRO A 556 -2.86 -13.31 -21.89
N LEU A 557 -2.38 -12.07 -21.96
CA LEU A 557 -3.20 -10.94 -21.50
C LEU A 557 -3.94 -10.24 -22.65
N LEU A 558 -3.77 -10.77 -23.86
CA LEU A 558 -4.42 -10.25 -25.05
C LEU A 558 -4.19 -8.75 -25.20
N ASP A 559 -2.93 -8.35 -25.10
CA ASP A 559 -2.56 -6.94 -25.25
C ASP A 559 -2.94 -6.48 -26.65
N GLN A 560 -2.67 -7.34 -27.64
CA GLN A 560 -2.85 -7.01 -29.04
C GLN A 560 -4.33 -6.87 -29.38
N ARG A 561 -5.14 -7.83 -28.95
CA ARG A 561 -6.56 -7.81 -29.28
C ARG A 561 -7.24 -6.60 -28.63
N ARG A 562 -6.88 -6.29 -27.39
CA ARG A 562 -7.47 -5.14 -26.72
C ARG A 562 -7.05 -3.83 -27.38
N LEU A 563 -5.75 -3.69 -27.67
CA LEU A 563 -5.27 -2.50 -28.35
C LEU A 563 -5.93 -2.33 -29.72
N ASP A 564 -6.15 -3.45 -30.41
CA ASP A 564 -6.80 -3.44 -31.73
C ASP A 564 -8.27 -3.01 -31.64
N LEU A 565 -8.98 -3.60 -30.68
CA LEU A 565 -10.38 -3.27 -30.45
C LEU A 565 -10.52 -1.78 -30.19
N VAL A 566 -9.69 -1.29 -29.27
CA VAL A 566 -9.70 0.10 -28.89
C VAL A 566 -9.36 1.03 -30.05
N HIS A 567 -8.35 0.67 -30.84
CA HIS A 567 -7.96 1.43 -32.02
C HIS A 567 -9.14 1.55 -32.99
N THR A 568 -9.81 0.42 -33.23
CA THR A 568 -10.95 0.39 -34.13
C THR A 568 -12.05 1.34 -33.65
N ALA A 569 -12.47 1.14 -32.40
CA ALA A 569 -13.50 1.96 -31.80
C ALA A 569 -13.12 3.45 -31.81
N ALA A 570 -11.86 3.73 -31.59
CA ALA A 570 -11.40 5.12 -31.52
C ALA A 570 -11.38 5.75 -32.89
N LEU A 571 -11.14 4.94 -33.92
CA LEU A 571 -11.20 5.47 -35.27
C LEU A 571 -12.66 5.79 -35.63
N MET A 572 -13.57 4.94 -35.15
CA MET A 572 -15.00 5.21 -35.32
C MET A 572 -15.45 6.48 -34.59
N LEU A 573 -15.01 6.64 -33.35
CA LEU A 573 -15.36 7.81 -32.55
C LEU A 573 -14.72 9.07 -33.11
N ASP A 574 -13.54 8.94 -33.69
CA ASP A 574 -12.84 10.09 -34.26
C ASP A 574 -13.53 10.53 -35.54
N LYS A 575 -13.96 9.54 -36.33
CA LYS A 575 -14.70 9.79 -37.57
C LYS A 575 -15.98 10.60 -37.37
N ASN A 576 -16.73 10.24 -36.34
CA ASN A 576 -18.01 10.90 -36.06
C ASN A 576 -17.85 12.11 -35.14
N ASN A 577 -16.59 12.46 -34.86
CA ASN A 577 -16.25 13.69 -34.14
C ASN A 577 -16.73 13.76 -32.69
N LEU A 578 -16.87 12.59 -32.05
CA LEU A 578 -17.10 12.52 -30.61
C LEU A 578 -15.78 12.67 -29.85
N VAL A 579 -14.68 12.36 -30.52
CA VAL A 579 -13.38 12.30 -29.89
C VAL A 579 -12.32 12.74 -30.88
N LYS A 580 -11.29 13.41 -30.40
CA LYS A 580 -10.09 13.63 -31.21
C LYS A 580 -9.07 12.57 -30.84
N TYR A 581 -8.66 11.77 -31.82
CA TYR A 581 -7.74 10.64 -31.59
C TYR A 581 -6.60 10.63 -32.59
N ASP A 582 -5.37 10.79 -32.10
CA ASP A 582 -4.20 10.67 -32.98
C ASP A 582 -3.55 9.29 -32.84
N LYS A 583 -3.31 8.66 -33.98
CA LYS A 583 -2.89 7.27 -34.02
C LYS A 583 -1.46 7.05 -33.52
N LYS A 584 -0.72 8.13 -33.34
CA LYS A 584 0.67 8.03 -32.89
C LYS A 584 0.75 7.83 -31.39
N THR A 585 0.35 8.85 -30.63
CA THR A 585 0.40 8.76 -29.18
C THR A 585 -0.76 7.94 -28.62
N GLY A 586 -1.90 7.97 -29.31
CA GLY A 586 -3.08 7.29 -28.82
C GLY A 586 -3.81 8.05 -27.74
N ASN A 587 -3.58 9.36 -27.65
CA ASN A 587 -4.29 10.20 -26.70
C ASN A 587 -5.70 10.51 -27.21
N PHE A 588 -6.62 10.73 -26.28
CA PHE A 588 -8.01 11.06 -26.57
C PHE A 588 -8.35 12.49 -26.10
N GLN A 589 -9.13 13.21 -26.90
CA GLN A 589 -9.72 14.49 -26.47
C GLN A 589 -11.24 14.46 -26.60
N VAL A 590 -11.93 14.66 -25.49
CA VAL A 590 -13.37 14.76 -25.50
C VAL A 590 -13.79 15.95 -26.36
N THR A 591 -14.89 15.81 -27.10
CA THR A 591 -15.49 16.95 -27.79
C THR A 591 -16.86 17.24 -27.17
N GLU A 592 -17.51 18.31 -27.61
CA GLU A 592 -18.81 18.66 -27.04
C GLU A 592 -19.85 17.67 -27.53
N LEU A 593 -19.73 17.29 -28.81
CA LEU A 593 -20.63 16.29 -29.39
C LEU A 593 -20.49 14.97 -28.64
N GLY A 594 -19.25 14.61 -28.28
CA GLY A 594 -18.99 13.37 -27.56
C GLY A 594 -19.61 13.40 -26.18
N ARG A 595 -19.45 14.53 -25.50
CA ARG A 595 -19.97 14.70 -24.15
C ARG A 595 -21.50 14.61 -24.14
N ILE A 596 -22.15 15.26 -25.11
CA ILE A 596 -23.60 15.19 -25.20
C ILE A 596 -24.04 13.77 -25.58
N ALA A 597 -23.39 13.18 -26.58
CA ALA A 597 -23.62 11.79 -26.96
C ALA A 597 -23.60 10.85 -25.76
N SER A 598 -22.58 10.96 -24.93
CA SER A 598 -22.51 10.13 -23.72
C SER A 598 -23.62 10.47 -22.73
N HIS A 599 -23.76 11.75 -22.38
CA HIS A 599 -24.70 12.17 -21.36
C HIS A 599 -26.16 11.84 -21.70
N TYR A 600 -26.53 11.97 -22.96
CA TYR A 600 -27.90 11.71 -23.38
C TYR A 600 -28.09 10.34 -24.00
N TYR A 601 -27.05 9.52 -23.95
CA TYR A 601 -27.15 8.11 -24.30
C TYR A 601 -27.57 7.96 -25.76
N ILE A 602 -26.91 8.68 -26.65
CA ILE A 602 -27.25 8.57 -28.07
C ILE A 602 -26.04 8.01 -28.80
N THR A 603 -26.28 7.14 -29.79
CA THR A 603 -25.19 6.43 -30.49
C THR A 603 -24.39 7.34 -31.43
N ASN A 604 -23.12 7.01 -31.64
CA ASN A 604 -22.19 7.93 -32.29
C ASN A 604 -22.55 8.25 -33.74
N ASP A 605 -23.17 7.29 -34.41
CA ASP A 605 -23.63 7.51 -35.77
C ASP A 605 -24.67 8.64 -35.79
N THR A 606 -25.62 8.57 -34.85
CA THR A 606 -26.65 9.59 -34.68
C THR A 606 -26.05 10.98 -34.53
N VAL A 607 -24.99 11.05 -33.73
CA VAL A 607 -24.28 12.30 -33.49
C VAL A 607 -23.69 12.82 -34.79
N GLN A 608 -23.17 11.94 -35.63
CA GLN A 608 -22.67 12.43 -36.92
C GLN A 608 -23.82 12.93 -37.81
N THR A 609 -24.95 12.24 -37.75
CA THR A 609 -26.12 12.67 -38.53
C THR A 609 -26.57 14.08 -38.12
N TYR A 610 -26.81 14.27 -36.82
CA TYR A 610 -27.21 15.57 -36.30
C TYR A 610 -26.20 16.63 -36.66
N ASN A 611 -24.92 16.32 -36.48
CA ASN A 611 -23.88 17.31 -36.75
C ASN A 611 -23.80 17.69 -38.22
N GLN A 612 -24.18 16.76 -39.10
CA GLN A 612 -24.27 17.10 -40.52
C GLN A 612 -25.48 17.98 -40.81
N LEU A 613 -26.65 17.57 -40.34
CA LEU A 613 -27.88 18.21 -40.76
C LEU A 613 -28.33 19.42 -39.94
N LEU A 614 -27.79 19.61 -38.74
CA LEU A 614 -28.29 20.69 -37.88
C LEU A 614 -27.69 22.04 -38.28
N LYS A 615 -28.54 23.04 -38.42
CA LYS A 615 -28.11 24.40 -38.79
C LYS A 615 -29.05 25.45 -38.17
N PRO A 616 -28.56 26.70 -37.97
CA PRO A 616 -29.39 27.76 -37.35
C PRO A 616 -30.72 28.02 -38.04
N THR A 617 -30.77 27.87 -39.37
CA THR A 617 -31.96 28.16 -40.17
C THR A 617 -32.85 26.94 -40.41
N LEU A 618 -32.56 25.84 -39.75
CA LEU A 618 -33.36 24.64 -39.87
C LEU A 618 -34.84 24.91 -39.54
N SER A 619 -35.74 24.49 -40.42
CA SER A 619 -37.19 24.65 -40.17
C SER A 619 -37.71 23.54 -39.28
N GLU A 620 -38.98 23.61 -38.89
CA GLU A 620 -39.51 22.57 -38.01
C GLU A 620 -39.72 21.28 -38.80
N ILE A 621 -40.08 21.42 -40.07
CA ILE A 621 -40.26 20.27 -40.94
C ILE A 621 -38.95 19.50 -40.98
N GLU A 622 -37.88 20.22 -41.31
CA GLU A 622 -36.57 19.62 -41.38
C GLU A 622 -36.11 19.07 -40.02
N LEU A 623 -36.54 19.69 -38.92
CA LEU A 623 -36.17 19.19 -37.60
C LEU A 623 -36.79 17.81 -37.37
N PHE A 624 -38.06 17.67 -37.71
CA PHE A 624 -38.73 16.38 -37.59
C PHE A 624 -38.04 15.36 -38.49
N ARG A 625 -37.57 15.81 -39.66
CA ARG A 625 -36.86 14.91 -40.55
C ARG A 625 -35.52 14.44 -39.94
N VAL A 626 -34.76 15.38 -39.38
CA VAL A 626 -33.46 15.08 -38.77
C VAL A 626 -33.62 14.09 -37.65
N PHE A 627 -34.57 14.34 -36.74
CA PHE A 627 -34.88 13.38 -35.70
C PHE A 627 -35.19 12.02 -36.32
N SER A 628 -36.01 12.02 -37.36
CA SER A 628 -36.37 10.77 -38.05
C SER A 628 -35.16 10.03 -38.57
N LEU A 629 -34.05 10.74 -38.80
CA LEU A 629 -32.86 10.09 -39.31
C LEU A 629 -31.90 9.55 -38.22
N SER A 630 -32.31 9.62 -36.96
CA SER A 630 -31.45 9.09 -35.88
C SER A 630 -31.19 7.58 -36.05
N SER A 631 -29.94 7.16 -35.87
CA SER A 631 -29.56 5.78 -36.12
C SER A 631 -30.17 4.76 -35.16
N GLU A 632 -30.72 5.22 -34.05
CA GLU A 632 -31.51 4.36 -33.18
C GLU A 632 -32.62 3.67 -33.95
N PHE A 633 -33.06 4.32 -35.02
CA PHE A 633 -34.19 3.87 -35.84
C PHE A 633 -33.80 3.14 -37.13
N LYS A 634 -32.52 2.90 -37.33
CA LYS A 634 -32.01 2.42 -38.61
C LYS A 634 -32.59 1.10 -39.10
N ASN A 635 -33.17 0.31 -38.20
CA ASN A 635 -33.72 -0.99 -38.61
C ASN A 635 -35.20 -0.93 -38.93
N ILE A 636 -35.82 0.21 -38.67
CA ILE A 636 -37.24 0.39 -38.97
C ILE A 636 -37.43 0.48 -40.47
N THR A 637 -38.43 -0.21 -40.98
CA THR A 637 -38.84 -0.06 -42.38
C THR A 637 -40.36 0.06 -42.46
N VAL A 638 -40.86 0.45 -43.61
CA VAL A 638 -42.30 0.47 -43.82
C VAL A 638 -42.77 -0.85 -44.46
N ARG A 639 -43.68 -1.53 -43.78
CA ARG A 639 -44.34 -2.71 -44.34
C ARG A 639 -45.51 -2.29 -45.23
N GLU A 640 -45.76 -3.07 -46.29
CA GLU A 640 -46.91 -2.84 -47.16
C GLU A 640 -48.16 -2.76 -46.31
N GLU A 641 -48.31 -3.73 -45.42
CA GLU A 641 -49.52 -3.93 -44.64
C GLU A 641 -49.85 -2.75 -43.72
N GLU A 642 -48.85 -1.94 -43.37
CA GLU A 642 -49.13 -0.77 -42.55
C GLU A 642 -49.21 0.54 -43.35
N LYS A 643 -48.91 0.48 -44.65
CA LYS A 643 -48.80 1.70 -45.47
C LYS A 643 -50.04 2.55 -45.39
N LEU A 644 -51.20 1.89 -45.50
CA LEU A 644 -52.45 2.59 -45.55
C LEU A 644 -52.62 3.40 -44.27
N GLU A 645 -52.34 2.78 -43.12
CA GLU A 645 -52.56 3.47 -41.87
C GLU A 645 -51.63 4.68 -41.77
N LEU A 646 -50.41 4.53 -42.29
CA LEU A 646 -49.48 5.64 -42.25
C LEU A 646 -50.07 6.80 -42.99
N GLN A 647 -50.67 6.51 -44.14
CA GLN A 647 -51.27 7.54 -44.97
C GLN A 647 -52.32 8.28 -44.15
N LYS A 648 -53.18 7.54 -43.46
CA LYS A 648 -54.25 8.15 -42.71
C LYS A 648 -53.64 9.02 -41.64
N LEU A 649 -52.63 8.50 -40.96
CA LEU A 649 -51.96 9.24 -39.92
C LEU A 649 -51.36 10.52 -40.51
N LEU A 650 -50.74 10.41 -41.68
CA LEU A 650 -50.12 11.58 -42.32
C LEU A 650 -51.14 12.69 -42.54
N GLU A 651 -52.40 12.30 -42.75
CA GLU A 651 -53.46 13.29 -42.94
C GLU A 651 -53.80 14.07 -41.68
N ARG A 652 -53.76 13.42 -40.52
CA ARG A 652 -54.18 14.10 -39.29
C ARG A 652 -53.02 14.78 -38.53
N VAL A 653 -51.79 14.63 -39.00
CA VAL A 653 -50.67 15.28 -38.33
C VAL A 653 -50.33 16.61 -38.99
N PRO A 654 -50.04 17.64 -38.15
CA PRO A 654 -49.87 19.05 -38.51
C PRO A 654 -48.63 19.42 -39.31
N ILE A 655 -47.50 18.78 -39.05
CA ILE A 655 -46.28 19.20 -39.72
C ILE A 655 -46.20 18.50 -41.08
N PRO A 656 -45.97 19.28 -42.15
CA PRO A 656 -45.80 18.67 -43.47
C PRO A 656 -44.71 17.64 -43.40
N VAL A 657 -44.96 16.43 -43.88
CA VAL A 657 -43.88 15.48 -43.99
C VAL A 657 -43.47 15.59 -45.44
N LYS A 658 -42.32 16.22 -45.66
CA LYS A 658 -41.95 16.64 -46.99
C LYS A 658 -41.70 15.41 -47.83
N GLU A 659 -41.68 15.63 -49.14
CA GLU A 659 -42.16 14.69 -50.14
C GLU A 659 -41.48 13.33 -50.11
N SER A 660 -40.61 13.14 -49.10
CA SER A 660 -40.23 11.80 -48.73
C SER A 660 -41.53 11.01 -48.61
N ILE A 661 -41.63 9.95 -49.41
CA ILE A 661 -42.81 9.08 -49.49
C ILE A 661 -42.68 8.13 -48.32
N GLU A 662 -43.38 7.01 -48.26
CA GLU A 662 -43.13 6.23 -47.07
C GLU A 662 -41.88 5.37 -47.32
N GLU A 663 -40.77 5.99 -46.92
CA GLU A 663 -39.51 5.40 -46.52
C GLU A 663 -39.56 5.35 -45.01
N PRO A 664 -38.66 4.58 -44.38
CA PRO A 664 -38.61 4.60 -42.90
C PRO A 664 -38.63 6.01 -42.29
N SER A 665 -37.91 6.94 -42.90
CA SER A 665 -37.80 8.31 -42.39
C SER A 665 -39.18 8.94 -42.13
N ALA A 666 -40.03 8.94 -43.14
CA ALA A 666 -41.36 9.53 -43.00
C ALA A 666 -42.24 8.72 -42.06
N LYS A 667 -42.00 7.42 -41.98
CA LYS A 667 -42.79 6.57 -41.09
C LYS A 667 -42.53 6.99 -39.64
N ILE A 668 -41.25 7.13 -39.30
CA ILE A 668 -40.84 7.55 -37.96
C ILE A 668 -41.40 8.96 -37.69
N ASN A 669 -41.20 9.84 -38.66
CA ASN A 669 -41.72 11.20 -38.60
C ASN A 669 -43.20 11.25 -38.21
N VAL A 670 -44.02 10.53 -38.97
CA VAL A 670 -45.46 10.56 -38.79
C VAL A 670 -45.86 9.85 -37.50
N LEU A 671 -45.11 8.82 -37.11
CA LEU A 671 -45.39 8.12 -35.86
C LEU A 671 -45.18 9.02 -34.66
N LEU A 672 -44.13 9.83 -34.71
CA LEU A 672 -43.86 10.80 -33.65
C LEU A 672 -44.92 11.92 -33.63
N GLN A 673 -45.26 12.45 -34.79
CA GLN A 673 -46.31 13.48 -34.84
C GLN A 673 -47.63 12.93 -34.29
N ALA A 674 -47.94 11.69 -34.65
CA ALA A 674 -49.15 11.02 -34.20
C ALA A 674 -49.13 10.80 -32.70
N PHE A 675 -47.96 10.50 -32.17
CA PHE A 675 -47.82 10.34 -30.72
C PHE A 675 -48.06 11.65 -30.01
N ILE A 676 -47.56 12.74 -30.59
CA ILE A 676 -47.78 14.07 -30.02
C ILE A 676 -49.28 14.42 -30.08
N SER A 677 -49.92 14.00 -31.17
CA SER A 677 -51.33 14.33 -31.41
C SER A 677 -52.30 13.40 -30.68
N GLN A 678 -51.76 12.34 -30.08
CA GLN A 678 -52.55 11.35 -29.33
C GLN A 678 -53.60 10.64 -30.19
N LEU A 679 -53.32 10.53 -31.49
CA LEU A 679 -54.13 9.70 -32.37
C LEU A 679 -54.06 8.24 -31.96
N LYS A 680 -55.18 7.53 -32.00
CA LYS A 680 -55.17 6.10 -31.69
C LYS A 680 -54.77 5.29 -32.92
N LEU A 681 -54.07 4.19 -32.67
CA LEU A 681 -53.57 3.33 -33.74
C LEU A 681 -54.15 1.91 -33.64
N GLU A 682 -54.09 1.18 -34.74
CA GLU A 682 -54.60 -0.19 -34.79
C GLU A 682 -53.47 -1.22 -34.95
N GLY A 683 -52.74 -1.12 -36.06
CA GLY A 683 -51.68 -2.07 -36.38
C GLY A 683 -50.70 -2.26 -35.24
N PHE A 684 -50.46 -3.51 -34.91
CA PHE A 684 -49.68 -3.85 -33.71
C PHE A 684 -48.20 -3.53 -33.91
N ALA A 685 -47.72 -3.73 -35.14
CA ALA A 685 -46.34 -3.43 -35.48
C ALA A 685 -46.13 -1.93 -35.54
N LEU A 686 -47.14 -1.23 -36.05
CA LEU A 686 -47.10 0.22 -36.16
C LEU A 686 -47.09 0.84 -34.76
N MET A 687 -47.86 0.24 -33.86
CA MET A 687 -47.95 0.70 -32.47
C MET A 687 -46.65 0.46 -31.72
N ALA A 688 -46.08 -0.72 -31.90
CA ALA A 688 -44.81 -1.07 -31.28
C ALA A 688 -43.72 -0.10 -31.73
N ASP A 689 -43.66 0.13 -33.05
CA ASP A 689 -42.72 1.10 -33.60
C ASP A 689 -42.95 2.50 -33.00
N MET A 690 -44.22 2.88 -32.79
CA MET A 690 -44.48 4.19 -32.22
C MET A 690 -43.94 4.30 -30.80
N VAL A 691 -44.21 3.30 -29.98
CA VAL A 691 -43.74 3.33 -28.60
C VAL A 691 -42.22 3.43 -28.57
N TYR A 692 -41.57 2.70 -29.48
CA TYR A 692 -40.12 2.70 -29.55
C TYR A 692 -39.52 4.04 -30.02
N VAL A 693 -40.13 4.72 -31.00
CA VAL A 693 -39.56 6.00 -31.42
C VAL A 693 -39.79 7.02 -30.30
N THR A 694 -40.95 6.95 -29.67
CA THR A 694 -41.35 8.00 -28.75
C THR A 694 -40.71 7.91 -27.37
N GLN A 695 -40.44 6.70 -26.90
CA GLN A 695 -39.73 6.56 -25.64
C GLN A 695 -38.28 7.05 -25.76
N SER A 696 -37.72 6.94 -26.97
CA SER A 696 -36.37 7.43 -27.27
C SER A 696 -36.33 8.93 -27.56
N ALA A 697 -37.49 9.43 -27.96
CA ALA A 697 -37.59 10.74 -28.60
C ALA A 697 -37.23 11.87 -27.65
N GLY A 698 -37.69 11.78 -26.40
CA GLY A 698 -37.37 12.79 -25.40
C GLY A 698 -35.88 12.99 -25.25
N ARG A 699 -35.14 11.90 -25.04
CA ARG A 699 -33.69 11.96 -24.92
C ARG A 699 -33.01 12.52 -26.16
N LEU A 700 -33.39 12.01 -27.34
CA LEU A 700 -32.75 12.48 -28.56
C LEU A 700 -32.96 13.99 -28.78
N MET A 701 -34.20 14.45 -28.55
CA MET A 701 -34.51 15.85 -28.77
C MET A 701 -33.77 16.70 -27.74
N ARG A 702 -33.71 16.23 -26.49
CA ARG A 702 -32.93 16.91 -25.46
C ARG A 702 -31.44 17.03 -25.88
N ALA A 703 -30.91 16.02 -26.56
CA ALA A 703 -29.55 16.10 -27.08
C ALA A 703 -29.40 17.19 -28.16
N ILE A 704 -30.31 17.19 -29.13
CA ILE A 704 -30.30 18.25 -30.18
C ILE A 704 -30.41 19.65 -29.57
N PHE A 705 -31.31 19.76 -28.60
CA PHE A 705 -31.45 20.97 -27.82
C PHE A 705 -30.13 21.44 -27.22
N GLU A 706 -29.44 20.54 -26.52
CA GLU A 706 -28.17 20.93 -25.89
C GLU A 706 -27.11 21.35 -26.93
N ILE A 707 -27.06 20.62 -28.05
CA ILE A 707 -26.11 20.97 -29.10
C ILE A 707 -26.34 22.41 -29.54
N VAL A 708 -27.59 22.74 -29.92
CA VAL A 708 -27.83 24.04 -30.51
C VAL A 708 -27.80 25.15 -29.46
N LEU A 709 -28.27 24.88 -28.25
CA LEU A 709 -28.15 25.83 -27.15
C LEU A 709 -26.69 26.22 -26.95
N ASN A 710 -25.81 25.24 -26.92
CA ASN A 710 -24.41 25.53 -26.68
C ASN A 710 -23.70 26.12 -27.91
N ARG A 711 -24.28 25.96 -29.09
CA ARG A 711 -23.72 26.63 -30.27
C ARG A 711 -24.27 28.05 -30.40
N GLY A 712 -25.27 28.37 -29.58
CA GLY A 712 -25.82 29.71 -29.55
C GLY A 712 -26.87 30.04 -30.59
N TRP A 713 -27.53 29.02 -31.12
CA TRP A 713 -28.52 29.22 -32.18
C TRP A 713 -29.90 29.40 -31.56
N ALA A 714 -30.40 30.63 -31.60
CA ALA A 714 -31.58 31.03 -30.82
C ALA A 714 -32.87 30.42 -31.35
N GLN A 715 -33.07 30.50 -32.66
CA GLN A 715 -34.29 30.01 -33.27
C GLN A 715 -34.46 28.54 -33.02
N LEU A 716 -33.41 27.78 -33.33
CA LEU A 716 -33.43 26.32 -33.23
C LEU A 716 -33.45 25.87 -31.79
N THR A 717 -32.88 26.69 -30.89
CA THR A 717 -32.99 26.41 -29.47
C THR A 717 -34.46 26.47 -29.08
N ASP A 718 -35.14 27.53 -29.52
CA ASP A 718 -36.56 27.68 -29.24
C ASP A 718 -37.39 26.52 -29.81
N LYS A 719 -37.16 26.19 -31.07
CA LYS A 719 -37.90 25.08 -31.70
C LYS A 719 -37.67 23.76 -30.96
N THR A 720 -36.41 23.44 -30.68
CA THR A 720 -36.07 22.14 -30.11
C THR A 720 -36.50 22.00 -28.65
N LEU A 721 -36.39 23.09 -27.90
CA LEU A 721 -36.88 23.09 -26.53
C LEU A 721 -38.38 22.87 -26.56
N ASN A 722 -39.04 23.54 -27.52
CA ASN A 722 -40.47 23.37 -27.69
C ASN A 722 -40.85 21.95 -28.03
N LEU A 723 -40.08 21.34 -28.92
CA LEU A 723 -40.30 19.96 -29.31
C LEU A 723 -40.16 19.02 -28.12
N CYS A 724 -39.16 19.26 -27.28
CA CYS A 724 -39.00 18.50 -26.04
C CYS A 724 -40.24 18.59 -25.16
N LYS A 725 -40.69 19.81 -24.89
CA LYS A 725 -41.86 20.01 -24.04
C LYS A 725 -43.12 19.40 -24.66
N MET A 726 -43.21 19.46 -25.99
CA MET A 726 -44.35 18.92 -26.72
C MET A 726 -44.39 17.41 -26.62
N ILE A 727 -43.24 16.77 -26.80
CA ILE A 727 -43.14 15.32 -26.69
C ILE A 727 -43.44 14.86 -25.26
N ASP A 728 -42.99 15.62 -24.27
CA ASP A 728 -43.25 15.24 -22.87
C ASP A 728 -44.71 15.43 -22.47
N LYS A 729 -45.32 16.52 -22.90
CA LYS A 729 -46.68 16.84 -22.50
C LYS A 729 -47.74 16.31 -23.47
N ARG A 730 -47.28 15.74 -24.59
CA ARG A 730 -48.15 15.22 -25.64
C ARG A 730 -49.19 16.21 -26.14
N MET A 731 -48.75 17.41 -26.49
CA MET A 731 -49.61 18.41 -27.08
C MET A 731 -48.80 19.33 -27.98
N TRP A 732 -49.44 19.87 -29.00
CA TRP A 732 -48.80 20.84 -29.89
C TRP A 732 -48.84 22.26 -29.28
N GLN A 733 -47.94 23.14 -29.74
CA GLN A 733 -47.98 24.54 -29.33
C GLN A 733 -49.33 25.20 -29.64
N SER A 734 -49.94 24.76 -30.74
CA SER A 734 -51.22 25.26 -31.21
C SER A 734 -52.31 25.17 -30.13
N MET A 735 -52.26 24.10 -29.34
CA MET A 735 -53.28 23.85 -28.34
C MET A 735 -53.12 24.68 -27.06
N CYS A 736 -54.05 24.48 -26.14
CA CYS A 736 -54.16 25.29 -24.93
C CYS A 736 -53.20 24.83 -23.84
N PRO A 737 -52.42 25.76 -23.28
CA PRO A 737 -51.50 25.47 -22.19
C PRO A 737 -52.14 24.73 -21.03
N LEU A 738 -53.44 24.99 -20.80
CA LEU A 738 -54.17 24.40 -19.69
C LEU A 738 -54.33 22.88 -19.83
N ARG A 739 -54.04 22.35 -21.03
CA ARG A 739 -53.99 20.92 -21.25
C ARG A 739 -52.92 20.27 -20.38
N GLN A 740 -51.89 21.03 -20.02
CA GLN A 740 -50.80 20.52 -19.21
C GLN A 740 -51.23 20.23 -17.77
N PHE A 741 -52.38 20.76 -17.39
CA PHE A 741 -53.04 20.35 -16.13
C PHE A 741 -53.94 19.15 -16.44
N ARG A 742 -53.65 18.01 -15.83
CA ARG A 742 -54.37 16.79 -16.15
C ARG A 742 -55.73 16.70 -15.45
N LYS A 743 -55.92 17.51 -14.42
CA LYS A 743 -57.16 17.49 -13.65
C LYS A 743 -58.25 18.37 -14.26
N LEU A 744 -57.96 18.98 -15.39
CA LEU A 744 -58.93 19.84 -16.06
C LEU A 744 -59.74 19.02 -17.05
N PRO A 745 -61.08 19.08 -16.94
CA PRO A 745 -61.98 18.36 -17.86
C PRO A 745 -61.67 18.70 -19.31
N GLU A 746 -61.50 17.68 -20.14
CA GLU A 746 -60.90 17.88 -21.46
C GLU A 746 -61.83 18.61 -22.44
N GLU A 747 -63.13 18.59 -22.18
CA GLU A 747 -64.06 19.29 -23.05
C GLU A 747 -64.19 20.77 -22.65
N VAL A 748 -63.80 21.09 -21.43
CA VAL A 748 -63.71 22.48 -20.98
C VAL A 748 -62.56 23.16 -21.73
N VAL A 749 -61.45 22.44 -21.79
CA VAL A 749 -60.28 22.89 -22.51
C VAL A 749 -60.56 22.97 -24.01
N LYS A 750 -61.22 21.95 -24.56
CA LYS A 750 -61.58 22.00 -25.98
C LYS A 750 -62.47 23.21 -26.25
N LYS A 751 -63.34 23.50 -25.29
CA LYS A 751 -64.22 24.66 -25.35
C LYS A 751 -63.38 25.93 -25.43
N ILE A 752 -62.36 26.03 -24.57
CA ILE A 752 -61.48 27.19 -24.56
C ILE A 752 -60.72 27.35 -25.88
N GLU A 753 -60.28 26.23 -26.44
CA GLU A 753 -59.52 26.25 -27.68
C GLU A 753 -60.35 26.74 -28.86
N LYS A 754 -61.57 26.20 -28.96
CA LYS A 754 -62.48 26.53 -30.06
C LYS A 754 -62.83 28.01 -30.13
N LYS A 755 -62.77 28.70 -29.00
CA LYS A 755 -63.00 30.15 -28.99
C LYS A 755 -61.91 30.98 -29.66
N ASN A 756 -60.71 30.42 -29.83
CA ASN A 756 -59.67 31.10 -30.62
C ASN A 756 -59.37 32.54 -30.23
N PHE A 757 -58.50 32.70 -29.24
CA PHE A 757 -58.19 33.99 -28.63
C PHE A 757 -56.99 33.76 -27.74
N PRO A 758 -56.11 34.77 -27.64
CA PRO A 758 -54.83 34.63 -26.95
C PRO A 758 -54.98 34.10 -25.53
N PHE A 759 -54.21 33.08 -25.20
CA PHE A 759 -54.23 32.50 -23.88
C PHE A 759 -53.91 33.58 -22.85
N GLU A 760 -53.01 34.48 -23.25
CA GLU A 760 -52.52 35.57 -22.41
C GLU A 760 -53.64 36.38 -21.75
N ARG A 761 -54.69 36.66 -22.51
CA ARG A 761 -55.78 37.49 -22.02
C ARG A 761 -56.37 36.90 -20.74
N LEU A 762 -56.38 35.57 -20.68
CA LEU A 762 -57.02 34.86 -19.58
C LEU A 762 -56.43 35.27 -18.22
N TYR A 763 -55.22 35.83 -18.25
CA TYR A 763 -54.58 36.25 -17.01
C TYR A 763 -55.33 37.39 -16.34
N ASP A 764 -55.85 38.32 -17.13
CA ASP A 764 -56.37 39.57 -16.59
C ASP A 764 -57.88 39.60 -16.34
N LEU A 765 -58.56 38.49 -16.57
CA LEU A 765 -60.01 38.40 -16.36
C LEU A 765 -60.36 37.81 -15.01
N ASN A 766 -61.40 38.36 -14.37
CA ASN A 766 -61.97 37.75 -13.18
C ASN A 766 -62.74 36.49 -13.56
N HIS A 767 -63.02 35.64 -12.59
CA HIS A 767 -63.62 34.34 -12.89
C HIS A 767 -64.98 34.49 -13.58
N ASN A 768 -65.70 35.55 -13.23
CA ASN A 768 -66.96 35.87 -13.91
C ASN A 768 -66.70 36.11 -15.39
N GLU A 769 -65.77 37.01 -15.69
CA GLU A 769 -65.42 37.34 -17.06
C GLU A 769 -64.87 36.14 -17.83
N ILE A 770 -64.15 35.26 -17.14
CA ILE A 770 -63.60 34.06 -17.77
C ILE A 770 -64.74 33.14 -18.19
N GLY A 771 -65.57 32.76 -17.21
CA GLY A 771 -66.71 31.90 -17.45
C GLY A 771 -67.63 32.45 -18.53
N GLU A 772 -67.72 33.77 -18.58
CA GLU A 772 -68.49 34.46 -19.60
C GLU A 772 -67.83 34.26 -20.97
N LEU A 773 -66.51 34.41 -21.02
CA LEU A 773 -65.77 34.31 -22.28
C LEU A 773 -65.82 32.92 -22.90
N ILE A 774 -65.77 31.89 -22.06
CA ILE A 774 -65.73 30.50 -22.50
C ILE A 774 -67.11 29.88 -22.73
N ARG A 775 -68.16 30.66 -22.50
CA ARG A 775 -69.54 30.16 -22.57
C ARG A 775 -69.74 29.01 -21.60
N MET A 776 -69.02 29.06 -20.49
CA MET A 776 -69.11 28.01 -19.49
C MET A 776 -69.06 28.60 -18.09
N PRO A 777 -70.07 29.41 -17.74
CA PRO A 777 -70.04 30.26 -16.55
C PRO A 777 -69.82 29.47 -15.25
N LYS A 778 -70.18 28.19 -15.28
CA LYS A 778 -69.99 27.30 -14.16
C LYS A 778 -68.50 27.05 -13.89
N MET A 779 -67.70 27.04 -14.96
CA MET A 779 -66.30 26.64 -14.87
C MET A 779 -65.31 27.79 -14.70
N GLY A 780 -65.78 29.04 -14.76
CA GLY A 780 -64.91 30.20 -14.71
C GLY A 780 -63.95 30.31 -13.52
N LYS A 781 -64.41 29.90 -12.35
CA LYS A 781 -63.63 30.01 -11.13
C LYS A 781 -62.45 29.03 -11.13
N THR A 782 -62.72 27.77 -11.48
CA THR A 782 -61.67 26.76 -11.54
C THR A 782 -60.64 27.11 -12.61
N ILE A 783 -61.12 27.51 -13.78
CA ILE A 783 -60.21 27.93 -14.84
C ILE A 783 -59.36 29.12 -14.41
N HIS A 784 -59.94 30.04 -13.65
CA HIS A 784 -59.17 31.16 -13.09
C HIS A 784 -58.05 30.63 -12.19
N LYS A 785 -58.41 29.69 -11.33
CA LYS A 785 -57.47 29.02 -10.44
C LYS A 785 -56.30 28.46 -11.20
N TYR A 786 -56.59 27.66 -12.23
CA TYR A 786 -55.54 27.01 -12.99
C TYR A 786 -54.72 28.00 -13.83
N VAL A 787 -55.35 29.07 -14.29
CA VAL A 787 -54.61 30.10 -15.01
C VAL A 787 -53.57 30.69 -14.09
N HIS A 788 -53.93 30.81 -12.81
CA HIS A 788 -52.99 31.39 -11.85
C HIS A 788 -52.10 30.34 -11.17
N LEU A 789 -52.32 29.07 -11.48
CA LEU A 789 -51.37 28.01 -11.09
C LEU A 789 -50.24 27.92 -12.09
N PHE A 790 -50.52 28.32 -13.32
CA PHE A 790 -49.57 28.26 -14.42
C PHE A 790 -48.36 29.16 -14.15
N PRO A 791 -47.15 28.59 -14.22
CA PRO A 791 -45.91 29.31 -13.89
C PRO A 791 -45.73 30.57 -14.70
N LYS A 792 -45.45 31.68 -14.03
CA LYS A 792 -45.28 32.96 -14.70
C LYS A 792 -44.22 33.80 -14.00
N LEU A 793 -43.34 34.42 -14.78
CA LEU A 793 -42.27 35.24 -14.20
C LEU A 793 -42.31 36.68 -14.69
N GLU A 794 -42.00 37.63 -13.80
CA GLU A 794 -41.84 39.03 -14.20
C GLU A 794 -40.38 39.45 -14.10
N LEU A 795 -39.91 40.21 -15.10
CA LEU A 795 -38.50 40.47 -15.28
C LEU A 795 -38.13 41.95 -15.18
N SER A 796 -37.07 42.21 -14.43
CA SER A 796 -36.51 43.55 -14.29
C SER A 796 -35.03 43.55 -14.64
N VAL A 797 -34.59 44.55 -15.38
CA VAL A 797 -33.21 44.62 -15.82
C VAL A 797 -32.54 45.89 -15.33
N HIS A 798 -31.26 45.82 -15.00
CA HIS A 798 -30.50 47.02 -14.67
C HIS A 798 -29.16 47.02 -15.39
N LEU A 799 -28.94 48.00 -16.26
CA LEU A 799 -27.72 48.04 -17.05
C LEU A 799 -26.66 48.95 -16.45
N GLN A 800 -25.50 48.37 -16.22
CA GLN A 800 -24.30 49.15 -15.94
C GLN A 800 -23.24 48.86 -16.99
N PRO A 801 -22.88 49.87 -17.79
CA PRO A 801 -21.77 49.67 -18.73
C PRO A 801 -20.45 49.46 -17.98
N ILE A 802 -19.66 48.51 -18.47
CA ILE A 802 -18.35 48.19 -17.88
C ILE A 802 -17.24 48.68 -18.80
N THR A 803 -17.21 48.15 -20.03
CA THR A 803 -16.39 48.75 -21.07
C THR A 803 -17.22 48.94 -22.34
N ARG A 804 -16.59 49.43 -23.40
CA ARG A 804 -17.30 49.63 -24.66
C ARG A 804 -17.75 48.31 -25.23
N SER A 805 -17.07 47.24 -24.83
CA SER A 805 -17.44 45.89 -25.27
C SER A 805 -18.26 45.12 -24.25
N THR A 806 -18.47 45.66 -23.05
CA THR A 806 -19.08 44.82 -22.03
C THR A 806 -20.06 45.55 -21.13
N LEU A 807 -21.25 44.98 -21.00
CA LEU A 807 -22.27 45.53 -20.09
C LEU A 807 -22.58 44.56 -18.96
N LYS A 808 -22.77 45.09 -17.77
CA LYS A 808 -23.22 44.30 -16.63
C LYS A 808 -24.74 44.36 -16.52
N VAL A 809 -25.35 43.21 -16.32
CA VAL A 809 -26.80 43.11 -16.22
C VAL A 809 -27.17 42.51 -14.87
N GLU A 810 -28.06 43.18 -14.14
CA GLU A 810 -28.73 42.57 -13.01
C GLU A 810 -30.17 42.33 -13.39
N LEU A 811 -30.53 41.05 -13.49
CA LEU A 811 -31.85 40.63 -13.88
C LEU A 811 -32.62 40.27 -12.61
N THR A 812 -33.68 41.01 -12.32
CA THR A 812 -34.48 40.71 -11.15
C THR A 812 -35.68 39.88 -11.57
N ILE A 813 -35.76 38.69 -11.00
CA ILE A 813 -36.80 37.73 -11.32
C ILE A 813 -37.82 37.62 -10.19
N THR A 814 -39.02 38.07 -10.49
CA THR A 814 -40.11 38.12 -9.53
C THR A 814 -41.19 37.13 -9.92
N PRO A 815 -41.32 36.03 -9.17
CA PRO A 815 -42.38 35.07 -9.49
C PRO A 815 -43.74 35.72 -9.35
N ASP A 816 -44.56 35.65 -10.40
CA ASP A 816 -45.96 35.99 -10.25
C ASP A 816 -46.82 34.78 -10.60
N PHE A 817 -47.22 34.00 -9.58
CA PHE A 817 -48.13 32.85 -9.72
C PHE A 817 -48.22 32.12 -8.38
N GLN A 818 -49.27 31.32 -8.21
CA GLN A 818 -49.46 30.60 -6.96
C GLN A 818 -48.81 29.21 -7.02
N TRP A 819 -47.93 28.92 -6.05
CA TRP A 819 -47.25 27.64 -6.00
C TRP A 819 -48.15 26.56 -5.43
N ASP A 820 -48.13 25.38 -6.06
CA ASP A 820 -48.86 24.22 -5.54
C ASP A 820 -47.94 22.99 -5.55
N GLU A 821 -47.74 22.40 -4.37
CA GLU A 821 -46.85 21.24 -4.23
C GLU A 821 -47.30 20.12 -5.17
N LYS A 822 -48.61 20.03 -5.39
CA LYS A 822 -49.16 19.02 -6.28
C LYS A 822 -48.73 19.32 -7.72
N VAL A 823 -48.86 20.58 -8.12
CA VAL A 823 -48.54 20.99 -9.49
C VAL A 823 -47.05 21.22 -9.77
N HIS A 824 -46.39 22.02 -8.94
CA HIS A 824 -45.03 22.45 -9.23
C HIS A 824 -43.95 21.63 -8.53
N GLY A 825 -44.36 20.80 -7.58
CA GLY A 825 -43.41 20.04 -6.78
C GLY A 825 -42.48 20.95 -6.01
N SER A 826 -41.25 20.51 -5.82
CA SER A 826 -40.26 21.23 -5.02
C SER A 826 -39.55 22.36 -5.76
N SER A 827 -39.54 22.32 -7.09
CA SER A 827 -38.85 23.36 -7.83
C SER A 827 -39.34 23.53 -9.27
N GLU A 828 -38.99 24.68 -9.85
CA GLU A 828 -39.27 24.99 -11.25
C GLU A 828 -38.02 25.49 -11.97
N ALA A 829 -37.74 24.93 -13.13
CA ALA A 829 -36.53 25.29 -13.86
C ALA A 829 -36.80 26.22 -15.03
N PHE A 830 -35.91 27.18 -15.23
CA PHE A 830 -36.02 28.12 -16.34
C PHE A 830 -34.68 28.30 -17.03
N TRP A 831 -34.73 28.75 -18.29
CA TRP A 831 -33.55 29.16 -19.04
C TRP A 831 -33.56 30.67 -19.24
N ILE A 832 -32.49 31.32 -18.80
CA ILE A 832 -32.28 32.73 -19.09
C ILE A 832 -31.47 32.81 -20.37
N LEU A 833 -32.06 33.43 -21.39
CA LEU A 833 -31.44 33.58 -22.70
C LEU A 833 -31.28 35.03 -23.08
N VAL A 834 -30.05 35.45 -23.30
CA VAL A 834 -29.75 36.78 -23.77
C VAL A 834 -29.39 36.73 -25.24
N GLU A 835 -30.31 37.28 -26.03
CA GLU A 835 -30.30 37.22 -27.49
C GLU A 835 -30.12 38.60 -28.12
N ASP A 836 -29.56 38.63 -29.34
CA ASP A 836 -29.32 39.87 -30.07
C ASP A 836 -30.59 40.50 -30.67
N VAL A 837 -30.40 41.58 -31.41
CA VAL A 837 -31.53 42.39 -31.90
C VAL A 837 -32.42 41.64 -32.91
N ASP A 838 -31.85 40.70 -33.66
CA ASP A 838 -32.62 39.93 -34.64
C ASP A 838 -33.14 38.63 -34.05
N SER A 839 -32.87 38.44 -32.75
CA SER A 839 -33.23 37.21 -32.04
C SER A 839 -32.66 35.96 -32.73
N GLU A 840 -31.54 36.12 -33.41
CA GLU A 840 -30.88 34.99 -34.06
C GLU A 840 -29.75 34.34 -33.28
N VAL A 841 -29.27 34.99 -32.23
CA VAL A 841 -28.06 34.50 -31.57
C VAL A 841 -28.17 34.59 -30.06
N ILE A 842 -27.87 33.49 -29.36
CA ILE A 842 -27.89 33.56 -27.92
C ILE A 842 -26.52 34.01 -27.47
N LEU A 843 -26.47 35.21 -26.93
CA LEU A 843 -25.21 35.82 -26.52
C LEU A 843 -24.80 35.30 -25.16
N HIS A 844 -25.79 35.06 -24.32
CA HIS A 844 -25.50 34.49 -23.01
C HIS A 844 -26.64 33.59 -22.59
N HIS A 845 -26.35 32.55 -21.83
CA HIS A 845 -27.44 31.78 -21.27
C HIS A 845 -27.06 31.17 -19.96
N GLU A 846 -28.06 30.97 -19.11
CA GLU A 846 -27.82 30.16 -17.94
C GLU A 846 -29.10 29.59 -17.36
N TYR A 847 -28.93 28.52 -16.59
CA TYR A 847 -30.00 27.80 -15.96
C TYR A 847 -30.41 28.56 -14.72
N PHE A 848 -31.70 28.60 -14.42
CA PHE A 848 -32.16 29.22 -13.17
C PHE A 848 -33.17 28.32 -12.50
N LEU A 849 -32.92 28.03 -11.22
CA LEU A 849 -33.82 27.17 -10.46
C LEU A 849 -34.58 27.94 -9.38
N LEU A 850 -35.90 27.97 -9.52
CA LEU A 850 -36.75 28.55 -8.50
C LEU A 850 -37.23 27.46 -7.55
N LYS A 851 -36.69 27.46 -6.33
CA LYS A 851 -37.05 26.45 -5.33
C LYS A 851 -38.36 26.82 -4.66
N ALA A 852 -39.08 25.82 -4.17
CA ALA A 852 -40.38 26.04 -3.56
C ALA A 852 -40.31 26.94 -2.33
N LYS A 853 -39.34 26.68 -1.45
CA LYS A 853 -39.20 27.44 -0.20
C LYS A 853 -38.86 28.89 -0.47
N TYR A 854 -38.18 29.14 -1.58
CA TYR A 854 -37.71 30.47 -1.93
C TYR A 854 -38.66 31.19 -2.88
N ALA A 855 -39.80 30.58 -3.19
CA ALA A 855 -40.83 31.24 -4.01
C ALA A 855 -41.34 32.48 -3.31
N GLN A 856 -41.90 33.41 -4.07
CA GLN A 856 -42.42 34.69 -3.57
C GLN A 856 -41.29 35.67 -3.20
N ASP A 857 -40.08 35.15 -3.08
CA ASP A 857 -38.90 36.01 -2.95
C ASP A 857 -38.44 36.42 -4.34
N GLU A 858 -37.88 37.61 -4.45
CA GLU A 858 -37.22 38.02 -5.68
C GLU A 858 -35.85 37.35 -5.76
N HIS A 859 -35.40 37.12 -6.98
CA HIS A 859 -34.07 36.56 -7.16
C HIS A 859 -33.27 37.48 -8.06
N LEU A 860 -32.00 37.70 -7.72
CA LEU A 860 -31.17 38.56 -8.53
C LEU A 860 -30.12 37.75 -9.26
N ILE A 861 -30.16 37.79 -10.58
CA ILE A 861 -29.22 37.05 -11.41
C ILE A 861 -28.30 38.04 -12.10
N THR A 862 -27.01 37.93 -11.84
CA THR A 862 -26.05 38.88 -12.39
C THR A 862 -25.28 38.22 -13.53
N PHE A 863 -25.15 38.90 -14.66
CA PHE A 863 -24.26 38.38 -15.69
C PHE A 863 -23.72 39.51 -16.57
N PHE A 864 -22.87 39.17 -17.53
CA PHE A 864 -22.22 40.16 -18.36
C PHE A 864 -22.42 39.81 -19.83
N VAL A 865 -22.77 40.80 -20.63
CA VAL A 865 -23.00 40.57 -22.05
C VAL A 865 -22.06 41.41 -22.90
N PRO A 866 -21.63 40.85 -24.04
CA PRO A 866 -20.83 41.57 -25.02
C PRO A 866 -21.66 42.51 -25.86
N VAL A 867 -21.07 43.63 -26.27
CA VAL A 867 -21.72 44.54 -27.18
C VAL A 867 -20.68 44.95 -28.21
N PHE A 868 -21.14 45.50 -29.33
CA PHE A 868 -20.24 45.89 -30.41
C PHE A 868 -20.56 47.33 -30.80
N GLU A 869 -19.54 48.18 -30.92
CA GLU A 869 -19.73 49.63 -30.89
C GLU A 869 -20.74 50.21 -31.90
N PRO A 870 -20.84 49.65 -33.12
CA PRO A 870 -22.03 50.06 -33.86
C PRO A 870 -23.29 49.49 -33.20
N LEU A 871 -23.68 50.10 -32.08
CA LEU A 871 -24.64 49.52 -31.14
C LEU A 871 -26.08 49.40 -31.66
N PRO A 872 -26.69 48.21 -31.49
CA PRO A 872 -28.08 48.03 -31.92
C PRO A 872 -29.05 48.77 -31.00
N PRO A 873 -30.34 48.78 -31.34
CA PRO A 873 -31.29 49.44 -30.45
C PRO A 873 -31.42 48.72 -29.12
N GLN A 874 -31.46 47.40 -29.17
CA GLN A 874 -31.78 46.61 -27.99
C GLN A 874 -31.29 45.18 -28.10
N TYR A 875 -31.16 44.52 -26.94
CA TYR A 875 -31.10 43.06 -26.87
C TYR A 875 -32.41 42.54 -26.30
N PHE A 876 -32.55 41.22 -26.24
CA PHE A 876 -33.70 40.59 -25.61
C PHE A 876 -33.28 39.61 -24.54
N ILE A 877 -34.00 39.66 -23.42
CA ILE A 877 -33.82 38.67 -22.37
C ILE A 877 -35.07 37.82 -22.27
N ARG A 878 -34.97 36.55 -22.66
CA ARG A 878 -36.10 35.65 -22.56
C ARG A 878 -35.88 34.74 -21.38
N VAL A 879 -36.89 34.56 -20.54
CA VAL A 879 -36.83 33.56 -19.49
C VAL A 879 -37.89 32.50 -19.77
N VAL A 880 -37.42 31.28 -20.03
CA VAL A 880 -38.24 30.20 -20.59
C VAL A 880 -38.29 28.97 -19.72
N SER A 881 -39.48 28.49 -19.36
CA SER A 881 -39.57 27.26 -18.58
C SER A 881 -38.91 26.07 -19.28
N ASP A 882 -38.33 25.18 -18.48
CA ASP A 882 -37.64 23.99 -18.96
C ASP A 882 -38.62 22.85 -19.20
N ARG A 883 -39.81 22.99 -18.64
CA ARG A 883 -40.81 21.93 -18.65
C ARG A 883 -42.09 22.34 -19.37
N TRP A 884 -42.74 23.37 -18.84
CA TRP A 884 -44.06 23.82 -19.30
C TRP A 884 -44.08 24.43 -20.69
N LEU A 885 -45.04 23.99 -21.50
CA LEU A 885 -45.29 24.60 -22.80
C LEU A 885 -45.89 25.97 -22.67
N SER A 886 -45.55 26.84 -23.63
CA SER A 886 -46.09 28.19 -23.71
C SER A 886 -45.98 28.90 -22.36
N CYS A 887 -44.87 28.64 -21.67
CA CYS A 887 -44.56 29.37 -20.47
C CYS A 887 -43.21 30.06 -20.66
N GLU A 888 -43.26 31.36 -20.86
CA GLU A 888 -42.09 32.15 -21.24
C GLU A 888 -42.37 33.61 -20.93
N THR A 889 -41.32 34.40 -20.74
CA THR A 889 -41.49 35.86 -20.72
C THR A 889 -40.31 36.58 -21.39
N GLN A 890 -40.62 37.61 -22.16
CA GLN A 890 -39.56 38.35 -22.84
C GLN A 890 -39.45 39.78 -22.31
N LEU A 891 -38.21 40.19 -22.08
CA LEU A 891 -37.88 41.54 -21.63
C LEU A 891 -36.97 42.23 -22.63
N PRO A 892 -37.46 43.28 -23.30
CA PRO A 892 -36.47 44.00 -24.10
C PRO A 892 -35.51 44.81 -23.23
N VAL A 893 -34.25 44.87 -23.64
CA VAL A 893 -33.28 45.74 -22.98
C VAL A 893 -32.75 46.77 -23.98
N SER A 894 -33.10 48.02 -23.74
CA SER A 894 -32.85 49.10 -24.69
C SER A 894 -31.47 49.73 -24.58
N PHE A 895 -30.75 49.80 -25.71
CA PHE A 895 -29.44 50.45 -25.76
C PHE A 895 -29.51 51.90 -26.26
N ARG A 896 -30.72 52.39 -26.52
CA ARG A 896 -30.90 53.69 -27.15
C ARG A 896 -30.33 54.84 -26.32
N HIS A 897 -30.55 54.77 -25.01
CA HIS A 897 -30.21 55.86 -24.11
C HIS A 897 -28.87 55.65 -23.44
N LEU A 898 -28.21 54.57 -23.84
CA LEU A 898 -26.93 54.15 -23.28
C LEU A 898 -25.77 55.04 -23.74
N ILE A 899 -24.93 55.43 -22.80
CA ILE A 899 -23.66 56.08 -23.12
C ILE A 899 -22.50 55.12 -22.83
N LEU A 900 -21.84 54.63 -23.88
CA LEU A 900 -20.68 53.74 -23.71
C LEU A 900 -19.55 54.47 -23.03
N PRO A 901 -18.76 53.76 -22.22
CA PRO A 901 -17.72 54.50 -21.50
C PRO A 901 -16.64 54.97 -22.45
N GLU A 902 -15.71 55.78 -21.97
CA GLU A 902 -14.72 56.37 -22.86
C GLU A 902 -13.66 55.35 -23.22
N LYS A 903 -13.19 55.40 -24.46
CA LYS A 903 -12.17 54.46 -24.90
C LYS A 903 -10.96 54.61 -24.00
N TYR A 904 -10.48 53.49 -23.46
CA TYR A 904 -9.36 53.54 -22.55
C TYR A 904 -8.06 53.44 -23.34
N PRO A 905 -7.01 54.14 -22.88
CA PRO A 905 -5.75 54.25 -23.61
C PRO A 905 -4.97 52.95 -23.69
N PRO A 906 -4.06 52.82 -24.66
CA PRO A 906 -3.19 51.65 -24.81
C PRO A 906 -2.34 51.40 -23.56
N PRO A 907 -1.92 50.14 -23.35
CA PRO A 907 -1.06 49.89 -22.20
C PRO A 907 0.33 50.47 -22.42
N THR A 908 1.05 50.71 -21.33
CA THR A 908 2.45 51.10 -21.42
C THR A 908 3.26 49.99 -22.11
N GLU A 909 4.04 50.37 -23.12
CA GLU A 909 4.88 49.42 -23.83
C GLU A 909 6.03 48.93 -22.95
N LEU A 910 6.31 47.63 -23.02
CA LEU A 910 7.44 47.11 -22.28
C LEU A 910 8.62 47.25 -23.21
N LEU A 911 9.52 48.16 -22.88
CA LEU A 911 10.71 48.35 -23.68
C LEU A 911 11.73 47.32 -23.25
N ASP A 912 12.52 46.79 -24.17
CA ASP A 912 13.50 45.86 -23.68
C ASP A 912 14.77 46.66 -23.40
N LEU A 913 14.90 46.96 -22.12
CA LEU A 913 16.08 47.54 -21.54
C LEU A 913 17.01 46.38 -21.21
N GLN A 914 18.31 46.62 -21.07
CA GLN A 914 19.13 45.60 -20.44
C GLN A 914 18.62 45.32 -19.04
N PRO A 915 18.67 44.06 -18.63
CA PRO A 915 18.17 43.68 -17.30
C PRO A 915 19.10 44.25 -16.25
N LEU A 916 18.84 45.49 -15.90
CA LEU A 916 19.64 46.29 -14.99
C LEU A 916 20.06 45.57 -13.71
N PRO A 917 21.36 45.61 -13.41
CA PRO A 917 21.98 44.90 -12.28
C PRO A 917 21.70 45.54 -10.94
N VAL A 918 21.86 44.77 -9.86
CA VAL A 918 21.63 45.25 -8.52
C VAL A 918 22.62 46.37 -8.17
N SER A 919 23.72 46.46 -8.92
CA SER A 919 24.74 47.46 -8.66
C SER A 919 24.31 48.88 -9.03
N ALA A 920 23.27 49.00 -9.87
CA ALA A 920 22.79 50.32 -10.27
C ALA A 920 22.20 51.02 -9.05
N LEU A 921 21.73 50.21 -8.12
CA LEU A 921 21.50 50.67 -6.76
C LEU A 921 22.92 50.88 -6.23
N ARG A 922 23.27 52.11 -5.84
CA ARG A 922 24.70 52.40 -5.62
C ARG A 922 25.17 52.21 -4.18
N ASN A 923 24.23 52.01 -3.27
CA ASN A 923 24.54 51.71 -1.88
C ASN A 923 24.73 50.20 -1.68
N SER A 924 25.87 49.79 -1.13
CA SER A 924 26.18 48.37 -1.01
C SER A 924 25.40 47.69 0.12
N ALA A 925 25.07 48.46 1.15
CA ALA A 925 24.23 47.94 2.22
C ALA A 925 22.83 47.70 1.68
N PHE A 926 22.43 48.51 0.68
CA PHE A 926 21.19 48.27 -0.04
C PHE A 926 21.30 47.01 -0.89
N GLU A 927 22.41 46.90 -1.62
CA GLU A 927 22.60 45.80 -2.55
C GLU A 927 22.69 44.45 -1.85
N SER A 928 23.01 44.46 -0.57
CA SER A 928 23.11 43.21 0.19
C SER A 928 21.75 42.59 0.49
N LEU A 929 20.69 43.32 0.17
CA LEU A 929 19.33 42.83 0.35
C LEU A 929 18.89 42.00 -0.85
N TYR A 930 19.66 42.09 -1.93
CA TYR A 930 19.22 41.62 -3.24
C TYR A 930 20.21 40.62 -3.85
N GLN A 931 21.48 41.02 -3.94
CA GLN A 931 22.52 40.25 -4.64
C GLN A 931 22.53 38.76 -4.35
N ASP A 932 22.19 38.37 -3.12
CA ASP A 932 22.12 36.96 -2.77
C ASP A 932 20.98 36.26 -3.51
N LYS A 933 19.86 36.94 -3.64
CA LYS A 933 18.70 36.33 -4.29
C LYS A 933 18.77 36.35 -5.83
N PHE A 934 19.12 37.49 -6.42
CA PHE A 934 19.23 37.58 -7.88
C PHE A 934 20.29 38.58 -8.35
N PRO A 935 20.91 38.33 -9.51
CA PRO A 935 21.82 39.30 -10.16
C PRO A 935 21.13 40.53 -10.78
N PHE A 936 19.97 40.34 -11.42
CA PHE A 936 19.29 41.41 -12.14
C PHE A 936 17.82 41.59 -11.77
N PHE A 937 17.34 42.82 -11.89
CA PHE A 937 15.90 43.11 -11.83
C PHE A 937 15.20 42.75 -13.14
N ASN A 938 13.91 42.45 -13.06
CA ASN A 938 13.15 42.03 -14.23
C ASN A 938 12.77 43.24 -15.10
N PRO A 939 12.15 43.01 -16.29
CA PRO A 939 11.95 44.16 -17.18
C PRO A 939 11.05 45.25 -16.59
N ILE A 940 10.09 44.85 -15.78
CA ILE A 940 9.18 45.80 -15.16
C ILE A 940 9.94 46.66 -14.16
N GLN A 941 10.83 46.04 -13.40
CA GLN A 941 11.59 46.74 -12.37
C GLN A 941 12.68 47.61 -12.95
N THR A 942 13.21 47.22 -14.10
CA THR A 942 14.23 48.04 -14.75
C THR A 942 13.58 49.23 -15.44
N GLN A 943 12.48 49.01 -16.16
CA GLN A 943 11.83 50.11 -16.86
C GLN A 943 11.41 51.24 -15.92
N VAL A 944 10.97 50.88 -14.71
CA VAL A 944 10.53 51.88 -13.74
C VAL A 944 11.61 52.37 -12.80
N PHE A 945 12.77 51.72 -12.82
CA PHE A 945 13.77 51.91 -11.76
C PHE A 945 14.21 53.37 -11.58
N ASN A 946 14.50 54.05 -12.68
CA ASN A 946 14.90 55.46 -12.61
C ASN A 946 13.85 56.34 -11.94
N THR A 947 12.62 56.31 -12.45
CA THR A 947 11.56 57.18 -11.93
C THR A 947 11.33 57.02 -10.44
N VAL A 948 11.31 55.78 -9.97
CA VAL A 948 10.99 55.56 -8.57
C VAL A 948 12.20 55.73 -7.64
N TYR A 949 13.37 55.23 -8.04
CA TYR A 949 14.56 55.31 -7.19
C TYR A 949 15.24 56.68 -7.29
N ASN A 950 15.37 57.18 -8.50
CA ASN A 950 16.03 58.45 -8.76
C ASN A 950 15.16 59.71 -8.64
N SER A 951 13.89 59.67 -9.05
CA SER A 951 13.06 60.88 -8.94
C SER A 951 12.32 60.97 -7.62
N ASP A 952 11.71 62.12 -7.36
CA ASP A 952 10.88 62.30 -6.18
C ASP A 952 9.38 62.33 -6.49
N ASP A 953 9.02 62.30 -7.76
CA ASP A 953 7.63 62.54 -8.14
C ASP A 953 6.72 61.32 -8.01
N ASN A 954 5.42 61.57 -7.88
CA ASN A 954 4.41 60.52 -7.76
C ASN A 954 4.42 59.54 -8.93
N VAL A 955 4.26 58.26 -8.62
CA VAL A 955 4.43 57.21 -9.62
C VAL A 955 3.37 56.11 -9.51
N PHE A 956 2.88 55.65 -10.67
CA PHE A 956 1.91 54.56 -10.72
C PHE A 956 2.49 53.36 -11.49
N VAL A 957 2.58 52.21 -10.83
CA VAL A 957 2.96 50.96 -11.49
C VAL A 957 1.80 49.95 -11.55
N GLY A 958 1.20 49.79 -12.72
CA GLY A 958 0.29 48.67 -12.96
C GLY A 958 0.99 47.49 -13.59
N ALA A 959 0.61 46.29 -13.18
CA ALA A 959 1.28 45.05 -13.59
C ALA A 959 0.62 43.84 -12.92
N PRO A 960 0.50 42.73 -13.66
CA PRO A 960 -0.12 41.48 -13.16
C PRO A 960 0.53 41.01 -11.87
N THR A 961 -0.26 40.45 -10.96
CA THR A 961 0.24 40.01 -9.66
C THR A 961 1.38 39.05 -9.91
N GLY A 962 2.47 39.20 -9.16
CA GLY A 962 3.65 38.39 -9.37
C GLY A 962 4.57 38.94 -10.44
N SER A 963 4.44 40.23 -10.75
CA SER A 963 5.38 40.90 -11.63
C SER A 963 6.53 41.45 -10.79
N GLY A 964 6.39 41.32 -9.48
CA GLY A 964 7.38 41.82 -8.53
C GLY A 964 7.32 43.32 -8.32
N LYS A 965 6.12 43.82 -8.08
CA LYS A 965 5.89 45.24 -7.90
C LYS A 965 6.32 45.71 -6.51
N THR A 966 6.48 44.78 -5.58
CA THR A 966 6.78 45.16 -4.20
C THR A 966 8.17 45.82 -4.08
N ILE A 967 9.15 45.36 -4.84
CA ILE A 967 10.46 45.96 -4.72
C ILE A 967 10.56 47.27 -5.53
N CYS A 968 9.51 47.60 -6.26
CA CYS A 968 9.38 48.95 -6.81
C CYS A 968 9.12 49.92 -5.64
N ALA A 969 8.17 49.54 -4.81
CA ALA A 969 7.89 50.26 -3.59
C ALA A 969 9.13 50.28 -2.72
N GLU A 970 9.91 49.21 -2.78
CA GLU A 970 11.16 49.17 -2.02
C GLU A 970 12.16 50.16 -2.60
N PHE A 971 12.21 50.29 -3.93
CA PHE A 971 13.04 51.31 -4.54
C PHE A 971 12.70 52.66 -3.92
N ALA A 972 11.41 52.96 -3.88
CA ALA A 972 10.99 54.25 -3.33
C ALA A 972 11.38 54.40 -1.87
N ILE A 973 11.29 53.31 -1.11
CA ILE A 973 11.61 53.37 0.31
C ILE A 973 13.12 53.60 0.53
N LEU A 974 13.94 52.93 -0.28
CA LEU A 974 15.40 53.10 -0.19
C LEU A 974 15.78 54.52 -0.54
N ARG A 975 15.15 55.08 -1.57
CA ARG A 975 15.43 56.47 -1.91
C ARG A 975 15.02 57.41 -0.76
N MET A 976 13.87 57.14 -0.14
CA MET A 976 13.46 57.92 1.01
C MET A 976 14.49 57.83 2.13
N LEU A 977 15.08 56.65 2.30
CA LEU A 977 16.04 56.46 3.37
C LEU A 977 17.36 57.17 3.06
N LEU A 978 17.65 57.34 1.77
CA LEU A 978 18.79 58.14 1.35
C LEU A 978 18.55 59.63 1.59
N GLN A 979 17.34 60.11 1.30
CA GLN A 979 17.02 61.54 1.48
C GLN A 979 17.11 61.93 2.94
N SER A 980 16.40 61.18 3.79
CA SER A 980 16.45 61.40 5.22
C SER A 980 16.49 60.06 5.95
N SER A 981 17.49 59.89 6.81
CA SER A 981 17.65 58.64 7.54
C SER A 981 16.58 58.47 8.61
N GLU A 982 15.98 59.59 9.01
CA GLU A 982 14.90 59.58 9.99
C GLU A 982 13.51 59.64 9.37
N GLY A 983 13.45 59.53 8.04
CA GLY A 983 12.20 59.68 7.33
C GLY A 983 11.06 58.73 7.68
N ARG A 984 9.85 59.10 7.26
CA ARG A 984 8.65 58.36 7.58
C ARG A 984 7.93 57.87 6.31
N CYS A 985 7.68 56.57 6.26
CA CYS A 985 6.95 55.99 5.13
C CYS A 985 5.72 55.25 5.61
N VAL A 986 4.57 55.56 5.05
CA VAL A 986 3.36 54.80 5.36
C VAL A 986 3.00 53.93 4.17
N TYR A 987 2.65 52.68 4.44
CA TYR A 987 2.32 51.70 3.42
C TYR A 987 0.94 51.11 3.71
N ILE A 988 0.12 51.03 2.66
CA ILE A 988 -1.26 50.57 2.80
C ILE A 988 -1.55 49.35 1.93
N THR A 989 -2.04 48.27 2.54
CA THR A 989 -2.67 47.20 1.77
C THR A 989 -4.08 47.00 2.28
N PRO A 990 -5.01 46.75 1.35
CA PRO A 990 -6.41 46.49 1.71
C PRO A 990 -6.55 45.31 2.66
N MET A 991 -5.69 44.31 2.50
CA MET A 991 -5.77 43.07 3.27
C MET A 991 -4.79 42.99 4.46
N GLU A 992 -5.32 42.62 5.62
CA GLU A 992 -4.53 42.42 6.82
C GLU A 992 -3.46 41.34 6.60
N ALA A 993 -3.84 40.29 5.87
CA ALA A 993 -2.91 39.20 5.56
C ALA A 993 -1.71 39.73 4.79
N LEU A 994 -2.00 40.49 3.74
CA LEU A 994 -0.97 41.14 2.95
C LEU A 994 -0.08 42.02 3.82
N ALA A 995 -0.70 42.74 4.76
CA ALA A 995 0.04 43.63 5.65
C ALA A 995 1.03 42.84 6.50
N GLU A 996 0.59 41.69 7.01
CA GLU A 996 1.45 40.88 7.88
C GLU A 996 2.59 40.23 7.11
N GLN A 997 2.33 39.80 5.89
CA GLN A 997 3.40 39.27 5.05
C GLN A 997 4.45 40.33 4.75
N VAL A 998 3.97 41.49 4.26
CA VAL A 998 4.84 42.62 3.95
C VAL A 998 5.60 43.03 5.20
N TYR A 999 4.95 42.87 6.35
CA TYR A 999 5.59 43.21 7.62
C TYR A 999 6.77 42.30 7.91
N MET A 1000 6.58 40.99 7.76
CA MET A 1000 7.69 40.04 8.01
C MET A 1000 8.85 40.26 7.05
N ASP A 1001 8.53 40.28 5.76
CA ASP A 1001 9.54 40.54 4.72
C ASP A 1001 10.31 41.84 4.98
N TRP A 1002 9.59 42.95 5.17
CA TRP A 1002 10.22 44.26 5.29
C TRP A 1002 10.87 44.49 6.66
N TYR A 1003 10.40 43.78 7.69
CA TYR A 1003 11.05 43.84 8.99
C TYR A 1003 12.43 43.20 8.87
N GLU A 1004 12.49 42.04 8.23
CA GLU A 1004 13.79 41.46 7.97
C GLU A 1004 14.65 42.39 7.13
N LYS A 1005 14.09 42.90 6.04
CA LYS A 1005 14.88 43.61 5.06
C LYS A 1005 15.28 45.04 5.48
N PHE A 1006 14.57 45.62 6.45
CA PHE A 1006 14.82 47.00 6.86
C PHE A 1006 15.25 47.08 8.32
N GLN A 1007 14.41 46.59 9.23
CA GLN A 1007 14.75 46.65 10.65
C GLN A 1007 15.94 45.77 11.04
N ASP A 1008 16.06 44.58 10.47
CA ASP A 1008 17.17 43.69 10.84
C ASP A 1008 18.48 44.10 10.17
N ARG A 1009 18.51 44.06 8.84
CA ARG A 1009 19.72 44.40 8.10
C ARG A 1009 20.00 45.91 8.05
N LEU A 1010 19.09 46.70 7.48
CA LEU A 1010 19.28 48.15 7.38
C LEU A 1010 19.03 48.89 8.70
N ASN A 1011 18.56 48.15 9.71
CA ASN A 1011 18.39 48.66 11.07
C ASN A 1011 17.56 49.94 11.23
N LYS A 1012 16.50 50.06 10.43
CA LYS A 1012 15.53 51.12 10.64
C LYS A 1012 14.40 50.56 11.49
N LYS A 1013 13.35 51.36 11.73
CA LYS A 1013 12.20 50.86 12.47
C LYS A 1013 11.07 50.46 11.53
N VAL A 1014 10.57 49.23 11.68
CA VAL A 1014 9.48 48.75 10.86
C VAL A 1014 8.35 48.27 11.75
N VAL A 1015 7.19 48.95 11.65
CA VAL A 1015 6.07 48.69 12.54
C VAL A 1015 4.82 48.29 11.76
N LEU A 1016 3.90 47.62 12.44
CA LEU A 1016 2.62 47.21 11.86
C LEU A 1016 1.48 47.75 12.70
N LEU A 1017 0.62 48.58 12.13
CA LEU A 1017 -0.45 49.19 12.90
C LEU A 1017 -1.46 48.16 13.37
N THR A 1018 -2.01 48.40 14.56
CA THR A 1018 -2.88 47.46 15.25
C THR A 1018 -4.30 47.99 15.34
N GLY A 1019 -5.16 47.29 16.07
CA GLY A 1019 -6.52 47.77 16.30
C GLY A 1019 -6.61 49.07 17.08
N GLU A 1020 -5.78 49.21 18.12
CA GLU A 1020 -5.91 50.29 19.09
C GLU A 1020 -5.25 51.60 18.66
N THR A 1021 -5.90 52.71 18.96
CA THR A 1021 -5.51 54.03 18.46
C THR A 1021 -4.26 54.65 19.11
N SER A 1022 -4.21 54.63 20.43
CA SER A 1022 -3.09 55.25 21.14
C SER A 1022 -1.75 54.60 20.80
N THR A 1023 -1.68 53.28 20.87
CA THR A 1023 -0.45 52.56 20.54
C THR A 1023 -0.08 52.72 19.06
N ASP A 1024 -1.09 52.96 18.22
CA ASP A 1024 -0.85 53.17 16.79
C ASP A 1024 -0.28 54.56 16.53
N LEU A 1025 -0.75 55.55 17.29
CA LEU A 1025 -0.15 56.86 17.21
C LEU A 1025 1.29 56.77 17.67
N LYS A 1026 1.51 55.94 18.69
CA LYS A 1026 2.86 55.75 19.23
C LYS A 1026 3.78 55.14 18.16
N LEU A 1027 3.27 54.11 17.47
CA LEU A 1027 4.01 53.44 16.41
C LEU A 1027 4.30 54.39 15.24
N LEU A 1028 3.29 55.16 14.84
CA LEU A 1028 3.44 56.15 13.78
C LEU A 1028 4.51 57.16 14.19
N GLY A 1029 4.61 57.38 15.50
CA GLY A 1029 5.67 58.17 16.08
C GLY A 1029 7.04 57.56 15.87
N LYS A 1030 7.21 56.30 16.27
CA LYS A 1030 8.50 55.62 16.19
C LYS A 1030 8.94 55.31 14.75
N GLY A 1031 7.98 55.07 13.88
CA GLY A 1031 8.21 54.39 12.61
C GLY A 1031 8.99 55.02 11.46
N ASN A 1032 9.95 54.27 10.93
CA ASN A 1032 10.51 54.55 9.61
C ASN A 1032 9.64 53.98 8.49
N ILE A 1033 9.16 52.75 8.67
CA ILE A 1033 8.18 52.13 7.78
C ILE A 1033 6.97 51.71 8.60
N ILE A 1034 5.79 52.15 8.18
CA ILE A 1034 4.54 51.87 8.91
C ILE A 1034 3.57 51.11 8.02
N ILE A 1035 3.24 49.89 8.41
CA ILE A 1035 2.38 49.06 7.59
C ILE A 1035 0.97 49.14 8.15
N SER A 1036 0.00 49.31 7.26
CA SER A 1036 -1.41 49.40 7.66
C SER A 1036 -2.46 49.00 6.61
N THR A 1037 -3.60 48.60 7.14
CA THR A 1037 -4.83 48.45 6.37
C THR A 1037 -5.60 49.77 6.39
N PRO A 1038 -6.44 50.01 5.37
CA PRO A 1038 -7.09 51.32 5.18
C PRO A 1038 -7.87 51.84 6.37
N GLU A 1039 -8.66 51.04 7.08
CA GLU A 1039 -9.47 51.56 8.19
C GLU A 1039 -8.63 52.01 9.38
N LYS A 1040 -7.52 51.33 9.62
CA LYS A 1040 -6.60 51.72 10.69
C LYS A 1040 -6.01 53.10 10.40
N TRP A 1041 -5.48 53.25 9.19
CA TRP A 1041 -4.97 54.53 8.74
C TRP A 1041 -6.08 55.59 8.59
N ASP A 1042 -7.32 55.14 8.44
CA ASP A 1042 -8.45 56.05 8.34
C ASP A 1042 -8.71 56.69 9.70
N ILE A 1043 -8.90 55.84 10.71
CA ILE A 1043 -9.20 56.32 12.06
C ILE A 1043 -8.01 57.14 12.55
N LEU A 1044 -6.83 56.84 12.02
CA LEU A 1044 -5.67 57.64 12.37
C LEU A 1044 -5.70 59.03 11.68
N SER A 1045 -5.71 59.05 10.35
CA SER A 1045 -5.49 60.27 9.59
C SER A 1045 -6.74 61.15 9.42
N ARG A 1046 -7.86 60.77 10.03
CA ARG A 1046 -9.00 61.68 10.07
C ARG A 1046 -8.68 62.97 10.83
N ARG A 1047 -7.92 62.81 11.90
CA ARG A 1047 -7.56 63.89 12.81
C ARG A 1047 -6.27 64.59 12.40
N TRP A 1048 -5.87 64.39 11.15
CA TRP A 1048 -4.60 64.92 10.63
C TRP A 1048 -4.31 66.37 10.96
N LYS A 1049 -5.34 67.21 11.06
CA LYS A 1049 -5.14 68.60 11.43
C LYS A 1049 -4.47 68.72 12.81
N GLN A 1050 -4.86 67.84 13.72
CA GLN A 1050 -4.28 67.82 15.06
C GLN A 1050 -3.17 66.79 15.24
N ARG A 1051 -2.84 66.02 14.20
CA ARG A 1051 -1.77 65.03 14.30
C ARG A 1051 -0.66 65.31 13.27
N LYS A 1052 0.48 65.78 13.75
CA LYS A 1052 1.54 66.25 12.86
C LYS A 1052 2.35 65.11 12.22
N ASN A 1053 2.48 64.00 12.92
CA ASN A 1053 3.17 62.84 12.36
C ASN A 1053 2.40 62.28 11.16
N VAL A 1054 1.11 62.56 11.11
CA VAL A 1054 0.30 62.23 9.94
C VAL A 1054 0.66 63.16 8.81
N GLN A 1055 0.69 64.45 9.11
CA GLN A 1055 1.11 65.47 8.14
C GLN A 1055 2.50 65.21 7.58
N ASN A 1056 3.46 64.90 8.45
CA ASN A 1056 4.79 64.73 7.94
C ASN A 1056 5.11 63.26 7.74
N ILE A 1057 5.00 62.85 6.48
CA ILE A 1057 5.43 61.54 6.03
C ILE A 1057 6.02 61.78 4.66
N ASN A 1058 7.21 61.21 4.45
CA ASN A 1058 7.97 61.49 3.24
C ASN A 1058 7.43 60.67 2.07
N LEU A 1059 6.89 59.50 2.39
CA LEU A 1059 6.45 58.56 1.38
C LEU A 1059 5.13 57.92 1.78
N PHE A 1060 4.19 57.90 0.83
CA PHE A 1060 2.92 57.19 0.97
C PHE A 1060 2.84 56.16 -0.15
N VAL A 1061 2.87 54.88 0.23
CA VAL A 1061 2.80 53.77 -0.73
C VAL A 1061 1.47 53.09 -0.58
N VAL A 1062 0.71 53.02 -1.66
CA VAL A 1062 -0.56 52.32 -1.62
C VAL A 1062 -0.47 51.12 -2.58
N ASP A 1063 -0.76 49.94 -2.06
CA ASP A 1063 -0.62 48.70 -2.82
C ASP A 1063 -1.97 48.10 -3.17
N GLU A 1064 -2.04 47.45 -4.32
CA GLU A 1064 -3.25 46.79 -4.79
C GLU A 1064 -4.41 47.78 -4.89
N VAL A 1065 -4.18 48.91 -5.55
CA VAL A 1065 -5.18 49.97 -5.58
C VAL A 1065 -6.36 49.64 -6.49
N HIS A 1066 -6.22 48.58 -7.29
CA HIS A 1066 -7.34 48.14 -8.10
C HIS A 1066 -8.45 47.66 -7.16
N LEU A 1067 -8.08 47.34 -5.93
CA LEU A 1067 -9.03 46.97 -4.87
C LEU A 1067 -9.95 48.13 -4.51
N ILE A 1068 -9.69 49.30 -5.08
CA ILE A 1068 -10.58 50.45 -4.93
C ILE A 1068 -11.93 50.12 -5.57
N GLY A 1069 -11.91 49.19 -6.53
CA GLY A 1069 -13.11 48.83 -7.25
C GLY A 1069 -13.92 47.79 -6.50
N GLY A 1070 -13.35 47.27 -5.42
CA GLY A 1070 -14.00 46.23 -4.66
C GLY A 1070 -14.73 46.69 -3.42
N GLU A 1071 -15.23 45.72 -2.68
CA GLU A 1071 -15.79 45.96 -1.35
C GLU A 1071 -14.68 46.56 -0.50
N ASN A 1072 -15.05 47.46 0.39
CA ASN A 1072 -14.07 48.17 1.24
C ASN A 1072 -13.18 49.11 0.43
N GLY A 1073 -13.34 49.12 -0.89
CA GLY A 1073 -12.69 50.08 -1.75
C GLY A 1073 -12.85 51.55 -1.37
N PRO A 1074 -14.09 51.97 -1.00
CA PRO A 1074 -14.28 53.37 -0.63
C PRO A 1074 -13.35 53.89 0.47
N VAL A 1075 -13.03 53.10 1.50
CA VAL A 1075 -12.13 53.59 2.54
C VAL A 1075 -10.73 53.81 1.98
N LEU A 1076 -10.33 52.94 1.07
CA LEU A 1076 -9.05 53.12 0.42
C LEU A 1076 -9.05 54.45 -0.35
N GLU A 1077 -10.10 54.64 -1.14
CA GLU A 1077 -10.25 55.85 -1.96
C GLU A 1077 -10.26 57.12 -1.12
N VAL A 1078 -10.96 57.07 0.02
CA VAL A 1078 -11.08 58.21 0.92
C VAL A 1078 -9.72 58.56 1.49
N ILE A 1079 -8.97 57.56 1.98
CA ILE A 1079 -7.69 57.90 2.60
C ILE A 1079 -6.65 58.36 1.58
N CYS A 1080 -6.68 57.80 0.37
CA CYS A 1080 -5.73 58.25 -0.65
C CYS A 1080 -6.03 59.69 -1.02
N SER A 1081 -7.33 59.98 -1.16
CA SER A 1081 -7.77 61.33 -1.48
C SER A 1081 -7.29 62.28 -0.40
N ARG A 1082 -7.55 61.92 0.85
CA ARG A 1082 -7.14 62.72 2.00
C ARG A 1082 -5.64 62.98 1.99
N MET A 1083 -4.86 61.99 1.60
CA MET A 1083 -3.42 62.18 1.54
C MET A 1083 -3.00 63.17 0.45
N ARG A 1084 -3.70 63.15 -0.69
CA ARG A 1084 -3.43 64.14 -1.74
C ARG A 1084 -3.77 65.56 -1.25
N TYR A 1085 -4.87 65.64 -0.52
CA TYR A 1085 -5.38 66.91 -0.01
C TYR A 1085 -4.41 67.48 1.01
N ILE A 1086 -4.02 66.66 2.00
CA ILE A 1086 -3.01 67.03 2.97
C ILE A 1086 -1.75 67.52 2.26
N SER A 1087 -1.30 66.77 1.25
CA SER A 1087 -0.09 67.16 0.53
C SER A 1087 -0.23 68.56 -0.07
N SER A 1088 -1.42 68.94 -0.54
CA SER A 1088 -1.52 70.27 -1.15
C SER A 1088 -1.87 71.37 -0.14
N GLN A 1089 -2.20 70.98 1.09
CA GLN A 1089 -2.52 71.97 2.12
C GLN A 1089 -1.32 72.30 2.98
N ILE A 1090 -0.17 71.67 2.69
CA ILE A 1090 1.03 71.91 3.48
C ILE A 1090 2.24 72.26 2.62
N GLU A 1091 3.38 72.40 3.29
CA GLU A 1091 4.61 72.86 2.66
C GLU A 1091 5.30 71.76 1.84
N ARG A 1092 5.69 70.68 2.50
CA ARG A 1092 6.54 69.64 1.95
C ARG A 1092 5.71 68.48 1.41
N PRO A 1093 5.66 68.33 0.08
CA PRO A 1093 4.78 67.39 -0.63
C PRO A 1093 4.94 65.97 -0.11
N ILE A 1094 3.83 65.27 0.09
CA ILE A 1094 3.91 63.86 0.41
C ILE A 1094 3.94 63.06 -0.90
N ARG A 1095 4.98 62.25 -1.07
CA ARG A 1095 5.12 61.47 -2.30
C ARG A 1095 4.12 60.33 -2.31
N ILE A 1096 3.60 59.99 -3.49
CA ILE A 1096 2.68 58.88 -3.59
C ILE A 1096 3.15 57.89 -4.65
N VAL A 1097 3.31 56.65 -4.20
CA VAL A 1097 3.62 55.54 -5.08
C VAL A 1097 2.44 54.58 -5.03
N ALA A 1098 1.88 54.28 -6.19
CA ALA A 1098 0.72 53.41 -6.23
C ALA A 1098 1.01 52.17 -7.09
N LEU A 1099 0.76 51.01 -6.51
CA LEU A 1099 0.98 49.75 -7.21
C LEU A 1099 -0.37 49.10 -7.44
N SER A 1100 -0.56 48.53 -8.63
CA SER A 1100 -1.87 48.01 -9.02
C SER A 1100 -1.80 46.84 -9.99
N SER A 1101 -2.89 46.07 -10.08
CA SER A 1101 -3.06 45.13 -11.19
C SER A 1101 -3.23 45.94 -12.45
N SER A 1102 -2.97 45.32 -13.61
CA SER A 1102 -3.11 46.04 -14.86
C SER A 1102 -4.53 46.58 -14.98
N LEU A 1103 -4.62 47.91 -15.12
CA LEU A 1103 -5.90 48.61 -15.22
C LEU A 1103 -6.15 49.12 -16.64
N SER A 1104 -7.40 49.04 -17.07
CA SER A 1104 -7.75 49.58 -18.37
C SER A 1104 -7.68 51.11 -18.34
N ASN A 1105 -8.15 51.72 -17.27
CA ASN A 1105 -7.93 53.15 -17.16
C ASN A 1105 -6.94 53.43 -16.05
N ALA A 1106 -5.67 53.55 -16.44
CA ALA A 1106 -4.65 53.88 -15.46
C ALA A 1106 -4.57 55.38 -15.30
N LYS A 1107 -4.84 56.10 -16.40
CA LYS A 1107 -4.78 57.56 -16.41
C LYS A 1107 -5.64 58.17 -15.31
N ASP A 1108 -6.86 57.66 -15.16
CA ASP A 1108 -7.79 58.21 -14.17
C ASP A 1108 -7.21 58.08 -12.77
N VAL A 1109 -6.60 56.94 -12.49
CA VAL A 1109 -5.95 56.68 -11.21
C VAL A 1109 -4.74 57.59 -11.00
N ALA A 1110 -3.94 57.72 -12.06
CA ALA A 1110 -2.73 58.53 -12.06
C ALA A 1110 -3.04 59.99 -11.78
N HIS A 1111 -3.89 60.58 -12.62
CA HIS A 1111 -4.37 61.94 -12.43
C HIS A 1111 -4.91 62.13 -11.02
N TRP A 1112 -5.76 61.19 -10.59
CA TRP A 1112 -6.32 61.23 -9.25
C TRP A 1112 -5.25 61.36 -8.17
N LEU A 1113 -4.16 60.61 -8.36
CA LEU A 1113 -3.08 60.56 -7.36
C LEU A 1113 -1.89 61.48 -7.64
N GLY A 1114 -1.91 62.18 -8.76
CA GLY A 1114 -0.86 63.14 -9.07
C GLY A 1114 0.30 62.65 -9.91
N CYS A 1115 0.10 61.62 -10.70
CA CYS A 1115 1.17 61.06 -11.53
C CYS A 1115 1.18 61.62 -12.94
N SER A 1116 2.32 62.12 -13.39
CA SER A 1116 2.49 62.53 -14.78
C SER A 1116 2.49 61.30 -15.66
N ALA A 1117 2.23 61.49 -16.95
CA ALA A 1117 2.19 60.38 -17.91
C ALA A 1117 3.50 59.61 -18.01
N THR A 1118 4.61 60.29 -17.74
CA THR A 1118 5.92 59.68 -17.79
C THR A 1118 6.16 58.83 -16.55
N SER A 1119 5.49 59.20 -15.47
CA SER A 1119 5.56 58.48 -14.20
C SER A 1119 4.47 57.40 -14.10
N THR A 1120 3.72 57.21 -15.18
CA THR A 1120 2.67 56.20 -15.21
C THR A 1120 3.08 54.98 -16.01
N PHE A 1121 3.22 53.86 -15.31
CA PHE A 1121 3.54 52.61 -15.96
C PHE A 1121 2.36 51.65 -15.80
N ASN A 1122 1.62 51.42 -16.89
CA ASN A 1122 0.54 50.45 -16.86
C ASN A 1122 0.76 49.37 -17.89
N PHE A 1123 1.11 48.17 -17.42
CA PHE A 1123 1.56 47.10 -18.30
C PHE A 1123 0.46 46.10 -18.58
N HIS A 1124 0.34 45.66 -19.83
CA HIS A 1124 -0.67 44.68 -20.19
C HIS A 1124 -0.38 43.37 -19.46
N PRO A 1125 -1.43 42.60 -19.13
CA PRO A 1125 -1.20 41.30 -18.49
C PRO A 1125 -0.23 40.36 -19.24
N ASN A 1126 -0.07 40.50 -20.55
CA ASN A 1126 0.77 39.54 -21.27
C ASN A 1126 2.26 39.88 -21.27
N VAL A 1127 2.63 40.98 -20.62
CA VAL A 1127 4.05 41.30 -20.45
C VAL A 1127 4.56 40.87 -19.07
N ARG A 1128 3.71 40.16 -18.33
CA ARG A 1128 4.08 39.56 -17.07
C ARG A 1128 5.39 38.77 -17.21
N PRO A 1129 6.40 39.10 -16.37
CA PRO A 1129 7.76 38.63 -16.55
C PRO A 1129 7.87 37.12 -16.74
N VAL A 1130 7.20 36.35 -15.90
CA VAL A 1130 7.10 34.92 -16.14
C VAL A 1130 5.80 34.66 -16.88
N PRO A 1131 5.90 34.37 -18.18
CA PRO A 1131 4.70 34.24 -19.02
C PRO A 1131 3.71 33.25 -18.43
N LEU A 1132 2.45 33.67 -18.36
CA LEU A 1132 1.40 32.82 -17.82
C LEU A 1132 0.73 32.06 -18.93
N GLU A 1133 0.39 30.81 -18.66
CA GLU A 1133 -0.44 30.03 -19.57
C GLU A 1133 -1.79 29.77 -18.88
N LEU A 1134 -2.84 30.41 -19.38
CA LEU A 1134 -4.15 30.35 -18.74
C LEU A 1134 -5.11 29.44 -19.51
N HIS A 1135 -5.80 28.58 -18.77
CA HIS A 1135 -6.78 27.67 -19.33
C HIS A 1135 -8.06 27.82 -18.55
N ILE A 1136 -9.17 28.04 -19.23
CA ILE A 1136 -10.45 28.14 -18.54
C ILE A 1136 -11.29 26.95 -18.96
N GLN A 1137 -11.78 26.22 -17.96
CA GLN A 1137 -12.49 24.97 -18.20
C GLN A 1137 -13.91 25.08 -17.69
N GLY A 1138 -14.88 25.05 -18.61
CA GLY A 1138 -16.28 25.16 -18.25
C GLY A 1138 -16.94 23.83 -17.92
N PHE A 1139 -17.88 23.86 -17.00
CA PHE A 1139 -18.64 22.69 -16.60
C PHE A 1139 -20.12 23.06 -16.58
N ASN A 1140 -20.96 22.42 -17.39
CA ASN A 1140 -22.34 22.86 -17.34
C ASN A 1140 -23.09 22.07 -16.30
N ILE A 1141 -23.03 22.57 -15.07
CA ILE A 1141 -23.76 22.01 -13.94
C ILE A 1141 -24.15 23.17 -13.03
N SER A 1142 -25.43 23.38 -12.84
CA SER A 1142 -25.86 24.51 -12.04
C SER A 1142 -25.76 24.18 -10.55
N HIS A 1143 -25.81 22.89 -10.22
CA HIS A 1143 -25.79 22.51 -8.82
C HIS A 1143 -24.35 22.52 -8.34
N THR A 1144 -24.05 23.38 -7.35
CA THR A 1144 -22.66 23.61 -6.96
C THR A 1144 -22.02 22.33 -6.41
N GLN A 1145 -22.74 21.60 -5.56
CA GLN A 1145 -22.19 20.36 -5.00
C GLN A 1145 -21.80 19.39 -6.12
N THR A 1146 -22.71 19.21 -7.07
CA THR A 1146 -22.49 18.30 -8.17
C THR A 1146 -21.35 18.80 -9.05
N ARG A 1147 -21.31 20.12 -9.26
CA ARG A 1147 -20.25 20.71 -10.09
C ARG A 1147 -18.88 20.44 -9.47
N LEU A 1148 -18.80 20.69 -8.16
CA LEU A 1148 -17.57 20.46 -7.40
C LEU A 1148 -17.12 19.02 -7.52
N LEU A 1149 -18.04 18.09 -7.25
CA LEU A 1149 -17.71 16.67 -7.38
C LEU A 1149 -17.23 16.32 -8.79
N SER A 1150 -17.90 16.84 -9.80
CA SER A 1150 -17.51 16.56 -11.18
C SER A 1150 -16.17 17.18 -11.54
N MET A 1151 -15.67 18.07 -10.67
CA MET A 1151 -14.36 18.66 -10.90
C MET A 1151 -13.18 17.82 -10.38
N ALA A 1152 -13.47 16.79 -9.59
CA ALA A 1152 -12.42 16.02 -8.92
C ALA A 1152 -11.40 15.46 -9.91
N LYS A 1153 -11.84 14.69 -10.89
CA LYS A 1153 -10.93 14.09 -11.85
C LYS A 1153 -10.22 15.14 -12.71
N PRO A 1154 -10.94 16.19 -13.17
CA PRO A 1154 -10.22 17.26 -13.88
C PRO A 1154 -9.09 17.87 -13.07
N VAL A 1155 -9.23 17.97 -11.74
CA VAL A 1155 -8.14 18.52 -10.92
C VAL A 1155 -6.88 17.67 -11.07
N TYR A 1156 -7.04 16.37 -10.89
CA TYR A 1156 -5.93 15.43 -10.99
C TYR A 1156 -5.31 15.45 -12.39
N HIS A 1157 -6.15 15.42 -13.42
CA HIS A 1157 -5.63 15.43 -14.78
C HIS A 1157 -4.87 16.73 -15.05
N ALA A 1158 -5.36 17.84 -14.48
CA ALA A 1158 -4.70 19.13 -14.63
C ALA A 1158 -3.31 19.04 -14.02
N ILE A 1159 -3.23 18.48 -12.82
CA ILE A 1159 -1.94 18.28 -12.17
C ILE A 1159 -0.99 17.44 -13.04
N THR A 1160 -1.45 16.29 -13.52
CA THR A 1160 -0.54 15.39 -14.24
C THR A 1160 -0.21 15.85 -15.66
N LYS A 1161 -1.03 16.72 -16.23
CA LYS A 1161 -0.78 17.23 -17.57
C LYS A 1161 0.10 18.48 -17.50
N HIS A 1162 -0.38 19.52 -16.83
CA HIS A 1162 0.31 20.80 -16.87
C HIS A 1162 1.51 20.90 -15.90
N SER A 1163 1.48 20.18 -14.78
CA SER A 1163 2.57 20.24 -13.83
C SER A 1163 2.88 18.88 -13.18
N PRO A 1164 3.33 17.89 -13.99
CA PRO A 1164 3.54 16.55 -13.42
C PRO A 1164 4.60 16.48 -12.33
N LYS A 1165 5.77 17.05 -12.56
CA LYS A 1165 6.83 17.03 -11.56
C LYS A 1165 6.96 18.28 -10.67
N LYS A 1166 6.37 19.40 -11.09
CA LYS A 1166 6.55 20.68 -10.41
C LYS A 1166 5.44 21.02 -9.39
N PRO A 1167 5.70 21.96 -8.44
CA PRO A 1167 4.73 22.29 -7.39
C PRO A 1167 3.37 22.81 -7.89
N VAL A 1168 2.31 22.46 -7.15
CA VAL A 1168 0.94 22.79 -7.52
C VAL A 1168 0.10 23.27 -6.34
N ILE A 1169 -0.54 24.42 -6.51
CA ILE A 1169 -1.55 24.89 -5.58
C ILE A 1169 -2.95 24.69 -6.16
N VAL A 1170 -3.83 24.10 -5.37
CA VAL A 1170 -5.23 24.01 -5.72
C VAL A 1170 -6.04 24.81 -4.72
N PHE A 1171 -6.77 25.81 -5.22
CA PHE A 1171 -7.67 26.61 -4.40
C PHE A 1171 -9.07 26.06 -4.45
N VAL A 1172 -9.71 25.88 -3.29
CA VAL A 1172 -11.09 25.38 -3.25
C VAL A 1172 -12.00 26.33 -2.46
N PRO A 1173 -13.33 26.23 -2.67
CA PRO A 1173 -14.23 27.18 -2.01
C PRO A 1173 -14.24 27.15 -0.49
N SER A 1174 -14.13 25.99 0.12
CA SER A 1174 -14.30 25.93 1.57
C SER A 1174 -13.33 24.99 2.28
N ARG A 1175 -13.33 25.10 3.61
CA ARG A 1175 -12.53 24.26 4.49
C ARG A 1175 -12.65 22.78 4.18
N LYS A 1176 -13.88 22.29 4.14
CA LYS A 1176 -14.13 20.87 4.01
C LYS A 1176 -13.64 20.38 2.65
N GLN A 1177 -13.77 21.23 1.64
CA GLN A 1177 -13.28 20.88 0.32
C GLN A 1177 -11.75 20.77 0.26
N THR A 1178 -11.05 21.45 1.16
CA THR A 1178 -9.59 21.33 1.17
C THR A 1178 -9.24 19.88 1.49
N ARG A 1179 -9.77 19.41 2.60
CA ARG A 1179 -9.58 18.03 3.05
C ARG A 1179 -10.05 17.02 2.02
N LEU A 1180 -11.31 17.16 1.56
CA LEU A 1180 -11.85 16.25 0.56
C LEU A 1180 -10.98 16.19 -0.70
N THR A 1181 -10.63 17.34 -1.25
CA THR A 1181 -9.88 17.38 -2.51
C THR A 1181 -8.47 16.81 -2.35
N ALA A 1182 -7.86 17.08 -1.19
CA ALA A 1182 -6.56 16.48 -0.89
C ALA A 1182 -6.69 14.96 -0.90
N ILE A 1183 -7.65 14.43 -0.14
CA ILE A 1183 -7.88 12.98 -0.08
C ILE A 1183 -8.15 12.37 -1.46
N ASP A 1184 -8.87 13.10 -2.30
CA ASP A 1184 -9.09 12.63 -3.66
C ASP A 1184 -7.80 12.55 -4.46
N ILE A 1185 -6.99 13.60 -4.38
CA ILE A 1185 -5.72 13.62 -5.09
C ILE A 1185 -4.88 12.45 -4.63
N LEU A 1186 -4.97 12.16 -3.33
CA LEU A 1186 -4.32 11.02 -2.72
C LEU A 1186 -4.72 9.68 -3.34
N THR A 1187 -5.99 9.34 -3.18
CA THR A 1187 -6.50 8.05 -3.59
C THR A 1187 -6.42 7.86 -5.11
N THR A 1188 -6.56 8.95 -5.85
CA THR A 1188 -6.46 8.90 -7.31
C THR A 1188 -5.03 8.64 -7.73
N CYS A 1189 -4.10 9.30 -7.04
CA CYS A 1189 -2.68 9.05 -7.23
C CYS A 1189 -2.41 7.56 -7.02
N ALA A 1190 -2.79 7.04 -5.85
CA ALA A 1190 -2.63 5.62 -5.53
C ALA A 1190 -3.29 4.70 -6.56
N ALA A 1191 -4.36 5.17 -7.18
CA ALA A 1191 -5.10 4.36 -8.14
C ALA A 1191 -4.55 4.48 -9.57
N ASP A 1192 -3.56 5.34 -9.77
CA ASP A 1192 -2.72 5.20 -10.97
C ASP A 1192 -1.57 4.24 -10.67
N ILE A 1193 -1.62 3.63 -9.48
CA ILE A 1193 -0.57 2.77 -8.94
C ILE A 1193 0.73 3.58 -8.84
N GLN A 1194 0.56 4.90 -8.83
CA GLN A 1194 1.65 5.81 -8.53
C GLN A 1194 1.29 6.54 -7.24
N ARG A 1195 1.83 6.11 -6.10
CA ARG A 1195 1.49 6.77 -4.84
C ARG A 1195 2.78 7.33 -4.27
N GLN A 1196 2.66 8.47 -3.59
CA GLN A 1196 3.83 9.20 -3.06
C GLN A 1196 4.57 9.83 -4.25
N ARG A 1197 4.00 9.65 -5.44
CA ARG A 1197 4.43 10.33 -6.65
C ARG A 1197 4.53 11.84 -6.42
N PHE A 1198 3.74 12.35 -5.47
CA PHE A 1198 3.84 13.74 -5.06
C PHE A 1198 4.73 13.94 -3.83
N LEU A 1199 5.23 12.84 -3.25
CA LEU A 1199 6.16 12.94 -2.12
C LEU A 1199 7.58 12.84 -2.62
N HIS A 1200 8.30 13.96 -2.55
CA HIS A 1200 9.65 14.03 -3.09
C HIS A 1200 10.74 13.87 -2.03
N CYS A 1201 10.32 13.61 -0.80
CA CYS A 1201 11.25 13.19 0.23
C CYS A 1201 10.94 11.76 0.66
N THR A 1202 11.63 11.28 1.69
CA THR A 1202 11.29 10.00 2.26
C THR A 1202 10.24 10.23 3.34
N GLU A 1203 9.24 9.35 3.38
CA GLU A 1203 8.20 9.39 4.39
C GLU A 1203 8.81 9.53 5.80
N LYS A 1204 9.91 8.83 6.03
CA LYS A 1204 10.64 8.88 7.30
C LYS A 1204 11.10 10.29 7.68
N ASP A 1205 11.60 11.03 6.71
CA ASP A 1205 12.13 12.38 6.94
C ASP A 1205 11.14 13.37 7.56
N LEU A 1206 9.85 13.17 7.28
CA LEU A 1206 8.80 14.11 7.69
C LEU A 1206 8.42 13.98 9.16
N ILE A 1207 8.57 12.77 9.70
CA ILE A 1207 8.04 12.40 11.02
C ILE A 1207 8.28 13.45 12.10
N PRO A 1208 9.54 13.94 12.24
CA PRO A 1208 9.76 14.94 13.30
C PRO A 1208 8.90 16.20 13.11
N TYR A 1209 8.63 16.58 11.86
CA TYR A 1209 7.74 17.72 11.59
C TYR A 1209 6.28 17.36 11.85
N LEU A 1210 5.84 16.22 11.32
CA LEU A 1210 4.46 15.77 11.47
C LEU A 1210 4.04 15.59 12.92
N GLU A 1211 5.00 15.34 13.80
CA GLU A 1211 4.67 15.18 15.21
C GLU A 1211 4.15 16.51 15.81
N LYS A 1212 4.46 17.63 15.16
CA LYS A 1212 4.03 18.94 15.63
C LYS A 1212 2.62 19.30 15.17
N LEU A 1213 2.00 18.43 14.38
CA LEU A 1213 0.66 18.71 13.89
C LEU A 1213 -0.40 18.11 14.79
N SER A 1214 -1.50 18.84 14.96
CA SER A 1214 -2.66 18.37 15.71
C SER A 1214 -3.60 17.50 14.85
N ASP A 1215 -3.72 17.87 13.58
CA ASP A 1215 -4.73 17.29 12.67
C ASP A 1215 -4.30 15.95 12.07
N SER A 1216 -5.05 14.90 12.39
CA SER A 1216 -4.73 13.53 11.94
C SER A 1216 -4.72 13.37 10.42
N THR A 1217 -5.78 13.84 9.78
CA THR A 1217 -5.94 13.72 8.34
C THR A 1217 -4.82 14.43 7.60
N LEU A 1218 -4.39 15.58 8.14
CA LEU A 1218 -3.30 16.36 7.57
C LEU A 1218 -1.97 15.60 7.65
N LYS A 1219 -1.74 14.93 8.78
CA LYS A 1219 -0.58 14.05 8.93
C LYS A 1219 -0.60 13.01 7.82
N GLU A 1220 -1.75 12.35 7.68
CA GLU A 1220 -1.91 11.29 6.68
C GLU A 1220 -1.69 11.77 5.24
N THR A 1221 -2.29 12.90 4.87
CA THR A 1221 -2.18 13.40 3.50
C THR A 1221 -0.75 13.88 3.23
N LEU A 1222 -0.14 14.51 4.23
CA LEU A 1222 1.26 14.94 4.14
C LEU A 1222 2.23 13.77 3.95
N LEU A 1223 1.94 12.62 4.55
CA LEU A 1223 2.73 11.42 4.32
C LEU A 1223 2.70 10.96 2.86
N ASN A 1224 1.64 11.36 2.15
CA ASN A 1224 1.49 11.07 0.73
C ASN A 1224 1.84 12.22 -0.23
N GLY A 1225 2.30 13.35 0.30
CA GLY A 1225 2.82 14.41 -0.54
C GLY A 1225 1.82 15.51 -0.86
N VAL A 1226 0.72 15.51 -0.13
CA VAL A 1226 -0.32 16.51 -0.31
C VAL A 1226 -0.66 17.20 1.00
N GLY A 1227 -0.33 18.47 1.10
CA GLY A 1227 -0.72 19.24 2.28
C GLY A 1227 -1.96 20.05 1.98
N TYR A 1228 -2.61 20.56 3.01
CA TYR A 1228 -3.70 21.49 2.76
C TYR A 1228 -3.73 22.62 3.81
N LEU A 1229 -4.43 23.70 3.45
CA LEU A 1229 -4.51 24.91 4.28
C LEU A 1229 -5.93 25.41 4.41
N HIS A 1230 -6.44 25.40 5.64
CA HIS A 1230 -7.75 25.99 5.93
C HIS A 1230 -7.73 26.75 7.25
N GLU A 1231 -8.78 27.50 7.50
CA GLU A 1231 -8.82 28.40 8.66
C GLU A 1231 -8.83 27.67 9.99
N GLY A 1232 -9.17 26.39 9.96
CA GLY A 1232 -9.26 25.61 11.20
C GLY A 1232 -7.90 25.22 11.73
N LEU A 1233 -6.89 25.27 10.88
CA LEU A 1233 -5.54 24.95 11.31
C LEU A 1233 -4.92 26.11 12.06
N SER A 1234 -4.04 25.78 13.00
CA SER A 1234 -3.25 26.77 13.73
C SER A 1234 -2.33 27.50 12.77
N PRO A 1235 -1.90 28.72 13.14
CA PRO A 1235 -0.88 29.41 12.34
C PRO A 1235 0.39 28.59 12.20
N MET A 1236 0.79 27.91 13.28
CA MET A 1236 1.98 27.07 13.27
C MET A 1236 1.86 25.97 12.22
N GLU A 1237 0.77 25.21 12.28
CA GLU A 1237 0.51 24.13 11.32
C GLU A 1237 0.55 24.64 9.88
N ARG A 1238 -0.07 25.80 9.65
CA ARG A 1238 -0.11 26.42 8.33
C ARG A 1238 1.28 26.79 7.83
N ARG A 1239 2.08 27.40 8.72
CA ARG A 1239 3.45 27.75 8.40
C ARG A 1239 4.24 26.50 8.10
N LEU A 1240 3.90 25.42 8.78
CA LEU A 1240 4.59 24.15 8.62
C LEU A 1240 4.32 23.53 7.25
N VAL A 1241 3.05 23.50 6.87
CA VAL A 1241 2.66 22.96 5.57
C VAL A 1241 3.27 23.82 4.47
N GLU A 1242 3.32 25.13 4.69
CA GLU A 1242 3.94 26.03 3.72
C GLU A 1242 5.44 25.76 3.58
N GLN A 1243 6.11 25.60 4.71
CA GLN A 1243 7.54 25.33 4.70
C GLN A 1243 7.84 24.04 3.95
N LEU A 1244 7.07 23.00 4.26
CA LEU A 1244 7.21 21.72 3.57
C LEU A 1244 6.93 21.84 2.06
N PHE A 1245 5.94 22.66 1.70
CA PHE A 1245 5.61 22.85 0.28
C PHE A 1245 6.74 23.56 -0.46
N SER A 1246 7.30 24.58 0.19
CA SER A 1246 8.36 25.39 -0.38
C SER A 1246 9.66 24.60 -0.58
N SER A 1247 9.95 23.71 0.36
CA SER A 1247 11.17 22.91 0.29
C SER A 1247 11.11 21.89 -0.84
N GLY A 1248 9.91 21.69 -1.37
CA GLY A 1248 9.70 20.76 -2.46
C GLY A 1248 9.47 19.35 -1.98
N ALA A 1249 9.33 19.18 -0.67
CA ALA A 1249 9.10 17.86 -0.10
C ALA A 1249 7.70 17.42 -0.44
N ILE A 1250 6.74 18.35 -0.42
CA ILE A 1250 5.41 18.00 -0.89
C ILE A 1250 5.07 18.85 -2.11
N GLN A 1251 4.51 18.20 -3.13
CA GLN A 1251 4.32 18.82 -4.44
C GLN A 1251 3.01 19.58 -4.58
N VAL A 1252 2.06 19.29 -3.71
CA VAL A 1252 0.69 19.75 -3.88
C VAL A 1252 0.14 20.29 -2.56
N VAL A 1253 -0.46 21.47 -2.60
CA VAL A 1253 -1.18 21.96 -1.43
C VAL A 1253 -2.58 22.46 -1.83
N VAL A 1254 -3.57 22.16 -0.98
CA VAL A 1254 -4.95 22.57 -1.28
C VAL A 1254 -5.45 23.59 -0.26
N ALA A 1255 -5.69 24.81 -0.71
CA ALA A 1255 -6.03 25.90 0.20
C ALA A 1255 -7.45 26.45 0.00
N SER A 1256 -8.12 26.78 1.10
CA SER A 1256 -9.42 27.45 1.00
C SER A 1256 -9.23 28.90 0.50
N ARG A 1257 -10.27 29.46 -0.10
CA ARG A 1257 -10.19 30.78 -0.70
C ARG A 1257 -9.84 31.88 0.31
N SER A 1258 -10.33 31.74 1.53
CA SER A 1258 -10.06 32.76 2.55
C SER A 1258 -8.57 32.91 2.87
N LEU A 1259 -7.75 31.94 2.48
CA LEU A 1259 -6.33 32.02 2.75
C LEU A 1259 -5.50 32.54 1.57
N CYS A 1260 -6.13 32.86 0.46
CA CYS A 1260 -5.37 33.21 -0.75
C CYS A 1260 -4.58 34.51 -0.60
N TRP A 1261 -5.03 35.43 0.25
CA TRP A 1261 -4.24 36.63 0.52
C TRP A 1261 -3.15 36.36 1.58
N GLY A 1262 -3.33 35.31 2.38
CA GLY A 1262 -2.44 35.01 3.50
C GLY A 1262 -1.42 33.90 3.34
N MET A 1263 -1.09 33.55 2.11
CA MET A 1263 -0.14 32.48 1.83
C MET A 1263 1.16 33.01 1.25
N ASN A 1264 2.29 32.80 1.91
CA ASN A 1264 3.55 33.07 1.21
C ASN A 1264 4.05 31.77 0.68
N VAL A 1265 3.68 31.50 -0.57
CA VAL A 1265 3.99 30.24 -1.22
C VAL A 1265 3.83 30.45 -2.73
N ALA A 1266 4.63 29.79 -3.56
CA ALA A 1266 4.45 29.90 -5.00
C ALA A 1266 4.38 28.51 -5.63
N ALA A 1267 3.70 28.40 -6.76
CA ALA A 1267 3.60 27.13 -7.47
C ALA A 1267 3.86 27.30 -8.96
N HIS A 1268 4.09 26.18 -9.62
CA HIS A 1268 4.22 26.14 -11.07
C HIS A 1268 2.82 26.22 -11.67
N LEU A 1269 1.87 25.55 -11.03
CA LEU A 1269 0.49 25.50 -11.49
C LEU A 1269 -0.48 25.85 -10.39
N VAL A 1270 -1.40 26.75 -10.71
CA VAL A 1270 -2.49 27.04 -9.80
C VAL A 1270 -3.77 26.57 -10.46
N ILE A 1271 -4.55 25.78 -9.73
CA ILE A 1271 -5.84 25.32 -10.19
C ILE A 1271 -6.91 25.94 -9.33
N ILE A 1272 -7.86 26.61 -9.97
CA ILE A 1272 -8.97 27.18 -9.23
C ILE A 1272 -10.19 26.28 -9.38
N MET A 1273 -10.56 25.64 -8.26
CA MET A 1273 -11.62 24.66 -8.26
C MET A 1273 -12.91 25.35 -7.85
N ASP A 1274 -13.80 25.44 -8.83
CA ASP A 1274 -14.96 26.34 -8.91
C ASP A 1274 -14.66 27.85 -8.70
N THR A 1275 -15.68 28.68 -8.78
CA THR A 1275 -15.55 30.12 -8.52
C THR A 1275 -16.59 30.68 -7.53
N GLN A 1276 -17.43 29.84 -6.97
CA GLN A 1276 -18.62 30.35 -6.29
C GLN A 1276 -18.64 29.91 -4.84
N TYR A 1277 -19.39 30.63 -4.01
CA TYR A 1277 -19.56 30.25 -2.61
C TYR A 1277 -20.96 30.58 -2.13
N TYR A 1278 -21.41 29.87 -1.10
CA TYR A 1278 -22.78 30.02 -0.65
C TYR A 1278 -22.96 31.27 0.19
N ASN A 1279 -23.99 32.02 -0.17
CA ASN A 1279 -24.47 33.15 0.60
C ASN A 1279 -25.84 32.79 1.15
N GLY A 1280 -25.88 32.55 2.46
CA GLY A 1280 -27.07 32.10 3.14
C GLY A 1280 -28.06 33.20 3.39
N LYS A 1281 -27.61 34.43 3.25
CA LYS A 1281 -28.47 35.59 3.44
C LYS A 1281 -29.39 35.78 2.23
N ILE A 1282 -28.85 35.61 1.02
CA ILE A 1282 -29.68 35.67 -0.18
C ILE A 1282 -30.09 34.29 -0.66
N HIS A 1283 -29.72 33.26 0.12
CA HIS A 1283 -30.02 31.87 -0.20
C HIS A 1283 -29.59 31.49 -1.60
N ALA A 1284 -28.35 31.82 -1.96
CA ALA A 1284 -27.87 31.54 -3.32
C ALA A 1284 -26.34 31.45 -3.39
N TYR A 1285 -25.80 30.79 -4.42
CA TYR A 1285 -24.36 30.79 -4.63
C TYR A 1285 -23.97 32.04 -5.40
N VAL A 1286 -22.89 32.69 -4.97
CA VAL A 1286 -22.43 33.94 -5.59
C VAL A 1286 -20.99 33.81 -6.04
N ASP A 1287 -20.58 34.66 -6.99
CA ASP A 1287 -19.27 34.58 -7.61
C ASP A 1287 -18.14 35.14 -6.73
N TYR A 1288 -16.94 34.56 -6.86
CA TYR A 1288 -15.73 35.14 -6.29
C TYR A 1288 -15.54 36.57 -6.75
N PRO A 1289 -15.06 37.44 -5.87
CA PRO A 1289 -14.54 38.71 -6.36
C PRO A 1289 -13.42 38.50 -7.36
N ILE A 1290 -13.44 39.24 -8.47
CA ILE A 1290 -12.40 39.13 -9.49
C ILE A 1290 -11.00 39.35 -8.92
N TYR A 1291 -10.91 40.07 -7.80
CA TYR A 1291 -9.63 40.35 -7.17
C TYR A 1291 -9.03 39.09 -6.54
N ASP A 1292 -9.88 38.30 -5.90
CA ASP A 1292 -9.45 37.03 -5.31
C ASP A 1292 -8.93 36.10 -6.41
N VAL A 1293 -9.61 36.09 -7.54
CA VAL A 1293 -9.20 35.25 -8.65
C VAL A 1293 -7.87 35.73 -9.20
N LEU A 1294 -7.69 37.06 -9.31
CA LEU A 1294 -6.44 37.66 -9.79
C LEU A 1294 -5.23 37.37 -8.89
N GLN A 1295 -5.46 37.42 -7.59
CA GLN A 1295 -4.44 37.05 -6.62
C GLN A 1295 -4.08 35.55 -6.78
N MET A 1296 -5.11 34.71 -6.84
CA MET A 1296 -4.94 33.27 -7.00
C MET A 1296 -4.13 32.93 -8.24
N VAL A 1297 -4.53 33.46 -9.39
CA VAL A 1297 -3.79 33.24 -10.61
C VAL A 1297 -2.37 33.74 -10.43
N GLY A 1298 -2.22 34.86 -9.73
CA GLY A 1298 -0.91 35.42 -9.46
C GLY A 1298 0.00 34.50 -8.67
N HIS A 1299 -0.58 33.56 -7.93
CA HIS A 1299 0.22 32.60 -7.19
C HIS A 1299 0.98 31.61 -8.07
N ALA A 1300 0.72 31.56 -9.38
CA ALA A 1300 1.58 30.68 -10.16
C ALA A 1300 2.63 31.52 -10.83
N ASN A 1301 3.72 31.70 -10.10
CA ASN A 1301 4.87 32.47 -10.54
C ASN A 1301 6.12 31.94 -9.86
N ARG A 1302 7.13 31.53 -10.62
CA ARG A 1302 8.41 31.14 -10.02
C ARG A 1302 9.54 31.58 -10.93
N PRO A 1303 9.88 32.88 -10.88
CA PRO A 1303 10.85 33.48 -11.81
C PRO A 1303 12.20 32.77 -11.84
N LEU A 1304 12.65 32.28 -10.70
CA LEU A 1304 13.95 31.60 -10.62
C LEU A 1304 13.88 30.15 -11.13
N GLN A 1305 12.86 29.40 -10.73
CA GLN A 1305 12.73 28.02 -11.16
C GLN A 1305 12.10 27.79 -12.54
N ASP A 1306 11.05 28.54 -12.89
CA ASP A 1306 10.24 28.18 -14.05
C ASP A 1306 10.41 29.12 -15.25
N ASP A 1307 10.22 28.57 -16.45
CA ASP A 1307 10.20 29.36 -17.67
C ASP A 1307 8.78 29.84 -17.99
N GLU A 1308 7.82 29.34 -17.22
CA GLU A 1308 6.44 29.78 -17.35
C GLU A 1308 5.63 29.49 -16.08
N GLY A 1309 4.52 30.21 -15.92
CA GLY A 1309 3.52 29.83 -14.94
C GLY A 1309 2.41 29.11 -15.68
N ARG A 1310 1.57 28.38 -14.96
CA ARG A 1310 0.39 27.75 -15.56
C ARG A 1310 -0.78 27.81 -14.61
N CYS A 1311 -1.95 28.14 -15.14
CA CYS A 1311 -3.14 28.27 -14.33
C CYS A 1311 -4.34 27.66 -15.05
N VAL A 1312 -5.12 26.89 -14.32
CA VAL A 1312 -6.33 26.30 -14.87
C VAL A 1312 -7.49 26.71 -14.01
N ILE A 1313 -8.43 27.43 -14.61
CA ILE A 1313 -9.60 27.88 -13.90
C ILE A 1313 -10.74 26.97 -14.31
N MET A 1314 -11.37 26.34 -13.32
CA MET A 1314 -12.48 25.47 -13.60
C MET A 1314 -13.68 26.14 -12.97
N CYS A 1315 -14.66 26.47 -13.80
CA CYS A 1315 -15.80 27.27 -13.39
C CYS A 1315 -17.06 26.79 -14.09
N GLN A 1316 -18.22 27.21 -13.60
CA GLN A 1316 -19.47 26.96 -14.31
C GLN A 1316 -19.39 27.58 -15.69
N GLY A 1317 -19.97 26.89 -16.67
CA GLY A 1317 -19.89 27.32 -18.06
C GLY A 1317 -20.38 28.72 -18.30
N SER A 1318 -21.46 29.09 -17.62
CA SER A 1318 -22.04 30.42 -17.76
C SER A 1318 -21.07 31.50 -17.35
N LYS A 1319 -20.07 31.12 -16.56
CA LYS A 1319 -19.07 32.06 -16.10
C LYS A 1319 -17.85 32.17 -17.02
N LYS A 1320 -17.69 31.22 -17.94
CA LYS A 1320 -16.44 31.12 -18.69
C LYS A 1320 -16.10 32.42 -19.41
N ASP A 1321 -17.07 32.96 -20.14
CA ASP A 1321 -16.85 34.18 -20.90
C ASP A 1321 -16.33 35.32 -20.03
N PHE A 1322 -16.92 35.49 -18.84
CA PHE A 1322 -16.49 36.51 -17.89
C PHE A 1322 -14.99 36.43 -17.67
N PHE A 1323 -14.49 35.24 -17.36
CA PHE A 1323 -13.09 35.07 -17.02
C PHE A 1323 -12.20 35.26 -18.26
N LYS A 1324 -12.74 35.03 -19.45
CA LYS A 1324 -11.94 35.24 -20.66
C LYS A 1324 -11.74 36.73 -20.90
N LYS A 1325 -12.61 37.54 -20.29
CA LYS A 1325 -12.57 38.98 -20.50
C LYS A 1325 -11.65 39.68 -19.51
N PHE A 1326 -11.96 39.54 -18.22
CA PHE A 1326 -11.29 40.28 -17.15
C PHE A 1326 -10.01 39.62 -16.61
N LEU A 1327 -9.60 38.52 -17.24
CA LEU A 1327 -8.32 37.90 -16.91
C LEU A 1327 -7.28 38.25 -17.97
N TYR A 1328 -7.57 37.90 -19.22
CA TYR A 1328 -6.66 38.19 -20.32
C TYR A 1328 -6.42 39.69 -20.54
N GLU A 1329 -7.49 40.48 -20.50
CA GLU A 1329 -7.36 41.94 -20.65
C GLU A 1329 -7.25 42.68 -19.30
N PRO A 1330 -6.72 43.92 -19.31
CA PRO A 1330 -6.62 44.70 -18.06
C PRO A 1330 -7.98 45.05 -17.46
N LEU A 1331 -8.00 45.21 -16.14
CA LEU A 1331 -9.23 45.33 -15.36
C LEU A 1331 -9.71 46.77 -15.23
N PRO A 1332 -10.95 47.04 -15.67
CA PRO A 1332 -11.58 48.33 -15.32
C PRO A 1332 -12.00 48.40 -13.85
N VAL A 1333 -11.76 49.53 -13.21
CA VAL A 1333 -12.29 49.75 -11.87
C VAL A 1333 -13.19 51.00 -11.85
N GLU A 1334 -14.18 50.97 -10.95
CA GLU A 1334 -15.06 52.11 -10.72
C GLU A 1334 -15.10 52.39 -9.23
N SER A 1335 -15.61 53.55 -8.83
CA SER A 1335 -15.73 53.88 -7.42
C SER A 1335 -17.10 53.48 -6.90
N HIS A 1336 -17.14 52.95 -5.68
CA HIS A 1336 -18.39 52.76 -4.97
C HIS A 1336 -18.60 53.73 -3.79
N LEU A 1337 -17.74 54.74 -3.70
CA LEU A 1337 -17.82 55.72 -2.62
C LEU A 1337 -19.18 56.43 -2.53
N ASP A 1338 -19.85 56.61 -3.67
CA ASP A 1338 -21.12 57.34 -3.68
C ASP A 1338 -22.23 56.61 -2.93
N HIS A 1339 -22.06 55.32 -2.67
CA HIS A 1339 -22.97 54.59 -1.79
C HIS A 1339 -22.47 54.54 -0.34
N CYS A 1340 -21.21 54.93 -0.15
CA CYS A 1340 -20.58 54.96 1.17
C CYS A 1340 -20.42 56.35 1.82
N MET A 1341 -20.91 57.39 1.15
CA MET A 1341 -20.56 58.80 1.47
C MET A 1341 -20.76 59.34 2.90
N HIS A 1342 -21.75 58.82 3.61
CA HIS A 1342 -22.17 59.42 4.88
C HIS A 1342 -21.09 59.50 5.96
N ASP A 1343 -20.45 58.38 6.28
CA ASP A 1343 -19.51 58.35 7.40
C ASP A 1343 -18.30 59.26 7.17
N HIS A 1344 -17.88 59.35 5.91
CA HIS A 1344 -16.75 60.18 5.56
C HIS A 1344 -17.09 61.66 5.59
N PHE A 1345 -18.24 62.02 5.01
CA PHE A 1345 -18.70 63.41 5.11
C PHE A 1345 -18.84 63.82 6.57
N ASN A 1346 -19.46 62.94 7.36
CA ASN A 1346 -19.63 63.19 8.78
C ASN A 1346 -18.30 63.48 9.45
N ALA A 1347 -17.33 62.63 9.15
CA ALA A 1347 -16.00 62.77 9.73
C ALA A 1347 -15.40 64.13 9.38
N GLU A 1348 -15.45 64.50 8.10
CA GLU A 1348 -14.79 65.73 7.68
C GLU A 1348 -15.54 66.96 8.18
N ILE A 1349 -16.81 66.79 8.56
CA ILE A 1349 -17.57 67.88 9.16
C ILE A 1349 -17.19 68.02 10.64
N VAL A 1350 -16.89 66.90 11.30
CA VAL A 1350 -16.46 66.94 12.70
C VAL A 1350 -15.08 67.61 12.87
N THR A 1351 -14.21 67.43 11.88
CA THR A 1351 -12.90 68.09 11.90
C THR A 1351 -12.96 69.44 11.20
N LYS A 1352 -14.16 69.79 10.76
CA LYS A 1352 -14.44 71.07 10.11
C LYS A 1352 -13.64 71.27 8.82
N THR A 1353 -13.41 70.18 8.09
CA THR A 1353 -12.91 70.27 6.74
C THR A 1353 -14.06 70.57 5.77
N ILE A 1354 -15.26 70.11 6.13
CA ILE A 1354 -16.47 70.49 5.39
C ILE A 1354 -17.32 71.36 6.31
N GLU A 1355 -17.34 72.66 6.03
CA GLU A 1355 -18.11 73.60 6.85
C GLU A 1355 -19.43 73.99 6.19
N ASN A 1356 -19.65 73.50 4.97
CA ASN A 1356 -20.79 73.94 4.16
C ASN A 1356 -20.87 73.16 2.86
N LYS A 1357 -21.99 73.28 2.17
CA LYS A 1357 -22.26 72.48 0.98
C LYS A 1357 -21.22 72.67 -0.13
N GLN A 1358 -20.68 73.88 -0.25
CA GLN A 1358 -19.62 74.12 -1.22
C GLN A 1358 -18.37 73.32 -0.86
N ASP A 1359 -18.05 73.31 0.44
CA ASP A 1359 -16.93 72.52 0.94
C ASP A 1359 -17.10 71.05 0.55
N ALA A 1360 -18.33 70.53 0.67
CA ALA A 1360 -18.62 69.15 0.29
C ALA A 1360 -18.39 68.91 -1.21
N VAL A 1361 -18.88 69.81 -2.03
CA VAL A 1361 -18.70 69.68 -3.46
C VAL A 1361 -17.20 69.69 -3.81
N ASP A 1362 -16.42 70.49 -3.08
CA ASP A 1362 -14.98 70.58 -3.34
C ASP A 1362 -14.22 69.35 -2.83
N TYR A 1363 -14.64 68.82 -1.70
CA TYR A 1363 -14.14 67.57 -1.16
C TYR A 1363 -14.27 66.46 -2.19
N LEU A 1364 -15.43 66.38 -2.83
CA LEU A 1364 -15.61 65.35 -3.85
C LEU A 1364 -14.61 65.40 -5.02
N THR A 1365 -14.05 66.57 -5.30
CA THR A 1365 -13.20 66.71 -6.48
C THR A 1365 -11.83 66.08 -6.31
N TRP A 1366 -11.49 65.69 -5.08
CA TRP A 1366 -10.22 65.01 -4.83
C TRP A 1366 -10.32 63.49 -5.05
N THR A 1367 -11.56 62.98 -5.10
CA THR A 1367 -11.83 61.56 -5.23
C THR A 1367 -11.64 60.98 -6.64
N PHE A 1368 -11.53 59.65 -6.69
CA PHE A 1368 -11.53 58.86 -7.93
C PHE A 1368 -12.94 58.83 -8.56
N LEU A 1369 -13.95 58.95 -7.70
CA LEU A 1369 -15.36 59.04 -8.09
C LEU A 1369 -15.57 60.17 -9.10
N TYR A 1370 -15.08 61.35 -8.73
CA TYR A 1370 -15.16 62.55 -9.56
C TYR A 1370 -14.66 62.28 -10.97
N ARG A 1371 -13.51 61.63 -11.07
CA ARG A 1371 -12.94 61.32 -12.37
C ARG A 1371 -13.80 60.31 -13.14
N ARG A 1372 -14.30 59.28 -12.46
CA ARG A 1372 -15.00 58.22 -13.18
C ARG A 1372 -16.41 58.59 -13.63
N MET A 1373 -17.03 59.56 -12.95
CA MET A 1373 -18.40 59.97 -13.28
C MET A 1373 -18.58 60.48 -14.70
N THR A 1374 -17.61 61.18 -15.25
CA THR A 1374 -17.75 61.65 -16.63
C THR A 1374 -17.17 60.64 -17.62
N GLN A 1375 -16.45 59.67 -17.08
CA GLN A 1375 -15.87 58.61 -17.89
C GLN A 1375 -16.91 57.55 -18.22
N ASN A 1376 -17.73 57.22 -17.24
CA ASN A 1376 -18.74 56.18 -17.40
C ASN A 1376 -20.01 56.59 -16.66
N PRO A 1377 -20.73 57.58 -17.22
CA PRO A 1377 -21.88 58.20 -16.56
C PRO A 1377 -22.98 57.21 -16.21
N ASN A 1378 -23.30 56.32 -17.15
CA ASN A 1378 -24.39 55.39 -16.91
C ASN A 1378 -24.15 54.46 -15.74
N TYR A 1379 -22.88 54.15 -15.47
CA TYR A 1379 -22.52 53.31 -14.33
C TYR A 1379 -22.91 53.98 -13.01
N TYR A 1380 -22.75 55.29 -12.96
CA TYR A 1380 -23.08 56.04 -11.75
C TYR A 1380 -24.48 56.66 -11.84
N ASN A 1381 -25.19 56.31 -12.90
CA ASN A 1381 -26.54 56.81 -13.16
C ASN A 1381 -26.59 58.32 -13.45
N LEU A 1382 -25.53 58.83 -14.08
CA LEU A 1382 -25.60 60.14 -14.73
C LEU A 1382 -26.21 59.98 -16.12
N GLN A 1383 -26.93 61.00 -16.57
CA GLN A 1383 -27.53 60.93 -17.90
C GLN A 1383 -26.71 61.68 -18.96
N GLY A 1384 -25.58 62.25 -18.53
CA GLY A 1384 -24.68 62.91 -19.46
C GLY A 1384 -23.29 63.07 -18.89
N ILE A 1385 -22.31 63.30 -19.76
CA ILE A 1385 -20.92 63.50 -19.34
C ILE A 1385 -20.57 64.99 -19.24
N SER A 1386 -21.56 65.83 -19.50
CA SER A 1386 -21.39 67.28 -19.44
C SER A 1386 -21.07 67.77 -18.04
N HIS A 1387 -20.47 68.95 -17.94
CA HIS A 1387 -20.16 69.52 -16.63
C HIS A 1387 -21.44 69.96 -15.92
N ARG A 1388 -22.46 70.29 -16.70
CA ARG A 1388 -23.77 70.59 -16.13
C ARG A 1388 -24.30 69.36 -15.38
N HIS A 1389 -24.27 68.22 -16.07
CA HIS A 1389 -24.69 66.93 -15.50
C HIS A 1389 -23.85 66.54 -14.29
N LEU A 1390 -22.54 66.74 -14.37
CA LEU A 1390 -21.66 66.42 -13.26
C LEU A 1390 -22.04 67.25 -12.04
N SER A 1391 -22.13 68.56 -12.22
CA SER A 1391 -22.45 69.47 -11.11
C SER A 1391 -23.82 69.20 -10.51
N ASP A 1392 -24.80 68.93 -11.37
CA ASP A 1392 -26.13 68.54 -10.91
C ASP A 1392 -26.09 67.28 -10.06
N HIS A 1393 -25.54 66.20 -10.63
CA HIS A 1393 -25.45 64.92 -9.95
C HIS A 1393 -24.67 64.97 -8.62
N LEU A 1394 -23.54 65.67 -8.62
CA LEU A 1394 -22.73 65.83 -7.42
C LEU A 1394 -23.52 66.62 -6.38
N SER A 1395 -24.32 67.58 -6.85
CA SER A 1395 -25.15 68.38 -5.95
C SER A 1395 -26.25 67.54 -5.31
N GLU A 1396 -26.91 66.67 -6.08
CA GLU A 1396 -27.91 65.77 -5.51
C GLU A 1396 -27.27 64.80 -4.51
N LEU A 1397 -26.07 64.33 -4.84
CA LEU A 1397 -25.30 63.47 -3.96
C LEU A 1397 -25.04 64.13 -2.61
N VAL A 1398 -24.41 65.32 -2.67
CA VAL A 1398 -24.10 66.13 -1.50
C VAL A 1398 -25.36 66.40 -0.68
N GLU A 1399 -26.42 66.78 -1.38
CA GLU A 1399 -27.71 67.11 -0.77
C GLU A 1399 -28.25 65.96 0.05
N GLN A 1400 -28.42 64.82 -0.61
CA GLN A 1400 -29.01 63.65 0.05
C GLN A 1400 -28.13 63.16 1.19
N THR A 1401 -26.81 63.21 1.02
CA THR A 1401 -25.90 62.79 2.09
C THR A 1401 -26.06 63.66 3.34
N LEU A 1402 -25.92 64.98 3.15
CA LEU A 1402 -26.08 65.91 4.26
C LEU A 1402 -27.45 65.83 4.93
N SER A 1403 -28.48 65.60 4.12
CA SER A 1403 -29.85 65.48 4.62
C SER A 1403 -30.02 64.25 5.51
N ASP A 1404 -29.53 63.11 5.02
CA ASP A 1404 -29.55 61.87 5.80
C ASP A 1404 -28.78 62.05 7.10
N LEU A 1405 -27.63 62.70 7.02
CA LEU A 1405 -26.82 62.96 8.20
C LEU A 1405 -27.54 63.83 9.21
N GLU A 1406 -28.36 64.77 8.72
CA GLU A 1406 -29.14 65.62 9.61
C GLU A 1406 -30.31 64.85 10.26
N GLN A 1407 -30.98 64.00 9.48
CA GLN A 1407 -32.13 63.28 10.02
C GLN A 1407 -31.71 62.32 11.12
N SER A 1408 -30.45 61.90 11.07
CA SER A 1408 -29.92 60.98 12.06
C SER A 1408 -29.29 61.75 13.22
N LYS A 1409 -29.43 63.08 13.17
CA LYS A 1409 -28.94 63.98 14.22
C LYS A 1409 -27.42 63.95 14.33
N CYS A 1410 -26.76 63.60 13.23
CA CYS A 1410 -25.30 63.65 13.18
C CYS A 1410 -24.80 65.04 12.87
N ILE A 1411 -25.51 65.74 11.98
CA ILE A 1411 -25.12 67.10 11.66
C ILE A 1411 -26.27 68.08 11.77
N SER A 1412 -25.90 69.36 11.84
CA SER A 1412 -26.81 70.49 11.88
C SER A 1412 -26.73 71.26 10.57
N ILE A 1413 -27.87 71.64 10.01
CA ILE A 1413 -27.86 72.42 8.78
C ILE A 1413 -28.54 73.78 8.97
N GLU A 1414 -27.78 74.85 8.74
CA GLU A 1414 -28.24 76.22 8.90
C GLU A 1414 -28.31 76.97 7.56
N ASP A 1415 -29.47 77.54 7.29
CA ASP A 1415 -29.74 78.32 6.09
C ASP A 1415 -29.51 77.52 4.82
N GLU A 1416 -29.61 76.19 4.94
CA GLU A 1416 -29.49 75.29 3.81
C GLU A 1416 -28.10 75.30 3.17
N MET A 1417 -27.19 76.08 3.75
CA MET A 1417 -25.81 76.11 3.29
C MET A 1417 -24.85 75.52 4.32
N ASP A 1418 -24.78 76.13 5.50
CA ASP A 1418 -23.74 75.76 6.47
C ASP A 1418 -24.06 74.49 7.24
N VAL A 1419 -23.02 73.71 7.54
CA VAL A 1419 -23.20 72.48 8.31
C VAL A 1419 -22.34 72.50 9.57
N ALA A 1420 -22.79 71.81 10.61
CA ALA A 1420 -22.04 71.74 11.86
C ALA A 1420 -22.15 70.37 12.51
N PRO A 1421 -21.07 69.91 13.16
CA PRO A 1421 -21.17 68.62 13.85
C PRO A 1421 -22.05 68.66 15.10
N LEU A 1422 -22.92 67.68 15.25
CA LEU A 1422 -23.66 67.52 16.50
C LEU A 1422 -22.97 66.47 17.36
N ASN A 1423 -23.58 66.10 18.47
CA ASN A 1423 -22.95 65.19 19.41
C ASN A 1423 -22.75 63.79 18.82
N LEU A 1424 -23.83 63.19 18.34
CA LEU A 1424 -23.79 61.85 17.75
C LEU A 1424 -22.78 61.78 16.61
N GLY A 1425 -22.76 62.79 15.75
CA GLY A 1425 -21.81 62.82 14.64
C GLY A 1425 -20.37 62.76 15.14
N MET A 1426 -20.11 63.44 16.26
CA MET A 1426 -18.79 63.44 16.85
C MET A 1426 -18.44 62.09 17.45
N ILE A 1427 -19.42 61.47 18.11
CA ILE A 1427 -19.24 60.12 18.61
C ILE A 1427 -18.87 59.18 17.47
N ALA A 1428 -19.68 59.19 16.44
CA ALA A 1428 -19.49 58.32 15.28
C ALA A 1428 -18.14 58.54 14.61
N ALA A 1429 -17.68 59.80 14.59
CA ALA A 1429 -16.40 60.11 13.97
C ALA A 1429 -15.24 59.64 14.84
N TYR A 1430 -15.37 59.81 16.16
CA TYR A 1430 -14.31 59.49 17.09
C TYR A 1430 -14.06 57.98 17.21
N TYR A 1431 -15.12 57.22 17.46
CA TYR A 1431 -15.01 55.77 17.65
C TYR A 1431 -15.06 54.97 16.35
N TYR A 1432 -15.13 55.66 15.21
CA TYR A 1432 -15.21 55.00 13.90
C TYR A 1432 -16.40 54.05 13.81
N ILE A 1433 -17.60 54.62 13.84
CA ILE A 1433 -18.85 53.88 13.83
C ILE A 1433 -19.80 54.46 12.79
N ASN A 1434 -20.52 53.61 12.07
CA ASN A 1434 -21.49 54.07 11.07
C ASN A 1434 -22.58 54.94 11.69
N TYR A 1435 -23.06 55.93 10.94
CA TYR A 1435 -24.04 56.87 11.47
C TYR A 1435 -25.38 56.21 11.80
N THR A 1436 -25.77 55.20 11.02
CA THR A 1436 -27.03 54.52 11.30
C THR A 1436 -26.90 53.73 12.59
N THR A 1437 -25.68 53.32 12.93
CA THR A 1437 -25.46 52.56 14.16
C THR A 1437 -25.67 53.42 15.40
N ILE A 1438 -25.03 54.59 15.48
CA ILE A 1438 -25.23 55.45 16.64
C ILE A 1438 -26.63 56.05 16.64
N GLU A 1439 -27.21 56.23 15.46
CA GLU A 1439 -28.60 56.66 15.37
C GLU A 1439 -29.48 55.62 16.04
N LEU A 1440 -29.22 54.37 15.70
CA LEU A 1440 -29.92 53.23 16.26
C LEU A 1440 -29.73 53.14 17.76
N PHE A 1441 -28.50 53.37 18.22
CA PHE A 1441 -28.17 53.35 19.63
C PHE A 1441 -29.02 54.37 20.36
N SER A 1442 -28.96 55.61 19.88
CA SER A 1442 -29.70 56.70 20.49
C SER A 1442 -31.19 56.45 20.51
N MET A 1443 -31.70 55.73 19.50
CA MET A 1443 -33.12 55.42 19.47
C MET A 1443 -33.49 54.30 20.44
N SER A 1444 -32.62 53.30 20.58
CA SER A 1444 -32.93 52.11 21.38
C SER A 1444 -32.47 52.16 22.84
N LEU A 1445 -31.61 53.12 23.18
CA LEU A 1445 -31.08 53.22 24.55
C LEU A 1445 -31.95 54.12 25.42
N ASN A 1446 -32.13 53.72 26.67
CA ASN A 1446 -32.89 54.51 27.63
C ASN A 1446 -32.37 54.31 29.05
N ALA A 1447 -33.03 54.96 30.01
CA ALA A 1447 -32.61 54.91 31.40
C ALA A 1447 -32.72 53.50 31.98
N LYS A 1448 -33.60 52.70 31.41
CA LYS A 1448 -33.86 51.34 31.90
C LYS A 1448 -32.98 50.27 31.25
N THR A 1449 -32.12 50.66 30.31
CA THR A 1449 -31.34 49.70 29.52
C THR A 1449 -30.32 48.92 30.36
N LYS A 1450 -30.29 47.60 30.18
CA LYS A 1450 -29.40 46.74 30.96
C LYS A 1450 -28.41 45.95 30.10
N VAL A 1451 -27.63 45.10 30.74
CA VAL A 1451 -26.64 44.24 30.06
C VAL A 1451 -27.24 43.47 28.89
N ARG A 1452 -28.24 42.64 29.15
CA ARG A 1452 -28.92 41.90 28.09
C ARG A 1452 -29.38 42.84 26.97
N GLY A 1453 -30.03 43.94 27.35
CA GLY A 1453 -30.49 44.92 26.38
C GLY A 1453 -29.36 45.56 25.59
N LEU A 1454 -28.21 45.72 26.26
CA LEU A 1454 -27.04 46.31 25.62
C LEU A 1454 -26.41 45.36 24.60
N ILE A 1455 -26.38 44.07 24.93
CA ILE A 1455 -25.86 43.07 24.00
C ILE A 1455 -26.78 42.99 22.79
N GLU A 1456 -28.08 42.94 23.06
CA GLU A 1456 -29.09 42.91 22.01
C GLU A 1456 -28.97 44.14 21.09
N ILE A 1457 -28.66 45.29 21.68
CA ILE A 1457 -28.54 46.51 20.90
C ILE A 1457 -27.25 46.53 20.07
N ILE A 1458 -26.10 46.24 20.69
CA ILE A 1458 -24.83 46.29 19.97
C ILE A 1458 -24.75 45.22 18.88
N SER A 1459 -25.43 44.10 19.07
CA SER A 1459 -25.46 43.05 18.03
C SER A 1459 -26.19 43.55 16.80
N ASN A 1460 -27.00 44.59 16.97
CA ASN A 1460 -27.81 45.15 15.88
C ASN A 1460 -27.09 46.23 15.07
N ALA A 1461 -25.83 46.45 15.39
CA ALA A 1461 -25.02 47.46 14.72
C ALA A 1461 -24.88 47.16 13.23
N ALA A 1462 -24.60 48.20 12.44
CA ALA A 1462 -24.46 48.05 11.00
C ALA A 1462 -23.15 47.34 10.65
N GLU A 1463 -22.16 47.46 11.53
CA GLU A 1463 -20.86 46.82 11.31
C GLU A 1463 -21.02 45.32 11.19
N TYR A 1464 -22.09 44.82 11.79
CA TYR A 1464 -22.33 43.41 11.87
C TYR A 1464 -23.22 42.91 10.74
N GLU A 1465 -23.63 43.81 9.86
CA GLU A 1465 -24.44 43.41 8.72
C GLU A 1465 -23.64 42.50 7.78
N ASN A 1466 -22.32 42.68 7.78
CA ASN A 1466 -21.47 41.97 6.83
C ASN A 1466 -20.96 40.62 7.35
N ILE A 1467 -21.39 40.24 8.54
CA ILE A 1467 -21.15 38.87 9.02
C ILE A 1467 -21.89 37.92 8.09
N PRO A 1468 -21.15 36.95 7.52
CA PRO A 1468 -21.69 36.04 6.52
C PRO A 1468 -22.59 34.98 7.11
N ILE A 1469 -23.50 34.44 6.30
CA ILE A 1469 -24.23 33.25 6.67
C ILE A 1469 -23.82 32.12 5.74
N ARG A 1470 -23.20 31.08 6.28
CA ARG A 1470 -22.66 30.02 5.43
C ARG A 1470 -23.64 28.87 5.28
N HIS A 1471 -23.25 27.87 4.51
CA HIS A 1471 -24.14 26.78 4.18
C HIS A 1471 -24.53 25.98 5.43
N HIS A 1472 -25.84 25.85 5.62
CA HIS A 1472 -26.41 25.11 6.76
C HIS A 1472 -25.95 25.67 8.11
N GLU A 1473 -25.71 26.97 8.17
CA GLU A 1473 -25.36 27.63 9.43
C GLU A 1473 -26.56 27.90 10.31
N ASP A 1474 -27.75 27.91 9.71
CA ASP A 1474 -28.98 28.12 10.47
C ASP A 1474 -29.22 27.02 11.50
N ASN A 1475 -28.89 25.78 11.13
CA ASN A 1475 -29.00 24.65 12.03
C ASN A 1475 -28.06 24.78 13.24
N LEU A 1476 -26.83 25.19 12.97
CA LEU A 1476 -25.79 25.25 13.99
C LEU A 1476 -26.06 26.43 14.92
N LEU A 1477 -26.61 27.50 14.33
CA LEU A 1477 -26.98 28.67 15.11
C LEU A 1477 -28.26 28.43 15.88
N ARG A 1478 -29.07 27.47 15.44
CA ARG A 1478 -30.27 27.11 16.20
C ARG A 1478 -29.87 26.30 17.42
N GLN A 1479 -28.93 25.39 17.22
CA GLN A 1479 -28.45 24.62 18.34
C GLN A 1479 -27.70 25.52 19.31
N LEU A 1480 -26.91 26.47 18.79
CA LEU A 1480 -26.22 27.41 19.66
C LEU A 1480 -27.22 28.30 20.39
N ALA A 1481 -28.32 28.63 19.72
CA ALA A 1481 -29.40 29.43 20.29
C ALA A 1481 -30.02 28.72 21.48
N GLN A 1482 -30.06 27.39 21.43
CA GLN A 1482 -30.59 26.60 22.55
C GLN A 1482 -29.59 26.50 23.73
N LYS A 1483 -28.30 26.70 23.46
CA LYS A 1483 -27.25 26.54 24.49
C LYS A 1483 -26.84 27.83 25.22
N VAL A 1484 -27.50 28.94 24.94
CA VAL A 1484 -27.07 30.22 25.51
C VAL A 1484 -28.03 30.74 26.56
N PRO A 1485 -27.51 31.53 27.53
CA PRO A 1485 -28.29 32.10 28.64
C PRO A 1485 -29.53 32.88 28.21
N HIS A 1486 -29.42 33.70 27.18
CA HIS A 1486 -30.53 34.56 26.78
C HIS A 1486 -31.21 34.05 25.51
N LYS A 1487 -32.44 33.59 25.65
CA LYS A 1487 -33.23 33.14 24.52
C LYS A 1487 -33.64 34.33 23.65
N LEU A 1488 -33.61 34.12 22.35
CA LEU A 1488 -33.99 35.17 21.40
C LEU A 1488 -35.43 34.95 20.95
N ASN A 1489 -36.18 36.04 20.79
CA ASN A 1489 -37.57 35.90 20.37
C ASN A 1489 -37.72 35.62 18.87
N ASN A 1490 -38.40 34.49 18.58
CA ASN A 1490 -38.62 33.98 17.21
C ASN A 1490 -37.52 34.36 16.21
N PRO A 1491 -36.26 33.98 16.52
CA PRO A 1491 -35.12 34.44 15.72
C PRO A 1491 -35.02 33.81 14.34
N LYS A 1492 -34.67 34.65 13.36
CA LYS A 1492 -34.34 34.15 12.04
C LYS A 1492 -32.83 33.93 12.00
N PHE A 1493 -32.44 32.72 11.60
CA PHE A 1493 -31.05 32.30 11.76
C PHE A 1493 -30.18 32.56 10.53
N ASN A 1494 -30.75 33.19 9.51
CA ASN A 1494 -29.92 33.78 8.46
C ASN A 1494 -29.71 35.27 8.71
N ASP A 1495 -30.20 35.74 9.85
CA ASP A 1495 -30.02 37.12 10.26
C ASP A 1495 -28.67 37.29 10.92
N PRO A 1496 -27.77 38.06 10.29
CA PRO A 1496 -26.43 38.28 10.82
C PRO A 1496 -26.44 38.91 12.21
N HIS A 1497 -27.49 39.65 12.55
CA HIS A 1497 -27.56 40.29 13.85
C HIS A 1497 -27.96 39.30 14.93
N VAL A 1498 -28.82 38.36 14.56
CA VAL A 1498 -29.17 37.24 15.42
C VAL A 1498 -27.92 36.40 15.63
N LYS A 1499 -27.17 36.20 14.55
CA LYS A 1499 -25.95 35.42 14.61
C LYS A 1499 -24.94 36.05 15.55
N THR A 1500 -24.72 37.36 15.43
CA THR A 1500 -23.77 38.06 16.27
C THR A 1500 -24.25 38.13 17.72
N ASN A 1501 -25.55 38.15 17.92
CA ASN A 1501 -26.10 38.07 19.27
C ASN A 1501 -25.69 36.74 19.91
N LEU A 1502 -26.01 35.66 19.20
CA LEU A 1502 -25.72 34.31 19.67
C LEU A 1502 -24.23 34.06 19.87
N LEU A 1503 -23.39 34.56 18.95
CA LEU A 1503 -21.96 34.40 19.10
C LEU A 1503 -21.40 35.28 20.22
N LEU A 1504 -22.07 36.39 20.52
CA LEU A 1504 -21.66 37.23 21.65
C LEU A 1504 -21.90 36.48 22.96
N GLN A 1505 -23.11 35.92 23.10
CA GLN A 1505 -23.40 35.09 24.25
C GLN A 1505 -22.47 33.86 24.32
N ALA A 1506 -22.15 33.30 23.16
CA ALA A 1506 -21.23 32.17 23.07
C ALA A 1506 -19.85 32.56 23.60
N HIS A 1507 -19.41 33.77 23.25
CA HIS A 1507 -18.08 34.23 23.66
C HIS A 1507 -18.04 34.50 25.16
N LEU A 1508 -19.12 35.06 25.69
CA LEU A 1508 -19.18 35.30 27.14
C LEU A 1508 -19.16 33.99 27.94
N SER A 1509 -19.76 32.94 27.38
CA SER A 1509 -19.80 31.63 28.04
C SER A 1509 -18.59 30.75 27.76
N ARG A 1510 -17.67 31.25 26.93
CA ARG A 1510 -16.47 30.50 26.52
C ARG A 1510 -16.82 29.17 25.86
N MET A 1511 -17.90 29.18 25.09
CA MET A 1511 -18.28 28.03 24.28
C MET A 1511 -17.39 27.97 23.04
N GLN A 1512 -16.76 26.82 22.80
CA GLN A 1512 -15.95 26.66 21.60
C GLN A 1512 -16.83 26.23 20.43
N LEU A 1513 -16.50 26.71 19.24
CA LEU A 1513 -17.37 26.63 18.08
C LEU A 1513 -16.61 26.12 16.86
N SER A 1514 -17.30 26.01 15.73
CA SER A 1514 -16.63 25.63 14.50
C SER A 1514 -15.64 26.73 14.11
N ALA A 1515 -14.66 26.38 13.29
CA ALA A 1515 -13.61 27.32 12.89
C ALA A 1515 -14.18 28.63 12.35
N GLU A 1516 -15.18 28.51 11.49
CA GLU A 1516 -15.78 29.67 10.84
C GLU A 1516 -16.48 30.57 11.85
N LEU A 1517 -17.27 29.98 12.73
CA LEU A 1517 -17.92 30.71 13.82
C LEU A 1517 -16.89 31.38 14.73
N GLN A 1518 -15.72 30.75 14.85
CA GLN A 1518 -14.66 31.31 15.67
C GLN A 1518 -14.06 32.55 15.02
N SER A 1519 -13.84 32.49 13.71
CA SER A 1519 -13.28 33.64 12.99
C SER A 1519 -14.29 34.79 12.98
N ASP A 1520 -15.56 34.43 12.85
CA ASP A 1520 -16.65 35.40 12.90
C ASP A 1520 -16.64 36.09 14.26
N THR A 1521 -16.52 35.28 15.31
CA THR A 1521 -16.47 35.79 16.67
C THR A 1521 -15.28 36.74 16.86
N GLU A 1522 -14.14 36.41 16.26
CA GLU A 1522 -12.99 37.31 16.29
C GLU A 1522 -13.35 38.68 15.69
N GLU A 1523 -13.93 38.63 14.49
CA GLU A 1523 -14.29 39.85 13.76
C GLU A 1523 -15.27 40.71 14.55
N ILE A 1524 -16.23 40.07 15.22
CA ILE A 1524 -17.19 40.75 16.10
C ILE A 1524 -16.51 41.44 17.29
N LEU A 1525 -15.70 40.67 17.99
CA LEU A 1525 -15.01 41.13 19.17
C LEU A 1525 -14.13 42.34 18.90
N SER A 1526 -13.56 42.39 17.70
CA SER A 1526 -12.72 43.52 17.32
C SER A 1526 -13.43 44.87 17.52
N LYS A 1527 -14.65 45.00 17.02
CA LYS A 1527 -15.40 46.26 17.09
C LYS A 1527 -16.37 46.37 18.28
N ALA A 1528 -16.52 45.26 19.01
CA ALA A 1528 -17.41 45.25 20.19
C ALA A 1528 -17.08 46.36 21.21
N ILE A 1529 -15.79 46.62 21.41
CA ILE A 1529 -15.36 47.64 22.38
C ILE A 1529 -15.79 49.04 21.96
N ARG A 1530 -15.46 49.43 20.73
CA ARG A 1530 -15.81 50.75 20.23
C ARG A 1530 -17.33 50.94 20.27
N LEU A 1531 -18.09 49.89 19.95
CA LEU A 1531 -19.55 49.98 20.05
C LEU A 1531 -20.01 50.24 21.50
N ILE A 1532 -19.43 49.50 22.44
CA ILE A 1532 -19.79 49.64 23.85
C ILE A 1532 -19.46 51.04 24.41
N GLN A 1533 -18.28 51.53 24.08
CA GLN A 1533 -17.85 52.86 24.47
C GLN A 1533 -18.77 53.93 23.90
N ALA A 1534 -19.23 53.72 22.66
CA ALA A 1534 -20.21 54.60 22.08
C ALA A 1534 -21.52 54.58 22.87
N CYS A 1535 -21.93 53.39 23.31
CA CYS A 1535 -23.12 53.30 24.13
C CYS A 1535 -22.95 54.08 25.43
N VAL A 1536 -21.75 54.02 25.99
CA VAL A 1536 -21.45 54.74 27.22
C VAL A 1536 -21.62 56.23 27.01
N ASP A 1537 -20.98 56.75 25.96
CA ASP A 1537 -21.08 58.17 25.65
C ASP A 1537 -22.53 58.62 25.43
N VAL A 1538 -23.28 57.88 24.62
CA VAL A 1538 -24.69 58.22 24.37
C VAL A 1538 -25.47 58.22 25.69
N LEU A 1539 -25.28 57.18 26.48
CA LEU A 1539 -26.04 57.00 27.72
C LEU A 1539 -25.76 58.09 28.74
N SER A 1540 -24.49 58.45 28.92
CA SER A 1540 -24.14 59.51 29.86
C SER A 1540 -24.62 60.87 29.34
N SER A 1541 -24.52 61.08 28.03
CA SER A 1541 -24.98 62.33 27.43
C SER A 1541 -26.45 62.60 27.72
N ASN A 1542 -27.22 61.54 27.96
CA ASN A 1542 -28.62 61.68 28.39
C ASN A 1542 -28.76 61.66 29.91
N GLY A 1543 -27.64 61.55 30.60
CA GLY A 1543 -27.63 61.55 32.06
C GLY A 1543 -28.29 60.35 32.73
N TRP A 1544 -27.96 59.17 32.23
CA TRP A 1544 -28.46 57.92 32.81
C TRP A 1544 -27.31 57.11 33.40
N LEU A 1545 -27.37 56.85 34.70
CA LEU A 1545 -26.25 56.25 35.43
C LEU A 1545 -26.18 54.73 35.28
N SER A 1546 -27.21 54.04 35.77
CA SER A 1546 -27.25 52.59 35.76
C SER A 1546 -26.97 51.93 34.40
N PRO A 1547 -27.60 52.41 33.31
CA PRO A 1547 -27.29 51.72 32.05
C PRO A 1547 -25.85 51.95 31.59
N ALA A 1548 -25.29 53.10 31.91
CA ALA A 1548 -23.91 53.40 31.53
C ALA A 1548 -22.95 52.50 32.28
N LEU A 1549 -23.18 52.36 33.59
CA LEU A 1549 -22.36 51.47 34.41
C LEU A 1549 -22.48 50.04 33.90
N ALA A 1550 -23.71 49.63 33.57
CA ALA A 1550 -23.97 48.35 32.93
C ALA A 1550 -23.14 48.17 31.66
N ALA A 1551 -23.05 49.22 30.85
CA ALA A 1551 -22.24 49.21 29.64
C ALA A 1551 -20.76 49.00 29.96
N MET A 1552 -20.28 49.61 31.04
CA MET A 1552 -18.88 49.47 31.43
C MET A 1552 -18.60 48.03 31.86
N GLU A 1553 -19.54 47.48 32.63
CA GLU A 1553 -19.43 46.08 33.06
C GLU A 1553 -19.43 45.15 31.86
N LEU A 1554 -20.29 45.44 30.89
CA LEU A 1554 -20.33 44.68 29.65
C LEU A 1554 -19.01 44.76 28.90
N ALA A 1555 -18.37 45.93 28.92
CA ALA A 1555 -17.06 46.08 28.30
C ALA A 1555 -16.03 45.17 28.97
N GLN A 1556 -15.99 45.21 30.30
CA GLN A 1556 -15.06 44.35 31.03
C GLN A 1556 -15.31 42.88 30.72
N MET A 1557 -16.55 42.44 30.86
CA MET A 1557 -16.88 41.03 30.74
C MET A 1557 -16.83 40.54 29.29
N VAL A 1558 -16.82 41.46 28.34
CA VAL A 1558 -16.55 41.10 26.96
C VAL A 1558 -15.04 40.97 26.75
N THR A 1559 -14.27 41.79 27.45
CA THR A 1559 -12.82 41.72 27.32
C THR A 1559 -12.23 40.45 27.91
N GLN A 1560 -12.65 40.09 29.13
CA GLN A 1560 -12.09 38.94 29.83
C GLN A 1560 -12.84 37.65 29.56
N ALA A 1561 -13.89 37.72 28.73
CA ALA A 1561 -14.64 36.55 28.32
C ALA A 1561 -15.21 35.80 29.52
N MET A 1562 -16.11 36.46 30.23
CA MET A 1562 -16.79 35.88 31.38
C MET A 1562 -18.14 36.57 31.49
N TRP A 1563 -19.07 36.01 32.24
CA TRP A 1563 -20.39 36.63 32.31
C TRP A 1563 -20.55 37.59 33.48
N SER A 1564 -21.71 38.25 33.50
CA SER A 1564 -22.07 39.25 34.49
C SER A 1564 -21.99 38.69 35.91
N LYS A 1565 -22.85 37.73 36.20
CA LYS A 1565 -22.87 37.13 37.52
C LYS A 1565 -22.15 35.79 37.48
N ASP A 1566 -20.93 35.77 38.02
CA ASP A 1566 -20.08 34.59 38.12
C ASP A 1566 -18.83 34.92 38.91
N SER A 1567 -18.03 33.90 39.24
CA SER A 1567 -16.78 34.12 39.95
C SER A 1567 -15.83 35.03 39.18
N TYR A 1568 -15.28 36.01 39.88
CA TYR A 1568 -14.33 36.96 39.29
C TYR A 1568 -12.97 36.33 39.02
N LEU A 1569 -12.77 35.11 39.51
CA LEU A 1569 -11.47 34.46 39.45
C LEU A 1569 -11.24 33.77 38.11
N LYS A 1570 -12.27 33.80 37.26
CA LYS A 1570 -12.20 33.18 35.94
C LYS A 1570 -11.20 33.88 35.00
N GLN A 1571 -10.78 35.09 35.36
CA GLN A 1571 -9.82 35.86 34.55
C GLN A 1571 -8.43 35.22 34.53
N LEU A 1572 -8.09 34.51 35.59
CA LEU A 1572 -6.78 33.89 35.71
C LEU A 1572 -6.71 32.68 34.78
N PRO A 1573 -5.64 32.60 33.97
CA PRO A 1573 -5.52 31.56 32.93
C PRO A 1573 -5.67 30.15 33.48
N HIS A 1574 -6.32 29.30 32.69
CA HIS A 1574 -6.43 27.85 32.92
C HIS A 1574 -7.44 27.52 34.02
N PHE A 1575 -7.96 28.53 34.70
CA PHE A 1575 -8.95 28.29 35.74
C PHE A 1575 -10.28 28.01 35.06
N THR A 1576 -10.91 26.88 35.37
CA THR A 1576 -12.18 26.55 34.74
C THR A 1576 -13.21 25.90 35.66
N SER A 1577 -14.42 26.44 35.65
CA SER A 1577 -15.60 25.78 36.23
C SER A 1577 -15.40 25.21 37.62
N GLU A 1578 -15.48 23.89 37.70
CA GLU A 1578 -15.50 23.12 38.93
C GLU A 1578 -14.10 22.86 39.50
N HIS A 1579 -13.09 23.50 38.89
CA HIS A 1579 -11.68 23.32 39.30
C HIS A 1579 -11.52 23.34 40.83
N ILE A 1580 -11.85 24.45 41.47
CA ILE A 1580 -12.02 24.46 42.93
C ILE A 1580 -13.20 25.33 43.37
N LYS A 1581 -14.00 24.76 44.27
CA LYS A 1581 -15.08 25.43 44.99
C LYS A 1581 -14.48 26.00 46.26
N ARG A 1582 -13.15 26.15 46.24
CA ARG A 1582 -12.26 26.10 47.39
C ARG A 1582 -12.77 26.67 48.71
N CYS A 1583 -12.93 27.99 48.81
CA CYS A 1583 -13.26 28.61 50.08
C CYS A 1583 -14.75 28.50 50.39
N THR A 1584 -15.54 29.30 49.68
CA THR A 1584 -17.00 29.36 49.85
C THR A 1584 -17.39 29.57 51.31
N GLU A 1589 -12.05 33.68 47.06
CA GLU A 1589 -13.17 33.98 46.17
C GLU A 1589 -12.83 35.17 45.26
N SER A 1590 -12.16 36.16 45.84
CA SER A 1590 -11.79 37.38 45.10
C SER A 1590 -10.29 37.42 44.80
N VAL A 1591 -9.95 37.64 43.54
CA VAL A 1591 -8.57 37.62 43.08
C VAL A 1591 -7.66 38.63 43.78
N PHE A 1592 -8.24 39.69 44.34
CA PHE A 1592 -7.41 40.64 45.08
C PHE A 1592 -7.11 40.11 46.48
N ASP A 1593 -8.10 39.51 47.12
CA ASP A 1593 -7.91 38.92 48.44
C ASP A 1593 -7.33 37.52 48.37
N ILE A 1594 -7.49 36.86 47.22
CA ILE A 1594 -6.80 35.59 47.02
C ILE A 1594 -5.33 35.91 46.95
N MET A 1595 -4.98 37.04 46.35
CA MET A 1595 -3.60 37.44 46.37
C MET A 1595 -3.36 38.49 47.45
N GLU A 1596 -2.96 38.04 48.62
CA GLU A 1596 -2.33 38.88 49.63
C GLU A 1596 -0.89 38.44 49.52
N MET A 1597 -0.73 37.60 48.48
CA MET A 1597 0.48 37.12 47.79
C MET A 1597 1.38 36.24 48.64
N GLU A 1598 0.88 35.79 49.78
CA GLU A 1598 1.04 34.44 50.35
C GLU A 1598 2.38 33.72 50.13
N ASP A 1599 2.27 32.39 50.13
CA ASP A 1599 2.79 31.44 49.14
C ASP A 1599 1.66 30.40 49.17
N GLU A 1600 1.53 29.88 50.38
CA GLU A 1600 0.33 29.26 50.96
C GLU A 1600 -0.23 27.94 50.45
N GLU A 1601 -1.55 27.94 50.25
CA GLU A 1601 -2.31 26.73 49.97
C GLU A 1601 -2.55 26.47 48.50
N ARG A 1602 -1.87 27.23 47.63
CA ARG A 1602 -1.87 26.96 46.20
C ARG A 1602 -1.56 25.47 45.99
N ASN A 1603 -0.70 24.92 46.85
CA ASN A 1603 -0.51 23.47 46.93
C ASN A 1603 -1.79 22.79 47.42
N ALA A 1604 -2.29 23.23 48.58
CA ALA A 1604 -3.40 22.58 49.26
C ALA A 1604 -4.73 22.64 48.50
N LEU A 1605 -5.20 23.84 48.16
CA LEU A 1605 -6.40 23.94 47.34
C LEU A 1605 -6.08 24.53 45.97
N LEU A 1606 -6.05 23.63 44.99
CA LEU A 1606 -5.80 23.92 43.57
C LEU A 1606 -5.66 22.60 42.84
N GLN A 1607 -5.55 22.68 41.53
CA GLN A 1607 -4.97 21.59 40.75
C GLN A 1607 -3.70 22.18 40.13
N LEU A 1608 -2.56 21.63 40.48
CA LEU A 1608 -1.30 22.36 40.35
C LEU A 1608 -0.58 22.13 39.03
N THR A 1609 -0.65 23.13 38.16
CA THR A 1609 0.07 23.13 36.88
C THR A 1609 1.39 23.83 37.12
N ASP A 1610 2.42 23.47 36.37
CA ASP A 1610 3.71 24.18 36.47
C ASP A 1610 3.74 25.39 35.53
N SER A 1611 3.16 25.25 34.35
CA SER A 1611 3.16 26.32 33.36
C SER A 1611 2.22 27.47 33.74
N GLN A 1612 1.07 27.12 34.31
CA GLN A 1612 0.08 28.13 34.66
C GLN A 1612 0.43 28.88 35.94
N ILE A 1613 1.44 28.40 36.67
CA ILE A 1613 1.98 29.19 37.77
C ILE A 1613 2.73 30.39 37.19
N ALA A 1614 3.49 30.14 36.13
CA ALA A 1614 4.23 31.21 35.47
C ALA A 1614 3.29 32.13 34.71
N ASP A 1615 2.24 31.55 34.12
CA ASP A 1615 1.31 32.37 33.37
C ASP A 1615 0.43 33.22 34.29
N VAL A 1616 -0.07 32.63 35.38
CA VAL A 1616 -0.84 33.35 36.39
C VAL A 1616 0.02 34.42 37.09
N ALA A 1617 1.27 34.08 37.39
CA ALA A 1617 2.20 35.03 37.98
C ALA A 1617 2.41 36.20 37.03
N ARG A 1618 2.46 35.89 35.74
CA ARG A 1618 2.59 36.92 34.73
C ARG A 1618 1.30 37.76 34.66
N PHE A 1619 0.18 37.14 35.03
CA PHE A 1619 -1.10 37.84 35.03
C PHE A 1619 -1.22 38.85 36.17
N CYS A 1620 -0.79 38.46 37.37
CA CYS A 1620 -0.98 39.33 38.53
C CYS A 1620 -0.02 40.53 38.57
N ASN A 1621 1.10 40.42 37.85
CA ASN A 1621 2.05 41.53 37.76
C ASN A 1621 1.60 42.54 36.71
N ARG A 1622 0.53 42.18 36.01
CA ARG A 1622 -0.07 42.98 34.96
C ARG A 1622 -1.39 43.49 35.49
N TYR A 1623 -2.22 42.55 35.95
CA TYR A 1623 -3.57 42.81 36.44
C TYR A 1623 -3.59 44.03 37.36
N PRO A 1624 -4.55 44.94 37.10
CA PRO A 1624 -4.61 46.27 37.70
C PRO A 1624 -4.60 46.26 39.22
N ASN A 1625 -3.77 47.15 39.75
CA ASN A 1625 -3.59 47.39 41.17
C ASN A 1625 -4.01 48.83 41.34
N ILE A 1626 -5.04 49.12 42.12
CA ILE A 1626 -5.47 50.51 42.25
C ILE A 1626 -6.09 50.90 43.60
N GLU A 1627 -5.69 52.07 44.09
CA GLU A 1627 -6.32 52.73 45.25
C GLU A 1627 -6.56 54.21 44.91
N LEU A 1628 -7.61 54.78 45.50
CA LEU A 1628 -8.09 56.08 45.07
C LEU A 1628 -8.26 57.09 46.19
N SER A 1629 -7.58 58.23 46.06
CA SER A 1629 -7.90 59.37 46.90
C SER A 1629 -8.62 60.46 46.12
N TYR A 1630 -9.46 61.21 46.83
CA TYR A 1630 -10.19 62.32 46.24
C TYR A 1630 -10.53 63.40 47.28
N GLU A 1631 -10.45 64.65 46.85
CA GLU A 1631 -10.90 65.79 47.65
C GLU A 1631 -11.84 66.62 46.79
N VAL A 1632 -12.92 67.14 47.36
CA VAL A 1632 -13.71 68.11 46.60
C VAL A 1632 -13.23 69.51 47.05
N VAL A 1633 -12.60 70.19 46.11
CA VAL A 1633 -11.88 71.44 46.37
C VAL A 1633 -12.78 72.54 46.93
N ASP A 1634 -12.34 73.16 48.02
CA ASP A 1634 -13.11 74.22 48.68
C ASP A 1634 -14.50 73.70 49.06
N LYS A 1635 -14.54 72.88 50.12
CA LYS A 1635 -15.71 72.06 50.46
C LYS A 1635 -17.04 72.79 50.53
N ASP A 1636 -17.22 73.58 51.59
CA ASP A 1636 -18.53 74.16 51.88
C ASP A 1636 -18.69 75.61 51.43
N SER A 1637 -17.67 76.14 50.74
CA SER A 1637 -17.78 77.48 50.17
C SER A 1637 -18.67 77.45 48.93
N ILE A 1638 -19.03 76.25 48.50
CA ILE A 1638 -19.85 76.03 47.31
C ILE A 1638 -21.34 76.08 47.66
N ARG A 1639 -22.09 76.94 46.99
CA ARG A 1639 -23.52 77.06 47.27
C ARG A 1639 -24.31 76.95 45.95
N SER A 1640 -25.62 76.80 46.06
CA SER A 1640 -26.50 76.41 44.95
C SER A 1640 -26.32 77.16 43.64
N GLY A 1641 -26.36 76.40 42.55
CA GLY A 1641 -26.21 76.92 41.21
C GLY A 1641 -24.75 77.11 40.83
N GLY A 1642 -23.86 76.93 41.80
CA GLY A 1642 -22.45 77.19 41.58
C GLY A 1642 -21.64 75.93 41.32
N PRO A 1643 -20.38 76.11 40.89
CA PRO A 1643 -19.48 75.02 40.52
C PRO A 1643 -19.04 74.14 41.70
N VAL A 1644 -19.10 72.84 41.50
CA VAL A 1644 -18.54 71.87 42.43
C VAL A 1644 -17.44 71.11 41.72
N VAL A 1645 -16.25 71.08 42.33
CA VAL A 1645 -15.12 70.40 41.71
C VAL A 1645 -14.62 69.27 42.59
N VAL A 1646 -14.78 68.04 42.09
CA VAL A 1646 -14.25 66.87 42.76
C VAL A 1646 -12.96 66.45 42.07
N LEU A 1647 -11.86 66.62 42.78
CA LEU A 1647 -10.53 66.26 42.28
C LEU A 1647 -10.13 64.87 42.78
N VAL A 1648 -9.83 63.99 41.84
CA VAL A 1648 -9.52 62.59 42.07
C VAL A 1648 -8.07 62.32 41.60
N GLN A 1649 -7.37 61.42 42.29
CA GLN A 1649 -5.95 61.22 42.00
C GLN A 1649 -5.51 59.75 41.94
N LEU A 1650 -4.92 59.36 40.80
CA LEU A 1650 -4.45 57.99 40.61
C LEU A 1650 -2.92 57.90 40.62
N GLU A 1651 -2.37 57.28 41.65
CA GLU A 1651 -0.93 57.04 41.78
C GLU A 1651 -0.76 55.57 42.08
N ARG A 1652 0.27 54.90 41.57
CA ARG A 1652 0.29 53.44 41.69
C ARG A 1652 1.57 52.71 42.18
N GLU A 1653 1.37 51.59 42.87
CA GLU A 1653 2.39 50.59 43.16
C GLU A 1653 2.45 49.54 42.05
N GLU A 1654 3.65 49.04 41.78
CA GLU A 1654 3.87 48.02 40.74
C GLU A 1654 3.51 48.55 39.36
N GLU A 1655 4.36 49.42 38.83
CA GLU A 1655 4.14 50.15 37.58
C GLU A 1655 4.08 49.31 36.31
N VAL A 1656 3.52 49.92 35.26
CA VAL A 1656 3.09 49.22 34.05
C VAL A 1656 4.20 48.80 33.09
N THR A 1657 4.16 47.52 32.72
CA THR A 1657 4.92 46.99 31.60
C THR A 1657 4.02 46.08 30.75
N GLY A 1658 3.81 46.44 29.49
CA GLY A 1658 2.98 45.63 28.62
C GLY A 1658 1.51 46.04 28.55
N PRO A 1659 0.79 45.54 27.52
CA PRO A 1659 -0.62 45.80 27.26
C PRO A 1659 -1.54 45.12 28.26
N VAL A 1660 -2.84 45.19 28.04
CA VAL A 1660 -3.79 44.42 28.84
C VAL A 1660 -3.61 42.97 28.46
N ILE A 1661 -3.66 42.06 29.45
CA ILE A 1661 -3.64 40.64 29.10
C ILE A 1661 -5.06 40.08 29.09
N ALA A 1662 -5.54 39.79 27.88
CA ALA A 1662 -6.85 39.18 27.67
C ALA A 1662 -6.74 38.14 26.58
N PRO A 1663 -6.37 36.90 26.95
CA PRO A 1663 -6.09 35.81 26.01
C PRO A 1663 -7.21 35.57 25.01
N LEU A 1664 -8.47 35.66 25.45
CA LEU A 1664 -9.62 35.31 24.64
C LEU A 1664 -10.11 36.47 23.77
N PHE A 1665 -9.56 37.66 24.02
CA PHE A 1665 -9.87 38.83 23.21
C PHE A 1665 -8.78 39.03 22.16
N PRO A 1666 -9.17 39.11 20.89
CA PRO A 1666 -8.16 39.05 19.82
C PRO A 1666 -7.17 40.21 19.76
N GLN A 1667 -7.55 41.45 20.07
CA GLN A 1667 -6.56 42.50 19.92
C GLN A 1667 -6.15 43.25 21.20
N LYS A 1668 -5.03 42.85 21.80
CA LYS A 1668 -4.00 43.74 22.32
C LYS A 1668 -4.45 45.13 22.79
N ARG A 1669 -5.23 45.23 23.87
CA ARG A 1669 -5.81 46.52 24.24
C ARG A 1669 -5.10 47.22 25.41
N GLU A 1670 -5.52 48.46 25.66
CA GLU A 1670 -5.00 49.30 26.73
C GLU A 1670 -5.96 49.35 27.90
N GLU A 1671 -5.43 49.50 29.11
CA GLU A 1671 -6.28 49.72 30.26
C GLU A 1671 -6.88 51.10 30.13
N GLY A 1672 -8.14 51.23 30.53
CA GLY A 1672 -8.80 52.52 30.48
C GLY A 1672 -9.83 52.57 31.57
N TRP A 1673 -10.15 53.77 32.04
CA TRP A 1673 -10.96 53.91 33.23
C TRP A 1673 -11.98 55.04 33.13
N TRP A 1674 -13.09 54.86 33.81
CA TRP A 1674 -14.14 55.85 33.93
C TRP A 1674 -14.24 56.31 35.38
N VAL A 1675 -14.08 57.62 35.57
CA VAL A 1675 -14.36 58.26 36.83
C VAL A 1675 -15.74 58.89 36.69
N VAL A 1676 -16.70 58.41 37.47
CA VAL A 1676 -18.08 58.82 37.34
C VAL A 1676 -18.65 59.39 38.64
N ILE A 1677 -19.36 60.51 38.54
CA ILE A 1677 -20.09 61.06 39.68
C ILE A 1677 -21.58 60.94 39.43
N GLY A 1678 -22.29 60.32 40.37
CA GLY A 1678 -23.72 60.12 40.20
C GLY A 1678 -24.55 60.01 41.46
N ASP A 1679 -25.84 60.33 41.31
CA ASP A 1679 -26.83 60.11 42.36
C ASP A 1679 -27.48 58.76 42.13
N ALA A 1680 -27.25 57.83 43.06
CA ALA A 1680 -27.65 56.44 42.83
C ALA A 1680 -29.13 56.22 43.08
N LYS A 1681 -29.82 57.24 43.56
CA LYS A 1681 -31.26 57.13 43.77
C LYS A 1681 -32.02 57.57 42.53
N SER A 1682 -31.79 58.80 42.10
CA SER A 1682 -32.56 59.39 41.00
C SER A 1682 -32.07 58.90 39.63
N ASN A 1683 -31.05 58.04 39.64
CA ASN A 1683 -30.46 57.51 38.40
C ASN A 1683 -29.95 58.63 37.48
N SER A 1684 -29.20 59.55 38.06
CA SER A 1684 -28.67 60.66 37.27
C SER A 1684 -27.15 60.65 37.29
N LEU A 1685 -26.55 60.54 36.11
CA LEU A 1685 -25.10 60.60 36.01
C LEU A 1685 -24.71 62.08 36.05
N ILE A 1686 -24.00 62.47 37.11
CA ILE A 1686 -23.78 63.88 37.39
C ILE A 1686 -22.52 64.40 36.70
N SER A 1687 -21.63 63.49 36.32
CA SER A 1687 -20.43 63.85 35.57
C SER A 1687 -19.64 62.60 35.24
N ILE A 1688 -18.77 62.70 34.24
CA ILE A 1688 -18.02 61.54 33.79
C ILE A 1688 -16.69 61.95 33.14
N LYS A 1689 -15.67 61.10 33.28
CA LYS A 1689 -14.41 61.30 32.57
C LYS A 1689 -13.74 59.96 32.28
N ARG A 1690 -13.05 59.88 31.14
CA ARG A 1690 -12.35 58.67 30.76
C ARG A 1690 -10.86 58.93 30.64
N LEU A 1691 -10.04 57.98 31.08
CA LEU A 1691 -8.59 58.18 31.12
C LEU A 1691 -7.80 56.88 31.06
N THR A 1692 -6.48 57.02 31.10
CA THR A 1692 -5.57 55.89 31.17
C THR A 1692 -4.61 56.12 32.34
N LEU A 1693 -4.17 55.04 32.98
CA LEU A 1693 -3.45 55.19 34.25
C LEU A 1693 -1.96 55.48 34.08
N GLN A 1694 -1.21 54.50 33.58
CA GLN A 1694 0.25 54.55 33.61
C GLN A 1694 0.78 54.81 35.02
N GLN A 1695 1.48 55.94 35.18
CA GLN A 1695 2.10 56.32 36.45
C GLN A 1695 1.18 57.10 37.40
N LYS A 1696 0.96 58.37 37.07
CA LYS A 1696 0.07 59.23 37.83
C LYS A 1696 -0.92 59.94 36.91
N ALA A 1697 -2.11 60.23 37.40
CA ALA A 1697 -3.00 61.13 36.67
C ALA A 1697 -3.71 62.14 37.57
N LYS A 1698 -4.06 63.29 37.01
CA LYS A 1698 -4.93 64.24 37.70
C LYS A 1698 -6.32 64.13 37.09
N VAL A 1699 -7.35 64.10 37.95
CA VAL A 1699 -8.71 63.97 37.46
C VAL A 1699 -9.61 65.06 38.03
N LYS A 1700 -10.08 65.99 37.20
CA LYS A 1700 -10.98 67.01 37.71
C LYS A 1700 -12.38 66.80 37.18
N LEU A 1701 -13.35 66.74 38.08
CA LEU A 1701 -14.74 66.59 37.68
C LEU A 1701 -15.58 67.77 38.16
N ASP A 1702 -16.14 68.50 37.21
CA ASP A 1702 -16.89 69.71 37.53
C ASP A 1702 -18.38 69.50 37.27
N PHE A 1703 -19.23 69.93 38.21
CA PHE A 1703 -20.68 69.87 37.98
C PHE A 1703 -21.44 70.96 38.75
N VAL A 1704 -22.68 71.21 38.36
CA VAL A 1704 -23.48 72.30 38.94
C VAL A 1704 -24.27 71.84 40.17
N ALA A 1705 -24.25 72.65 41.23
CA ALA A 1705 -24.94 72.31 42.48
C ALA A 1705 -26.39 72.78 42.52
N PRO A 1706 -27.27 71.96 43.11
CA PRO A 1706 -28.68 72.30 43.33
C PRO A 1706 -28.93 73.13 44.59
N ALA A 1707 -30.19 73.49 44.79
CA ALA A 1707 -30.68 74.22 45.98
C ALA A 1707 -30.74 73.31 47.20
N THR A 1708 -30.90 73.91 48.38
CA THR A 1708 -31.12 73.20 49.67
C THR A 1708 -30.01 72.16 49.87
N GLY A 1709 -28.85 72.66 50.26
CA GLY A 1709 -27.59 71.99 50.04
C GLY A 1709 -27.24 70.68 50.72
N ALA A 1710 -28.19 70.02 51.38
CA ALA A 1710 -27.87 68.66 51.81
C ALA A 1710 -28.13 67.70 50.65
N HIS A 1711 -27.04 67.13 50.12
CA HIS A 1711 -27.12 66.19 48.99
C HIS A 1711 -26.00 65.16 49.04
N ASN A 1712 -26.38 63.90 48.80
CA ASN A 1712 -25.44 62.77 48.88
C ASN A 1712 -25.12 62.16 47.52
N TYR A 1713 -23.83 62.03 47.22
CA TYR A 1713 -23.39 61.52 45.93
C TYR A 1713 -22.57 60.24 46.04
N THR A 1714 -22.24 59.69 44.87
CA THR A 1714 -21.42 58.48 44.77
C THR A 1714 -20.39 58.64 43.67
N LEU A 1715 -19.19 58.14 43.94
CA LEU A 1715 -18.07 58.20 43.02
C LEU A 1715 -17.66 56.79 42.58
N TYR A 1716 -17.83 56.52 41.30
CA TYR A 1716 -17.50 55.22 40.74
C TYR A 1716 -16.19 55.29 39.96
N PHE A 1717 -15.37 54.26 40.12
CA PHE A 1717 -14.15 54.13 39.33
C PHE A 1717 -14.20 52.75 38.67
N MET A 1718 -14.33 52.73 37.35
CA MET A 1718 -14.61 51.47 36.63
C MET A 1718 -13.66 51.25 35.46
N SER A 1719 -13.32 50.00 35.15
CA SER A 1719 -12.39 49.75 34.04
C SER A 1719 -13.11 49.37 32.75
N ASP A 1720 -12.37 49.33 31.66
CA ASP A 1720 -12.88 48.81 30.38
C ASP A 1720 -12.37 47.39 30.11
N ALA A 1721 -11.53 46.91 31.01
CA ALA A 1721 -10.74 45.72 30.76
C ALA A 1721 -11.03 44.59 31.74
N TYR A 1722 -10.81 44.83 33.03
CA TYR A 1722 -10.91 43.79 34.04
C TYR A 1722 -12.10 43.99 34.98
N MET A 1723 -12.59 42.89 35.53
CA MET A 1723 -13.64 42.90 36.56
C MET A 1723 -13.10 42.73 37.97
N GLY A 1724 -13.75 43.37 38.94
CA GLY A 1724 -13.35 43.27 40.32
C GLY A 1724 -12.58 44.49 40.77
N CYS A 1725 -12.14 45.29 39.80
CA CYS A 1725 -11.33 46.47 40.08
C CYS A 1725 -12.19 47.72 40.28
N ASP A 1726 -13.51 47.53 40.27
CA ASP A 1726 -14.42 48.65 40.38
C ASP A 1726 -14.45 49.15 41.83
N GLN A 1727 -14.49 50.47 42.00
CA GLN A 1727 -14.53 51.06 43.33
C GLN A 1727 -15.64 52.09 43.49
N GLU A 1728 -16.25 52.12 44.67
CA GLU A 1728 -17.25 53.14 44.98
C GLU A 1728 -16.89 53.90 46.26
N TYR A 1729 -17.05 55.22 46.20
CA TYR A 1729 -16.91 56.06 47.39
C TYR A 1729 -18.13 56.93 47.55
N LYS A 1730 -18.87 56.73 48.64
CA LYS A 1730 -20.02 57.56 48.92
C LYS A 1730 -19.51 58.87 49.53
N PHE A 1731 -20.20 59.98 49.29
CA PHE A 1731 -19.83 61.24 49.95
C PHE A 1731 -20.97 62.24 49.95
N SER A 1732 -20.72 63.45 50.46
CA SER A 1732 -21.76 64.46 50.58
C SER A 1732 -21.25 65.83 50.16
N VAL A 1733 -22.16 66.71 49.73
CA VAL A 1733 -21.77 68.03 49.26
C VAL A 1733 -22.68 69.12 49.83
N ASP A 1734 -22.09 70.28 50.13
CA ASP A 1734 -22.81 71.50 50.51
C ASP A 1734 -23.64 71.31 51.78
N ALA B 13 23.92 16.34 -6.81
CA ALA B 13 23.84 17.66 -6.18
C ALA B 13 25.20 18.07 -5.60
N PRO B 14 25.45 19.39 -5.54
CA PRO B 14 26.72 19.93 -5.01
C PRO B 14 27.00 19.48 -3.58
N ARG B 15 28.21 18.99 -3.36
CA ARG B 15 28.63 18.51 -2.05
C ARG B 15 29.76 19.33 -1.48
N GLN B 16 29.75 19.52 -0.17
CA GLN B 16 30.82 20.24 0.52
C GLN B 16 31.55 19.31 1.48
N VAL B 17 32.88 19.31 1.42
CA VAL B 17 33.62 18.54 2.40
C VAL B 17 33.63 19.35 3.69
N LEU B 18 33.01 18.80 4.73
CA LEU B 18 32.94 19.47 6.00
C LEU B 18 34.22 19.27 6.81
N ASP B 19 34.49 20.21 7.71
CA ASP B 19 35.51 20.01 8.71
C ASP B 19 34.83 19.41 9.94
N LEU B 20 35.08 18.12 10.17
CA LEU B 20 34.35 17.39 11.20
C LEU B 20 34.80 17.79 12.61
N GLU B 21 36.02 18.33 12.73
CA GLU B 21 36.53 18.75 14.04
C GLU B 21 35.75 19.94 14.58
N ASP B 22 35.06 20.65 13.68
CA ASP B 22 34.24 21.78 14.06
C ASP B 22 32.87 21.36 14.60
N LEU B 23 32.29 20.33 13.97
CA LEU B 23 30.91 19.95 14.25
C LEU B 23 30.74 18.97 15.41
N VAL B 24 31.81 18.29 15.80
CA VAL B 24 31.70 17.29 16.86
C VAL B 24 31.67 17.90 18.24
N PHE B 25 31.07 17.20 19.20
CA PHE B 25 31.21 17.64 20.57
C PHE B 25 32.43 16.93 21.14
N THR B 26 33.50 17.70 21.35
CA THR B 26 34.79 17.13 21.73
C THR B 26 34.67 16.58 23.13
N GLN B 27 33.98 17.32 23.98
CA GLN B 27 33.86 16.97 25.39
C GLN B 27 33.04 15.69 25.55
N GLY B 28 32.47 15.20 24.45
CA GLY B 28 31.71 13.97 24.45
C GLY B 28 30.60 14.02 25.47
N SER B 29 30.57 13.03 26.34
CA SER B 29 29.57 12.94 27.40
C SER B 29 29.60 14.19 28.28
N HIS B 30 30.74 14.88 28.27
CA HIS B 30 30.95 16.01 29.16
C HIS B 30 30.39 17.29 28.56
N PHE B 31 29.89 17.20 27.33
CA PHE B 31 29.30 18.34 26.66
C PHE B 31 28.00 18.80 27.32
N MET B 32 27.87 20.12 27.53
CA MET B 32 26.60 20.66 28.03
C MET B 32 26.04 21.73 27.09
N ALA B 33 24.90 21.41 26.50
CA ALA B 33 24.17 22.35 25.66
C ALA B 33 23.51 23.36 26.58
N ASN B 34 23.36 22.92 27.82
CA ASN B 34 22.88 23.73 28.93
C ASN B 34 23.66 25.05 29.05
N LYS B 35 22.96 26.13 29.31
CA LYS B 35 23.58 27.45 29.49
C LYS B 35 23.63 27.80 30.97
N ARG B 36 22.47 28.15 31.53
CA ARG B 36 22.37 28.34 32.97
C ARG B 36 22.00 27.01 33.61
N CYS B 37 21.91 26.98 34.93
CA CYS B 37 21.34 25.83 35.61
C CYS B 37 20.39 26.29 36.70
N GLN B 38 19.15 25.86 36.61
CA GLN B 38 18.15 26.31 37.55
C GLN B 38 18.04 25.38 38.74
N LEU B 39 18.45 25.88 39.89
CA LEU B 39 18.35 25.13 41.14
C LEU B 39 16.91 25.28 41.65
N PRO B 40 16.36 24.21 42.23
CA PRO B 40 14.97 24.27 42.72
C PRO B 40 14.77 25.41 43.72
N ASP B 41 13.52 25.82 43.92
CA ASP B 41 13.18 26.98 44.74
C ASP B 41 13.99 27.09 46.03
N GLY B 42 13.88 26.12 46.91
CA GLY B 42 14.82 26.11 48.02
C GLY B 42 16.16 25.68 47.48
N SER B 43 17.21 26.44 47.82
CA SER B 43 18.61 26.09 47.55
C SER B 43 19.47 27.18 48.14
N PHE B 44 20.72 26.88 48.45
CA PHE B 44 21.60 27.92 48.99
C PHE B 44 23.08 27.63 48.81
N ARG B 45 23.91 28.66 48.94
CA ARG B 45 25.35 28.48 48.84
C ARG B 45 26.06 28.90 50.12
N ARG B 46 26.88 27.97 50.62
CA ARG B 46 27.67 28.15 51.83
C ARG B 46 29.15 28.07 51.48
N GLN B 47 29.88 29.18 51.66
CA GLN B 47 31.28 29.18 51.28
C GLN B 47 32.19 28.96 52.51
N ARG B 48 32.82 27.79 52.57
CA ARG B 48 33.69 27.43 53.69
C ARG B 48 35.18 27.70 53.44
N LYS B 49 35.50 28.34 52.32
CA LYS B 49 36.85 28.81 52.00
C LYS B 49 37.86 27.68 51.72
N GLY B 50 37.48 26.45 52.02
CA GLY B 50 38.24 25.30 51.56
C GLY B 50 37.54 24.82 50.30
N TYR B 51 36.32 25.30 50.13
CA TYR B 51 35.42 24.86 49.07
C TYR B 51 34.12 25.64 49.09
N GLU B 52 33.36 25.57 47.99
CA GLU B 52 32.02 26.13 47.97
C GLU B 52 31.00 25.00 48.02
N GLU B 53 29.96 25.21 48.83
CA GLU B 53 28.98 24.18 49.10
C GLU B 53 27.58 24.59 48.62
N VAL B 54 27.07 23.92 47.61
CA VAL B 54 25.72 24.20 47.11
C VAL B 54 24.71 23.18 47.64
N HIS B 55 23.70 23.66 48.35
CA HIS B 55 22.71 22.77 48.92
C HIS B 55 21.41 22.83 48.13
N VAL B 56 20.96 21.65 47.72
CA VAL B 56 19.67 21.46 47.07
C VAL B 56 18.76 20.56 47.90
N PRO B 57 17.68 21.12 48.45
CA PRO B 57 16.76 20.36 49.31
C PRO B 57 15.97 19.31 48.55
N ALA B 58 15.46 18.32 49.28
CA ALA B 58 14.60 17.29 48.72
C ALA B 58 13.24 17.83 48.30
N LEU B 59 12.64 17.17 47.30
CA LEU B 59 11.28 17.49 46.87
C LEU B 59 10.32 16.52 47.55
N LYS B 60 9.14 17.00 47.93
CA LYS B 60 8.16 16.18 48.62
C LYS B 60 7.49 15.17 47.68
N PRO B 61 7.04 14.03 48.24
CA PRO B 61 6.37 12.96 47.48
C PRO B 61 4.97 13.37 47.04
N LYS B 62 4.90 13.99 45.85
CA LYS B 62 3.66 14.54 45.29
C LYS B 62 2.44 13.65 45.37
N PRO B 63 1.32 14.24 45.81
CA PRO B 63 0.02 13.56 45.96
C PRO B 63 -0.51 13.06 44.62
N PHE B 64 -1.37 12.05 44.68
CA PHE B 64 -1.89 11.39 43.49
C PHE B 64 -3.37 11.67 43.31
N GLY B 65 -3.84 11.58 42.06
CA GLY B 65 -5.25 11.77 41.75
C GLY B 65 -5.98 10.45 41.69
N SER B 66 -7.29 10.52 41.43
CA SER B 66 -8.15 9.34 41.32
C SER B 66 -8.11 8.48 42.58
N LEU B 70 -2.53 2.68 42.74
CA LEU B 70 -1.67 1.51 42.94
C LEU B 70 -2.43 0.22 42.66
N LEU B 71 -1.78 -0.71 41.97
CA LEU B 71 -2.45 -1.87 41.38
C LEU B 71 -1.87 -3.19 41.85
N PRO B 72 -2.49 -3.82 42.85
CA PRO B 72 -2.05 -5.13 43.35
C PRO B 72 -1.90 -6.16 42.23
N VAL B 73 -0.91 -7.05 42.37
CA VAL B 73 -0.57 -8.03 41.34
C VAL B 73 -1.74 -8.95 40.95
N GLU B 74 -2.60 -9.28 41.93
CA GLU B 74 -3.77 -10.11 41.65
C GLU B 74 -4.64 -9.54 40.52
N LYS B 75 -4.62 -8.22 40.35
CA LYS B 75 -5.41 -7.56 39.32
C LYS B 75 -4.80 -7.58 37.91
N LEU B 76 -3.47 -7.60 37.82
CA LEU B 76 -2.82 -7.61 36.50
C LEU B 76 -3.07 -8.97 35.85
N PRO B 77 -2.90 -9.06 34.52
CA PRO B 77 -3.33 -10.26 33.79
C PRO B 77 -2.80 -11.57 34.35
N LYS B 78 -3.61 -12.60 34.16
CA LYS B 78 -3.41 -13.93 34.73
C LYS B 78 -2.00 -14.49 34.56
N TYR B 79 -1.64 -14.74 33.30
CA TYR B 79 -0.43 -15.49 32.99
C TYR B 79 0.83 -14.79 33.50
N ALA B 80 0.71 -13.51 33.83
CA ALA B 80 1.88 -12.71 34.20
C ALA B 80 2.19 -12.78 35.70
N GLN B 81 1.23 -13.25 36.48
CA GLN B 81 1.37 -13.24 37.93
C GLN B 81 2.55 -14.10 38.40
N ALA B 82 2.81 -15.19 37.69
CA ALA B 82 3.94 -16.07 38.00
C ALA B 82 5.29 -15.36 37.95
N GLY B 83 5.36 -14.22 37.27
CA GLY B 83 6.60 -13.48 37.16
C GLY B 83 6.77 -12.46 38.26
N PHE B 84 5.66 -12.05 38.85
CA PHE B 84 5.64 -11.05 39.90
C PHE B 84 5.63 -11.60 41.32
N GLU B 85 5.80 -12.91 41.48
CA GLU B 85 5.80 -13.51 42.82
C GLU B 85 6.87 -12.86 43.70
N GLY B 86 6.51 -12.64 44.96
CA GLY B 86 7.33 -11.87 45.87
C GLY B 86 6.97 -10.39 45.90
N PHE B 87 6.21 -9.97 44.89
CA PHE B 87 5.63 -8.63 44.84
C PHE B 87 4.11 -8.79 44.82
N LYS B 88 3.41 -8.37 45.86
CA LYS B 88 1.96 -8.48 45.79
C LYS B 88 1.28 -7.18 45.30
N THR B 89 2.03 -6.08 45.27
CA THR B 89 1.47 -4.79 44.88
C THR B 89 2.43 -4.01 43.98
N LEU B 90 1.93 -3.58 42.83
CA LEU B 90 2.74 -2.82 41.88
C LEU B 90 3.08 -1.41 42.36
N ASN B 91 4.28 -0.97 41.98
CA ASN B 91 4.77 0.37 42.26
C ASN B 91 3.96 1.45 41.54
N ARG B 92 3.97 2.66 42.11
CA ARG B 92 3.32 3.84 41.56
C ARG B 92 3.62 4.05 40.07
N ILE B 93 4.89 4.27 39.74
CA ILE B 93 5.33 4.37 38.36
C ILE B 93 4.90 3.15 37.55
N GLN B 94 5.23 1.98 38.08
CA GLN B 94 4.88 0.72 37.43
C GLN B 94 3.38 0.59 37.22
N SER B 95 2.60 1.09 38.18
CA SER B 95 1.15 1.04 38.08
C SER B 95 0.67 1.94 36.95
N LYS B 96 1.31 3.09 36.81
CA LYS B 96 0.97 4.01 35.74
C LYS B 96 1.37 3.45 34.37
N LEU B 97 2.39 2.60 34.35
CA LEU B 97 2.85 2.00 33.09
C LEU B 97 2.28 0.63 32.70
N TYR B 98 1.59 -0.04 33.63
CA TYR B 98 1.25 -1.45 33.42
C TYR B 98 0.28 -1.62 32.27
N ARG B 99 -0.57 -0.62 32.07
CA ARG B 99 -1.55 -0.67 30.99
C ARG B 99 -0.81 -0.60 29.65
N ALA B 100 0.09 0.37 29.54
CA ALA B 100 0.86 0.58 28.32
C ALA B 100 1.73 -0.62 28.00
N ALA B 101 2.39 -1.17 29.01
CA ALA B 101 3.30 -2.28 28.81
C ALA B 101 2.59 -3.60 28.50
N LEU B 102 1.61 -3.96 29.32
CA LEU B 102 0.93 -5.25 29.18
C LEU B 102 -0.18 -5.29 28.13
N GLU B 103 -0.95 -4.22 28.00
CA GLU B 103 -2.14 -4.29 27.16
C GLU B 103 -1.97 -3.74 25.74
N THR B 104 -0.79 -3.18 25.44
CA THR B 104 -0.53 -2.64 24.09
C THR B 104 0.82 -3.05 23.53
N ASP B 105 0.94 -3.02 22.20
CA ASP B 105 2.21 -3.25 21.52
C ASP B 105 2.91 -1.94 21.15
N GLU B 106 2.37 -0.81 21.59
CA GLU B 106 2.93 0.50 21.29
C GLU B 106 4.34 0.67 21.82
N ASN B 107 5.21 1.32 21.04
CA ASN B 107 6.57 1.62 21.48
C ASN B 107 6.58 2.57 22.68
N LEU B 108 7.41 2.25 23.66
CA LEU B 108 7.37 3.01 24.91
C LEU B 108 8.67 3.71 25.18
N LEU B 109 8.61 4.94 25.71
CA LEU B 109 9.78 5.56 26.31
C LEU B 109 9.49 5.95 27.74
N LEU B 110 10.16 5.32 28.68
CA LEU B 110 9.94 5.64 30.07
C LEU B 110 11.12 6.42 30.62
N CYS B 111 10.88 7.68 30.98
CA CYS B 111 11.90 8.49 31.65
C CYS B 111 11.58 8.60 33.11
N ALA B 112 12.53 8.17 33.95
CA ALA B 112 12.25 8.07 35.37
C ALA B 112 13.46 8.50 36.18
N PRO B 113 13.26 8.78 37.47
CA PRO B 113 14.46 9.03 38.28
C PRO B 113 15.22 7.73 38.50
N THR B 114 16.51 7.83 38.76
CA THR B 114 17.32 6.67 39.11
C THR B 114 16.80 6.01 40.38
N GLY B 115 16.53 4.72 40.30
CA GLY B 115 16.02 3.99 41.45
C GLY B 115 14.53 3.72 41.35
N ALA B 116 13.90 4.26 40.30
CA ALA B 116 12.44 4.24 40.16
C ALA B 116 11.86 2.84 39.98
N GLY B 117 12.71 1.84 39.83
CA GLY B 117 12.26 0.47 39.62
C GLY B 117 11.73 0.26 38.21
N LYS B 118 12.53 0.66 37.23
CA LYS B 118 12.18 0.52 35.83
C LYS B 118 12.16 -0.95 35.37
N THR B 119 12.88 -1.79 36.10
CA THR B 119 13.03 -3.20 35.74
C THR B 119 11.73 -3.91 35.44
N ASN B 120 10.78 -3.81 36.36
CA ASN B 120 9.52 -4.54 36.21
C ASN B 120 8.77 -4.08 34.98
N VAL B 121 8.97 -2.83 34.58
CA VAL B 121 8.28 -2.31 33.42
C VAL B 121 8.76 -3.10 32.22
N ALA B 122 10.08 -3.22 32.07
CA ALA B 122 10.64 -4.03 30.99
C ALA B 122 10.09 -5.45 31.09
N LEU B 123 10.01 -5.94 32.32
CA LEU B 123 9.52 -7.28 32.54
C LEU B 123 8.12 -7.45 32.01
N MET B 124 7.27 -6.44 32.21
CA MET B 124 5.90 -6.53 31.77
C MET B 124 5.87 -6.60 30.25
N CYS B 125 6.72 -5.82 29.61
CA CYS B 125 6.79 -5.83 28.16
C CYS B 125 7.15 -7.25 27.75
N MET B 126 8.15 -7.81 28.42
CA MET B 126 8.58 -9.17 28.11
C MET B 126 7.42 -10.11 28.32
N LEU B 127 6.76 -9.95 29.46
CA LEU B 127 5.66 -10.82 29.82
C LEU B 127 4.52 -10.65 28.84
N ARG B 128 4.38 -9.46 28.26
CA ARG B 128 3.38 -9.30 27.21
C ARG B 128 3.69 -10.19 26.01
N GLU B 129 4.94 -10.13 25.55
CA GLU B 129 5.35 -10.89 24.37
C GLU B 129 5.23 -12.37 24.61
N ILE B 130 5.74 -12.81 25.76
CA ILE B 130 5.67 -14.20 26.17
C ILE B 130 4.20 -14.61 26.21
N GLY B 131 3.35 -13.67 26.57
CA GLY B 131 1.93 -13.93 26.71
C GLY B 131 1.19 -14.24 25.43
N LYS B 132 1.85 -14.02 24.29
CA LYS B 132 1.22 -14.35 23.02
C LYS B 132 1.34 -15.85 22.74
N HIS B 133 2.37 -16.45 23.32
CA HIS B 133 2.78 -17.83 23.03
C HIS B 133 2.24 -18.87 24.02
N ILE B 134 1.28 -18.46 24.85
CA ILE B 134 0.74 -19.30 25.95
C ILE B 134 0.46 -20.76 25.57
N ASN B 135 -0.10 -20.97 24.37
CA ASN B 135 -0.24 -22.31 23.76
C ASN B 135 -1.07 -23.41 24.48
N MET B 136 -2.33 -23.14 24.79
CA MET B 136 -3.25 -24.21 25.27
C MET B 136 -2.82 -24.91 26.56
N ASP B 137 -1.63 -24.55 27.03
CA ASP B 137 -0.86 -25.22 28.08
C ASP B 137 -0.38 -26.61 27.67
N GLY B 138 0.41 -26.60 26.60
CA GLY B 138 1.77 -27.10 26.66
C GLY B 138 2.25 -25.73 27.10
N THR B 139 3.24 -25.62 27.99
CA THR B 139 3.32 -24.39 28.77
C THR B 139 3.65 -23.12 27.97
N ILE B 140 4.75 -23.12 27.24
CA ILE B 140 5.10 -21.91 26.50
C ILE B 140 5.76 -22.32 25.18
N ASN B 141 5.72 -21.45 24.18
CA ASN B 141 6.41 -21.77 22.93
C ASN B 141 7.73 -21.05 22.89
N VAL B 142 8.80 -21.81 23.07
CA VAL B 142 10.12 -21.26 23.28
C VAL B 142 10.78 -20.84 21.98
N ASP B 143 10.49 -21.55 20.90
CA ASP B 143 11.15 -21.32 19.63
C ASP B 143 10.42 -20.30 18.76
N ASP B 144 9.34 -19.73 19.30
CA ASP B 144 8.52 -18.79 18.53
C ASP B 144 8.97 -17.33 18.64
N PHE B 145 9.85 -17.03 19.59
CA PHE B 145 10.19 -15.63 19.85
C PHE B 145 11.56 -15.46 20.47
N LYS B 146 12.09 -14.25 20.36
CA LYS B 146 13.30 -13.87 21.08
C LYS B 146 13.19 -12.42 21.57
N ILE B 147 13.77 -12.15 22.73
CA ILE B 147 13.72 -10.82 23.33
C ILE B 147 15.14 -10.32 23.55
N ILE B 148 15.39 -9.07 23.20
CA ILE B 148 16.73 -8.50 23.36
C ILE B 148 16.74 -7.35 24.38
N TYR B 149 17.57 -7.50 25.40
CA TYR B 149 17.75 -6.47 26.43
C TYR B 149 19.13 -5.87 26.33
N ILE B 150 19.21 -4.61 25.91
CA ILE B 150 20.50 -3.96 25.80
C ILE B 150 20.79 -3.12 27.04
N ALA B 151 21.88 -3.43 27.71
CA ALA B 151 22.35 -2.65 28.85
C ALA B 151 23.74 -2.11 28.54
N PRO B 152 24.04 -0.89 28.99
CA PRO B 152 25.33 -0.27 28.66
C PRO B 152 26.54 -0.86 29.38
N MET B 153 26.33 -1.50 30.55
CA MET B 153 27.45 -2.00 31.36
C MET B 153 27.42 -3.53 31.53
N ARG B 154 28.58 -4.16 31.42
CA ARG B 154 28.70 -5.61 31.55
C ARG B 154 28.17 -6.11 32.89
N SER B 155 28.50 -5.36 33.95
CA SER B 155 28.02 -5.65 35.30
C SER B 155 26.50 -5.71 35.35
N LEU B 156 25.87 -4.68 34.79
CA LEU B 156 24.42 -4.56 34.73
C LEU B 156 23.82 -5.67 33.86
N VAL B 157 24.53 -6.03 32.79
CA VAL B 157 24.12 -7.12 31.93
C VAL B 157 24.00 -8.40 32.75
N GLN B 158 25.05 -8.69 33.53
CA GLN B 158 25.05 -9.89 34.36
C GLN B 158 23.93 -9.88 35.40
N GLU B 159 23.77 -8.76 36.10
CA GLU B 159 22.71 -8.64 37.10
C GLU B 159 21.35 -8.95 36.46
N MET B 160 21.11 -8.34 35.30
CA MET B 160 19.84 -8.55 34.60
C MET B 160 19.66 -9.99 34.16
N VAL B 161 20.74 -10.65 33.76
CA VAL B 161 20.67 -12.06 33.36
C VAL B 161 20.17 -12.89 34.54
N GLY B 162 20.79 -12.66 35.69
CA GLY B 162 20.37 -13.32 36.91
C GLY B 162 18.92 -13.05 37.27
N SER B 163 18.57 -11.77 37.36
CA SER B 163 17.24 -11.36 37.75
C SER B 163 16.14 -11.88 36.83
N PHE B 164 16.25 -11.60 35.53
CA PHE B 164 15.24 -12.02 34.57
C PHE B 164 15.19 -13.55 34.50
N GLY B 165 16.34 -14.19 34.69
CA GLY B 165 16.41 -15.64 34.73
C GLY B 165 15.51 -16.16 35.85
N LYS B 166 15.73 -15.63 37.05
CA LYS B 166 14.92 -15.95 38.21
C LYS B 166 13.43 -15.71 38.00
N ARG B 167 13.07 -14.46 37.74
CA ARG B 167 11.66 -14.07 37.65
C ARG B 167 10.89 -14.74 36.51
N LEU B 168 11.57 -15.05 35.41
CA LEU B 168 10.91 -15.70 34.28
C LEU B 168 11.06 -17.22 34.30
N ALA B 169 11.79 -17.75 35.27
CA ALA B 169 12.06 -19.18 35.35
C ALA B 169 10.81 -20.06 35.33
N THR B 170 9.70 -19.56 35.87
CA THR B 170 8.44 -20.31 35.91
C THR B 170 7.88 -20.57 34.51
N TYR B 171 8.31 -19.77 33.54
CA TYR B 171 7.78 -19.86 32.18
C TYR B 171 8.64 -20.76 31.31
N GLY B 172 9.67 -21.35 31.91
CA GLY B 172 10.59 -22.23 31.20
C GLY B 172 11.37 -21.49 30.13
N ILE B 173 11.99 -20.39 30.54
CA ILE B 173 12.64 -19.49 29.58
C ILE B 173 14.11 -19.33 29.89
N THR B 174 14.95 -19.44 28.86
CA THR B 174 16.38 -19.29 29.01
C THR B 174 16.76 -17.83 28.82
N VAL B 175 17.42 -17.26 29.82
CA VAL B 175 17.95 -15.89 29.76
C VAL B 175 19.46 -15.95 29.82
N ALA B 176 20.14 -15.31 28.89
CA ALA B 176 21.59 -15.46 28.84
C ALA B 176 22.36 -14.21 28.42
N GLU B 177 23.59 -14.13 28.90
CA GLU B 177 24.57 -13.13 28.50
C GLU B 177 25.19 -13.54 27.16
N LEU B 178 25.61 -12.57 26.37
CA LEU B 178 26.25 -12.87 25.09
C LEU B 178 27.75 -12.58 25.15
N THR B 179 28.55 -13.65 25.10
CA THR B 179 30.02 -13.54 25.21
C THR B 179 30.67 -13.54 23.83
N GLY B 180 31.64 -12.63 23.63
CA GLY B 180 32.13 -12.36 22.28
C GLY B 180 32.80 -13.57 21.65
N ASP B 181 32.23 -14.00 20.54
CA ASP B 181 32.72 -15.18 19.81
C ASP B 181 32.24 -15.20 18.36
N HIS B 182 32.90 -15.99 17.52
CA HIS B 182 32.43 -16.16 16.15
C HIS B 182 31.19 -17.03 16.08
N GLN B 183 31.34 -18.35 16.30
CA GLN B 183 30.22 -19.26 16.09
C GLN B 183 29.48 -19.77 17.34
N LEU B 184 30.14 -19.76 18.50
CA LEU B 184 29.50 -20.20 19.76
C LEU B 184 28.23 -19.40 19.99
N CYS B 185 28.30 -18.13 19.59
CA CYS B 185 27.18 -17.23 19.54
C CYS B 185 25.95 -17.86 18.89
N LYS B 186 26.15 -18.54 17.76
CA LYS B 186 25.03 -19.04 16.98
C LYS B 186 24.10 -19.99 17.76
N GLU B 187 24.68 -21.02 18.37
CA GLU B 187 23.84 -21.99 19.06
C GLU B 187 23.61 -21.61 20.52
N GLU B 188 24.37 -20.64 21.04
CA GLU B 188 23.98 -20.13 22.36
C GLU B 188 22.84 -19.11 22.21
N ILE B 189 22.68 -18.60 20.99
CA ILE B 189 21.59 -17.69 20.64
C ILE B 189 20.31 -18.46 20.37
N SER B 190 20.38 -19.42 19.43
CA SER B 190 19.19 -20.20 19.07
C SER B 190 18.46 -20.86 20.24
N ALA B 191 19.19 -21.20 21.31
CA ALA B 191 18.58 -21.88 22.46
C ALA B 191 18.09 -20.89 23.50
N THR B 192 18.36 -19.62 23.28
CA THR B 192 18.08 -18.58 24.27
C THR B 192 16.94 -17.68 23.83
N GLN B 193 15.96 -17.50 24.71
CA GLN B 193 14.82 -16.63 24.43
C GLN B 193 15.15 -15.17 24.73
N ILE B 194 15.82 -14.93 25.84
CA ILE B 194 16.16 -13.57 26.21
C ILE B 194 17.67 -13.35 26.22
N ILE B 195 18.14 -12.57 25.25
CA ILE B 195 19.54 -12.20 25.14
C ILE B 195 19.80 -10.87 25.84
N VAL B 196 20.63 -10.89 26.87
CA VAL B 196 21.01 -9.66 27.55
C VAL B 196 22.42 -9.29 27.10
N CYS B 197 22.66 -8.02 26.75
CA CYS B 197 23.95 -7.65 26.18
C CYS B 197 24.15 -6.16 25.95
N THR B 198 25.39 -5.81 25.59
CA THR B 198 25.79 -4.43 25.39
C THR B 198 25.45 -3.95 23.97
N PRO B 199 25.26 -2.63 23.79
CA PRO B 199 24.93 -2.10 22.46
C PRO B 199 25.91 -2.53 21.36
N GLU B 200 27.20 -2.46 21.63
CA GLU B 200 28.20 -2.74 20.60
C GLU B 200 28.29 -4.23 20.30
N LYS B 201 27.87 -5.05 21.25
CA LYS B 201 27.82 -6.50 21.04
C LYS B 201 26.70 -6.84 20.06
N TRP B 202 25.51 -6.33 20.33
CA TRP B 202 24.39 -6.53 19.43
C TRP B 202 24.66 -5.87 18.08
N ASP B 203 25.44 -4.80 18.11
CA ASP B 203 25.86 -4.14 16.88
C ASP B 203 26.73 -5.09 16.06
N ILE B 204 27.68 -5.75 16.72
CA ILE B 204 28.54 -6.73 16.05
C ILE B 204 27.72 -7.90 15.47
N ILE B 205 26.76 -8.38 16.25
CA ILE B 205 25.88 -9.46 15.81
C ILE B 205 25.07 -9.05 14.57
N THR B 206 24.45 -7.87 14.60
CA THR B 206 23.56 -7.44 13.53
C THR B 206 24.30 -6.75 12.38
N ARG B 207 25.62 -6.72 12.44
CA ARG B 207 26.43 -6.28 11.29
C ARG B 207 26.77 -7.41 10.32
N LYS B 208 26.54 -8.65 10.73
CA LYS B 208 27.13 -9.81 10.04
C LYS B 208 26.55 -10.15 8.67
N GLY B 209 25.39 -9.59 8.35
CA GLY B 209 24.86 -9.70 7.00
C GLY B 209 24.07 -10.98 6.77
N GLY B 210 24.40 -12.00 7.54
CA GLY B 210 23.58 -13.19 7.66
C GLY B 210 22.87 -12.98 8.99
N GLU B 211 22.83 -11.72 9.37
CA GLU B 211 22.34 -11.25 10.66
C GLU B 211 20.95 -11.78 11.00
N ARG B 212 20.11 -11.98 9.98
CA ARG B 212 18.73 -12.37 10.21
C ARG B 212 18.59 -13.75 10.83
N THR B 213 19.67 -14.53 10.81
CA THR B 213 19.60 -15.82 11.47
C THR B 213 19.50 -15.59 12.98
N TYR B 214 20.13 -14.54 13.46
CA TYR B 214 20.04 -14.17 14.86
C TYR B 214 18.79 -13.34 15.16
N THR B 215 18.48 -12.38 14.29
CA THR B 215 17.42 -11.40 14.58
C THR B 215 16.00 -11.75 14.14
N GLN B 216 15.85 -12.80 13.34
CA GLN B 216 14.57 -13.15 12.73
C GLN B 216 13.43 -13.32 13.72
N LEU B 217 13.75 -13.86 14.89
CA LEU B 217 12.73 -14.15 15.88
C LEU B 217 12.52 -13.04 16.89
N VAL B 218 13.23 -11.93 16.74
CA VAL B 218 13.18 -10.89 17.77
C VAL B 218 11.92 -10.03 17.61
N ARG B 219 11.03 -10.13 18.60
CA ARG B 219 9.81 -9.34 18.63
C ARG B 219 9.89 -8.11 19.53
N LEU B 220 10.93 -8.05 20.36
CA LEU B 220 11.02 -6.98 21.36
C LEU B 220 12.47 -6.57 21.65
N ILE B 221 12.72 -5.28 21.68
CA ILE B 221 14.04 -4.75 22.03
C ILE B 221 13.91 -3.66 23.09
N ILE B 222 14.66 -3.84 24.18
CA ILE B 222 14.63 -2.89 25.28
C ILE B 222 15.99 -2.20 25.40
N LEU B 223 16.00 -0.87 25.29
CA LEU B 223 17.23 -0.11 25.47
C LEU B 223 17.25 0.47 26.85
N ASP B 224 18.10 -0.10 27.71
CA ASP B 224 18.25 0.37 29.05
C ASP B 224 19.25 1.51 29.01
N GLU B 225 19.03 2.51 29.88
CA GLU B 225 19.92 3.66 30.00
C GLU B 225 20.13 4.29 28.63
N ILE B 226 19.05 4.58 27.93
CA ILE B 226 19.13 5.05 26.55
C ILE B 226 19.70 6.46 26.46
N HIS B 227 19.78 7.15 27.61
CA HIS B 227 20.43 8.47 27.63
C HIS B 227 21.91 8.33 27.33
N LEU B 228 22.37 7.08 27.23
CA LEU B 228 23.69 6.75 26.72
C LEU B 228 23.91 7.38 25.36
N LEU B 229 22.80 7.83 24.73
CA LEU B 229 22.88 8.57 23.49
C LEU B 229 23.82 9.76 23.59
N HIS B 230 23.84 10.38 24.75
CA HIS B 230 24.63 11.60 24.95
C HIS B 230 26.10 11.28 25.07
N ASP B 231 26.40 10.05 25.48
CA ASP B 231 27.76 9.56 25.68
C ASP B 231 28.48 9.29 24.35
N ASP B 232 29.80 9.19 24.39
CA ASP B 232 30.58 8.83 23.22
C ASP B 232 30.23 7.48 22.63
N ARG B 233 29.53 6.63 23.39
CA ARG B 233 29.08 5.33 22.90
C ARG B 233 27.70 5.37 22.23
N GLY B 234 26.99 6.48 22.37
CA GLY B 234 25.65 6.66 21.81
C GLY B 234 25.40 6.30 20.35
N PRO B 235 26.30 6.71 19.44
CA PRO B 235 26.14 6.37 18.02
C PRO B 235 25.87 4.88 17.78
N VAL B 236 26.33 4.04 18.71
CA VAL B 236 26.03 2.62 18.64
C VAL B 236 24.53 2.38 18.78
N LEU B 237 23.91 3.02 19.77
CA LEU B 237 22.48 2.89 19.98
C LEU B 237 21.71 3.46 18.81
N GLU B 238 22.24 4.55 18.25
CA GLU B 238 21.61 5.15 17.08
C GLU B 238 21.60 4.18 15.91
N ALA B 239 22.75 3.53 15.70
CA ALA B 239 22.88 2.56 14.62
C ALA B 239 21.91 1.40 14.85
N LEU B 240 21.86 0.93 16.09
CA LEU B 240 20.99 -0.19 16.43
C LEU B 240 19.55 0.11 16.08
N VAL B 241 19.07 1.28 16.51
CA VAL B 241 17.67 1.60 16.30
C VAL B 241 17.37 1.83 14.82
N ALA B 242 18.23 2.58 14.15
CA ALA B 242 18.07 2.80 12.71
C ALA B 242 17.94 1.47 11.99
N ARG B 243 18.90 0.59 12.23
CA ARG B 243 18.96 -0.73 11.61
C ARG B 243 17.68 -1.51 11.87
N ALA B 244 17.23 -1.51 13.12
CA ALA B 244 16.05 -2.26 13.49
C ALA B 244 14.79 -1.71 12.79
N ILE B 245 14.64 -0.39 12.74
CA ILE B 245 13.47 0.24 12.15
C ILE B 245 13.40 -0.07 10.66
N ARG B 246 14.49 0.23 9.97
CA ARG B 246 14.59 -0.08 8.55
C ARG B 246 14.34 -1.56 8.24
N ASN B 247 14.86 -2.45 9.08
CA ASN B 247 14.57 -3.87 8.90
C ASN B 247 13.09 -4.19 9.11
N ILE B 248 12.43 -3.46 10.02
CA ILE B 248 11.00 -3.65 10.23
C ILE B 248 10.27 -3.25 8.95
N GLU B 249 10.79 -2.22 8.28
CA GLU B 249 10.24 -1.83 6.98
C GLU B 249 10.44 -2.93 5.94
N MET B 250 11.64 -3.52 5.89
CA MET B 250 11.95 -4.47 4.82
C MET B 250 11.39 -5.89 5.01
N THR B 251 11.23 -6.34 6.25
CA THR B 251 10.60 -7.63 6.48
C THR B 251 9.10 -7.51 6.76
N GLN B 252 8.62 -6.30 7.03
CA GLN B 252 7.22 -6.03 7.36
C GLN B 252 6.79 -6.68 8.68
N GLU B 253 7.72 -7.44 9.29
CA GLU B 253 7.50 -8.04 10.59
C GLU B 253 7.80 -7.01 11.69
N ASP B 254 6.86 -6.86 12.60
CA ASP B 254 6.97 -5.82 13.61
C ASP B 254 7.92 -6.21 14.75
N VAL B 255 8.63 -5.21 15.27
CA VAL B 255 9.48 -5.37 16.44
C VAL B 255 9.23 -4.19 17.37
N ARG B 256 8.91 -4.47 18.63
CA ARG B 256 8.56 -3.44 19.59
C ARG B 256 9.79 -2.81 20.23
N LEU B 257 9.84 -1.49 20.29
CA LEU B 257 10.93 -0.81 20.97
C LEU B 257 10.51 -0.20 22.30
N ILE B 258 11.29 -0.48 23.34
CA ILE B 258 11.07 0.12 24.65
C ILE B 258 12.36 0.79 25.09
N GLY B 259 12.36 2.11 25.18
CA GLY B 259 13.48 2.82 25.78
C GLY B 259 13.26 3.10 27.26
N LEU B 260 14.35 3.09 28.01
CA LEU B 260 14.32 3.45 29.42
C LEU B 260 15.41 4.47 29.66
N SER B 261 15.04 5.64 30.16
CA SER B 261 15.98 6.74 30.27
C SER B 261 15.93 7.46 31.61
N ALA B 262 17.04 8.12 31.92
CA ALA B 262 17.09 9.07 33.01
C ALA B 262 16.26 10.27 32.61
N THR B 263 15.90 11.11 33.57
CA THR B 263 15.08 12.26 33.24
C THR B 263 15.99 13.41 32.88
N LEU B 264 16.02 13.74 31.61
CA LEU B 264 16.94 14.73 31.06
C LEU B 264 16.27 15.44 29.89
N PRO B 265 16.73 16.67 29.57
CA PRO B 265 16.16 17.39 28.43
C PRO B 265 16.32 16.63 27.11
N ASN B 266 15.48 16.96 26.12
CA ASN B 266 15.51 16.36 24.79
C ASN B 266 14.87 14.97 24.74
N TYR B 267 14.37 14.47 25.87
CA TYR B 267 13.77 13.14 25.92
C TYR B 267 12.64 12.94 24.90
N GLU B 268 11.92 14.00 24.55
CA GLU B 268 10.87 13.90 23.54
C GLU B 268 11.48 13.61 22.16
N ASP B 269 12.70 14.09 21.92
CA ASP B 269 13.39 13.78 20.69
C ASP B 269 13.76 12.30 20.68
N VAL B 270 14.08 11.78 21.85
CA VAL B 270 14.39 10.36 22.00
C VAL B 270 13.14 9.53 21.71
N ALA B 271 11.98 10.04 22.13
CA ALA B 271 10.71 9.38 21.83
C ALA B 271 10.39 9.40 20.34
N THR B 272 10.67 10.53 19.69
CA THR B 272 10.49 10.63 18.25
C THR B 272 11.37 9.62 17.56
N PHE B 273 12.62 9.59 18.01
CA PHE B 273 13.66 8.68 17.54
C PHE B 273 13.23 7.21 17.60
N LEU B 274 12.58 6.82 18.70
CA LEU B 274 12.15 5.45 18.93
C LEU B 274 10.81 5.14 18.28
N ARG B 275 10.24 6.14 17.60
CA ARG B 275 8.90 6.04 17.02
C ARG B 275 7.90 5.80 18.13
N VAL B 276 8.01 6.59 19.20
CA VAL B 276 7.05 6.52 20.29
C VAL B 276 5.96 7.57 20.15
N ASP B 277 4.71 7.12 20.31
CA ASP B 277 3.57 8.01 20.30
C ASP B 277 3.54 8.79 21.61
N PRO B 278 3.67 10.12 21.54
CA PRO B 278 3.74 10.93 22.76
C PRO B 278 2.49 10.79 23.62
N ALA B 279 1.35 10.53 23.00
CA ALA B 279 0.09 10.43 23.73
C ALA B 279 -0.18 9.00 24.20
N LYS B 280 0.66 8.07 23.77
CA LYS B 280 0.47 6.66 24.11
C LYS B 280 1.64 6.11 24.92
N GLY B 281 2.84 6.15 24.34
CA GLY B 281 3.99 5.50 24.96
C GLY B 281 5.07 6.36 25.62
N LEU B 282 4.84 7.66 25.76
CA LEU B 282 5.85 8.52 26.40
C LEU B 282 5.48 8.82 27.85
N PHE B 283 6.39 8.50 28.76
CA PHE B 283 6.18 8.71 30.20
C PHE B 283 7.40 9.36 30.84
N TYR B 284 7.21 10.54 31.42
CA TYR B 284 8.30 11.27 32.04
C TYR B 284 7.91 11.58 33.49
N PHE B 285 8.68 11.07 34.43
CA PHE B 285 8.42 11.37 35.84
C PHE B 285 9.57 12.15 36.47
N ASP B 286 9.27 13.36 36.93
CA ASP B 286 10.28 14.25 37.51
C ASP B 286 10.74 13.77 38.88
N ASN B 287 11.68 14.51 39.48
CA ASN B 287 12.33 14.11 40.72
C ASN B 287 11.37 13.86 41.88
N SER B 288 10.17 14.42 41.79
CA SER B 288 9.18 14.22 42.82
C SER B 288 8.65 12.78 42.80
N PHE B 289 8.99 12.03 41.76
CA PHE B 289 8.58 10.65 41.65
C PHE B 289 9.66 9.71 42.17
N ARG B 290 10.77 10.30 42.57
CA ARG B 290 11.87 9.56 43.17
C ARG B 290 11.35 8.82 44.40
N PRO B 291 11.64 7.51 44.49
CA PRO B 291 11.04 6.70 45.55
C PRO B 291 11.48 7.07 46.96
N VAL B 292 12.72 7.55 47.11
CA VAL B 292 13.14 8.16 48.36
C VAL B 292 13.60 9.61 48.15
N PRO B 293 12.89 10.57 48.76
CA PRO B 293 13.22 12.00 48.60
C PRO B 293 14.70 12.29 48.91
N LEU B 294 15.35 13.11 48.09
CA LEU B 294 16.81 13.22 48.16
C LEU B 294 17.33 14.62 48.47
N GLU B 295 18.06 14.74 49.58
CA GLU B 295 18.78 15.97 49.89
C GLU B 295 20.16 15.93 49.27
N GLN B 296 20.54 16.98 48.55
CA GLN B 296 21.80 16.99 47.82
C GLN B 296 22.74 18.08 48.29
N THR B 297 24.02 17.73 48.33
CA THR B 297 25.07 18.69 48.63
C THR B 297 26.14 18.59 47.54
N TYR B 298 26.47 19.74 46.95
CA TYR B 298 27.48 19.79 45.91
C TYR B 298 28.65 20.56 46.42
N VAL B 299 29.72 19.83 46.73
CA VAL B 299 30.95 20.45 47.12
C VAL B 299 31.77 20.70 45.87
N GLY B 300 32.50 21.80 45.85
CA GLY B 300 33.50 21.94 44.81
C GLY B 300 34.69 22.69 45.37
N ILE B 301 35.87 22.34 44.88
CA ILE B 301 37.10 22.67 45.57
C ILE B 301 37.70 23.91 44.97
N THR B 302 38.06 24.85 45.84
CA THR B 302 38.44 26.18 45.43
C THR B 302 39.60 26.28 44.46
N GLU B 303 40.81 26.00 44.94
CA GLU B 303 42.01 26.28 44.15
C GLU B 303 43.09 25.20 44.14
N LYS B 304 43.61 24.95 45.33
CA LYS B 304 45.04 24.81 45.53
C LYS B 304 45.71 23.53 45.07
N LYS B 305 46.97 23.41 45.47
CA LYS B 305 47.94 22.52 44.85
C LYS B 305 47.84 21.11 45.37
N ALA B 306 47.54 20.17 44.46
CA ALA B 306 47.83 18.75 44.69
C ALA B 306 47.31 18.26 46.02
N ILE B 307 48.22 17.85 46.90
CA ILE B 307 47.86 17.25 48.17
C ILE B 307 47.04 18.18 49.05
N LYS B 308 47.20 19.49 48.88
CA LYS B 308 46.41 20.45 49.66
C LYS B 308 44.95 20.32 49.27
N ARG B 309 44.71 20.08 47.99
CA ARG B 309 43.36 19.91 47.47
C ARG B 309 42.77 18.56 47.90
N PHE B 310 43.54 17.50 47.70
CA PHE B 310 43.07 16.15 48.04
C PHE B 310 42.87 16.02 49.55
N GLN B 311 43.70 16.72 50.31
CA GLN B 311 43.54 16.68 51.75
C GLN B 311 42.20 17.30 52.10
N ILE B 312 41.90 18.42 51.45
CA ILE B 312 40.63 19.10 51.67
C ILE B 312 39.55 18.07 51.40
N MET B 313 39.72 17.33 50.31
CA MET B 313 38.73 16.37 49.90
C MET B 313 38.51 15.34 51.01
N ASN B 314 39.61 14.77 51.51
CA ASN B 314 39.48 13.76 52.54
C ASN B 314 38.78 14.33 53.75
N GLU B 315 39.11 15.58 54.08
CA GLU B 315 38.52 16.20 55.27
C GLU B 315 37.02 16.27 55.08
N ILE B 316 36.59 16.70 53.89
CA ILE B 316 35.17 16.82 53.62
C ILE B 316 34.52 15.46 53.78
N VAL B 317 35.15 14.45 53.19
CA VAL B 317 34.60 13.11 53.20
C VAL B 317 34.41 12.69 54.64
N TYR B 318 35.39 13.02 55.49
CA TYR B 318 35.30 12.63 56.89
C TYR B 318 34.19 13.42 57.58
N GLU B 319 34.17 14.73 57.32
CA GLU B 319 33.26 15.64 58.00
C GLU B 319 31.80 15.23 57.84
N LYS B 320 31.45 14.78 56.64
CA LYS B 320 30.07 14.44 56.34
C LYS B 320 29.66 13.11 56.98
N ILE B 321 30.63 12.26 57.31
CA ILE B 321 30.37 10.98 57.97
C ILE B 321 29.83 11.16 59.41
N MET B 322 30.14 12.30 60.04
CA MET B 322 29.89 12.49 61.47
C MET B 322 28.46 12.22 62.00
N GLU B 323 27.42 12.71 61.34
CA GLU B 323 26.07 12.39 61.81
C GLU B 323 25.53 11.06 61.27
N HIS B 324 26.29 10.41 60.40
CA HIS B 324 25.90 9.08 59.92
C HIS B 324 26.95 8.05 60.32
N GLN B 329 24.33 4.66 57.95
CA GLN B 329 25.46 4.06 57.23
C GLN B 329 25.75 4.82 55.94
N VAL B 330 27.04 4.88 55.59
CA VAL B 330 27.50 5.64 54.42
C VAL B 330 28.21 4.81 53.34
N LEU B 331 27.83 5.07 52.08
CA LEU B 331 28.49 4.48 50.93
C LEU B 331 29.27 5.57 50.19
N VAL B 332 30.57 5.35 49.96
CA VAL B 332 31.42 6.33 49.31
C VAL B 332 32.03 5.79 48.02
N PHE B 333 31.76 6.44 46.89
CA PHE B 333 32.24 5.97 45.59
C PHE B 333 33.51 6.69 45.14
N VAL B 334 34.55 5.90 44.89
CA VAL B 334 35.79 6.41 44.30
C VAL B 334 36.06 5.71 42.96
N HIS B 335 36.85 6.36 42.12
CA HIS B 335 37.02 5.98 40.72
C HIS B 335 38.25 5.13 40.43
N SER B 336 38.93 4.70 41.48
CA SER B 336 40.09 3.82 41.35
C SER B 336 40.00 2.66 42.35
N ARG B 337 40.60 1.53 41.98
CA ARG B 337 40.64 0.39 42.88
C ARG B 337 41.57 0.71 44.05
N LYS B 338 42.51 1.62 43.80
CA LYS B 338 43.49 2.01 44.79
C LYS B 338 42.89 3.00 45.79
N GLU B 339 41.93 3.79 45.30
CA GLU B 339 41.34 4.84 46.12
C GLU B 339 40.30 4.29 47.09
N THR B 340 39.80 3.09 46.82
CA THR B 340 38.87 2.45 47.75
C THR B 340 39.58 2.26 49.07
N GLY B 341 40.69 1.54 49.02
CA GLY B 341 41.47 1.25 50.21
C GLY B 341 42.15 2.49 50.77
N LYS B 342 42.68 3.35 49.91
CA LYS B 342 43.33 4.56 50.37
C LYS B 342 42.37 5.46 51.15
N THR B 343 41.17 5.69 50.63
CA THR B 343 40.19 6.56 51.28
C THR B 343 39.61 5.90 52.51
N ALA B 344 39.35 4.59 52.43
CA ALA B 344 38.75 3.89 53.57
C ALA B 344 39.76 3.80 54.70
N ARG B 345 41.03 3.84 54.34
CA ARG B 345 42.10 3.89 55.32
C ARG B 345 42.18 5.27 55.93
N ALA B 346 42.29 6.28 55.08
CA ALA B 346 42.38 7.68 55.53
C ALA B 346 41.29 8.07 56.51
N ILE B 347 40.07 7.63 56.24
CA ILE B 347 38.94 7.99 57.09
C ILE B 347 39.01 7.34 58.48
N ARG B 348 39.47 6.10 58.55
CA ARG B 348 39.56 5.43 59.86
C ARG B 348 40.86 5.76 60.61
N ASP B 349 41.87 6.22 59.89
CA ASP B 349 43.11 6.64 60.51
C ASP B 349 42.89 8.04 61.02
N MET B 350 41.89 8.72 60.43
CA MET B 350 41.45 10.01 60.91
C MET B 350 40.54 9.81 62.11
N CYS B 351 39.94 8.63 62.22
CA CYS B 351 39.06 8.33 63.35
C CYS B 351 39.90 7.85 64.53
N LEU B 352 41.15 7.55 64.23
CA LEU B 352 42.15 7.19 65.23
C LEU B 352 42.79 8.45 65.77
N GLU B 353 43.33 9.25 64.85
CA GLU B 353 43.95 10.56 65.12
C GLU B 353 43.03 11.61 65.77
N LYS B 354 41.73 11.34 65.83
CA LYS B 354 40.74 12.24 66.44
C LYS B 354 40.55 11.94 67.93
N ASP B 355 41.56 11.30 68.50
CA ASP B 355 41.62 10.92 69.92
C ASP B 355 40.65 9.77 70.14
N THR B 356 40.77 8.83 69.20
CA THR B 356 39.94 7.64 69.05
C THR B 356 38.45 7.86 69.25
N LEU B 357 37.88 8.93 68.69
CA LEU B 357 36.45 8.86 68.61
C LEU B 357 36.17 8.39 67.20
N GLY B 358 36.29 7.07 67.05
CA GLY B 358 35.96 6.31 65.87
C GLY B 358 34.96 5.29 66.33
N LEU B 359 34.99 5.10 67.64
CA LEU B 359 34.17 4.13 68.38
C LEU B 359 32.67 4.23 68.15
N PHE B 360 32.20 5.34 67.57
CA PHE B 360 30.79 5.45 67.21
C PHE B 360 30.37 4.52 66.07
N LEU B 361 31.36 3.99 65.36
CA LEU B 361 31.10 3.20 64.15
C LEU B 361 30.78 1.71 64.39
N ARG B 362 31.35 1.12 65.43
CA ARG B 362 31.23 -0.32 65.67
C ARG B 362 30.10 -0.75 66.62
N GLU B 363 29.19 0.17 66.92
CA GLU B 363 28.03 -0.17 67.76
C GLU B 363 26.82 -0.57 66.91
N GLU B 369 28.16 -8.03 68.85
CA GLU B 369 27.98 -7.40 67.56
C GLU B 369 29.26 -6.68 67.14
N VAL B 370 30.10 -6.40 68.12
CA VAL B 370 31.35 -5.69 67.88
C VAL B 370 32.37 -6.53 67.12
N LEU B 371 32.53 -7.77 67.57
CA LEU B 371 33.47 -8.72 66.98
C LEU B 371 32.85 -9.71 65.97
N ARG B 372 31.56 -9.58 65.69
CA ARG B 372 30.94 -10.46 64.71
C ARG B 372 31.50 -10.14 63.32
N THR B 373 31.77 -8.86 63.09
CA THR B 373 32.39 -8.43 61.84
C THR B 373 33.87 -8.81 61.82
N GLU B 374 34.45 -8.98 62.99
CA GLU B 374 35.83 -9.44 63.11
C GLU B 374 35.86 -10.96 63.19
N ALA B 375 34.67 -11.58 63.24
CA ALA B 375 34.60 -13.02 63.25
C ALA B 375 34.73 -13.53 61.81
N GLU B 376 35.42 -14.66 61.67
CA GLU B 376 35.77 -15.21 60.36
C GLU B 376 36.48 -14.18 59.49
N GLN B 377 37.71 -13.85 59.88
CA GLN B 377 38.51 -12.87 59.15
C GLN B 377 39.28 -13.48 58.00
N CYS B 378 38.96 -14.72 57.66
CA CYS B 378 39.53 -15.27 56.46
C CYS B 378 38.82 -14.65 55.27
N LYS B 379 39.61 -13.88 54.53
CA LYS B 379 39.24 -13.17 53.31
C LYS B 379 40.58 -12.68 52.82
N ASN B 380 40.61 -11.81 51.82
CA ASN B 380 41.90 -11.39 51.30
C ASN B 380 42.11 -9.88 51.32
N LEU B 381 43.23 -9.47 50.72
CA LEU B 381 43.49 -8.09 50.35
C LEU B 381 43.47 -7.11 51.55
N GLU B 382 42.93 -5.91 51.30
CA GLU B 382 42.86 -4.81 52.24
C GLU B 382 41.62 -4.92 53.13
N LEU B 383 40.73 -5.84 52.77
CA LEU B 383 39.53 -6.11 53.55
C LEU B 383 39.81 -6.49 55.00
N LYS B 384 40.73 -7.44 55.21
CA LYS B 384 41.06 -7.93 56.54
C LYS B 384 41.47 -6.82 57.50
N ASP B 385 42.12 -5.81 56.95
CA ASP B 385 42.60 -4.66 57.71
C ASP B 385 41.43 -3.75 58.10
N LEU B 386 40.50 -3.54 57.17
CA LEU B 386 39.39 -2.60 57.34
C LEU B 386 38.16 -3.11 58.13
N LEU B 387 37.78 -4.36 57.92
CA LEU B 387 36.50 -4.87 58.44
C LEU B 387 36.28 -4.69 59.95
N PRO B 388 37.26 -5.06 60.80
CA PRO B 388 37.04 -4.73 62.21
C PRO B 388 37.03 -3.22 62.46
N PHE B 391 34.28 -0.76 58.52
CA PHE B 391 34.80 -0.29 57.24
C PHE B 391 35.00 -1.45 56.28
N ALA B 392 34.79 -1.21 54.98
CA ALA B 392 35.14 -2.17 53.95
C ALA B 392 35.40 -1.50 52.61
N ILE B 393 35.77 -2.30 51.62
CA ILE B 393 35.98 -1.78 50.26
C ILE B 393 35.36 -2.72 49.24
N HIS B 394 34.92 -2.16 48.13
CA HIS B 394 34.33 -2.94 47.03
C HIS B 394 34.82 -2.47 45.66
N HIS B 395 35.51 -3.33 44.92
CA HIS B 395 35.96 -2.94 43.59
C HIS B 395 36.04 -4.11 42.62
N ALA B 396 36.42 -3.81 41.38
CA ALA B 396 36.30 -4.73 40.26
C ALA B 396 37.45 -5.74 40.28
N GLY B 397 38.32 -5.57 41.26
CA GLY B 397 39.36 -6.52 41.56
C GLY B 397 38.73 -7.55 42.48
N MET B 398 39.52 -8.04 43.43
CA MET B 398 39.07 -9.01 44.42
C MET B 398 38.59 -10.31 43.79
N THR B 399 37.70 -10.99 44.50
CA THR B 399 37.12 -12.26 44.07
C THR B 399 35.62 -12.19 44.31
N ARG B 400 34.86 -12.97 43.53
CA ARG B 400 33.40 -12.91 43.63
C ARG B 400 32.91 -13.25 45.03
N VAL B 401 33.68 -14.08 45.74
CA VAL B 401 33.33 -14.49 47.09
C VAL B 401 33.54 -13.36 48.10
N ASP B 402 34.66 -12.66 48.00
CA ASP B 402 34.92 -11.52 48.88
C ASP B 402 33.92 -10.40 48.65
N ARG B 403 33.56 -10.19 47.38
CA ARG B 403 32.60 -9.16 47.03
C ARG B 403 31.22 -9.55 47.54
N THR B 404 30.89 -10.83 47.43
CA THR B 404 29.62 -11.35 47.92
C THR B 404 29.54 -11.13 49.42
N LEU B 405 30.67 -11.35 50.10
CA LEU B 405 30.77 -11.15 51.53
C LEU B 405 30.55 -9.69 51.94
N VAL B 406 31.27 -8.78 51.29
CA VAL B 406 31.15 -7.35 51.58
C VAL B 406 29.71 -6.87 51.37
N GLU B 407 29.13 -7.28 50.24
CA GLU B 407 27.75 -6.89 49.91
C GLU B 407 26.76 -7.42 50.94
N ASP B 408 26.95 -8.67 51.36
CA ASP B 408 26.04 -9.28 52.34
C ASP B 408 26.17 -8.62 53.70
N LEU B 409 27.39 -8.26 54.08
CA LEU B 409 27.62 -7.61 55.37
C LEU B 409 27.17 -6.16 55.38
N PHE B 410 27.11 -5.52 54.21
CA PHE B 410 26.53 -4.18 54.12
C PHE B 410 25.01 -4.31 54.12
N ALA B 411 24.54 -5.45 53.63
CA ALA B 411 23.11 -5.74 53.57
C ALA B 411 22.55 -6.10 54.94
N ASP B 412 23.39 -6.69 55.79
CA ASP B 412 22.99 -7.00 57.16
C ASP B 412 23.21 -5.79 58.07
N LYS B 413 23.74 -4.71 57.51
CA LYS B 413 24.02 -3.45 58.21
C LYS B 413 25.07 -3.60 59.31
N HIS B 414 26.02 -4.50 59.09
CA HIS B 414 27.19 -4.65 59.96
C HIS B 414 28.26 -3.66 59.52
N ILE B 415 28.73 -3.80 58.28
CA ILE B 415 29.61 -2.78 57.70
C ILE B 415 28.87 -1.43 57.66
N GLN B 416 29.50 -0.40 58.22
CA GLN B 416 28.91 0.94 58.26
C GLN B 416 29.34 1.80 57.08
N VAL B 417 30.64 2.06 56.97
CA VAL B 417 31.20 2.83 55.86
C VAL B 417 31.78 1.89 54.81
N LEU B 418 31.32 1.99 53.57
CA LEU B 418 31.87 1.11 52.54
C LEU B 418 32.32 1.99 51.38
N VAL B 419 33.59 1.89 51.02
CA VAL B 419 34.13 2.67 49.91
C VAL B 419 34.25 1.76 48.69
N SER B 420 33.82 2.26 47.54
CA SER B 420 33.62 1.40 46.39
C SER B 420 33.77 2.09 45.05
N THR B 421 33.53 1.31 44.00
CA THR B 421 33.70 1.72 42.61
C THR B 421 32.36 1.60 41.89
N ALA B 422 32.25 2.21 40.71
CA ALA B 422 31.02 2.18 39.91
C ALA B 422 30.48 0.76 39.68
N THR B 423 31.39 -0.21 39.63
CA THR B 423 31.03 -1.62 39.45
C THR B 423 29.92 -2.04 40.42
N LEU B 424 30.01 -1.54 41.64
CA LEU B 424 29.00 -1.81 42.66
C LEU B 424 27.67 -1.14 42.29
N ALA B 425 27.76 0.08 41.77
CA ALA B 425 26.57 0.84 41.40
C ALA B 425 25.78 0.17 40.28
N TRP B 426 26.48 -0.32 39.26
CA TRP B 426 25.82 -0.98 38.14
C TRP B 426 25.39 -2.41 38.44
N GLY B 427 26.27 -3.15 39.10
CA GLY B 427 26.11 -4.59 39.24
C GLY B 427 25.07 -5.09 40.21
N VAL B 428 24.86 -4.37 41.30
CA VAL B 428 23.95 -4.87 42.33
C VAL B 428 23.16 -3.73 42.96
N ASN B 429 21.96 -4.04 43.47
CA ASN B 429 21.19 -3.03 44.16
C ASN B 429 21.41 -3.13 45.67
N LEU B 430 22.20 -2.20 46.21
CA LEU B 430 22.32 -2.06 47.65
C LEU B 430 22.48 -0.59 48.01
N PRO B 431 21.35 0.11 48.16
CA PRO B 431 21.36 1.53 48.52
C PRO B 431 21.73 1.76 49.99
N ALA B 432 22.51 2.79 50.26
CA ALA B 432 22.70 3.25 51.62
C ALA B 432 21.89 4.52 51.85
N HIS B 433 21.87 4.99 53.09
CA HIS B 433 21.13 6.21 53.40
C HIS B 433 21.90 7.39 52.84
N THR B 434 23.22 7.30 52.87
CA THR B 434 24.07 8.38 52.42
C THR B 434 25.01 7.89 51.34
N VAL B 435 25.18 8.69 50.29
CA VAL B 435 26.11 8.34 49.23
C VAL B 435 27.01 9.54 48.93
N ILE B 436 28.31 9.37 49.12
CA ILE B 436 29.25 10.43 48.79
C ILE B 436 30.09 10.01 47.59
N ILE B 437 30.24 10.90 46.62
CA ILE B 437 31.03 10.59 45.43
C ILE B 437 32.24 11.49 45.42
N LYS B 438 33.41 10.87 45.49
CA LYS B 438 34.65 11.61 45.63
C LYS B 438 35.30 11.96 44.29
N GLY B 439 35.30 13.24 43.95
CA GLY B 439 36.18 13.81 42.94
C GLY B 439 35.77 13.87 41.46
N THR B 440 34.89 12.96 41.04
CA THR B 440 34.41 12.90 39.64
C THR B 440 35.51 12.88 38.58
N GLN B 441 36.71 12.43 38.94
CA GLN B 441 37.81 12.33 37.99
C GLN B 441 38.02 10.84 37.73
N VAL B 442 38.05 10.45 36.46
CA VAL B 442 38.09 9.02 36.16
C VAL B 442 39.06 8.72 35.03
N TYR B 443 39.74 7.58 35.08
CA TYR B 443 40.69 7.29 34.02
C TYR B 443 40.02 6.72 32.78
N SER B 444 40.29 7.37 31.66
CA SER B 444 39.87 6.93 30.35
C SER B 444 41.07 6.53 29.52
N PRO B 445 41.23 5.22 29.33
CA PRO B 445 42.23 4.56 28.49
C PRO B 445 42.16 5.02 27.04
N GLU B 446 40.95 5.23 26.54
CA GLU B 446 40.74 5.62 25.14
C GLU B 446 41.07 7.08 24.90
N LYS B 447 40.90 7.92 25.92
CA LYS B 447 41.37 9.29 25.85
C LYS B 447 42.80 9.38 26.37
N GLY B 448 43.25 8.32 27.03
CA GLY B 448 44.60 8.27 27.55
C GLY B 448 44.83 9.14 28.78
N ARG B 449 43.76 9.75 29.28
CA ARG B 449 43.94 10.69 30.39
C ARG B 449 43.01 10.40 31.54
N TRP B 450 43.07 11.25 32.55
CA TRP B 450 41.99 11.34 33.50
C TRP B 450 41.05 12.36 32.88
N THR B 451 39.75 12.10 32.97
CA THR B 451 38.75 12.97 32.37
C THR B 451 37.59 13.11 33.33
N GLU B 452 36.62 13.95 32.96
CA GLU B 452 35.49 14.15 33.84
C GLU B 452 34.52 12.99 33.68
N LEU B 453 34.03 12.54 34.84
CA LEU B 453 33.29 11.30 34.98
C LEU B 453 32.09 11.18 34.07
N GLY B 454 31.86 9.95 33.59
CA GLY B 454 30.75 9.68 32.72
C GLY B 454 29.48 9.98 33.49
N ALA B 455 28.57 10.67 32.82
CA ALA B 455 27.29 11.05 33.41
C ALA B 455 26.54 9.83 33.92
N LEU B 456 26.58 8.75 33.15
CA LEU B 456 25.85 7.52 33.47
C LEU B 456 26.29 6.95 34.82
N ASP B 457 27.58 7.03 35.09
CA ASP B 457 28.13 6.51 36.33
C ASP B 457 27.68 7.35 37.52
N ILE B 458 27.79 8.67 37.40
CA ILE B 458 27.33 9.60 38.43
C ILE B 458 25.83 9.42 38.75
N LEU B 459 25.01 9.36 37.70
CA LEU B 459 23.57 9.20 37.87
C LEU B 459 23.24 7.88 38.55
N GLN B 460 23.86 6.80 38.09
CA GLN B 460 23.59 5.49 38.66
C GLN B 460 24.11 5.40 40.09
N MET B 461 25.15 6.16 40.39
CA MET B 461 25.73 6.17 41.72
C MET B 461 24.82 6.92 42.68
N LEU B 462 24.54 8.20 42.44
CA LEU B 462 23.59 8.90 43.32
C LEU B 462 22.20 8.28 43.32
N GLY B 463 21.88 7.46 42.33
CA GLY B 463 20.60 6.78 42.34
C GLY B 463 20.51 5.76 43.44
N ARG B 464 21.65 5.47 44.06
CA ARG B 464 21.73 4.52 45.15
C ARG B 464 21.49 5.22 46.50
N ALA B 465 21.36 6.55 46.45
CA ALA B 465 21.09 7.32 47.66
C ALA B 465 19.65 7.10 48.11
N GLY B 466 19.50 6.76 49.38
CA GLY B 466 18.19 6.59 49.98
C GLY B 466 17.68 5.18 49.70
N ARG B 467 16.95 4.60 50.64
CA ARG B 467 16.61 3.19 50.53
C ARG B 467 15.11 3.00 50.33
N PRO B 468 14.74 2.56 49.13
CA PRO B 468 13.38 2.53 48.57
C PRO B 468 12.34 1.82 49.42
N GLN B 469 12.65 0.61 49.86
CA GLN B 469 11.66 -0.19 50.59
C GLN B 469 11.71 0.07 52.08
N TYR B 470 12.75 0.76 52.53
CA TYR B 470 12.94 0.89 53.96
C TYR B 470 12.63 2.25 54.57
N ASP B 471 13.40 3.30 54.26
CA ASP B 471 13.27 4.49 55.10
C ASP B 471 13.31 5.92 54.52
N THR B 472 12.42 6.75 55.05
CA THR B 472 12.69 8.17 55.35
C THR B 472 12.99 9.05 54.11
N LYS B 473 14.16 9.67 54.06
CA LYS B 473 14.57 10.47 52.91
C LYS B 473 16.06 10.18 52.73
N GLY B 474 16.56 10.30 51.51
CA GLY B 474 17.96 10.01 51.26
C GLY B 474 18.87 11.22 51.19
N GLU B 475 20.18 10.96 51.23
CA GLU B 475 21.16 12.02 51.20
C GLU B 475 22.36 11.62 50.32
N GLY B 476 22.87 12.58 49.57
CA GLY B 476 24.04 12.34 48.76
C GLY B 476 24.86 13.61 48.58
N ILE B 477 26.16 13.41 48.37
CA ILE B 477 27.12 14.48 48.30
C ILE B 477 28.02 14.27 47.10
N LEU B 478 28.16 15.30 46.26
CA LEU B 478 29.04 15.20 45.12
C LEU B 478 30.23 16.13 45.27
N ILE B 479 31.41 15.56 45.51
CA ILE B 479 32.61 16.38 45.62
C ILE B 479 33.32 16.42 44.28
N THR B 480 33.46 17.63 43.75
CA THR B 480 34.09 17.84 42.45
C THR B 480 34.98 19.06 42.58
N SER B 481 35.65 19.43 41.51
CA SER B 481 36.34 20.71 41.47
C SER B 481 35.29 21.82 41.34
N HIS B 482 35.56 22.99 41.90
CA HIS B 482 34.54 24.05 42.00
C HIS B 482 34.05 24.52 40.64
N GLY B 483 34.96 24.96 39.79
CA GLY B 483 34.61 25.23 38.41
C GLY B 483 34.15 23.87 37.95
N GLU B 484 33.15 23.83 37.06
CA GLU B 484 32.45 22.59 36.72
C GLU B 484 31.48 22.06 37.79
N LEU B 485 31.04 22.93 38.69
CA LEU B 485 29.97 22.56 39.61
C LEU B 485 28.66 22.54 38.82
N GLN B 486 28.65 23.31 37.75
CA GLN B 486 27.43 23.56 37.02
C GLN B 486 27.09 22.39 36.11
N TYR B 487 28.11 21.60 35.75
CA TYR B 487 27.90 20.41 34.92
C TYR B 487 27.18 19.32 35.71
N TYR B 488 27.62 19.10 36.94
CA TYR B 488 27.03 18.06 37.75
C TYR B 488 25.71 18.52 38.36
N LEU B 489 25.62 19.82 38.63
CA LEU B 489 24.34 20.42 38.97
C LEU B 489 23.34 20.17 37.84
N SER B 490 23.75 20.49 36.62
CA SER B 490 22.94 20.21 35.44
C SER B 490 22.54 18.74 35.33
N LEU B 491 23.51 17.85 35.52
CA LEU B 491 23.30 16.42 35.29
C LEU B 491 22.32 15.79 36.27
N LEU B 492 22.49 16.08 37.55
CA LEU B 492 21.67 15.41 38.55
C LEU B 492 20.32 16.09 38.78
N ASN B 493 20.22 17.34 38.32
CA ASN B 493 19.01 18.14 38.44
C ASN B 493 18.14 18.15 37.18
N GLN B 494 18.45 17.27 36.25
CA GLN B 494 17.71 17.06 35.00
C GLN B 494 17.82 18.19 33.98
N GLN B 495 18.88 18.97 34.06
CA GLN B 495 19.12 20.00 33.07
C GLN B 495 20.21 19.73 32.02
N LEU B 496 20.86 18.57 32.06
CA LEU B 496 21.91 18.29 31.09
C LEU B 496 21.33 17.55 29.89
N PRO B 497 21.21 18.26 28.76
CA PRO B 497 20.44 17.76 27.61
C PRO B 497 21.13 16.61 26.90
N ILE B 498 20.34 15.63 26.43
CA ILE B 498 20.87 14.49 25.69
C ILE B 498 21.12 14.85 24.23
N GLU B 499 22.37 14.84 23.81
CA GLU B 499 22.68 15.22 22.43
C GLU B 499 23.13 14.01 21.64
N SER B 500 23.48 14.22 20.38
CA SER B 500 23.88 13.14 19.51
C SER B 500 25.36 13.26 19.19
N GLN B 501 26.11 12.21 19.48
CA GLN B 501 27.55 12.20 19.23
C GLN B 501 27.86 11.60 17.87
N MET B 502 26.81 11.31 17.10
CA MET B 502 26.92 10.60 15.85
C MET B 502 28.00 11.13 14.91
N VAL B 503 28.22 12.45 14.91
CA VAL B 503 29.17 13.06 13.98
C VAL B 503 30.58 12.55 14.23
N SER B 504 30.84 12.17 15.47
CA SER B 504 32.15 11.70 15.87
C SER B 504 32.49 10.35 15.23
N LYS B 505 31.56 9.42 15.35
CA LYS B 505 31.73 8.05 14.90
C LYS B 505 31.14 7.77 13.51
N LEU B 506 30.69 8.82 12.83
CA LEU B 506 29.97 8.64 11.59
C LEU B 506 30.63 7.74 10.51
N PRO B 507 31.93 7.93 10.21
CA PRO B 507 32.49 7.12 9.11
C PRO B 507 32.42 5.61 9.33
N ASP B 508 32.67 5.17 10.56
CA ASP B 508 32.61 3.75 10.84
C ASP B 508 31.16 3.25 10.73
N MET B 509 30.20 4.07 11.19
CA MET B 509 28.79 3.68 11.13
C MET B 509 28.31 3.54 9.68
N LEU B 510 28.69 4.53 8.87
CA LEU B 510 28.40 4.49 7.45
C LEU B 510 28.97 3.22 6.85
N ASN B 511 30.23 2.93 7.19
CA ASN B 511 30.87 1.74 6.65
C ASN B 511 30.12 0.45 6.98
N ALA B 512 29.70 0.34 8.24
CA ALA B 512 28.94 -0.84 8.65
C ALA B 512 27.69 -0.97 7.79
N GLU B 513 27.02 0.16 7.53
CA GLU B 513 25.83 0.10 6.68
C GLU B 513 26.13 -0.17 5.20
N ILE B 514 27.32 0.20 4.73
CA ILE B 514 27.76 -0.17 3.39
C ILE B 514 27.95 -1.69 3.28
N VAL B 515 28.66 -2.24 4.26
CA VAL B 515 29.00 -3.66 4.25
C VAL B 515 27.76 -4.54 4.27
N LEU B 516 26.78 -4.13 5.07
CA LEU B 516 25.51 -4.85 5.16
C LEU B 516 24.72 -4.78 3.86
N GLY B 517 25.09 -3.84 3.00
CA GLY B 517 24.39 -3.67 1.74
C GLY B 517 23.12 -2.88 1.90
N ASN B 518 22.91 -2.31 3.10
CA ASN B 518 21.75 -1.45 3.38
C ASN B 518 21.94 -0.05 2.81
N VAL B 519 23.18 0.33 2.56
CA VAL B 519 23.46 1.60 1.93
C VAL B 519 24.34 1.31 0.73
N GLN B 520 23.78 1.45 -0.47
CA GLN B 520 24.53 1.16 -1.69
C GLN B 520 25.15 2.41 -2.31
N ASN B 521 24.79 3.59 -1.79
CA ASN B 521 25.25 4.86 -2.35
C ASN B 521 24.95 6.04 -1.45
N ALA B 522 25.38 7.22 -1.89
CA ALA B 522 25.24 8.45 -1.11
C ALA B 522 23.79 8.79 -0.72
N LYS B 523 22.86 8.69 -1.67
CA LYS B 523 21.48 9.04 -1.36
C LYS B 523 20.89 8.10 -0.30
N ASP B 524 21.20 6.81 -0.45
CA ASP B 524 20.84 5.79 0.54
C ASP B 524 21.38 6.13 1.93
N ALA B 525 22.59 6.67 1.97
CA ALA B 525 23.18 7.11 3.23
C ALA B 525 22.39 8.28 3.80
N VAL B 526 22.02 9.25 2.98
CA VAL B 526 21.26 10.39 3.49
C VAL B 526 19.94 9.92 4.11
N ASN B 527 19.26 9.05 3.38
CA ASN B 527 18.02 8.48 3.86
C ASN B 527 18.26 7.71 5.15
N TRP B 528 19.43 7.09 5.24
CA TRP B 528 19.82 6.33 6.42
C TRP B 528 19.96 7.27 7.62
N LEU B 529 20.73 8.34 7.45
CA LEU B 529 20.90 9.38 8.46
C LEU B 529 19.55 9.89 8.96
N GLY B 530 18.56 9.86 8.07
CA GLY B 530 17.19 10.19 8.48
C GLY B 530 16.64 9.40 9.65
N TYR B 531 17.23 8.25 9.96
CA TYR B 531 16.77 7.46 11.10
C TYR B 531 17.51 7.77 12.39
N ALA B 532 18.56 8.57 12.30
CA ALA B 532 19.43 8.81 13.45
C ALA B 532 18.86 9.84 14.39
N TYR B 533 19.27 9.75 15.65
CA TYR B 533 18.94 10.74 16.68
C TYR B 533 19.50 12.10 16.27
N LEU B 534 20.63 12.05 15.55
CA LEU B 534 21.27 13.22 14.98
C LEU B 534 20.33 14.07 14.12
N TYR B 535 19.50 13.43 13.29
CA TYR B 535 18.61 14.15 12.38
C TYR B 535 17.65 15.04 13.14
N ILE B 536 16.92 14.44 14.08
CA ILE B 536 16.01 15.16 14.95
C ILE B 536 16.74 16.28 15.69
N ARG B 537 17.84 15.94 16.34
CA ARG B 537 18.56 16.94 17.12
C ARG B 537 19.01 18.12 16.27
N MET B 538 19.44 17.86 15.04
CA MET B 538 19.84 18.90 14.12
C MET B 538 18.65 19.74 13.68
N LEU B 539 17.49 19.10 13.51
CA LEU B 539 16.28 19.84 13.15
C LEU B 539 15.92 20.82 14.24
N ARG B 540 15.97 20.34 15.47
CA ARG B 540 15.42 21.09 16.58
C ARG B 540 16.40 22.02 17.28
N SER B 541 17.70 21.88 17.00
CA SER B 541 18.70 22.81 17.52
C SER B 541 19.80 23.08 16.51
N PRO B 542 19.44 23.67 15.35
CA PRO B 542 20.38 23.79 14.23
C PRO B 542 21.70 24.47 14.61
N THR B 543 21.62 25.53 15.42
CA THR B 543 22.82 26.29 15.76
C THR B 543 23.80 25.45 16.59
N LEU B 544 23.30 24.73 17.57
CA LEU B 544 24.14 23.84 18.38
C LEU B 544 24.90 22.83 17.51
N TYR B 545 24.25 22.37 16.45
CA TYR B 545 24.86 21.43 15.53
C TYR B 545 25.52 22.11 14.35
N GLY B 546 25.59 23.45 14.39
CA GLY B 546 26.32 24.21 13.41
C GLY B 546 25.55 24.55 12.13
N ILE B 547 24.24 24.72 12.26
CA ILE B 547 23.39 25.05 11.12
C ILE B 547 22.67 26.38 11.34
N SER B 548 22.75 27.26 10.34
CA SER B 548 22.06 28.56 10.38
C SER B 548 20.54 28.38 10.34
N HIS B 549 19.82 29.22 11.07
CA HIS B 549 18.35 29.18 11.06
C HIS B 549 17.77 29.45 9.65
N ASP B 550 18.48 30.26 8.89
CA ASP B 550 18.10 30.51 7.51
C ASP B 550 18.14 29.23 6.67
N ASP B 551 19.28 28.55 6.75
CA ASP B 551 19.47 27.25 6.11
C ASP B 551 18.29 26.33 6.43
N LEU B 552 18.10 26.08 7.71
CA LEU B 552 16.99 25.26 8.19
C LEU B 552 15.66 25.68 7.58
N LYS B 553 15.38 26.99 7.55
CA LYS B 553 14.12 27.47 6.99
C LYS B 553 13.98 27.11 5.51
N GLY B 554 15.06 27.25 4.75
CA GLY B 554 15.05 26.91 3.34
C GLY B 554 15.25 25.44 3.04
N ASP B 555 15.73 24.70 4.03
CA ASP B 555 15.99 23.27 3.85
C ASP B 555 15.63 22.50 5.12
N PRO B 556 14.31 22.40 5.41
CA PRO B 556 13.81 21.81 6.65
C PRO B 556 14.18 20.34 6.83
N LEU B 557 14.50 19.65 5.75
CA LEU B 557 14.87 18.24 5.86
C LEU B 557 16.38 18.07 5.91
N LEU B 558 17.10 19.20 5.88
CA LEU B 558 18.56 19.21 5.95
C LEU B 558 19.20 18.26 4.94
N ASP B 559 18.77 18.35 3.69
CA ASP B 559 19.32 17.54 2.61
C ASP B 559 20.80 17.83 2.46
N GLN B 560 21.13 19.11 2.57
CA GLN B 560 22.48 19.58 2.31
C GLN B 560 23.43 19.09 3.40
N ARG B 561 23.02 19.21 4.65
CA ARG B 561 23.88 18.83 5.76
C ARG B 561 24.12 17.33 5.74
N ARG B 562 23.07 16.55 5.48
CA ARG B 562 23.22 15.11 5.44
C ARG B 562 24.09 14.70 4.26
N LEU B 563 23.83 15.27 3.09
CA LEU B 563 24.65 14.94 1.92
C LEU B 563 26.12 15.31 2.14
N ASP B 564 26.36 16.43 2.81
CA ASP B 564 27.73 16.88 3.10
C ASP B 564 28.44 15.95 4.12
N LEU B 565 27.75 15.61 5.20
CA LEU B 565 28.26 14.68 6.20
C LEU B 565 28.65 13.35 5.54
N VAL B 566 27.71 12.84 4.75
CA VAL B 566 27.90 11.58 4.04
C VAL B 566 29.10 11.68 3.11
N HIS B 567 29.21 12.79 2.39
CA HIS B 567 30.33 13.03 1.47
C HIS B 567 31.67 12.96 2.20
N THR B 568 31.74 13.65 3.34
CA THR B 568 32.96 13.67 4.14
C THR B 568 33.33 12.26 4.59
N ALA B 569 32.38 11.58 5.23
CA ALA B 569 32.60 10.23 5.71
C ALA B 569 33.00 9.27 4.59
N ALA B 570 32.41 9.43 3.42
CA ALA B 570 32.67 8.54 2.30
C ALA B 570 34.05 8.80 1.73
N LEU B 571 34.51 10.04 1.81
CA LEU B 571 35.87 10.37 1.38
C LEU B 571 36.89 9.80 2.36
N MET B 572 36.56 9.83 3.65
CA MET B 572 37.42 9.22 4.67
C MET B 572 37.53 7.71 4.50
N LEU B 573 36.39 7.06 4.28
CA LEU B 573 36.34 5.62 4.09
C LEU B 573 37.03 5.21 2.80
N ASP B 574 36.92 6.06 1.78
CA ASP B 574 37.55 5.77 0.49
C ASP B 574 39.06 5.92 0.55
N LYS B 575 39.52 6.96 1.26
CA LYS B 575 40.95 7.18 1.46
C LYS B 575 41.64 5.97 2.11
N ASN B 576 40.98 5.41 3.12
CA ASN B 576 41.55 4.29 3.88
C ASN B 576 41.19 2.93 3.28
N ASN B 577 40.57 2.94 2.11
CA ASN B 577 40.33 1.74 1.30
C ASN B 577 39.38 0.74 1.94
N LEU B 578 38.46 1.23 2.76
CA LEU B 578 37.33 0.41 3.21
C LEU B 578 36.25 0.39 2.14
N VAL B 579 36.26 1.40 1.28
CA VAL B 579 35.19 1.55 0.32
C VAL B 579 35.69 2.21 -0.97
N LYS B 580 35.10 1.82 -2.09
CA LYS B 580 35.32 2.54 -3.34
C LYS B 580 34.18 3.53 -3.56
N TYR B 581 34.53 4.81 -3.63
CA TYR B 581 33.54 5.88 -3.74
C TYR B 581 33.92 6.87 -4.83
N ASP B 582 33.09 6.97 -5.86
CA ASP B 582 33.33 7.98 -6.88
C ASP B 582 32.45 9.19 -6.62
N LYS B 583 33.06 10.36 -6.59
CA LYS B 583 32.38 11.56 -6.15
C LYS B 583 31.32 12.04 -7.13
N LYS B 584 31.28 11.42 -8.32
CA LYS B 584 30.30 11.80 -9.34
C LYS B 584 28.94 11.17 -9.09
N THR B 585 28.86 9.85 -9.17
CA THR B 585 27.58 9.17 -8.98
C THR B 585 27.20 9.04 -7.50
N GLY B 586 28.21 8.99 -6.64
CA GLY B 586 27.97 8.79 -5.22
C GLY B 586 27.70 7.34 -4.86
N ASN B 587 28.07 6.42 -5.76
CA ASN B 587 27.93 4.99 -5.48
C ASN B 587 29.03 4.48 -4.58
N PHE B 588 28.70 3.47 -3.79
CA PHE B 588 29.64 2.84 -2.87
C PHE B 588 29.90 1.39 -3.28
N GLN B 589 31.16 0.95 -3.19
CA GLN B 589 31.51 -0.47 -3.32
C GLN B 589 32.29 -0.96 -2.11
N VAL B 590 31.75 -1.97 -1.43
CA VAL B 590 32.44 -2.60 -0.30
C VAL B 590 33.79 -3.19 -0.72
N THR B 591 34.79 -3.10 0.16
CA THR B 591 36.05 -3.80 -0.06
C THR B 591 36.23 -4.90 0.97
N GLU B 592 37.28 -5.69 0.84
CA GLU B 592 37.51 -6.78 1.78
C GLU B 592 37.95 -6.19 3.11
N LEU B 593 38.78 -5.15 3.02
CA LEU B 593 39.22 -4.43 4.21
C LEU B 593 38.03 -3.81 4.93
N GLY B 594 37.11 -3.25 4.15
CA GLY B 594 35.93 -2.62 4.73
C GLY B 594 35.04 -3.64 5.42
N ARG B 595 34.84 -4.77 4.75
CA ARG B 595 33.97 -5.83 5.27
C ARG B 595 34.53 -6.38 6.57
N ILE B 596 35.84 -6.59 6.63
CA ILE B 596 36.45 -7.10 7.86
C ILE B 596 36.36 -6.02 8.95
N ALA B 597 36.70 -4.79 8.58
CA ALA B 597 36.59 -3.64 9.46
C ALA B 597 35.23 -3.57 10.16
N SER B 598 34.16 -3.71 9.39
CA SER B 598 32.82 -3.73 9.97
C SER B 598 32.61 -4.98 10.84
N HIS B 599 32.84 -6.16 10.27
CA HIS B 599 32.54 -7.40 10.96
C HIS B 599 33.31 -7.54 12.28
N TYR B 600 34.57 -7.09 12.28
CA TYR B 600 35.40 -7.22 13.48
C TYR B 600 35.47 -5.93 14.31
N TYR B 601 34.67 -4.93 13.93
CA TYR B 601 34.46 -3.73 14.76
C TYR B 601 35.74 -2.92 14.97
N ILE B 602 36.50 -2.70 13.92
CA ILE B 602 37.74 -1.95 14.04
C ILE B 602 37.64 -0.67 13.24
N THR B 603 38.22 0.42 13.76
CA THR B 603 38.10 1.73 13.12
C THR B 603 38.91 1.80 11.84
N ASN B 604 38.48 2.66 10.92
CA ASN B 604 39.03 2.67 9.57
C ASN B 604 40.50 3.09 9.50
N ASP B 605 40.93 3.93 10.44
CA ASP B 605 42.33 4.34 10.50
C ASP B 605 43.22 3.14 10.79
N THR B 606 42.80 2.34 11.76
CA THR B 606 43.47 1.09 12.12
C THR B 606 43.59 0.18 10.90
N VAL B 607 42.52 0.11 10.12
CA VAL B 607 42.49 -0.73 8.93
C VAL B 607 43.55 -0.28 7.94
N GLN B 608 43.68 1.03 7.74
CA GLN B 608 44.71 1.49 6.82
C GLN B 608 46.11 1.24 7.38
N THR B 609 46.28 1.37 8.69
CA THR B 609 47.58 1.09 9.31
C THR B 609 47.97 -0.38 9.05
N TYR B 610 47.06 -1.31 9.36
CA TYR B 610 47.31 -2.72 9.09
C TYR B 610 47.64 -2.95 7.63
N ASN B 611 46.87 -2.33 6.74
CA ASN B 611 47.05 -2.52 5.31
C ASN B 611 48.39 -1.97 4.84
N GLN B 612 48.90 -0.98 5.58
CA GLN B 612 50.24 -0.44 5.34
C GLN B 612 51.35 -1.39 5.79
N LEU B 613 51.26 -1.85 7.04
CA LEU B 613 52.36 -2.56 7.67
C LEU B 613 52.40 -4.07 7.48
N LEU B 614 51.30 -4.67 7.04
CA LEU B 614 51.23 -6.14 6.96
C LEU B 614 51.89 -6.70 5.69
N LYS B 615 52.74 -7.71 5.85
CA LYS B 615 53.43 -8.34 4.72
C LYS B 615 53.65 -9.83 5.01
N PRO B 616 53.78 -10.65 3.94
CA PRO B 616 53.99 -12.10 4.10
C PRO B 616 55.16 -12.46 5.01
N THR B 617 56.20 -11.62 5.00
CA THR B 617 57.41 -11.91 5.77
C THR B 617 57.44 -11.28 7.16
N LEU B 618 56.33 -10.67 7.58
CA LEU B 618 56.28 -10.04 8.89
C LEU B 618 56.63 -11.04 9.99
N SER B 619 57.55 -10.66 10.87
CA SER B 619 57.95 -11.49 12.00
C SER B 619 56.95 -11.34 13.15
N GLU B 620 57.13 -12.13 14.21
CA GLU B 620 56.19 -12.05 15.32
C GLU B 620 56.43 -10.77 16.10
N ILE B 621 57.69 -10.36 16.16
CA ILE B 621 58.07 -9.13 16.83
C ILE B 621 57.33 -7.97 16.16
N GLU B 622 57.48 -7.89 14.84
CA GLU B 622 56.83 -6.85 14.07
C GLU B 622 55.30 -6.93 14.14
N LEU B 623 54.75 -8.13 14.29
CA LEU B 623 53.31 -8.30 14.41
C LEU B 623 52.85 -7.62 15.70
N PHE B 624 53.59 -7.87 16.78
CA PHE B 624 53.29 -7.21 18.05
C PHE B 624 53.40 -5.68 17.91
N ARG B 625 54.36 -5.21 17.10
CA ARG B 625 54.49 -3.77 16.87
C ARG B 625 53.25 -3.21 16.13
N VAL B 626 52.84 -3.92 15.08
CA VAL B 626 51.70 -3.51 14.27
C VAL B 626 50.42 -3.45 15.10
N PHE B 627 50.15 -4.52 15.85
CA PHE B 627 49.03 -4.48 16.79
C PHE B 627 49.15 -3.25 17.67
N SER B 628 50.34 -2.98 18.20
CA SER B 628 50.53 -1.79 19.04
C SER B 628 50.19 -0.48 18.33
N LEU B 629 50.25 -0.45 17.01
CA LEU B 629 49.98 0.79 16.28
C LEU B 629 48.51 1.02 15.89
N SER B 630 47.63 0.15 16.38
CA SER B 630 46.18 0.31 16.12
C SER B 630 45.62 1.63 16.65
N SER B 631 44.77 2.30 15.87
CA SER B 631 44.25 3.61 16.27
C SER B 631 43.33 3.56 17.50
N GLU B 632 42.84 2.39 17.85
CA GLU B 632 42.11 2.21 19.10
C GLU B 632 42.95 2.68 20.28
N PHE B 633 44.27 2.59 20.11
CA PHE B 633 45.26 2.95 21.13
C PHE B 633 45.93 4.30 20.95
N LYS B 634 45.51 5.07 19.95
CA LYS B 634 46.28 6.25 19.55
C LYS B 634 46.47 7.30 20.64
N ASN B 635 45.63 7.28 21.66
CA ASN B 635 45.71 8.24 22.74
C ASN B 635 46.49 7.74 23.96
N ILE B 636 46.91 6.48 23.91
CA ILE B 636 47.69 5.89 24.99
C ILE B 636 49.05 6.58 25.05
N THR B 637 49.51 6.91 26.25
CA THR B 637 50.87 7.41 26.46
C THR B 637 51.51 6.76 27.69
N VAL B 638 52.82 6.89 27.81
CA VAL B 638 53.51 6.41 29.00
C VAL B 638 53.69 7.50 30.04
N ARG B 639 53.15 7.25 31.24
CA ARG B 639 53.35 8.10 32.41
C ARG B 639 54.68 7.78 33.12
N GLU B 640 55.30 8.79 33.72
CA GLU B 640 56.50 8.57 34.53
C GLU B 640 56.28 7.49 35.59
N GLU B 641 55.18 7.60 36.32
CA GLU B 641 54.95 6.73 37.46
C GLU B 641 54.83 5.26 37.08
N GLU B 642 54.51 4.97 35.82
CA GLU B 642 54.46 3.57 35.40
C GLU B 642 55.70 3.07 34.64
N LYS B 643 56.66 3.95 34.36
CA LYS B 643 57.82 3.58 33.53
C LYS B 643 58.60 2.39 34.10
N LEU B 644 58.81 2.41 35.41
CA LEU B 644 59.59 1.38 36.08
C LEU B 644 58.91 0.03 35.92
N GLU B 645 57.60 0.04 36.17
CA GLU B 645 56.82 -1.19 36.12
C GLU B 645 56.85 -1.72 34.69
N LEU B 646 56.82 -0.80 33.72
CA LEU B 646 56.94 -1.18 32.31
C LEU B 646 58.28 -1.84 32.06
N GLN B 647 59.33 -1.30 32.67
CA GLN B 647 60.69 -1.86 32.53
C GLN B 647 60.76 -3.30 33.04
N LYS B 648 60.22 -3.55 34.23
CA LYS B 648 60.24 -4.89 34.80
C LYS B 648 59.41 -5.88 33.97
N LEU B 649 58.23 -5.44 33.58
CA LEU B 649 57.35 -6.28 32.75
C LEU B 649 58.08 -6.62 31.46
N LEU B 650 58.69 -5.62 30.83
CA LEU B 650 59.44 -5.81 29.60
C LEU B 650 60.58 -6.80 29.80
N GLU B 651 61.14 -6.83 31.01
CA GLU B 651 62.18 -7.82 31.28
C GLU B 651 61.59 -9.22 31.30
N ARG B 652 60.37 -9.36 31.82
CA ARG B 652 59.81 -10.71 31.96
C ARG B 652 58.99 -11.22 30.77
N VAL B 653 58.79 -10.42 29.73
CA VAL B 653 58.01 -10.87 28.58
C VAL B 653 58.90 -11.41 27.45
N PRO B 654 58.46 -12.51 26.81
CA PRO B 654 59.25 -13.30 25.86
C PRO B 654 59.53 -12.66 24.50
N ILE B 655 58.61 -11.90 23.94
CA ILE B 655 58.86 -11.39 22.60
C ILE B 655 59.66 -10.10 22.68
N PRO B 656 60.77 -10.02 21.92
CA PRO B 656 61.57 -8.80 21.89
C PRO B 656 60.74 -7.58 21.53
N VAL B 657 60.82 -6.53 22.31
CA VAL B 657 60.22 -5.28 21.90
C VAL B 657 61.34 -4.46 21.34
N LYS B 658 61.37 -4.34 20.02
CA LYS B 658 62.53 -3.78 19.34
C LYS B 658 62.65 -2.32 19.72
N GLU B 659 63.81 -1.75 19.43
CA GLU B 659 64.41 -0.67 20.20
C GLU B 659 63.52 0.57 20.37
N SER B 660 62.27 0.49 19.90
CA SER B 660 61.28 1.42 20.40
C SER B 660 61.38 1.32 21.92
N ILE B 661 61.70 2.46 22.54
CA ILE B 661 61.90 2.58 23.99
C ILE B 661 60.50 2.78 24.54
N GLU B 662 60.30 3.25 25.76
CA GLU B 662 58.91 3.38 26.11
C GLU B 662 58.38 4.70 25.55
N GLU B 663 57.84 4.51 24.35
CA GLU B 663 56.82 5.28 23.67
C GLU B 663 55.53 4.54 23.96
N PRO B 664 54.37 5.17 23.71
CA PRO B 664 53.10 4.45 23.85
C PRO B 664 53.10 3.05 23.21
N SER B 665 53.68 2.96 22.01
CA SER B 665 53.68 1.70 21.27
C SER B 665 54.21 0.52 22.07
N ALA B 666 55.42 0.67 22.58
CA ALA B 666 56.08 -0.40 23.32
C ALA B 666 55.32 -0.70 24.61
N LYS B 667 54.64 0.32 25.14
CA LYS B 667 53.84 0.15 26.33
C LYS B 667 52.70 -0.82 26.05
N ILE B 668 52.02 -0.59 24.92
CA ILE B 668 50.92 -1.45 24.51
C ILE B 668 51.42 -2.86 24.29
N ASN B 669 52.51 -2.96 23.54
CA ASN B 669 53.18 -4.23 23.27
C ASN B 669 53.42 -5.04 24.55
N VAL B 670 54.07 -4.41 25.52
CA VAL B 670 54.48 -5.10 26.73
C VAL B 670 53.24 -5.42 27.58
N LEU B 671 52.21 -4.59 27.49
CA LEU B 671 50.97 -4.84 28.22
C LEU B 671 50.26 -6.09 27.71
N LEU B 672 50.24 -6.26 26.39
CA LEU B 672 49.63 -7.45 25.80
C LEU B 672 50.44 -8.72 26.10
N GLN B 673 51.77 -8.63 25.96
CA GLN B 673 52.61 -9.78 26.32
C GLN B 673 52.42 -10.15 27.78
N ALA B 674 52.32 -9.15 28.64
CA ALA B 674 52.12 -9.37 30.07
C ALA B 674 50.80 -10.05 30.32
N PHE B 675 49.77 -9.66 29.56
CA PHE B 675 48.46 -10.29 29.68
C PHE B 675 48.50 -11.75 29.27
N ILE B 676 49.22 -12.04 28.19
CA ILE B 676 49.37 -13.43 27.75
C ILE B 676 50.13 -14.22 28.82
N SER B 677 51.12 -13.59 29.43
CA SER B 677 51.98 -14.25 30.42
C SER B 677 51.35 -14.31 31.81
N GLN B 678 50.22 -13.62 31.99
CA GLN B 678 49.53 -13.60 33.27
C GLN B 678 50.38 -13.01 34.41
N LEU B 679 51.31 -12.13 34.05
CA LEU B 679 52.08 -11.34 35.00
C LEU B 679 51.19 -10.42 35.82
N LYS B 680 51.50 -10.26 37.10
CA LYS B 680 50.71 -9.39 37.97
C LYS B 680 51.09 -7.92 37.78
N LEU B 681 50.10 -7.04 37.90
CA LEU B 681 50.31 -5.60 37.74
C LEU B 681 49.93 -4.83 39.01
N GLU B 682 50.51 -3.64 39.17
CA GLU B 682 50.21 -2.79 40.33
C GLU B 682 49.52 -1.48 39.95
N GLY B 683 50.24 -0.65 39.19
CA GLY B 683 49.78 0.66 38.80
C GLY B 683 48.39 0.66 38.18
N PHE B 684 47.52 1.50 38.70
CA PHE B 684 46.11 1.45 38.32
C PHE B 684 45.87 1.93 36.89
N ALA B 685 46.66 2.92 36.46
CA ALA B 685 46.56 3.41 35.10
C ALA B 685 47.10 2.35 34.16
N LEU B 686 48.16 1.66 34.61
CA LEU B 686 48.77 0.58 33.84
C LEU B 686 47.84 -0.62 33.70
N MET B 687 47.12 -0.91 34.78
CA MET B 687 46.17 -2.01 34.80
C MET B 687 44.96 -1.69 33.92
N ALA B 688 44.45 -0.47 34.02
CA ALA B 688 43.33 -0.01 33.19
C ALA B 688 43.69 -0.04 31.72
N ASP B 689 44.86 0.48 31.38
CA ASP B 689 45.37 0.42 30.02
C ASP B 689 45.50 -1.04 29.57
N MET B 690 45.92 -1.92 30.47
CA MET B 690 46.06 -3.33 30.10
C MET B 690 44.70 -3.95 29.76
N VAL B 691 43.71 -3.69 30.60
CA VAL B 691 42.36 -4.23 30.36
C VAL B 691 41.84 -3.71 29.02
N TYR B 692 42.08 -2.43 28.77
CA TYR B 692 41.61 -1.80 27.54
C TYR B 692 42.28 -2.36 26.30
N VAL B 693 43.59 -2.60 26.35
CA VAL B 693 44.26 -3.14 25.18
C VAL B 693 43.84 -4.59 24.95
N THR B 694 43.73 -5.38 26.02
CA THR B 694 43.55 -6.81 25.87
C THR B 694 42.12 -7.23 25.55
N GLN B 695 41.13 -6.55 26.12
CA GLN B 695 39.75 -6.90 25.76
C GLN B 695 39.47 -6.55 24.30
N SER B 696 40.19 -5.57 23.76
CA SER B 696 40.11 -5.25 22.34
C SER B 696 40.95 -6.20 21.48
N ALA B 697 41.92 -6.84 22.13
CA ALA B 697 43.03 -7.51 21.42
C ALA B 697 42.59 -8.70 20.57
N GLY B 698 41.72 -9.53 21.13
CA GLY B 698 41.18 -10.67 20.41
C GLY B 698 40.58 -10.28 19.08
N ARG B 699 39.72 -9.26 19.10
CA ARG B 699 39.04 -8.73 17.92
C ARG B 699 40.01 -8.26 16.84
N LEU B 700 40.99 -7.46 17.26
CA LEU B 700 41.98 -6.90 16.33
C LEU B 700 42.82 -7.99 15.68
N MET B 701 43.26 -8.94 16.50
CA MET B 701 44.10 -9.99 15.98
C MET B 701 43.30 -10.87 15.04
N ARG B 702 42.05 -11.16 15.39
CA ARG B 702 41.14 -11.92 14.52
C ARG B 702 40.92 -11.22 13.16
N ALA B 703 40.89 -9.88 13.19
CA ALA B 703 40.79 -9.10 11.96
C ALA B 703 42.02 -9.27 11.07
N ILE B 704 43.20 -9.11 11.68
CA ILE B 704 44.47 -9.33 10.98
C ILE B 704 44.54 -10.74 10.41
N PHE B 705 44.12 -11.70 11.21
CA PHE B 705 44.01 -13.09 10.80
C PHE B 705 43.20 -13.20 9.51
N GLU B 706 42.02 -12.60 9.50
CA GLU B 706 41.17 -12.67 8.31
C GLU B 706 41.81 -12.00 7.10
N ILE B 707 42.45 -10.86 7.30
CA ILE B 707 43.12 -10.19 6.19
C ILE B 707 44.14 -11.11 5.54
N VAL B 708 45.06 -11.64 6.34
CA VAL B 708 46.18 -12.40 5.78
C VAL B 708 45.74 -13.77 5.29
N LEU B 709 44.79 -14.40 5.98
CA LEU B 709 44.19 -15.64 5.51
C LEU B 709 43.63 -15.44 4.12
N ASN B 710 42.92 -14.33 3.94
CA ASN B 710 42.27 -14.08 2.67
C ASN B 710 43.27 -13.66 1.59
N ARG B 711 44.44 -13.18 2.00
CA ARG B 711 45.47 -12.90 1.00
C ARG B 711 46.32 -14.13 0.70
N GLY B 712 46.14 -15.16 1.51
CA GLY B 712 46.84 -16.42 1.29
C GLY B 712 48.26 -16.49 1.85
N TRP B 713 48.56 -15.67 2.83
CA TRP B 713 49.91 -15.61 3.38
C TRP B 713 50.03 -16.61 4.51
N ALA B 714 50.77 -17.68 4.26
CA ALA B 714 50.74 -18.87 5.10
C ALA B 714 51.39 -18.65 6.46
N GLN B 715 52.60 -18.09 6.43
CA GLN B 715 53.37 -17.87 7.64
C GLN B 715 52.64 -16.95 8.61
N LEU B 716 52.17 -15.83 8.09
CA LEU B 716 51.50 -14.83 8.90
C LEU B 716 50.13 -15.32 9.34
N THR B 717 49.52 -16.20 8.53
CA THR B 717 48.26 -16.80 8.94
C THR B 717 48.50 -17.64 10.19
N ASP B 718 49.55 -18.47 10.15
CA ASP B 718 49.92 -19.28 11.32
C ASP B 718 50.25 -18.43 12.55
N LYS B 719 51.12 -17.42 12.37
CA LYS B 719 51.50 -16.55 13.48
C LYS B 719 50.28 -15.91 14.10
N THR B 720 49.42 -15.32 13.27
CA THR B 720 48.28 -14.53 13.74
C THR B 720 47.17 -15.38 14.35
N LEU B 721 46.91 -16.56 13.78
CA LEU B 721 45.95 -17.50 14.36
C LEU B 721 46.45 -17.96 15.72
N ASN B 722 47.76 -18.21 15.80
CA ASN B 722 48.37 -18.59 17.06
C ASN B 722 48.23 -17.49 18.10
N LEU B 723 48.48 -16.27 17.66
CA LEU B 723 48.37 -15.12 18.55
C LEU B 723 46.95 -14.99 19.08
N CYS B 724 45.98 -15.23 18.20
CA CYS B 724 44.58 -15.26 18.61
C CYS B 724 44.32 -16.27 19.72
N LYS B 725 44.74 -17.52 19.50
CA LYS B 725 44.52 -18.57 20.49
C LYS B 725 45.30 -18.30 21.78
N MET B 726 46.48 -17.70 21.67
CA MET B 726 47.31 -17.37 22.83
C MET B 726 46.65 -16.30 23.69
N ILE B 727 46.16 -15.25 23.05
CA ILE B 727 45.47 -14.18 23.74
C ILE B 727 44.20 -14.73 24.40
N ASP B 728 43.51 -15.63 23.70
CA ASP B 728 42.28 -16.21 24.26
C ASP B 728 42.52 -17.16 25.43
N LYS B 729 43.55 -17.99 25.31
CA LYS B 729 43.84 -19.02 26.32
C LYS B 729 44.84 -18.52 27.37
N ARG B 730 45.37 -17.31 27.18
CA ARG B 730 46.38 -16.72 28.07
C ARG B 730 47.55 -17.65 28.34
N MET B 731 48.15 -18.17 27.26
CA MET B 731 49.38 -18.95 27.37
C MET B 731 50.21 -18.85 26.09
N TRP B 732 51.53 -18.97 26.23
CA TRP B 732 52.43 -19.02 25.08
C TRP B 732 52.53 -20.42 24.48
N GLN B 733 52.92 -20.49 23.20
CA GLN B 733 53.15 -21.77 22.55
C GLN B 733 54.20 -22.60 23.29
N SER B 734 55.15 -21.90 23.89
CA SER B 734 56.22 -22.52 24.66
C SER B 734 55.69 -23.46 25.73
N MET B 735 54.60 -23.05 26.38
CA MET B 735 54.04 -23.81 27.49
C MET B 735 53.25 -25.03 27.04
N CYS B 736 52.77 -25.80 28.00
CA CYS B 736 52.15 -27.08 27.71
C CYS B 736 50.69 -26.92 27.32
N PRO B 737 50.30 -27.55 26.20
CA PRO B 737 48.92 -27.57 25.71
C PRO B 737 47.92 -28.02 26.78
N LEU B 738 48.38 -28.85 27.71
CA LEU B 738 47.49 -29.37 28.75
C LEU B 738 47.01 -28.27 29.69
N ARG B 739 47.66 -27.11 29.65
CA ARG B 739 47.19 -25.93 30.36
C ARG B 739 45.80 -25.47 29.89
N GLN B 740 45.45 -25.76 28.65
CA GLN B 740 44.16 -25.35 28.09
C GLN B 740 42.99 -26.08 28.74
N PHE B 741 43.29 -27.16 29.45
CA PHE B 741 42.31 -27.81 30.31
C PHE B 741 42.40 -27.07 31.64
N ARG B 742 41.31 -26.44 32.05
CA ARG B 742 41.37 -25.60 33.23
C ARG B 742 41.30 -26.41 34.52
N LYS B 743 40.81 -27.64 34.42
CA LYS B 743 40.57 -28.47 35.60
C LYS B 743 41.81 -29.28 36.03
N LEU B 744 42.90 -29.16 35.29
CA LEU B 744 44.11 -29.89 35.63
C LEU B 744 45.03 -29.02 36.51
N PRO B 745 45.47 -29.57 37.66
CA PRO B 745 46.31 -28.85 38.63
C PRO B 745 47.58 -28.28 38.00
N GLU B 746 47.83 -27.00 38.24
CA GLU B 746 48.83 -26.27 37.47
C GLU B 746 50.27 -26.67 37.80
N GLU B 747 50.48 -27.29 38.96
CA GLU B 747 51.83 -27.72 39.31
C GLU B 747 52.13 -29.09 38.73
N VAL B 748 51.07 -29.81 38.35
CA VAL B 748 51.23 -31.05 37.60
C VAL B 748 51.73 -30.69 36.20
N VAL B 749 51.10 -29.68 35.62
CA VAL B 749 51.48 -29.19 34.31
C VAL B 749 52.87 -28.56 34.33
N LYS B 750 53.14 -27.77 35.37
CA LYS B 750 54.47 -27.18 35.52
C LYS B 750 55.51 -28.29 35.67
N LYS B 751 55.12 -29.37 36.34
CA LYS B 751 55.98 -30.54 36.47
C LYS B 751 56.28 -31.10 35.08
N ILE B 752 55.24 -31.21 34.26
CA ILE B 752 55.40 -31.70 32.89
C ILE B 752 56.33 -30.79 32.08
N GLU B 753 56.21 -29.49 32.31
CA GLU B 753 57.03 -28.51 31.60
C GLU B 753 58.51 -28.62 32.00
N LYS B 754 58.78 -28.85 33.30
CA LYS B 754 60.17 -28.95 33.78
C LYS B 754 60.93 -30.03 33.04
N LYS B 755 60.21 -31.09 32.66
CA LYS B 755 60.77 -32.13 31.81
C LYS B 755 60.83 -31.51 30.43
N ASN B 756 62.01 -31.41 29.84
CA ASN B 756 62.06 -30.88 28.47
C ASN B 756 62.05 -32.00 27.44
N PHE B 757 60.94 -32.10 26.73
CA PHE B 757 60.69 -33.22 25.82
C PHE B 757 59.39 -32.96 25.05
N PRO B 758 59.34 -33.43 23.79
CA PRO B 758 58.17 -33.18 22.93
C PRO B 758 56.86 -33.65 23.55
N PHE B 759 55.86 -32.76 23.53
CA PHE B 759 54.53 -33.02 24.06
C PHE B 759 53.93 -34.25 23.35
N GLU B 760 54.25 -34.34 22.07
CA GLU B 760 53.76 -35.36 21.15
C GLU B 760 53.86 -36.78 21.72
N ARG B 761 54.96 -37.07 22.41
CA ARG B 761 55.23 -38.41 22.90
C ARG B 761 54.06 -38.95 23.72
N LEU B 762 53.39 -38.04 24.43
CA LEU B 762 52.34 -38.45 25.36
C LEU B 762 51.21 -39.21 24.68
N TYR B 763 51.07 -39.07 23.36
CA TYR B 763 49.99 -39.78 22.69
C TYR B 763 50.17 -41.28 22.76
N ASP B 764 51.41 -41.75 22.64
CA ASP B 764 51.64 -43.19 22.49
C ASP B 764 51.98 -43.89 23.80
N LEU B 765 51.93 -43.15 24.90
CA LEU B 765 52.29 -43.69 26.20
C LEU B 765 51.07 -44.15 27.00
N ASN B 766 51.15 -45.32 27.62
CA ASN B 766 50.15 -45.75 28.59
C ASN B 766 50.35 -44.99 29.90
N HIS B 767 49.34 -45.01 30.77
CA HIS B 767 49.38 -44.18 31.97
C HIS B 767 50.56 -44.50 32.89
N ASN B 768 51.01 -45.75 32.88
CA ASN B 768 52.20 -46.11 33.64
C ASN B 768 53.42 -45.34 33.17
N GLU B 769 53.72 -45.45 31.88
CA GLU B 769 54.86 -44.75 31.29
C GLU B 769 54.71 -43.24 31.41
N ILE B 770 53.48 -42.75 31.38
CA ILE B 770 53.22 -41.32 31.52
C ILE B 770 53.62 -40.88 32.93
N GLY B 771 53.06 -41.53 33.93
CA GLY B 771 53.37 -41.22 35.32
C GLY B 771 54.85 -41.35 35.61
N GLU B 772 55.50 -42.30 34.93
CA GLU B 772 56.93 -42.50 35.06
C GLU B 772 57.75 -41.35 34.47
N LEU B 773 57.39 -40.91 33.27
CA LEU B 773 58.14 -39.86 32.59
C LEU B 773 58.07 -38.51 33.31
N ILE B 774 56.92 -38.21 33.91
CA ILE B 774 56.70 -36.92 34.55
C ILE B 774 57.20 -36.90 36.00
N ARG B 775 57.69 -38.04 36.46
CA ARG B 775 58.14 -38.23 37.84
C ARG B 775 57.02 -37.92 38.82
N MET B 776 55.80 -38.15 38.39
CA MET B 776 54.62 -37.91 39.21
C MET B 776 53.66 -39.07 38.97
N PRO B 777 54.08 -40.30 39.34
CA PRO B 777 53.42 -41.56 38.99
C PRO B 777 51.97 -41.64 39.45
N LYS B 778 51.63 -40.81 40.44
CA LYS B 778 50.27 -40.75 40.95
C LYS B 778 49.28 -40.26 39.90
N MET B 779 49.75 -39.37 39.05
CA MET B 779 48.89 -38.64 38.12
C MET B 779 48.80 -39.19 36.70
N GLY B 780 49.55 -40.24 36.39
CA GLY B 780 49.63 -40.78 35.04
C GLY B 780 48.32 -41.08 34.33
N LYS B 781 47.34 -41.56 35.09
CA LYS B 781 46.03 -41.92 34.52
C LYS B 781 45.24 -40.68 34.12
N THR B 782 45.22 -39.67 34.99
CA THR B 782 44.52 -38.43 34.70
C THR B 782 45.15 -37.72 33.51
N ILE B 783 46.48 -37.61 33.53
CA ILE B 783 47.19 -36.99 32.41
C ILE B 783 46.96 -37.76 31.12
N HIS B 784 46.90 -39.08 31.21
CA HIS B 784 46.55 -39.90 30.04
C HIS B 784 45.17 -39.51 29.49
N LYS B 785 44.20 -39.43 30.40
CA LYS B 785 42.84 -39.05 30.07
C LYS B 785 42.80 -37.72 29.34
N TYR B 786 43.40 -36.70 29.93
CA TYR B 786 43.36 -35.36 29.33
C TYR B 786 44.17 -35.29 28.04
N VAL B 787 45.24 -36.06 27.95
CA VAL B 787 45.99 -36.13 26.71
C VAL B 787 45.10 -36.68 25.60
N HIS B 788 44.22 -37.61 25.93
CA HIS B 788 43.33 -38.13 24.90
C HIS B 788 41.99 -37.39 24.79
N LEU B 789 41.79 -36.38 25.65
CA LEU B 789 40.68 -35.44 25.49
C LEU B 789 41.03 -34.35 24.48
N PHE B 790 42.32 -34.06 24.37
CA PHE B 790 42.85 -33.03 23.48
C PHE B 790 42.56 -33.38 22.01
N PRO B 791 41.91 -32.45 21.28
CA PRO B 791 41.51 -32.68 19.89
C PRO B 791 42.66 -33.07 18.95
N LYS B 792 42.43 -34.14 18.20
CA LYS B 792 43.41 -34.72 17.29
C LYS B 792 42.72 -35.23 16.04
N LEU B 793 43.28 -34.92 14.88
CA LEU B 793 42.69 -35.37 13.62
C LEU B 793 43.68 -36.15 12.78
N GLU B 794 43.21 -37.20 12.10
CA GLU B 794 44.06 -37.90 11.14
C GLU B 794 43.58 -37.70 9.71
N LEU B 795 44.53 -37.51 8.80
CA LEU B 795 44.22 -37.06 7.45
C LEU B 795 44.65 -38.06 6.39
N SER B 796 43.76 -38.31 5.43
CA SER B 796 44.08 -39.15 4.28
C SER B 796 43.76 -38.36 3.01
N VAL B 797 44.61 -38.44 1.99
CA VAL B 797 44.35 -37.67 0.78
C VAL B 797 44.22 -38.59 -0.43
N HIS B 798 43.36 -38.21 -1.38
CA HIS B 798 43.26 -38.92 -2.65
C HIS B 798 43.26 -37.91 -3.80
N LEU B 799 44.26 -38.04 -4.66
CA LEU B 799 44.48 -37.12 -5.78
C LEU B 799 43.95 -37.69 -7.09
N GLN B 800 43.07 -36.96 -7.77
CA GLN B 800 42.76 -37.24 -9.16
C GLN B 800 43.11 -36.03 -10.03
N PRO B 801 44.08 -36.18 -10.95
CA PRO B 801 44.34 -35.07 -11.88
C PRO B 801 43.16 -34.81 -12.82
N ILE B 802 42.86 -33.53 -13.05
CA ILE B 802 41.73 -33.13 -13.92
C ILE B 802 42.24 -32.51 -15.22
N THR B 803 43.01 -31.42 -15.10
CA THR B 803 43.81 -30.89 -16.20
C THR B 803 45.23 -30.68 -15.71
N ARG B 804 46.09 -30.09 -16.55
CA ARG B 804 47.47 -29.82 -16.16
C ARG B 804 47.59 -28.77 -15.06
N SER B 805 46.58 -27.91 -14.93
CA SER B 805 46.60 -26.87 -13.92
C SER B 805 45.80 -27.16 -12.66
N THR B 806 45.07 -28.28 -12.62
CA THR B 806 44.12 -28.48 -11.53
C THR B 806 44.06 -29.93 -11.05
N LEU B 807 44.17 -30.13 -9.74
CA LEU B 807 44.01 -31.45 -9.16
C LEU B 807 42.78 -31.50 -8.26
N LYS B 808 42.06 -32.61 -8.33
CA LYS B 808 40.96 -32.85 -7.42
C LYS B 808 41.50 -33.60 -6.21
N VAL B 809 41.12 -33.13 -5.03
CA VAL B 809 41.57 -33.71 -3.77
C VAL B 809 40.39 -34.15 -2.92
N GLU B 810 40.43 -35.40 -2.48
CA GLU B 810 39.50 -35.85 -1.46
C GLU B 810 40.25 -36.04 -0.14
N LEU B 811 39.90 -35.22 0.83
CA LEU B 811 40.51 -35.24 2.14
C LEU B 811 39.60 -35.98 3.11
N THR B 812 40.06 -37.13 3.58
CA THR B 812 39.30 -37.91 4.54
C THR B 812 39.82 -37.54 5.92
N ILE B 813 38.92 -37.02 6.74
CA ILE B 813 39.26 -36.55 8.07
C ILE B 813 38.67 -37.50 9.10
N THR B 814 39.56 -38.18 9.80
CA THR B 814 39.17 -39.17 10.79
C THR B 814 39.52 -38.64 12.16
N PRO B 815 38.49 -38.28 12.93
CA PRO B 815 38.79 -37.83 14.29
C PRO B 815 39.43 -38.94 15.12
N ASP B 816 40.58 -38.68 15.71
CA ASP B 816 41.10 -39.56 16.73
C ASP B 816 41.24 -38.84 18.06
N PHE B 817 40.24 -38.99 18.92
CA PHE B 817 40.23 -38.45 20.28
C PHE B 817 38.86 -38.70 20.89
N GLN B 818 38.80 -38.64 22.21
CA GLN B 818 37.56 -38.91 22.93
C GLN B 818 36.74 -37.63 23.10
N TRP B 819 35.49 -37.65 22.65
CA TRP B 819 34.65 -36.46 22.80
C TRP B 819 34.10 -36.35 24.22
N ASP B 820 34.16 -35.14 24.76
CA ASP B 820 33.59 -34.83 26.07
C ASP B 820 32.77 -33.57 25.95
N GLU B 821 31.49 -33.66 26.28
CA GLU B 821 30.59 -32.52 26.17
C GLU B 821 31.08 -31.31 26.97
N LYS B 822 31.71 -31.58 28.11
CA LYS B 822 32.21 -30.51 28.98
C LYS B 822 33.38 -29.77 28.34
N VAL B 823 34.32 -30.52 27.78
CA VAL B 823 35.51 -29.91 27.18
C VAL B 823 35.28 -29.36 25.77
N HIS B 824 34.68 -30.18 24.90
CA HIS B 824 34.58 -29.82 23.47
C HIS B 824 33.27 -29.16 23.08
N GLY B 825 32.28 -29.20 23.97
CA GLY B 825 30.97 -28.66 23.67
C GLY B 825 30.26 -29.31 22.50
N SER B 826 29.47 -28.52 21.78
CA SER B 826 28.64 -29.03 20.69
C SER B 826 29.40 -29.19 19.36
N SER B 827 30.52 -28.49 19.22
CA SER B 827 31.29 -28.57 17.98
C SER B 827 32.76 -28.16 18.17
N GLU B 828 33.60 -28.56 17.22
CA GLU B 828 35.00 -28.18 17.18
C GLU B 828 35.37 -27.68 15.79
N ALA B 829 36.04 -26.54 15.72
CA ALA B 829 36.34 -25.91 14.43
C ALA B 829 37.77 -26.09 13.95
N PHE B 830 37.92 -26.26 12.64
CA PHE B 830 39.25 -26.40 12.06
C PHE B 830 39.40 -25.61 10.78
N TRP B 831 40.64 -25.30 10.43
CA TRP B 831 41.00 -24.68 9.18
C TRP B 831 41.76 -25.70 8.35
N ILE B 832 41.25 -25.96 7.16
CA ILE B 832 41.97 -26.78 6.20
C ILE B 832 42.76 -25.82 5.32
N LEU B 833 44.08 -25.94 5.36
CA LEU B 833 44.97 -25.08 4.60
C LEU B 833 45.78 -25.91 3.61
N VAL B 834 45.63 -25.58 2.34
CA VAL B 834 46.40 -26.20 1.28
C VAL B 834 47.47 -25.21 0.84
N GLU B 835 48.70 -25.56 1.19
CA GLU B 835 49.89 -24.72 1.07
C GLU B 835 50.87 -25.28 0.05
N ASP B 836 51.67 -24.39 -0.54
CA ASP B 836 52.65 -24.78 -1.55
C ASP B 836 53.82 -25.50 -0.93
N VAL B 837 54.80 -25.84 -1.75
CA VAL B 837 55.92 -26.66 -1.30
C VAL B 837 56.80 -25.94 -0.27
N ASP B 838 56.85 -24.61 -0.35
CA ASP B 838 57.67 -23.81 0.55
C ASP B 838 56.91 -23.30 1.78
N SER B 839 55.63 -23.68 1.87
CA SER B 839 54.74 -23.21 2.93
C SER B 839 54.68 -21.69 3.05
N GLU B 840 54.89 -20.99 1.93
CA GLU B 840 54.78 -19.54 1.91
C GLU B 840 53.40 -19.02 1.43
N VAL B 841 52.60 -19.89 0.84
CA VAL B 841 51.36 -19.47 0.20
C VAL B 841 50.24 -20.45 0.46
N ILE B 842 49.08 -19.96 0.88
CA ILE B 842 47.93 -20.84 1.03
C ILE B 842 47.18 -20.87 -0.29
N LEU B 843 47.20 -22.02 -0.94
CA LEU B 843 46.61 -22.16 -2.26
C LEU B 843 45.10 -22.37 -2.19
N HIS B 844 44.64 -23.06 -1.15
CA HIS B 844 43.20 -23.22 -0.93
C HIS B 844 42.96 -23.28 0.56
N HIS B 845 41.80 -22.82 1.01
CA HIS B 845 41.49 -22.99 2.42
C HIS B 845 40.00 -23.10 2.63
N GLU B 846 39.60 -23.82 3.66
CA GLU B 846 38.22 -23.79 4.06
C GLU B 846 38.00 -24.20 5.50
N TYR B 847 36.87 -23.79 6.01
CA TYR B 847 36.50 -24.03 7.39
C TYR B 847 35.91 -25.44 7.47
N PHE B 848 36.16 -26.13 8.57
CA PHE B 848 35.57 -27.45 8.79
C PHE B 848 34.99 -27.51 10.18
N LEU B 849 33.74 -27.92 10.31
CA LEU B 849 33.11 -28.03 11.61
C LEU B 849 32.83 -29.49 11.97
N LEU B 850 33.47 -29.99 13.02
CA LEU B 850 33.18 -31.34 13.51
C LEU B 850 32.11 -31.25 14.59
N LYS B 851 30.91 -31.71 14.26
CA LYS B 851 29.79 -31.65 15.19
C LYS B 851 29.86 -32.79 16.20
N ALA B 852 29.27 -32.57 17.37
CA ALA B 852 29.33 -33.55 18.45
C ALA B 852 28.69 -34.87 18.05
N LYS B 853 27.51 -34.80 17.46
CA LYS B 853 26.75 -36.00 17.08
C LYS B 853 27.45 -36.77 15.98
N TYR B 854 28.19 -36.07 15.14
CA TYR B 854 28.84 -36.69 13.98
C TYR B 854 30.31 -37.05 14.22
N ALA B 855 30.77 -36.86 15.46
CA ALA B 855 32.11 -37.28 15.84
C ALA B 855 32.18 -38.78 15.71
N GLN B 856 33.41 -39.29 15.60
CA GLN B 856 33.71 -40.73 15.41
C GLN B 856 33.42 -41.19 13.98
N ASP B 857 32.67 -40.39 13.22
CA ASP B 857 32.50 -40.63 11.80
C ASP B 857 33.63 -40.00 11.01
N GLU B 858 33.98 -40.60 9.90
CA GLU B 858 34.90 -39.95 8.97
C GLU B 858 34.16 -38.87 8.22
N HIS B 859 34.88 -37.83 7.81
CA HIS B 859 34.28 -36.79 7.00
C HIS B 859 35.06 -36.64 5.70
N LEU B 860 34.36 -36.50 4.59
CA LEU B 860 35.04 -36.38 3.31
C LEU B 860 34.90 -34.97 2.78
N ILE B 861 36.03 -34.31 2.60
CA ILE B 861 36.07 -32.94 2.12
C ILE B 861 36.68 -32.91 0.73
N THR B 862 35.89 -32.46 -0.24
CA THR B 862 36.35 -32.45 -1.62
C THR B 862 36.71 -31.03 -2.03
N PHE B 863 37.86 -30.85 -2.65
CA PHE B 863 38.19 -29.55 -3.22
C PHE B 863 39.19 -29.66 -4.36
N PHE B 864 39.53 -28.51 -4.93
CA PHE B 864 40.39 -28.47 -6.11
C PHE B 864 41.54 -27.53 -5.89
N VAL B 865 42.74 -27.94 -6.28
CA VAL B 865 43.91 -27.11 -6.07
C VAL B 865 44.59 -26.81 -7.40
N PRO B 866 45.14 -25.59 -7.53
CA PRO B 866 45.93 -25.24 -8.70
C PRO B 866 47.33 -25.86 -8.62
N VAL B 867 47.90 -26.22 -9.76
CA VAL B 867 49.29 -26.67 -9.81
C VAL B 867 49.95 -26.03 -11.02
N PHE B 868 51.28 -26.04 -11.05
CA PHE B 868 52.00 -25.38 -12.12
C PHE B 868 53.00 -26.34 -12.73
N GLU B 869 53.03 -26.39 -14.06
CA GLU B 869 53.65 -27.50 -14.79
C GLU B 869 55.11 -27.80 -14.42
N PRO B 870 55.93 -26.76 -14.13
CA PRO B 870 57.19 -27.15 -13.46
C PRO B 870 56.89 -27.66 -12.04
N LEU B 871 56.34 -28.86 -11.95
CA LEU B 871 55.70 -29.34 -10.72
C LEU B 871 56.66 -29.58 -9.57
N PRO B 872 56.33 -29.05 -8.38
CA PRO B 872 57.13 -29.24 -7.16
C PRO B 872 57.04 -30.69 -6.65
N PRO B 873 57.81 -31.02 -5.61
CA PRO B 873 57.70 -32.37 -5.06
C PRO B 873 56.35 -32.63 -4.42
N GLN B 874 55.84 -31.64 -3.71
CA GLN B 874 54.67 -31.85 -2.88
C GLN B 874 53.90 -30.58 -2.54
N TYR B 875 52.64 -30.73 -2.15
CA TYR B 875 51.97 -29.65 -1.40
C TYR B 875 51.84 -30.10 0.04
N PHE B 876 51.30 -29.21 0.88
CA PHE B 876 51.02 -29.57 2.26
C PHE B 876 49.57 -29.26 2.62
N ILE B 877 48.93 -30.18 3.33
CA ILE B 877 47.60 -29.93 3.85
C ILE B 877 47.64 -29.88 5.38
N ARG B 878 47.44 -28.69 5.94
CA ARG B 878 47.43 -28.53 7.40
C ARG B 878 45.99 -28.41 7.88
N VAL B 879 45.63 -29.18 8.90
CA VAL B 879 44.33 -29.02 9.53
C VAL B 879 44.55 -28.54 10.95
N VAL B 880 44.08 -27.31 11.20
CA VAL B 880 44.39 -26.53 12.39
C VAL B 880 43.18 -26.19 13.23
N SER B 881 43.20 -26.49 14.52
CA SER B 881 42.07 -26.07 15.36
C SER B 881 41.91 -24.54 15.32
N ASP B 882 40.67 -24.08 15.41
CA ASP B 882 40.37 -22.66 15.37
C ASP B 882 40.50 -22.05 16.76
N ARG B 883 40.50 -22.92 17.77
CA ARG B 883 40.48 -22.52 19.18
C ARG B 883 41.72 -22.97 19.94
N TRP B 884 41.94 -24.29 19.96
CA TRP B 884 43.00 -24.91 20.73
C TRP B 884 44.42 -24.60 20.24
N LEU B 885 45.28 -24.22 21.19
CA LEU B 885 46.70 -24.02 20.94
C LEU B 885 47.41 -25.35 20.73
N SER B 886 48.44 -25.32 19.89
CA SER B 886 49.24 -26.52 19.61
C SER B 886 48.36 -27.70 19.22
N CYS B 887 47.29 -27.43 18.48
CA CYS B 887 46.49 -28.51 17.94
C CYS B 887 46.42 -28.42 16.42
N GLU B 888 47.18 -29.29 15.76
CA GLU B 888 47.35 -29.24 14.32
C GLU B 888 47.78 -30.60 13.82
N THR B 889 47.47 -30.90 12.56
CA THR B 889 48.09 -32.04 11.89
C THR B 889 48.41 -31.74 10.44
N GLN B 890 49.59 -32.16 9.99
CA GLN B 890 50.01 -31.88 8.63
C GLN B 890 50.11 -33.17 7.80
N LEU B 891 49.60 -33.10 6.58
CA LEU B 891 49.67 -34.19 5.63
C LEU B 891 50.43 -33.75 4.37
N PRO B 892 51.60 -34.34 4.13
CA PRO B 892 52.22 -34.02 2.85
C PRO B 892 51.44 -34.68 1.71
N VAL B 893 51.33 -33.99 0.59
CA VAL B 893 50.70 -34.58 -0.59
C VAL B 893 51.74 -34.67 -1.70
N SER B 894 52.10 -35.89 -2.05
CA SER B 894 53.22 -36.14 -2.95
C SER B 894 52.85 -36.06 -4.43
N PHE B 895 53.59 -35.24 -5.15
CA PHE B 895 53.43 -35.08 -6.60
C PHE B 895 54.40 -35.94 -7.37
N ARG B 896 55.18 -36.74 -6.64
CA ARG B 896 56.27 -37.51 -7.23
C ARG B 896 55.80 -38.52 -8.26
N HIS B 897 54.70 -39.19 -7.98
CA HIS B 897 54.22 -40.30 -8.80
C HIS B 897 53.15 -39.85 -9.79
N LEU B 898 52.86 -38.55 -9.75
CA LEU B 898 51.78 -37.95 -10.52
C LEU B 898 52.11 -37.82 -12.02
N ILE B 899 51.18 -38.23 -12.86
CA ILE B 899 51.24 -37.97 -14.29
C ILE B 899 50.17 -36.98 -14.71
N LEU B 900 50.57 -35.78 -15.10
CA LEU B 900 49.63 -34.75 -15.57
C LEU B 900 48.97 -35.24 -16.85
N PRO B 901 47.69 -34.86 -17.09
CA PRO B 901 47.04 -35.38 -18.28
C PRO B 901 47.64 -34.76 -19.54
N GLU B 902 47.25 -35.22 -20.72
CA GLU B 902 47.86 -34.68 -21.91
C GLU B 902 47.26 -33.30 -22.15
N LYS B 903 48.10 -32.38 -22.63
CA LYS B 903 47.67 -31.02 -22.89
C LYS B 903 46.52 -31.05 -23.89
N TYR B 904 45.43 -30.36 -23.57
CA TYR B 904 44.27 -30.40 -24.45
C TYR B 904 44.39 -29.29 -25.49
N PRO B 905 43.93 -29.57 -26.72
CA PRO B 905 44.12 -28.68 -27.87
C PRO B 905 43.27 -27.42 -27.79
N PRO B 906 43.67 -26.37 -28.51
CA PRO B 906 42.86 -25.14 -28.62
C PRO B 906 41.47 -25.44 -29.22
N PRO B 907 40.48 -24.61 -28.88
CA PRO B 907 39.11 -24.76 -29.38
C PRO B 907 38.99 -24.41 -30.86
N THR B 908 37.95 -24.90 -31.52
CA THR B 908 37.68 -24.51 -32.88
C THR B 908 37.51 -23.00 -32.92
N GLU B 909 38.23 -22.36 -33.83
CA GLU B 909 38.13 -20.91 -34.01
C GLU B 909 36.78 -20.55 -34.60
N LEU B 910 36.15 -19.49 -34.09
CA LEU B 910 34.90 -19.03 -34.67
C LEU B 910 35.23 -17.99 -35.72
N LEU B 911 35.04 -18.40 -36.98
CA LEU B 911 35.28 -17.53 -38.10
C LEU B 911 34.04 -16.68 -38.29
N ASP B 912 34.21 -15.42 -38.69
CA ASP B 912 33.02 -14.62 -38.86
C ASP B 912 32.56 -14.75 -40.30
N LEU B 913 31.54 -15.58 -40.45
CA LEU B 913 30.78 -15.71 -41.69
C LEU B 913 29.67 -14.69 -41.76
N GLN B 914 29.24 -14.39 -42.98
CA GLN B 914 27.98 -13.72 -43.16
C GLN B 914 26.92 -14.63 -42.56
N PRO B 915 25.88 -14.05 -41.95
CA PRO B 915 24.81 -14.76 -41.24
C PRO B 915 23.89 -15.53 -42.19
N LEU B 916 24.25 -16.77 -42.48
CA LEU B 916 23.55 -17.61 -43.45
C LEU B 916 22.02 -17.56 -43.30
N PRO B 917 21.32 -17.28 -44.41
CA PRO B 917 19.87 -17.10 -44.44
C PRO B 917 19.10 -18.40 -44.37
N VAL B 918 17.82 -18.33 -43.97
CA VAL B 918 16.99 -19.53 -43.91
C VAL B 918 16.81 -20.07 -45.31
N SER B 919 17.03 -19.22 -46.31
CA SER B 919 16.87 -19.60 -47.71
C SER B 919 17.97 -20.55 -48.20
N ALA B 920 19.10 -20.58 -47.48
CA ALA B 920 20.21 -21.46 -47.83
C ALA B 920 19.83 -22.92 -47.65
N LEU B 921 18.90 -23.15 -46.73
CA LEU B 921 18.16 -24.40 -46.66
C LEU B 921 17.29 -24.37 -47.92
N ARG B 922 17.44 -25.34 -48.82
CA ARG B 922 16.88 -25.16 -50.16
C ARG B 922 15.44 -25.66 -50.28
N ASN B 923 14.98 -26.39 -49.28
CA ASN B 923 13.58 -26.79 -49.21
C ASN B 923 12.78 -25.71 -48.50
N SER B 924 11.75 -25.18 -49.15
CA SER B 924 10.99 -24.07 -48.56
C SER B 924 10.00 -24.52 -47.49
N ALA B 925 9.52 -25.76 -47.60
CA ALA B 925 8.64 -26.33 -46.58
C ALA B 925 9.45 -26.53 -45.31
N PHE B 926 10.75 -26.75 -45.48
CA PHE B 926 11.70 -26.74 -44.37
C PHE B 926 11.85 -25.32 -43.83
N GLU B 927 11.94 -24.35 -44.73
CA GLU B 927 12.13 -22.96 -44.35
C GLU B 927 10.93 -22.41 -43.58
N SER B 928 9.77 -23.04 -43.72
CA SER B 928 8.58 -22.58 -43.01
C SER B 928 8.63 -22.90 -41.52
N LEU B 929 9.65 -23.66 -41.12
CA LEU B 929 9.88 -23.98 -39.71
C LEU B 929 10.73 -22.91 -39.04
N TYR B 930 11.33 -22.04 -39.86
CA TYR B 930 12.40 -21.13 -39.43
C TYR B 930 12.13 -19.65 -39.75
N GLN B 931 11.89 -19.35 -41.03
CA GLN B 931 11.81 -17.98 -41.56
C GLN B 931 10.99 -16.99 -40.72
N ASP B 932 9.91 -17.48 -40.10
CA ASP B 932 9.08 -16.62 -39.26
C ASP B 932 9.80 -16.15 -38.00
N LYS B 933 10.59 -17.02 -37.38
CA LYS B 933 11.28 -16.67 -36.14
C LYS B 933 12.53 -15.84 -36.39
N PHE B 934 13.33 -16.21 -37.38
CA PHE B 934 14.53 -15.43 -37.72
C PHE B 934 14.86 -15.45 -39.22
N PRO B 935 15.45 -14.36 -39.73
CA PRO B 935 15.97 -14.29 -41.09
C PRO B 935 17.24 -15.11 -41.30
N PHE B 936 18.12 -15.11 -40.30
CA PHE B 936 19.44 -15.76 -40.41
C PHE B 936 19.70 -16.73 -39.25
N PHE B 937 20.49 -17.77 -39.51
CA PHE B 937 21.04 -18.60 -38.44
C PHE B 937 22.23 -17.89 -37.77
N ASN B 938 22.50 -18.19 -36.51
CA ASN B 938 23.59 -17.50 -35.81
C ASN B 938 24.95 -18.08 -36.22
N PRO B 939 26.08 -17.47 -35.77
CA PRO B 939 27.38 -17.91 -36.31
C PRO B 939 27.75 -19.37 -36.06
N ILE B 940 27.31 -19.91 -34.94
CA ILE B 940 27.59 -21.30 -34.63
C ILE B 940 26.80 -22.22 -35.56
N GLN B 941 25.57 -21.82 -35.86
CA GLN B 941 24.71 -22.61 -36.74
C GLN B 941 25.15 -22.47 -38.18
N THR B 942 25.79 -21.36 -38.52
CA THR B 942 26.29 -21.17 -39.87
C THR B 942 27.61 -21.91 -40.11
N GLN B 943 28.57 -21.76 -39.19
CA GLN B 943 29.88 -22.39 -39.36
C GLN B 943 29.76 -23.90 -39.53
N VAL B 944 28.80 -24.51 -38.82
CA VAL B 944 28.61 -25.95 -38.89
C VAL B 944 27.61 -26.36 -39.96
N PHE B 945 26.89 -25.40 -40.54
CA PHE B 945 25.74 -25.71 -41.37
C PHE B 945 26.04 -26.65 -42.55
N ASN B 946 27.12 -26.36 -43.25
CA ASN B 946 27.53 -27.17 -44.38
C ASN B 946 27.75 -28.64 -43.98
N THR B 947 28.62 -28.83 -42.99
CA THR B 947 29.01 -30.17 -42.57
C THR B 947 27.83 -31.05 -42.19
N VAL B 948 26.89 -30.47 -41.45
CA VAL B 948 25.76 -31.22 -40.94
C VAL B 948 24.64 -31.40 -41.97
N TYR B 949 24.32 -30.34 -42.71
CA TYR B 949 23.20 -30.39 -43.66
C TYR B 949 23.57 -31.05 -44.98
N ASN B 950 24.73 -30.66 -45.51
CA ASN B 950 25.17 -31.11 -46.82
C ASN B 950 25.87 -32.48 -46.82
N SER B 951 26.70 -32.75 -45.82
CA SER B 951 27.42 -34.03 -45.77
C SER B 951 26.70 -35.10 -44.95
N ASP B 952 27.23 -36.33 -45.04
CA ASP B 952 26.73 -37.46 -44.23
C ASP B 952 27.60 -37.91 -43.05
N ASP B 953 28.79 -37.33 -42.88
CA ASP B 953 29.72 -37.90 -41.91
C ASP B 953 29.40 -37.50 -40.48
N ASN B 954 29.88 -38.32 -39.53
CA ASN B 954 29.67 -38.07 -38.10
C ASN B 954 30.24 -36.72 -37.68
N VAL B 955 29.49 -35.99 -36.85
CA VAL B 955 29.83 -34.60 -36.53
C VAL B 955 29.60 -34.26 -35.05
N PHE B 956 30.55 -33.53 -34.48
CA PHE B 956 30.49 -33.12 -33.09
C PHE B 956 30.45 -31.59 -32.96
N VAL B 957 29.39 -31.08 -32.34
CA VAL B 957 29.29 -29.66 -32.06
C VAL B 957 29.40 -29.42 -30.54
N GLY B 958 30.54 -28.90 -30.11
CA GLY B 958 30.63 -28.38 -28.76
C GLY B 958 30.33 -26.90 -28.78
N ALA B 959 29.64 -26.41 -27.75
CA ALA B 959 29.17 -25.03 -27.69
C ALA B 959 28.42 -24.79 -26.39
N PRO B 960 28.61 -23.61 -25.78
CA PRO B 960 27.98 -23.20 -24.52
C PRO B 960 26.47 -23.32 -24.58
N THR B 961 25.84 -23.74 -23.48
CA THR B 961 24.39 -23.95 -23.46
C THR B 961 23.70 -22.66 -23.90
N GLY B 962 22.71 -22.80 -24.76
CA GLY B 962 22.04 -21.62 -25.29
C GLY B 962 22.77 -21.04 -26.47
N SER B 963 23.62 -21.84 -27.10
CA SER B 963 24.25 -21.43 -28.34
C SER B 963 23.29 -21.80 -29.46
N GLY B 964 22.21 -22.48 -29.09
CA GLY B 964 21.22 -22.93 -30.05
C GLY B 964 21.72 -24.12 -30.86
N LYS B 965 22.24 -25.12 -30.16
CA LYS B 965 22.81 -26.29 -30.81
C LYS B 965 21.75 -27.25 -31.33
N THR B 966 20.51 -27.12 -30.82
CA THR B 966 19.46 -28.08 -31.17
C THR B 966 19.09 -28.05 -32.66
N ILE B 967 19.13 -26.88 -33.29
CA ILE B 967 18.75 -26.82 -34.69
C ILE B 967 19.90 -27.26 -35.59
N CYS B 968 21.06 -27.53 -35.01
CA CYS B 968 22.11 -28.25 -35.74
C CYS B 968 21.68 -29.72 -35.93
N ALA B 969 21.23 -30.31 -34.84
CA ALA B 969 20.62 -31.63 -34.90
C ALA B 969 19.42 -31.59 -35.82
N GLU B 970 18.71 -30.47 -35.83
CA GLU B 970 17.56 -30.32 -36.73
C GLU B 970 17.99 -30.24 -38.19
N PHE B 971 19.12 -29.58 -38.46
CA PHE B 971 19.72 -29.61 -39.79
C PHE B 971 19.92 -31.05 -40.23
N ALA B 972 20.58 -31.83 -39.37
CA ALA B 972 20.86 -33.23 -39.70
C ALA B 972 19.58 -34.04 -39.93
N ILE B 973 18.55 -33.72 -39.14
CA ILE B 973 17.28 -34.41 -39.25
C ILE B 973 16.59 -34.07 -40.57
N LEU B 974 16.67 -32.81 -40.96
CA LEU B 974 16.08 -32.38 -42.23
C LEU B 974 16.77 -33.09 -43.39
N ARG B 975 18.08 -33.19 -43.32
CA ARG B 975 18.81 -33.93 -44.36
C ARG B 975 18.39 -35.40 -44.39
N MET B 976 18.24 -36.00 -43.21
CA MET B 976 17.78 -37.39 -43.15
C MET B 976 16.40 -37.54 -43.80
N LEU B 977 15.53 -36.56 -43.57
CA LEU B 977 14.18 -36.59 -44.09
C LEU B 977 14.18 -36.34 -45.59
N LEU B 978 15.22 -35.65 -46.05
CA LEU B 978 15.46 -35.42 -47.45
C LEU B 978 15.85 -36.73 -48.14
N GLN B 979 16.75 -37.49 -47.49
CA GLN B 979 17.23 -38.75 -48.05
C GLN B 979 16.11 -39.79 -48.09
N SER B 980 15.44 -39.97 -46.96
CA SER B 980 14.32 -40.88 -46.89
C SER B 980 13.18 -40.29 -46.06
N SER B 981 11.99 -40.21 -46.64
CA SER B 981 10.84 -39.65 -45.94
C SER B 981 10.42 -40.59 -44.83
N GLU B 982 10.79 -41.86 -44.99
CA GLU B 982 10.51 -42.88 -43.97
C GLU B 982 11.71 -43.17 -43.07
N GLY B 983 12.77 -42.37 -43.22
CA GLY B 983 14.01 -42.60 -42.50
C GLY B 983 13.85 -42.60 -40.98
N ARG B 984 14.87 -43.10 -40.30
CA ARG B 984 14.79 -43.29 -38.85
C ARG B 984 15.85 -42.50 -38.10
N CYS B 985 15.41 -41.67 -37.15
CA CYS B 985 16.35 -40.93 -36.31
C CYS B 985 16.05 -41.15 -34.84
N VAL B 986 17.07 -41.54 -34.08
CA VAL B 986 16.93 -41.63 -32.65
C VAL B 986 17.64 -40.44 -32.00
N TYR B 987 17.00 -39.84 -31.00
CA TYR B 987 17.54 -38.69 -30.29
C TYR B 987 17.60 -39.03 -28.81
N ILE B 988 18.74 -38.75 -28.19
CA ILE B 988 18.98 -39.09 -26.80
C ILE B 988 19.32 -37.86 -25.96
N THR B 989 18.56 -37.64 -24.88
CA THR B 989 19.02 -36.69 -23.84
C THR B 989 19.09 -37.39 -22.51
N PRO B 990 20.11 -37.06 -21.71
CA PRO B 990 20.25 -37.65 -20.37
C PRO B 990 19.01 -37.38 -19.52
N MET B 991 18.40 -36.21 -19.68
CA MET B 991 17.28 -35.78 -18.86
C MET B 991 15.90 -36.00 -19.49
N GLU B 992 15.01 -36.59 -18.72
CA GLU B 992 13.63 -36.80 -19.15
C GLU B 992 12.94 -35.49 -19.45
N ALA B 993 13.24 -34.48 -18.62
CA ALA B 993 12.67 -33.14 -18.79
C ALA B 993 13.07 -32.55 -20.15
N LEU B 994 14.36 -32.60 -20.44
CA LEU B 994 14.87 -32.17 -21.73
C LEU B 994 14.18 -32.93 -22.85
N ALA B 995 13.98 -34.23 -22.62
CA ALA B 995 13.35 -35.08 -23.61
C ALA B 995 11.94 -34.64 -23.91
N GLU B 996 11.18 -34.31 -22.87
CA GLU B 996 9.79 -33.92 -23.09
C GLU B 996 9.68 -32.55 -23.75
N GLN B 997 10.57 -31.63 -23.37
CA GLN B 997 10.59 -30.31 -24.02
C GLN B 997 10.87 -30.46 -25.51
N VAL B 998 11.94 -31.20 -25.81
CA VAL B 998 12.30 -31.46 -27.20
C VAL B 998 11.15 -32.16 -27.91
N TYR B 999 10.40 -32.98 -27.17
CA TYR B 999 9.26 -33.67 -27.75
C TYR B 999 8.12 -32.74 -28.18
N MET B 1000 7.73 -31.81 -27.32
CA MET B 1000 6.68 -30.86 -27.69
C MET B 1000 7.12 -30.00 -28.88
N ASP B 1001 8.31 -29.42 -28.75
CA ASP B 1001 8.88 -28.60 -29.82
C ASP B 1001 8.91 -29.35 -31.17
N TRP B 1002 9.50 -30.55 -31.17
CA TRP B 1002 9.70 -31.31 -32.39
C TRP B 1002 8.44 -32.01 -32.92
N TYR B 1003 7.49 -32.28 -32.03
CA TYR B 1003 6.20 -32.82 -32.45
C TYR B 1003 5.48 -31.75 -33.25
N GLU B 1004 5.46 -30.53 -32.71
CA GLU B 1004 4.91 -29.43 -33.47
C GLU B 1004 5.65 -29.22 -34.79
N LYS B 1005 6.98 -29.18 -34.74
CA LYS B 1005 7.77 -28.78 -35.90
C LYS B 1005 7.88 -29.86 -36.99
N PHE B 1006 7.61 -31.11 -36.64
CA PHE B 1006 7.77 -32.23 -37.57
C PHE B 1006 6.45 -32.95 -37.83
N GLN B 1007 5.81 -33.46 -36.79
CA GLN B 1007 4.53 -34.15 -36.95
C GLN B 1007 3.36 -33.24 -37.38
N ASP B 1008 3.29 -32.02 -36.84
CA ASP B 1008 2.19 -31.12 -37.22
C ASP B 1008 2.42 -30.51 -38.60
N ARG B 1009 3.50 -29.75 -38.74
CA ARG B 1009 3.78 -29.07 -39.99
C ARG B 1009 4.28 -30.03 -41.07
N LEU B 1010 5.42 -30.68 -40.86
CA LEU B 1010 5.98 -31.61 -41.85
C LEU B 1010 5.30 -32.99 -41.88
N ASN B 1011 4.39 -33.23 -40.94
CA ASN B 1011 3.56 -34.45 -40.91
C ASN B 1011 4.32 -35.77 -40.97
N LYS B 1012 5.47 -35.81 -40.31
CA LYS B 1012 6.17 -37.06 -40.10
C LYS B 1012 5.77 -37.60 -38.74
N LYS B 1013 6.41 -38.68 -38.31
CA LYS B 1013 6.14 -39.25 -36.99
C LYS B 1013 7.17 -38.79 -35.97
N VAL B 1014 6.69 -38.23 -34.86
CA VAL B 1014 7.55 -37.85 -33.75
C VAL B 1014 7.01 -38.45 -32.48
N VAL B 1015 7.80 -39.35 -31.88
CA VAL B 1015 7.37 -40.11 -30.72
C VAL B 1015 8.28 -39.90 -29.52
N LEU B 1016 7.75 -40.20 -28.33
CA LEU B 1016 8.54 -40.13 -27.11
C LEU B 1016 8.50 -41.49 -26.42
N LEU B 1017 9.67 -42.12 -26.26
CA LEU B 1017 9.74 -43.44 -25.68
C LEU B 1017 9.36 -43.37 -24.20
N THR B 1018 8.67 -44.41 -23.74
CA THR B 1018 8.10 -44.43 -22.40
C THR B 1018 8.79 -45.47 -21.54
N GLY B 1019 8.26 -45.69 -20.34
CA GLY B 1019 8.80 -46.73 -19.48
C GLY B 1019 8.69 -48.14 -20.06
N GLU B 1020 7.57 -48.43 -20.71
CA GLU B 1020 7.24 -49.80 -21.11
C GLU B 1020 7.89 -50.23 -22.42
N THR B 1021 8.31 -51.48 -22.46
CA THR B 1021 9.14 -52.03 -23.55
C THR B 1021 8.39 -52.28 -24.87
N SER B 1022 7.24 -52.94 -24.78
CA SER B 1022 6.47 -53.27 -25.98
C SER B 1022 6.02 -52.02 -26.73
N THR B 1023 5.45 -51.06 -26.01
CA THR B 1023 4.98 -49.82 -26.63
C THR B 1023 6.14 -49.04 -27.23
N ASP B 1024 7.34 -49.23 -26.67
CA ASP B 1024 8.53 -48.56 -27.17
C ASP B 1024 9.05 -49.21 -28.44
N LEU B 1025 8.93 -50.53 -28.51
CA LEU B 1025 9.24 -51.23 -29.76
C LEU B 1025 8.27 -50.75 -30.83
N LYS B 1026 7.02 -50.55 -30.42
CA LYS B 1026 5.98 -50.04 -31.32
C LYS B 1026 6.31 -48.64 -31.84
N LEU B 1027 6.71 -47.76 -30.92
CA LEU B 1027 7.06 -46.39 -31.26
C LEU B 1027 8.29 -46.33 -32.17
N LEU B 1028 9.29 -47.13 -31.81
CA LEU B 1028 10.50 -47.24 -32.60
C LEU B 1028 10.15 -47.74 -33.99
N GLY B 1029 9.09 -48.54 -34.07
CA GLY B 1029 8.52 -48.95 -35.33
C GLY B 1029 7.94 -47.78 -36.12
N LYS B 1030 7.03 -47.03 -35.51
CA LYS B 1030 6.35 -45.94 -36.21
C LYS B 1030 7.27 -44.77 -36.52
N GLY B 1031 8.26 -44.55 -35.66
CA GLY B 1031 8.94 -43.27 -35.59
C GLY B 1031 9.82 -42.81 -36.73
N ASN B 1032 9.57 -41.58 -37.18
CA ASN B 1032 10.54 -40.84 -37.98
C ASN B 1032 11.56 -40.16 -37.06
N ILE B 1033 11.06 -39.60 -35.96
CA ILE B 1033 11.90 -39.07 -34.89
C ILE B 1033 11.54 -39.75 -33.58
N ILE B 1034 12.54 -40.35 -32.92
CA ILE B 1034 12.29 -41.11 -31.70
C ILE B 1034 13.06 -40.51 -30.54
N ILE B 1035 12.34 -40.03 -29.53
CA ILE B 1035 12.97 -39.34 -28.43
C ILE B 1035 13.14 -40.29 -27.26
N SER B 1036 14.33 -40.27 -26.66
CA SER B 1036 14.58 -41.12 -25.51
C SER B 1036 15.68 -40.63 -24.56
N THR B 1037 15.55 -41.06 -23.31
CA THR B 1037 16.59 -40.96 -22.31
C THR B 1037 17.46 -42.23 -22.36
N PRO B 1038 18.74 -42.15 -21.94
CA PRO B 1038 19.68 -43.26 -22.16
C PRO B 1038 19.25 -44.62 -21.66
N GLU B 1039 18.65 -44.72 -20.46
CA GLU B 1039 18.30 -46.03 -19.95
C GLU B 1039 17.20 -46.71 -20.76
N LYS B 1040 16.28 -45.91 -21.29
CA LYS B 1040 15.21 -46.45 -22.13
C LYS B 1040 15.79 -47.05 -23.41
N TRP B 1041 16.63 -46.29 -24.09
CA TRP B 1041 17.29 -46.81 -25.27
C TRP B 1041 18.22 -47.99 -24.93
N ASP B 1042 18.65 -48.06 -23.67
CA ASP B 1042 19.50 -49.16 -23.22
C ASP B 1042 18.71 -50.47 -23.14
N ILE B 1043 17.61 -50.44 -22.39
CA ILE B 1043 16.78 -51.62 -22.20
C ILE B 1043 16.22 -52.05 -23.55
N LEU B 1044 16.07 -51.09 -24.47
CA LEU B 1044 15.64 -51.45 -25.82
C LEU B 1044 16.76 -52.12 -26.63
N SER B 1045 17.86 -51.39 -26.83
CA SER B 1045 18.89 -51.78 -27.79
C SER B 1045 19.91 -52.79 -27.26
N ARG B 1046 19.70 -53.31 -26.06
CA ARG B 1046 20.51 -54.44 -25.61
C ARG B 1046 20.31 -55.66 -26.52
N ARG B 1047 19.07 -55.84 -26.99
CA ARG B 1047 18.67 -56.97 -27.82
C ARG B 1047 18.84 -56.70 -29.31
N TRP B 1048 19.62 -55.68 -29.63
CA TRP B 1048 19.81 -55.20 -31.01
C TRP B 1048 20.07 -56.28 -32.05
N LYS B 1049 20.72 -57.38 -31.67
CA LYS B 1049 20.94 -58.47 -32.63
C LYS B 1049 19.62 -59.04 -33.18
N GLN B 1050 18.61 -59.12 -32.33
CA GLN B 1050 17.30 -59.63 -32.75
C GLN B 1050 16.28 -58.54 -33.10
N ARG B 1051 16.66 -57.27 -33.02
CA ARG B 1051 15.75 -56.19 -33.35
C ARG B 1051 16.28 -55.33 -34.50
N LYS B 1052 15.62 -55.44 -35.65
CA LYS B 1052 16.11 -54.84 -36.89
C LYS B 1052 15.94 -53.33 -36.92
N ASN B 1053 14.89 -52.85 -36.27
CA ASN B 1053 14.62 -51.41 -36.23
C ASN B 1053 15.69 -50.62 -35.49
N VAL B 1054 16.36 -51.25 -34.54
CA VAL B 1054 17.51 -50.64 -33.89
C VAL B 1054 18.70 -50.70 -34.84
N GLN B 1055 18.88 -51.85 -35.48
CA GLN B 1055 19.94 -52.02 -36.47
C GLN B 1055 19.82 -50.94 -37.54
N ASN B 1056 18.61 -50.77 -38.06
CA ASN B 1056 18.47 -49.78 -39.11
C ASN B 1056 17.89 -48.49 -38.56
N ILE B 1057 18.78 -47.52 -38.37
CA ILE B 1057 18.40 -46.15 -38.05
C ILE B 1057 19.41 -45.31 -38.81
N ASN B 1058 18.89 -44.32 -39.50
CA ASN B 1058 19.70 -43.52 -40.40
C ASN B 1058 20.52 -42.49 -39.64
N LEU B 1059 19.96 -42.01 -38.52
CA LEU B 1059 20.58 -40.95 -37.75
C LEU B 1059 20.51 -41.23 -36.25
N PHE B 1060 21.65 -41.04 -35.57
CA PHE B 1060 21.77 -41.11 -34.12
C PHE B 1060 22.24 -39.76 -33.57
N VAL B 1061 21.39 -39.09 -32.80
CA VAL B 1061 21.72 -37.79 -32.23
C VAL B 1061 21.87 -37.90 -30.71
N VAL B 1062 23.03 -37.50 -30.20
CA VAL B 1062 23.27 -37.51 -28.77
C VAL B 1062 23.43 -36.10 -28.28
N ASP B 1063 22.60 -35.71 -27.32
CA ASP B 1063 22.62 -34.34 -26.82
C ASP B 1063 23.17 -34.28 -25.40
N GLU B 1064 23.86 -33.18 -25.09
CA GLU B 1064 24.41 -32.98 -23.75
C GLU B 1064 25.35 -34.12 -23.39
N VAL B 1065 26.26 -34.47 -24.29
CA VAL B 1065 27.10 -35.64 -24.09
C VAL B 1065 28.17 -35.38 -23.05
N HIS B 1066 28.36 -34.12 -22.66
CA HIS B 1066 29.32 -33.82 -21.59
C HIS B 1066 28.81 -34.41 -20.27
N LEU B 1067 27.51 -34.68 -20.23
CA LEU B 1067 26.88 -35.36 -19.10
C LEU B 1067 27.38 -36.80 -18.95
N ILE B 1068 28.21 -37.22 -19.89
CA ILE B 1068 28.88 -38.51 -19.80
C ILE B 1068 29.83 -38.51 -18.60
N GLY B 1069 30.25 -37.31 -18.18
CA GLY B 1069 31.19 -37.19 -17.09
C GLY B 1069 30.51 -37.22 -15.73
N GLY B 1070 29.18 -37.18 -15.73
CA GLY B 1070 28.43 -37.17 -14.50
C GLY B 1070 27.87 -38.52 -14.12
N GLU B 1071 27.10 -38.55 -13.03
CA GLU B 1071 26.33 -39.72 -12.67
C GLU B 1071 25.36 -40.02 -13.81
N ASN B 1072 25.09 -41.31 -14.01
CA ASN B 1072 24.24 -41.79 -15.10
C ASN B 1072 24.89 -41.61 -16.48
N GLY B 1073 26.06 -40.97 -16.50
CA GLY B 1073 26.89 -40.90 -17.67
C GLY B 1073 27.27 -42.24 -18.31
N PRO B 1074 27.65 -43.23 -17.48
CA PRO B 1074 28.04 -44.52 -18.06
C PRO B 1074 27.00 -45.14 -19.00
N VAL B 1075 25.71 -45.07 -18.70
CA VAL B 1075 24.72 -45.68 -19.60
C VAL B 1075 24.71 -44.93 -20.94
N LEU B 1076 24.95 -43.63 -20.88
CA LEU B 1076 25.06 -42.85 -22.09
C LEU B 1076 26.24 -43.35 -22.91
N GLU B 1077 27.39 -43.49 -22.25
CA GLU B 1077 28.62 -43.97 -22.90
C GLU B 1077 28.44 -45.36 -23.52
N VAL B 1078 27.74 -46.23 -22.80
CA VAL B 1078 27.49 -47.59 -23.24
C VAL B 1078 26.61 -47.60 -24.48
N ILE B 1079 25.52 -46.83 -24.48
CA ILE B 1079 24.64 -46.88 -25.65
C ILE B 1079 25.29 -46.22 -26.87
N CYS B 1080 26.07 -45.15 -26.67
CA CYS B 1080 26.75 -44.52 -27.79
C CYS B 1080 27.77 -45.47 -28.38
N SER B 1081 28.50 -46.13 -27.49
CA SER B 1081 29.48 -47.13 -27.91
C SER B 1081 28.77 -48.23 -28.70
N ARG B 1082 27.68 -48.75 -28.16
CA ARG B 1082 26.93 -49.80 -28.82
C ARG B 1082 26.48 -49.41 -30.23
N MET B 1083 26.05 -48.16 -30.39
CA MET B 1083 25.61 -47.71 -31.71
C MET B 1083 26.79 -47.65 -32.67
N ARG B 1084 27.94 -47.21 -32.16
CA ARG B 1084 29.15 -47.17 -32.97
C ARG B 1084 29.57 -48.59 -33.42
N TYR B 1085 29.44 -49.55 -32.52
CA TYR B 1085 29.79 -50.94 -32.81
C TYR B 1085 28.82 -51.53 -33.84
N ILE B 1086 27.52 -51.38 -33.59
CA ILE B 1086 26.48 -51.80 -34.52
C ILE B 1086 26.74 -51.27 -35.93
N SER B 1087 27.17 -50.02 -36.04
CA SER B 1087 27.42 -49.43 -37.36
C SER B 1087 28.38 -50.23 -38.26
N SER B 1088 29.40 -50.87 -37.69
CA SER B 1088 30.37 -51.61 -38.50
C SER B 1088 30.05 -53.10 -38.69
N GLN B 1089 29.03 -53.61 -37.99
CA GLN B 1089 28.65 -55.01 -38.08
C GLN B 1089 27.56 -55.22 -39.12
N ILE B 1090 27.18 -54.11 -39.75
CA ILE B 1090 26.12 -54.06 -40.77
C ILE B 1090 26.68 -53.38 -42.01
N GLU B 1091 27.37 -52.26 -41.79
CA GLU B 1091 27.93 -51.35 -42.80
C GLU B 1091 26.87 -50.88 -43.78
N ARG B 1092 25.64 -50.78 -43.29
CA ARG B 1092 24.80 -49.66 -43.66
C ARG B 1092 25.04 -48.67 -42.52
N PRO B 1093 25.85 -47.63 -42.78
CA PRO B 1093 26.32 -46.73 -41.72
C PRO B 1093 25.22 -46.04 -40.93
N ILE B 1094 25.33 -46.05 -39.62
CA ILE B 1094 24.50 -45.20 -38.79
C ILE B 1094 25.28 -43.92 -38.53
N ARG B 1095 24.70 -42.78 -38.91
CA ARG B 1095 25.34 -41.49 -38.72
C ARG B 1095 25.26 -41.03 -37.27
N ILE B 1096 26.27 -40.33 -36.79
CA ILE B 1096 26.21 -39.80 -35.44
C ILE B 1096 26.47 -38.30 -35.35
N VAL B 1097 25.51 -37.58 -34.78
CA VAL B 1097 25.69 -36.17 -34.47
C VAL B 1097 25.65 -36.01 -32.95
N ALA B 1098 26.69 -35.40 -32.40
CA ALA B 1098 26.77 -35.23 -30.95
C ALA B 1098 26.88 -33.76 -30.57
N LEU B 1099 26.01 -33.32 -29.66
CA LEU B 1099 25.99 -31.94 -29.22
C LEU B 1099 26.40 -31.84 -27.76
N SER B 1100 27.26 -30.88 -27.45
CA SER B 1100 27.84 -30.81 -26.11
C SER B 1100 28.20 -29.41 -25.65
N SER B 1101 28.37 -29.25 -24.34
CA SER B 1101 28.99 -28.06 -23.76
C SER B 1101 30.45 -28.05 -24.17
N SER B 1102 31.09 -26.89 -24.06
CA SER B 1102 32.50 -26.80 -24.42
C SER B 1102 33.32 -27.82 -23.63
N LEU B 1103 34.02 -28.66 -24.37
CA LEU B 1103 34.87 -29.69 -23.78
C LEU B 1103 36.33 -29.29 -23.98
N SER B 1104 37.13 -29.49 -22.94
CA SER B 1104 38.55 -29.20 -23.05
C SER B 1104 39.15 -30.25 -23.98
N ASN B 1105 38.68 -31.49 -23.85
CA ASN B 1105 39.04 -32.50 -24.82
C ASN B 1105 37.85 -32.93 -25.67
N ALA B 1106 37.73 -32.32 -26.84
CA ALA B 1106 36.68 -32.69 -27.77
C ALA B 1106 37.19 -33.85 -28.59
N LYS B 1107 38.51 -33.87 -28.76
CA LYS B 1107 39.20 -34.86 -29.57
C LYS B 1107 38.80 -36.27 -29.22
N ASP B 1108 38.89 -36.59 -27.94
CA ASP B 1108 38.63 -37.94 -27.45
C ASP B 1108 37.19 -38.36 -27.71
N VAL B 1109 36.26 -37.44 -27.50
CA VAL B 1109 34.84 -37.69 -27.73
C VAL B 1109 34.60 -37.92 -29.22
N ALA B 1110 35.23 -37.09 -30.05
CA ALA B 1110 35.11 -37.14 -31.49
C ALA B 1110 35.61 -38.46 -32.06
N HIS B 1111 36.87 -38.78 -31.76
CA HIS B 1111 37.46 -40.07 -32.13
C HIS B 1111 36.54 -41.20 -31.70
N TRP B 1112 36.10 -41.13 -30.44
CA TRP B 1112 35.22 -42.14 -29.88
C TRP B 1112 33.99 -42.34 -30.73
N LEU B 1113 33.43 -41.24 -31.22
CA LEU B 1113 32.16 -41.27 -31.97
C LEU B 1113 32.33 -41.30 -33.49
N GLY B 1114 33.56 -41.25 -33.98
CA GLY B 1114 33.79 -41.39 -35.41
C GLY B 1114 33.86 -40.09 -36.18
N CYS B 1115 34.21 -39.02 -35.49
CA CYS B 1115 34.23 -37.70 -36.12
C CYS B 1115 35.62 -37.35 -36.64
N SER B 1116 35.69 -36.97 -37.91
CA SER B 1116 36.91 -36.43 -38.48
C SER B 1116 37.18 -35.06 -37.87
N ALA B 1117 38.43 -34.60 -37.95
CA ALA B 1117 38.82 -33.32 -37.38
C ALA B 1117 38.04 -32.14 -37.96
N THR B 1118 37.57 -32.28 -39.20
CA THR B 1118 36.80 -31.23 -39.87
C THR B 1118 35.36 -31.17 -39.40
N SER B 1119 34.84 -32.33 -39.00
CA SER B 1119 33.46 -32.43 -38.53
C SER B 1119 33.40 -32.21 -37.02
N THR B 1120 34.53 -31.84 -36.43
CA THR B 1120 34.58 -31.54 -35.01
C THR B 1120 34.63 -30.02 -34.80
N PHE B 1121 33.56 -29.48 -34.23
CA PHE B 1121 33.50 -28.07 -33.90
C PHE B 1121 33.43 -27.93 -32.39
N ASN B 1122 34.51 -27.47 -31.78
CA ASN B 1122 34.50 -27.28 -30.34
C ASN B 1122 34.77 -25.83 -29.98
N PHE B 1123 33.73 -25.14 -29.54
CA PHE B 1123 33.79 -23.70 -29.38
C PHE B 1123 33.98 -23.28 -27.93
N HIS B 1124 34.85 -22.30 -27.70
CA HIS B 1124 35.15 -21.81 -26.35
C HIS B 1124 33.91 -21.13 -25.77
N PRO B 1125 33.76 -21.16 -24.44
CA PRO B 1125 32.64 -20.47 -23.79
C PRO B 1125 32.47 -18.99 -24.15
N ASN B 1126 33.54 -18.32 -24.59
CA ASN B 1126 33.45 -16.90 -24.89
C ASN B 1126 33.02 -16.56 -26.33
N VAL B 1127 32.75 -17.57 -27.13
CA VAL B 1127 32.19 -17.36 -28.47
C VAL B 1127 30.68 -17.56 -28.49
N ARG B 1128 30.10 -17.76 -27.31
CA ARG B 1128 28.66 -17.86 -27.13
C ARG B 1128 27.98 -16.68 -27.81
N PRO B 1129 27.04 -16.97 -28.74
CA PRO B 1129 26.42 -15.99 -29.65
C PRO B 1129 25.91 -14.75 -28.93
N VAL B 1130 25.18 -14.97 -27.84
CA VAL B 1130 24.84 -13.87 -26.96
C VAL B 1130 25.88 -13.81 -25.85
N PRO B 1131 26.78 -12.82 -25.92
CA PRO B 1131 27.88 -12.76 -24.96
C PRO B 1131 27.39 -12.81 -23.52
N LEU B 1132 28.00 -13.69 -22.74
CA LEU B 1132 27.63 -13.82 -21.34
C LEU B 1132 28.52 -12.95 -20.49
N GLU B 1133 27.93 -12.30 -19.49
CA GLU B 1133 28.71 -11.58 -18.51
C GLU B 1133 28.53 -12.30 -17.17
N LEU B 1134 29.59 -12.97 -16.72
CA LEU B 1134 29.52 -13.82 -15.54
C LEU B 1134 30.17 -13.17 -14.33
N HIS B 1135 29.48 -13.23 -13.19
CA HIS B 1135 29.99 -12.70 -11.94
C HIS B 1135 29.89 -13.77 -10.87
N ILE B 1136 30.99 -14.04 -10.19
CA ILE B 1136 30.95 -15.00 -9.11
C ILE B 1136 31.16 -14.21 -7.83
N GLN B 1137 30.21 -14.33 -6.91
CA GLN B 1137 30.21 -13.54 -5.69
C GLN B 1137 30.32 -14.45 -4.48
N GLY B 1138 31.44 -14.33 -3.77
CA GLY B 1138 31.70 -15.16 -2.63
C GLY B 1138 31.14 -14.61 -1.33
N PHE B 1139 30.76 -15.52 -0.45
CA PHE B 1139 30.26 -15.20 0.88
C PHE B 1139 31.01 -16.10 1.85
N ASN B 1140 31.79 -15.57 2.80
CA ASN B 1140 32.46 -16.51 3.66
C ASN B 1140 31.59 -16.81 4.86
N ILE B 1141 30.75 -17.83 4.70
CA ILE B 1141 29.91 -18.34 5.76
C ILE B 1141 29.81 -19.84 5.52
N SER B 1142 30.27 -20.65 6.47
CA SER B 1142 30.29 -22.08 6.24
C SER B 1142 28.90 -22.64 6.49
N HIS B 1143 28.13 -21.96 7.34
CA HIS B 1143 26.82 -22.43 7.70
C HIS B 1143 25.87 -22.05 6.58
N THR B 1144 25.28 -23.05 5.93
CA THR B 1144 24.49 -22.81 4.72
C THR B 1144 23.28 -21.95 5.00
N GLN B 1145 22.59 -22.21 6.11
CA GLN B 1145 21.40 -21.46 6.46
C GLN B 1145 21.70 -19.96 6.55
N THR B 1146 22.78 -19.63 7.26
CA THR B 1146 23.19 -18.25 7.46
C THR B 1146 23.64 -17.62 6.14
N ARG B 1147 24.34 -18.41 5.32
CA ARG B 1147 24.80 -17.93 4.02
C ARG B 1147 23.61 -17.60 3.12
N LEU B 1148 22.63 -18.49 3.11
CA LEU B 1148 21.41 -18.32 2.35
C LEU B 1148 20.75 -17.02 2.75
N LEU B 1149 20.60 -16.81 4.05
CA LEU B 1149 20.03 -15.55 4.52
C LEU B 1149 20.86 -14.35 4.06
N SER B 1150 22.18 -14.42 4.20
CA SER B 1150 23.05 -13.30 3.83
C SER B 1150 23.04 -13.05 2.33
N MET B 1151 22.47 -13.97 1.58
CA MET B 1151 22.33 -13.77 0.14
C MET B 1151 21.05 -13.02 -0.24
N ALA B 1152 20.15 -12.84 0.72
CA ALA B 1152 18.84 -12.29 0.42
C ALA B 1152 18.94 -10.94 -0.27
N LYS B 1153 19.59 -9.98 0.39
CA LYS B 1153 19.76 -8.64 -0.16
C LYS B 1153 20.65 -8.58 -1.42
N PRO B 1154 21.77 -9.35 -1.45
CA PRO B 1154 22.57 -9.36 -2.68
C PRO B 1154 21.80 -9.78 -3.91
N VAL B 1155 20.83 -10.68 -3.75
CA VAL B 1155 19.99 -11.11 -4.87
C VAL B 1155 19.28 -9.91 -5.46
N TYR B 1156 18.63 -9.16 -4.58
CA TYR B 1156 17.87 -7.97 -4.94
C TYR B 1156 18.75 -6.95 -5.63
N HIS B 1157 19.93 -6.71 -5.05
CA HIS B 1157 20.83 -5.74 -5.63
C HIS B 1157 21.24 -6.21 -7.03
N ALA B 1158 21.39 -7.52 -7.18
CA ALA B 1158 21.76 -8.09 -8.46
C ALA B 1158 20.69 -7.78 -9.48
N ILE B 1159 19.43 -7.98 -9.08
CA ILE B 1159 18.29 -7.65 -9.93
C ILE B 1159 18.31 -6.17 -10.33
N THR B 1160 18.45 -5.25 -9.37
CA THR B 1160 18.32 -3.83 -9.70
C THR B 1160 19.54 -3.30 -10.44
N LYS B 1161 20.66 -3.99 -10.34
CA LYS B 1161 21.89 -3.56 -11.00
C LYS B 1161 21.93 -4.05 -12.44
N HIS B 1162 21.95 -5.36 -12.60
CA HIS B 1162 22.19 -5.95 -13.91
C HIS B 1162 20.95 -6.06 -14.81
N SER B 1163 19.78 -6.18 -14.20
CA SER B 1163 18.56 -6.34 -14.99
C SER B 1163 17.34 -5.63 -14.37
N PRO B 1164 17.41 -4.29 -14.29
CA PRO B 1164 16.33 -3.53 -13.63
C PRO B 1164 14.96 -3.69 -14.30
N LYS B 1165 14.91 -3.54 -15.62
CA LYS B 1165 13.64 -3.72 -16.34
C LYS B 1165 13.39 -5.10 -16.99
N LYS B 1166 14.46 -5.89 -17.17
CA LYS B 1166 14.34 -7.13 -17.96
C LYS B 1166 14.09 -8.39 -17.11
N PRO B 1167 13.56 -9.47 -17.74
CA PRO B 1167 13.23 -10.68 -16.99
C PRO B 1167 14.40 -11.34 -16.27
N VAL B 1168 14.10 -11.91 -15.11
CA VAL B 1168 15.11 -12.48 -14.22
C VAL B 1168 14.70 -13.84 -13.67
N ILE B 1169 15.56 -14.85 -13.83
CA ILE B 1169 15.37 -16.11 -13.13
C ILE B 1169 16.33 -16.20 -11.96
N VAL B 1170 15.82 -16.54 -10.79
CA VAL B 1170 16.64 -16.86 -9.65
C VAL B 1170 16.45 -18.34 -9.27
N PHE B 1171 17.53 -19.12 -9.33
CA PHE B 1171 17.51 -20.52 -8.93
C PHE B 1171 17.91 -20.63 -7.47
N VAL B 1172 17.16 -21.40 -6.69
CA VAL B 1172 17.50 -21.61 -5.28
C VAL B 1172 17.60 -23.11 -4.91
N PRO B 1173 18.27 -23.43 -3.80
CA PRO B 1173 18.49 -24.85 -3.48
C PRO B 1173 17.23 -25.69 -3.31
N SER B 1174 16.20 -25.14 -2.68
CA SER B 1174 15.03 -25.95 -2.36
C SER B 1174 13.68 -25.25 -2.55
N ARG B 1175 12.64 -26.07 -2.49
CA ARG B 1175 11.23 -25.67 -2.60
C ARG B 1175 10.89 -24.48 -1.70
N LYS B 1176 11.23 -24.59 -0.43
CA LYS B 1176 10.87 -23.58 0.55
C LYS B 1176 11.64 -22.28 0.31
N GLN B 1177 12.86 -22.40 -0.17
CA GLN B 1177 13.64 -21.20 -0.49
C GLN B 1177 13.05 -20.43 -1.67
N THR B 1178 12.31 -21.11 -2.56
CA THR B 1178 11.63 -20.42 -3.66
C THR B 1178 10.63 -19.42 -3.10
N ARG B 1179 9.75 -19.94 -2.26
CA ARG B 1179 8.73 -19.14 -1.60
C ARG B 1179 9.38 -18.01 -0.79
N LEU B 1180 10.32 -18.36 0.09
CA LEU B 1180 11.03 -17.37 0.91
C LEU B 1180 11.67 -16.26 0.09
N THR B 1181 12.44 -16.62 -0.92
CA THR B 1181 13.16 -15.65 -1.73
C THR B 1181 12.18 -14.78 -2.52
N ALA B 1182 11.09 -15.39 -3.00
CA ALA B 1182 10.07 -14.61 -3.70
C ALA B 1182 9.51 -13.53 -2.78
N ILE B 1183 9.07 -13.94 -1.60
CA ILE B 1183 8.54 -13.02 -0.59
C ILE B 1183 9.57 -11.93 -0.22
N ASP B 1184 10.84 -12.29 -0.15
CA ASP B 1184 11.86 -11.30 0.12
C ASP B 1184 12.00 -10.26 -0.96
N ILE B 1185 12.08 -10.71 -2.22
CA ILE B 1185 12.21 -9.80 -3.34
C ILE B 1185 10.99 -8.88 -3.33
N LEU B 1186 9.84 -9.43 -2.95
CA LEU B 1186 8.61 -8.64 -2.77
C LEU B 1186 8.73 -7.50 -1.77
N THR B 1187 8.94 -7.88 -0.51
CA THR B 1187 8.96 -6.91 0.57
C THR B 1187 10.09 -5.89 0.38
N THR B 1188 11.20 -6.32 -0.20
CA THR B 1188 12.31 -5.40 -0.44
C THR B 1188 11.93 -4.43 -1.55
N CYS B 1189 11.24 -4.95 -2.57
CA CYS B 1189 10.68 -4.11 -3.63
C CYS B 1189 9.87 -3.00 -2.99
N ALA B 1190 8.86 -3.38 -2.21
CA ALA B 1190 8.02 -2.42 -1.50
C ALA B 1190 8.80 -1.45 -0.62
N ALA B 1191 9.95 -1.91 -0.09
CA ALA B 1191 10.73 -1.08 0.84
C ALA B 1191 11.73 -0.17 0.12
N ASP B 1192 11.83 -0.27 -1.20
CA ASP B 1192 12.46 0.83 -1.95
C ASP B 1192 11.41 1.86 -2.29
N ILE B 1193 10.20 1.64 -1.76
CA ILE B 1193 8.99 2.42 -2.05
C ILE B 1193 8.70 2.28 -3.56
N GLN B 1194 9.25 1.22 -4.14
CA GLN B 1194 8.87 0.82 -5.48
C GLN B 1194 8.21 -0.55 -5.40
N ARG B 1195 6.89 -0.60 -5.46
CA ARG B 1195 6.21 -1.88 -5.35
C ARG B 1195 5.48 -2.14 -6.65
N GLN B 1196 5.39 -3.42 -7.05
CA GLN B 1196 4.79 -3.81 -8.32
C GLN B 1196 5.71 -3.37 -9.49
N ARG B 1197 6.86 -2.81 -9.14
CA ARG B 1197 7.93 -2.49 -10.08
C ARG B 1197 8.33 -3.70 -10.94
N PHE B 1198 8.04 -4.90 -10.43
CA PHE B 1198 8.22 -6.11 -11.22
C PHE B 1198 6.93 -6.56 -11.91
N LEU B 1199 5.82 -5.86 -11.66
CA LEU B 1199 4.58 -6.14 -12.36
C LEU B 1199 4.45 -5.20 -13.55
N HIS B 1200 4.53 -5.76 -14.74
CA HIS B 1200 4.48 -4.98 -15.95
C HIS B 1200 3.12 -4.98 -16.63
N CYS B 1201 2.14 -5.61 -15.99
CA CYS B 1201 0.76 -5.43 -16.38
C CYS B 1201 -0.01 -4.79 -15.20
N THR B 1202 -1.33 -4.64 -15.33
CA THR B 1202 -2.14 -4.21 -14.20
C THR B 1202 -2.61 -5.43 -13.42
N GLU B 1203 -2.71 -5.31 -12.10
CA GLU B 1203 -3.21 -6.39 -11.24
C GLU B 1203 -4.51 -7.00 -11.77
N LYS B 1204 -5.39 -6.14 -12.28
CA LYS B 1204 -6.69 -6.54 -12.81
C LYS B 1204 -6.56 -7.59 -13.91
N ASP B 1205 -5.61 -7.38 -14.82
CA ASP B 1205 -5.37 -8.28 -15.94
C ASP B 1205 -5.04 -9.71 -15.51
N LEU B 1206 -4.44 -9.86 -14.32
CA LEU B 1206 -4.00 -11.17 -13.86
C LEU B 1206 -5.09 -12.03 -13.25
N ILE B 1207 -6.10 -11.39 -12.65
CA ILE B 1207 -7.08 -12.08 -11.80
C ILE B 1207 -7.64 -13.38 -12.39
N PRO B 1208 -8.08 -13.33 -13.68
CA PRO B 1208 -8.64 -14.57 -14.25
C PRO B 1208 -7.67 -15.74 -14.27
N TYR B 1209 -6.38 -15.49 -14.47
CA TYR B 1209 -5.38 -16.56 -14.43
C TYR B 1209 -5.14 -17.02 -13.00
N LEU B 1210 -4.97 -16.06 -12.09
CA LEU B 1210 -4.71 -16.36 -10.70
C LEU B 1210 -5.83 -17.21 -10.08
N GLU B 1211 -7.03 -17.10 -10.63
CA GLU B 1211 -8.14 -17.91 -10.12
C GLU B 1211 -7.94 -19.40 -10.36
N LYS B 1212 -7.05 -19.73 -11.30
CA LYS B 1212 -6.75 -21.13 -11.62
C LYS B 1212 -5.69 -21.73 -10.69
N LEU B 1213 -5.14 -20.92 -9.80
CA LEU B 1213 -4.08 -21.39 -8.91
C LEU B 1213 -4.62 -21.87 -7.57
N SER B 1214 -3.98 -22.92 -7.05
CA SER B 1214 -4.29 -23.42 -5.72
C SER B 1214 -3.58 -22.64 -4.62
N ASP B 1215 -2.33 -22.26 -4.90
CA ASP B 1215 -1.43 -21.73 -3.87
C ASP B 1215 -1.67 -20.25 -3.59
N SER B 1216 -2.06 -19.91 -2.35
CA SER B 1216 -2.37 -18.53 -1.96
C SER B 1216 -1.18 -17.61 -2.14
N THR B 1217 -0.04 -18.04 -1.62
CA THR B 1217 1.18 -17.27 -1.65
C THR B 1217 1.64 -17.00 -3.09
N LEU B 1218 1.44 -17.98 -3.98
CA LEU B 1218 1.81 -17.81 -5.38
C LEU B 1218 0.95 -16.74 -6.03
N LYS B 1219 -0.35 -16.74 -5.71
CA LYS B 1219 -1.25 -15.67 -6.14
C LYS B 1219 -0.75 -14.31 -5.64
N GLU B 1220 -0.44 -14.25 -4.34
CA GLU B 1220 -0.01 -12.99 -3.73
C GLU B 1220 1.29 -12.43 -4.34
N THR B 1221 2.29 -13.28 -4.50
CA THR B 1221 3.59 -12.88 -5.05
C THR B 1221 3.46 -12.53 -6.54
N LEU B 1222 2.63 -13.30 -7.25
CA LEU B 1222 2.34 -13.01 -8.65
C LEU B 1222 1.66 -11.66 -8.83
N LEU B 1223 0.82 -11.28 -7.89
CA LEU B 1223 0.17 -9.97 -7.92
C LEU B 1223 1.20 -8.84 -7.89
N ASN B 1224 2.37 -9.14 -7.32
CA ASN B 1224 3.46 -8.17 -7.22
C ASN B 1224 4.57 -8.31 -8.28
N GLY B 1225 4.40 -9.26 -9.20
CA GLY B 1225 5.30 -9.38 -10.34
C GLY B 1225 6.43 -10.37 -10.14
N VAL B 1226 6.32 -11.18 -9.10
CA VAL B 1226 7.31 -12.19 -8.82
C VAL B 1226 6.66 -13.56 -8.68
N GLY B 1227 6.92 -14.44 -9.62
CA GLY B 1227 6.40 -15.79 -9.55
C GLY B 1227 7.44 -16.75 -9.02
N TYR B 1228 7.02 -17.96 -8.68
CA TYR B 1228 8.01 -18.97 -8.34
C TYR B 1228 7.62 -20.37 -8.85
N LEU B 1229 8.60 -21.26 -8.92
CA LEU B 1229 8.44 -22.63 -9.41
C LEU B 1229 9.09 -23.67 -8.49
N HIS B 1230 8.28 -24.56 -7.92
CA HIS B 1230 8.81 -25.68 -7.14
C HIS B 1230 8.05 -26.98 -7.43
N GLU B 1231 8.59 -28.10 -6.96
CA GLU B 1231 8.04 -29.42 -7.29
C GLU B 1231 6.65 -29.66 -6.69
N GLY B 1232 6.29 -28.87 -5.69
CA GLY B 1232 5.02 -29.04 -5.00
C GLY B 1232 3.82 -28.51 -5.77
N LEU B 1233 4.08 -27.66 -6.75
CA LEU B 1233 3.01 -27.12 -7.60
C LEU B 1233 2.59 -28.10 -8.68
N SER B 1234 1.32 -28.02 -9.08
CA SER B 1234 0.82 -28.82 -10.19
C SER B 1234 1.53 -28.44 -11.48
N PRO B 1235 1.56 -29.36 -12.46
CA PRO B 1235 2.11 -29.01 -13.78
C PRO B 1235 1.38 -27.84 -14.40
N MET B 1236 0.07 -27.79 -14.22
CA MET B 1236 -0.74 -26.69 -14.75
C MET B 1236 -0.22 -25.37 -14.20
N GLU B 1237 -0.10 -25.28 -12.88
CA GLU B 1237 0.42 -24.08 -12.23
C GLU B 1237 1.79 -23.66 -12.73
N ARG B 1238 2.70 -24.62 -12.88
CA ARG B 1238 4.05 -24.35 -13.35
C ARG B 1238 4.05 -23.78 -14.78
N ARG B 1239 3.23 -24.39 -15.64
CA ARG B 1239 3.06 -23.91 -17.01
C ARG B 1239 2.48 -22.50 -17.02
N LEU B 1240 1.59 -22.23 -16.07
CA LEU B 1240 0.94 -20.92 -15.97
C LEU B 1240 1.92 -19.82 -15.58
N VAL B 1241 2.69 -20.10 -14.54
CA VAL B 1241 3.67 -19.15 -14.04
C VAL B 1241 4.70 -18.90 -15.13
N GLU B 1242 5.06 -19.96 -15.84
CA GLU B 1242 5.99 -19.84 -16.95
C GLU B 1242 5.42 -18.94 -18.03
N GLN B 1243 4.16 -19.17 -18.39
CA GLN B 1243 3.51 -18.39 -19.44
C GLN B 1243 3.47 -16.91 -19.08
N LEU B 1244 3.08 -16.60 -17.85
CA LEU B 1244 3.04 -15.21 -17.39
C LEU B 1244 4.43 -14.59 -17.42
N PHE B 1245 5.45 -15.39 -17.07
CA PHE B 1245 6.84 -14.91 -17.07
C PHE B 1245 7.36 -14.60 -18.47
N SER B 1246 7.06 -15.50 -19.40
CA SER B 1246 7.52 -15.37 -20.78
C SER B 1246 6.89 -14.17 -21.49
N SER B 1247 5.61 -13.89 -21.19
CA SER B 1247 4.93 -12.76 -21.81
C SER B 1247 5.46 -11.44 -21.29
N GLY B 1248 6.24 -11.50 -20.20
CA GLY B 1248 6.81 -10.31 -19.61
C GLY B 1248 5.88 -9.63 -18.62
N ALA B 1249 4.79 -10.30 -18.28
CA ALA B 1249 3.86 -9.73 -17.32
C ALA B 1249 4.49 -9.76 -15.94
N ILE B 1250 5.25 -10.82 -15.63
CA ILE B 1250 6.01 -10.83 -14.39
C ILE B 1250 7.51 -10.89 -14.72
N GLN B 1251 8.29 -10.08 -14.01
CA GLN B 1251 9.70 -9.86 -14.35
C GLN B 1251 10.67 -10.85 -13.71
N VAL B 1252 10.19 -11.52 -12.66
CA VAL B 1252 11.06 -12.31 -11.80
C VAL B 1252 10.41 -13.66 -11.50
N VAL B 1253 11.16 -14.74 -11.63
CA VAL B 1253 10.68 -16.02 -11.16
C VAL B 1253 11.75 -16.72 -10.33
N VAL B 1254 11.34 -17.38 -9.26
CA VAL B 1254 12.29 -18.12 -8.42
C VAL B 1254 12.04 -19.62 -8.48
N ALA B 1255 12.98 -20.36 -9.04
CA ALA B 1255 12.80 -21.81 -9.26
C ALA B 1255 13.76 -22.66 -8.45
N SER B 1256 13.26 -23.78 -7.92
CA SER B 1256 14.13 -24.73 -7.24
C SER B 1256 15.03 -25.44 -8.26
N ARG B 1257 16.19 -25.93 -7.79
CA ARG B 1257 17.19 -26.53 -8.68
C ARG B 1257 16.68 -27.74 -9.45
N SER B 1258 15.80 -28.52 -8.82
CA SER B 1258 15.28 -29.71 -9.47
C SER B 1258 14.50 -29.41 -10.76
N LEU B 1259 14.12 -28.15 -10.95
CA LEU B 1259 13.36 -27.75 -12.13
C LEU B 1259 14.22 -27.12 -13.24
N CYS B 1260 15.53 -27.04 -13.03
CA CYS B 1260 16.38 -26.31 -13.98
C CYS B 1260 16.45 -26.96 -15.36
N TRP B 1261 16.27 -28.29 -15.40
CA TRP B 1261 16.18 -29.00 -16.67
C TRP B 1261 14.76 -28.97 -17.28
N GLY B 1262 13.75 -28.71 -16.46
CA GLY B 1262 12.36 -28.72 -16.90
C GLY B 1262 11.69 -27.37 -17.14
N MET B 1263 12.49 -26.33 -17.37
CA MET B 1263 11.91 -24.99 -17.56
C MET B 1263 12.08 -24.52 -18.99
N ASN B 1264 10.98 -24.29 -19.69
CA ASN B 1264 11.13 -23.62 -20.97
C ASN B 1264 10.79 -22.18 -20.68
N VAL B 1265 11.85 -21.43 -20.42
CA VAL B 1265 11.77 -20.04 -20.01
C VAL B 1265 13.15 -19.43 -20.23
N ALA B 1266 13.22 -18.15 -20.59
CA ALA B 1266 14.51 -17.49 -20.75
C ALA B 1266 14.58 -16.20 -19.95
N ALA B 1267 15.79 -15.80 -19.57
CA ALA B 1267 15.93 -14.55 -18.85
C ALA B 1267 17.08 -13.72 -19.41
N HIS B 1268 17.07 -12.45 -19.04
CA HIS B 1268 18.17 -11.55 -19.31
C HIS B 1268 19.24 -11.79 -18.26
N LEU B 1269 18.79 -12.05 -17.04
CA LEU B 1269 19.67 -12.28 -15.91
C LEU B 1269 19.28 -13.56 -15.19
N VAL B 1270 20.28 -14.39 -14.93
CA VAL B 1270 20.08 -15.56 -14.06
C VAL B 1270 20.93 -15.35 -12.81
N ILE B 1271 20.31 -15.53 -11.65
CA ILE B 1271 21.02 -15.53 -10.39
C ILE B 1271 21.00 -16.93 -9.79
N ILE B 1272 22.16 -17.49 -9.48
CA ILE B 1272 22.19 -18.77 -8.81
C ILE B 1272 22.47 -18.52 -7.32
N MET B 1273 21.46 -18.76 -6.50
CA MET B 1273 21.54 -18.46 -5.08
C MET B 1273 21.97 -19.70 -4.31
N ASP B 1274 23.17 -19.58 -3.79
CA ASP B 1274 24.09 -20.62 -3.29
C ASP B 1274 24.38 -21.75 -4.31
N THR B 1275 25.20 -22.71 -3.90
CA THR B 1275 25.52 -23.87 -4.74
C THR B 1275 25.35 -25.26 -4.12
N GLN B 1276 24.86 -25.33 -2.90
CA GLN B 1276 24.97 -26.58 -2.16
C GLN B 1276 23.60 -27.06 -1.73
N TYR B 1277 23.49 -28.35 -1.42
CA TYR B 1277 22.24 -28.91 -0.91
C TYR B 1277 22.55 -29.99 0.12
N TYR B 1278 21.61 -30.25 1.01
CA TYR B 1278 21.83 -31.18 2.11
C TYR B 1278 21.74 -32.64 1.68
N ASN B 1279 22.74 -33.41 2.10
CA ASN B 1279 22.75 -34.85 1.96
C ASN B 1279 22.66 -35.49 3.35
N GLY B 1280 21.50 -36.07 3.66
CA GLY B 1280 21.23 -36.65 4.95
C GLY B 1280 21.88 -38.01 5.14
N LYS B 1281 22.35 -38.60 4.05
CA LYS B 1281 23.03 -39.88 4.14
C LYS B 1281 24.44 -39.70 4.69
N ILE B 1282 25.15 -38.67 4.23
CA ILE B 1282 26.47 -38.35 4.76
C ILE B 1282 26.44 -37.21 5.80
N HIS B 1283 25.23 -36.76 6.16
CA HIS B 1283 25.03 -35.66 7.12
C HIS B 1283 25.83 -34.42 6.79
N ALA B 1284 25.79 -33.98 5.54
CA ALA B 1284 26.60 -32.85 5.15
C ALA B 1284 26.04 -32.14 3.91
N TYR B 1285 26.42 -30.87 3.73
CA TYR B 1285 26.03 -30.15 2.51
C TYR B 1285 27.04 -30.49 1.42
N VAL B 1286 26.53 -30.78 0.22
CA VAL B 1286 27.38 -31.19 -0.91
C VAL B 1286 27.12 -30.26 -2.09
N ASP B 1287 28.09 -30.19 -3.01
CA ASP B 1287 28.03 -29.25 -4.13
C ASP B 1287 27.09 -29.64 -5.28
N TYR B 1288 26.50 -28.64 -5.93
CA TYR B 1288 25.77 -28.85 -7.17
C TYR B 1288 26.67 -29.55 -8.17
N PRO B 1289 26.10 -30.47 -8.96
CA PRO B 1289 26.80 -30.93 -10.15
C PRO B 1289 27.13 -29.75 -11.07
N ILE B 1290 28.34 -29.70 -11.62
CA ILE B 1290 28.70 -28.63 -12.56
C ILE B 1290 27.75 -28.58 -13.76
N TYR B 1291 27.09 -29.69 -14.07
CA TYR B 1291 26.19 -29.75 -15.20
C TYR B 1291 24.93 -28.93 -14.92
N ASP B 1292 24.41 -29.01 -13.70
CA ASP B 1292 23.28 -28.21 -13.29
C ASP B 1292 23.63 -26.73 -13.35
N VAL B 1293 24.82 -26.39 -12.91
CA VAL B 1293 25.24 -25.00 -12.90
C VAL B 1293 25.37 -24.51 -14.33
N LEU B 1294 25.91 -25.35 -15.20
CA LEU B 1294 26.03 -24.97 -16.62
C LEU B 1294 24.66 -24.76 -17.29
N GLN B 1295 23.70 -25.61 -16.96
CA GLN B 1295 22.34 -25.48 -17.49
C GLN B 1295 21.70 -24.17 -17.00
N MET B 1296 21.84 -23.94 -15.70
CA MET B 1296 21.33 -22.73 -15.06
C MET B 1296 21.89 -21.47 -15.69
N VAL B 1297 23.21 -21.40 -15.78
CA VAL B 1297 23.88 -20.27 -16.40
C VAL B 1297 23.40 -20.12 -17.84
N GLY B 1298 23.19 -21.26 -18.50
CA GLY B 1298 22.71 -21.27 -19.87
C GLY B 1298 21.33 -20.66 -20.04
N HIS B 1299 20.55 -20.63 -18.96
CA HIS B 1299 19.22 -20.02 -19.04
C HIS B 1299 19.21 -18.50 -19.24
N ALA B 1300 20.35 -17.80 -19.15
CA ALA B 1300 20.27 -16.39 -19.50
C ALA B 1300 20.76 -16.24 -20.92
N ASN B 1301 19.80 -16.37 -21.82
CA ASN B 1301 20.04 -16.23 -23.25
C ASN B 1301 18.77 -15.73 -23.91
N ARG B 1302 18.83 -14.60 -24.58
CA ARG B 1302 17.68 -14.13 -25.35
C ARG B 1302 18.19 -13.51 -26.63
N PRO B 1303 18.55 -14.36 -27.61
CA PRO B 1303 19.20 -13.93 -28.85
C PRO B 1303 18.40 -12.84 -29.55
N LEU B 1304 17.08 -12.91 -29.45
CA LEU B 1304 16.21 -11.92 -30.09
C LEU B 1304 16.08 -10.60 -29.31
N GLN B 1305 15.85 -10.66 -28.01
CA GLN B 1305 15.67 -9.45 -27.21
C GLN B 1305 16.94 -8.73 -26.74
N ASP B 1306 17.93 -9.48 -26.28
CA ASP B 1306 19.06 -8.88 -25.56
C ASP B 1306 20.37 -8.88 -26.34
N ASP B 1307 21.23 -7.89 -26.06
CA ASP B 1307 22.56 -7.85 -26.64
C ASP B 1307 23.58 -8.56 -25.76
N GLU B 1308 23.15 -8.98 -24.58
CA GLU B 1308 23.99 -9.81 -23.71
C GLU B 1308 23.15 -10.58 -22.71
N GLY B 1309 23.71 -11.67 -22.21
CA GLY B 1309 23.15 -12.35 -21.07
C GLY B 1309 23.94 -11.93 -19.85
N ARG B 1310 23.39 -12.14 -18.67
CA ARG B 1310 24.09 -11.85 -17.44
C ARG B 1310 23.78 -12.90 -16.40
N CYS B 1311 24.81 -13.31 -15.68
CA CYS B 1311 24.64 -14.32 -14.64
C CYS B 1311 25.43 -13.97 -13.41
N VAL B 1312 24.80 -14.12 -12.26
CA VAL B 1312 25.48 -13.87 -11.01
C VAL B 1312 25.41 -15.15 -10.20
N ILE B 1313 26.59 -15.71 -9.93
CA ILE B 1313 26.65 -16.93 -9.14
C ILE B 1313 27.06 -16.58 -7.73
N MET B 1314 26.23 -16.96 -6.78
CA MET B 1314 26.52 -16.71 -5.38
C MET B 1314 26.84 -18.02 -4.72
N CYS B 1315 28.04 -18.12 -4.20
CA CYS B 1315 28.53 -19.37 -3.65
C CYS B 1315 29.42 -19.09 -2.45
N GLN B 1316 29.67 -20.11 -1.65
CA GLN B 1316 30.65 -20.01 -0.57
C GLN B 1316 31.99 -19.65 -1.18
N GLY B 1317 32.77 -18.84 -0.47
CA GLY B 1317 34.04 -18.36 -0.98
C GLY B 1317 35.01 -19.47 -1.33
N SER B 1318 35.02 -20.53 -0.51
CA SER B 1318 35.90 -21.65 -0.76
C SER B 1318 35.59 -22.32 -2.09
N LYS B 1319 34.38 -22.10 -2.60
CA LYS B 1319 33.98 -22.68 -3.88
C LYS B 1319 34.29 -21.76 -5.05
N LYS B 1320 34.58 -20.49 -4.77
CA LYS B 1320 34.65 -19.47 -5.81
C LYS B 1320 35.64 -19.85 -6.90
N ASP B 1321 36.86 -20.21 -6.48
CA ASP B 1321 37.92 -20.55 -7.43
C ASP B 1321 37.48 -21.66 -8.39
N PHE B 1322 36.79 -22.66 -7.84
CA PHE B 1322 36.24 -23.76 -8.64
C PHE B 1322 35.44 -23.21 -9.82
N PHE B 1323 34.53 -22.28 -9.52
CA PHE B 1323 33.63 -21.77 -10.55
C PHE B 1323 34.36 -20.87 -11.53
N LYS B 1324 35.48 -20.26 -11.13
CA LYS B 1324 36.22 -19.47 -12.11
C LYS B 1324 36.90 -20.39 -13.12
N LYS B 1325 37.06 -21.65 -12.73
CA LYS B 1325 37.82 -22.62 -13.52
C LYS B 1325 36.94 -23.28 -14.57
N PHE B 1326 35.90 -23.98 -14.12
CA PHE B 1326 35.07 -24.80 -14.99
C PHE B 1326 33.87 -24.07 -15.61
N LEU B 1327 33.77 -22.77 -15.36
CA LEU B 1327 32.73 -21.97 -16.00
C LEU B 1327 33.33 -21.21 -17.16
N TYR B 1328 34.32 -20.38 -16.86
CA TYR B 1328 34.97 -19.58 -17.89
C TYR B 1328 35.65 -20.42 -18.97
N GLU B 1329 36.38 -21.45 -18.56
CA GLU B 1329 37.05 -22.36 -19.49
C GLU B 1329 36.20 -23.60 -19.85
N PRO B 1330 36.52 -24.26 -20.98
CA PRO B 1330 35.78 -25.48 -21.35
C PRO B 1330 35.98 -26.62 -20.38
N LEU B 1331 34.97 -27.49 -20.31
CA LEU B 1331 34.87 -28.52 -19.27
C LEU B 1331 35.54 -29.83 -19.67
N PRO B 1332 36.49 -30.31 -18.85
CA PRO B 1332 37.00 -31.67 -19.04
C PRO B 1332 36.01 -32.76 -18.62
N VAL B 1333 35.88 -33.81 -19.41
CA VAL B 1333 35.08 -34.95 -18.94
C VAL B 1333 35.93 -36.22 -18.88
N GLU B 1334 35.58 -37.09 -17.95
CA GLU B 1334 36.19 -38.41 -17.80
C GLU B 1334 35.10 -39.47 -17.78
N SER B 1335 35.47 -40.72 -18.01
CA SER B 1335 34.49 -41.80 -17.95
C SER B 1335 34.45 -42.41 -16.56
N HIS B 1336 33.25 -42.71 -16.09
CA HIS B 1336 33.05 -43.50 -14.88
C HIS B 1336 32.55 -44.93 -15.12
N LEU B 1337 32.55 -45.36 -16.37
CA LEU B 1337 32.08 -46.70 -16.73
C LEU B 1337 32.81 -47.84 -16.00
N ASP B 1338 34.08 -47.64 -15.68
CA ASP B 1338 34.86 -48.70 -15.05
C ASP B 1338 34.31 -49.06 -13.67
N HIS B 1339 33.49 -48.17 -13.10
CA HIS B 1339 32.79 -48.52 -11.88
C HIS B 1339 31.38 -49.08 -12.13
N CYS B 1340 30.89 -48.95 -13.36
CA CYS B 1340 29.58 -49.46 -13.74
C CYS B 1340 29.60 -50.76 -14.55
N MET B 1341 30.80 -51.31 -14.78
CA MET B 1341 31.03 -52.35 -15.79
C MET B 1341 30.18 -53.63 -15.73
N HIS B 1342 29.78 -54.04 -14.53
CA HIS B 1342 29.16 -55.34 -14.36
C HIS B 1342 27.87 -55.55 -15.17
N ASP B 1343 26.90 -54.66 -15.01
CA ASP B 1343 25.58 -54.88 -15.62
C ASP B 1343 25.63 -54.90 -17.15
N HIS B 1344 26.53 -54.10 -17.71
CA HIS B 1344 26.70 -54.05 -19.14
C HIS B 1344 27.42 -55.27 -19.65
N PHE B 1345 28.50 -55.68 -18.98
CA PHE B 1345 29.16 -56.93 -19.36
C PHE B 1345 28.14 -58.08 -19.32
N ASN B 1346 27.37 -58.14 -18.23
CA ASN B 1346 26.37 -59.17 -18.04
C ASN B 1346 25.41 -59.19 -19.21
N ALA B 1347 24.97 -57.99 -19.58
CA ALA B 1347 24.05 -57.86 -20.69
C ALA B 1347 24.65 -58.44 -21.97
N GLU B 1348 25.88 -58.01 -22.28
CA GLU B 1348 26.50 -58.39 -23.55
C GLU B 1348 26.90 -59.86 -23.58
N ILE B 1349 26.98 -60.49 -22.41
CA ILE B 1349 27.22 -61.92 -22.32
C ILE B 1349 25.89 -62.67 -22.54
N VAL B 1350 24.78 -62.08 -22.10
CA VAL B 1350 23.47 -62.71 -22.36
C VAL B 1350 23.11 -62.71 -23.84
N THR B 1351 23.49 -61.66 -24.56
CA THR B 1351 23.26 -61.61 -26.01
C THR B 1351 24.46 -62.15 -26.78
N LYS B 1352 25.46 -62.64 -26.05
CA LYS B 1352 26.65 -63.25 -26.62
C LYS B 1352 27.47 -62.35 -27.54
N THR B 1353 27.51 -61.06 -27.21
CA THR B 1353 28.46 -60.14 -27.83
C THR B 1353 29.83 -60.30 -27.15
N ILE B 1354 29.81 -60.70 -25.88
CA ILE B 1354 31.01 -61.10 -25.17
C ILE B 1354 30.93 -62.59 -24.86
N GLU B 1355 31.70 -63.40 -25.58
CA GLU B 1355 31.72 -64.85 -25.33
C GLU B 1355 32.93 -65.31 -24.54
N ASN B 1356 33.84 -64.39 -24.24
CA ASN B 1356 35.12 -64.74 -23.61
C ASN B 1356 35.96 -63.50 -23.29
N LYS B 1357 37.00 -63.66 -22.49
CA LYS B 1357 37.77 -62.54 -21.98
C LYS B 1357 38.36 -61.66 -23.09
N GLN B 1358 38.70 -62.29 -24.20
CA GLN B 1358 39.18 -61.54 -25.36
C GLN B 1358 38.07 -60.64 -25.90
N ASP B 1359 36.86 -61.19 -25.96
CA ASP B 1359 35.68 -60.44 -26.38
C ASP B 1359 35.47 -59.21 -25.49
N ALA B 1360 35.65 -59.39 -24.19
CA ALA B 1360 35.50 -58.29 -23.23
C ALA B 1360 36.54 -57.19 -23.46
N VAL B 1361 37.80 -57.59 -23.62
CA VAL B 1361 38.85 -56.61 -23.88
C VAL B 1361 38.61 -55.86 -25.19
N ASP B 1362 38.03 -56.53 -26.18
CA ASP B 1362 37.75 -55.86 -27.46
C ASP B 1362 36.54 -54.93 -27.33
N TYR B 1363 35.54 -55.36 -26.57
CA TYR B 1363 34.39 -54.53 -26.23
C TYR B 1363 34.82 -53.21 -25.61
N LEU B 1364 35.76 -53.27 -24.66
CA LEU B 1364 36.22 -52.04 -24.01
C LEU B 1364 36.79 -51.02 -24.98
N THR B 1365 37.28 -51.47 -26.13
CA THR B 1365 37.95 -50.58 -27.05
C THR B 1365 37.01 -49.62 -27.75
N TRP B 1366 35.71 -49.88 -27.63
CA TRP B 1366 34.72 -48.99 -28.21
C TRP B 1366 34.34 -47.81 -27.28
N THR B 1367 34.70 -47.94 -26.01
CA THR B 1367 34.32 -46.95 -25.01
C THR B 1367 35.15 -45.66 -25.04
N PHE B 1368 34.60 -44.63 -24.41
CA PHE B 1368 35.29 -43.36 -24.15
C PHE B 1368 36.36 -43.57 -23.07
N LEU B 1369 36.07 -44.54 -22.21
CA LEU B 1369 36.99 -44.99 -21.17
C LEU B 1369 38.35 -45.34 -21.75
N TYR B 1370 38.31 -46.20 -22.76
CA TYR B 1370 39.50 -46.66 -23.47
C TYR B 1370 40.37 -45.50 -23.90
N ARG B 1371 39.75 -44.48 -24.48
CA ARG B 1371 40.46 -43.31 -24.95
C ARG B 1371 41.06 -42.50 -23.81
N ARG B 1372 40.30 -42.34 -22.72
CA ARG B 1372 40.74 -41.44 -21.66
C ARG B 1372 41.82 -42.05 -20.77
N MET B 1373 41.89 -43.38 -20.73
CA MET B 1373 42.86 -44.08 -19.89
C MET B 1373 44.32 -43.73 -20.20
N THR B 1374 44.64 -43.55 -21.47
CA THR B 1374 46.02 -43.19 -21.83
C THR B 1374 46.20 -41.66 -21.83
N GLN B 1375 45.09 -40.93 -21.77
CA GLN B 1375 45.15 -39.47 -21.71
C GLN B 1375 45.41 -38.94 -20.31
N ASN B 1376 44.76 -39.55 -19.32
CA ASN B 1376 44.86 -39.13 -17.93
C ASN B 1376 44.91 -40.36 -17.03
N PRO B 1377 46.02 -41.13 -17.10
CA PRO B 1377 46.14 -42.44 -16.45
C PRO B 1377 45.92 -42.42 -14.95
N ASN B 1378 46.45 -41.42 -14.26
CA ASN B 1378 46.33 -41.35 -12.80
C ASN B 1378 44.90 -41.22 -12.32
N TYR B 1379 44.03 -40.62 -13.14
CA TYR B 1379 42.63 -40.48 -12.79
C TYR B 1379 41.95 -41.84 -12.66
N TYR B 1380 42.34 -42.76 -13.54
CA TYR B 1380 41.79 -44.11 -13.54
C TYR B 1380 42.69 -45.09 -12.78
N ASN B 1381 43.74 -44.54 -12.16
CA ASN B 1381 44.73 -45.31 -11.40
C ASN B 1381 45.59 -46.27 -12.23
N LEU B 1382 45.87 -45.89 -13.48
CA LEU B 1382 46.90 -46.54 -14.30
C LEU B 1382 48.28 -46.00 -13.91
N GLN B 1383 49.30 -46.81 -14.09
CA GLN B 1383 50.65 -46.39 -13.73
C GLN B 1383 51.43 -45.84 -14.93
N GLY B 1384 50.81 -45.89 -16.11
CA GLY B 1384 51.46 -45.38 -17.31
C GLY B 1384 50.53 -45.15 -18.49
N ILE B 1385 51.02 -44.39 -19.48
CA ILE B 1385 50.25 -44.13 -20.70
C ILE B 1385 50.63 -45.10 -21.83
N SER B 1386 51.55 -46.01 -21.55
CA SER B 1386 51.99 -47.00 -22.55
C SER B 1386 50.87 -47.98 -22.86
N HIS B 1387 50.95 -48.64 -24.01
CA HIS B 1387 49.97 -49.64 -24.39
C HIS B 1387 50.08 -50.87 -23.49
N ARG B 1388 51.27 -51.12 -22.95
CA ARG B 1388 51.46 -52.18 -21.97
C ARG B 1388 50.61 -51.95 -20.73
N HIS B 1389 50.70 -50.74 -20.18
CA HIS B 1389 49.88 -50.35 -19.03
C HIS B 1389 48.39 -50.41 -19.34
N LEU B 1390 48.01 -49.96 -20.53
CA LEU B 1390 46.62 -50.01 -20.94
C LEU B 1390 46.10 -51.42 -20.97
N SER B 1391 46.79 -52.30 -21.69
CA SER B 1391 46.37 -53.68 -21.83
C SER B 1391 46.37 -54.42 -20.49
N ASP B 1392 47.38 -54.18 -19.68
CA ASP B 1392 47.43 -54.76 -18.33
C ASP B 1392 46.21 -54.33 -17.51
N HIS B 1393 46.03 -53.01 -17.40
CA HIS B 1393 44.91 -52.43 -16.64
C HIS B 1393 43.53 -52.89 -17.15
N LEU B 1394 43.33 -52.88 -18.46
CA LEU B 1394 42.07 -53.32 -19.06
C LEU B 1394 41.83 -54.79 -18.79
N SER B 1395 42.91 -55.56 -18.84
CA SER B 1395 42.81 -57.00 -18.62
C SER B 1395 42.42 -57.29 -17.18
N GLU B 1396 43.03 -56.58 -16.24
CA GLU B 1396 42.66 -56.78 -14.84
C GLU B 1396 41.22 -56.31 -14.58
N LEU B 1397 40.82 -55.23 -15.23
CA LEU B 1397 39.44 -54.72 -15.14
C LEU B 1397 38.45 -55.78 -15.59
N VAL B 1398 38.70 -56.32 -16.78
CA VAL B 1398 37.90 -57.40 -17.34
C VAL B 1398 37.84 -58.58 -16.38
N GLU B 1399 39.00 -58.92 -15.82
CA GLU B 1399 39.13 -60.03 -14.91
C GLU B 1399 38.23 -59.86 -13.69
N GLN B 1400 38.41 -58.74 -12.99
CA GLN B 1400 37.67 -58.47 -11.77
C GLN B 1400 36.17 -58.37 -12.01
N THR B 1401 35.76 -57.76 -13.14
CA THR B 1401 34.34 -57.68 -13.47
C THR B 1401 33.76 -59.07 -13.70
N LEU B 1402 34.37 -59.83 -14.60
CA LEU B 1402 33.93 -61.20 -14.88
C LEU B 1402 33.89 -62.09 -13.63
N SER B 1403 34.87 -61.91 -12.76
CA SER B 1403 34.94 -62.66 -11.51
C SER B 1403 33.78 -62.30 -10.58
N ASP B 1404 33.51 -61.00 -10.44
CA ASP B 1404 32.37 -60.54 -9.65
C ASP B 1404 31.06 -61.12 -10.20
N LEU B 1405 30.91 -61.09 -11.52
CA LEU B 1405 29.72 -61.63 -12.14
C LEU B 1405 29.59 -63.14 -11.91
N GLU B 1406 30.73 -63.82 -11.85
CA GLU B 1406 30.74 -65.26 -11.60
C GLU B 1406 30.35 -65.57 -10.15
N GLN B 1407 30.86 -64.76 -9.23
CA GLN B 1407 30.58 -64.98 -7.82
C GLN B 1407 29.12 -64.73 -7.51
N SER B 1408 28.48 -63.90 -8.33
CA SER B 1408 27.09 -63.54 -8.14
C SER B 1408 26.13 -64.46 -8.88
N LYS B 1409 26.68 -65.51 -9.48
CA LYS B 1409 25.91 -66.53 -10.20
C LYS B 1409 25.21 -65.95 -11.42
N CYS B 1410 25.73 -64.84 -11.94
CA CYS B 1410 25.19 -64.27 -13.17
C CYS B 1410 25.77 -64.94 -14.39
N ILE B 1411 27.06 -65.25 -14.33
CA ILE B 1411 27.74 -65.92 -15.43
C ILE B 1411 28.53 -67.14 -14.98
N SER B 1412 28.90 -67.96 -15.96
CA SER B 1412 29.73 -69.14 -15.79
C SER B 1412 31.07 -68.88 -16.46
N ILE B 1413 32.16 -69.29 -15.81
CA ILE B 1413 33.47 -69.16 -16.44
C ILE B 1413 34.13 -70.53 -16.57
N GLU B 1414 34.43 -70.91 -17.81
CA GLU B 1414 35.04 -72.19 -18.12
C GLU B 1414 36.48 -72.01 -18.62
N ASP B 1415 37.38 -72.72 -17.96
CA ASP B 1415 38.81 -72.75 -18.27
C ASP B 1415 39.44 -71.36 -18.18
N GLU B 1416 38.81 -70.48 -17.39
CA GLU B 1416 39.30 -69.13 -17.12
C GLU B 1416 39.31 -68.24 -18.37
N MET B 1417 38.84 -68.78 -19.49
CA MET B 1417 38.74 -68.03 -20.72
C MET B 1417 37.30 -67.78 -21.12
N ASP B 1418 36.55 -68.86 -21.36
CA ASP B 1418 35.20 -68.72 -21.92
C ASP B 1418 34.15 -68.33 -20.87
N VAL B 1419 33.17 -67.53 -21.28
CA VAL B 1419 32.08 -67.13 -20.39
C VAL B 1419 30.71 -67.52 -20.95
N ALA B 1420 29.75 -67.73 -20.06
CA ALA B 1420 28.38 -68.10 -20.45
C ALA B 1420 27.35 -67.44 -19.55
N PRO B 1421 26.18 -67.06 -20.11
CA PRO B 1421 25.14 -66.48 -19.26
C PRO B 1421 24.49 -67.54 -18.37
N LEU B 1422 24.30 -67.24 -17.08
CA LEU B 1422 23.49 -68.11 -16.21
C LEU B 1422 22.09 -67.52 -16.06
N ASN B 1423 21.28 -68.14 -15.20
CA ASN B 1423 19.88 -67.74 -15.04
C ASN B 1423 19.68 -66.34 -14.47
N LEU B 1424 20.25 -66.11 -13.29
CA LEU B 1424 20.11 -64.81 -12.64
C LEU B 1424 20.60 -63.69 -13.56
N GLY B 1425 21.72 -63.93 -14.23
CA GLY B 1425 22.26 -62.95 -15.15
C GLY B 1425 21.28 -62.64 -16.26
N MET B 1426 20.56 -63.67 -16.70
CA MET B 1426 19.57 -63.48 -17.76
C MET B 1426 18.41 -62.63 -17.25
N ILE B 1427 17.95 -62.92 -16.03
CA ILE B 1427 16.92 -62.10 -15.40
C ILE B 1427 17.33 -60.63 -15.28
N ALA B 1428 18.49 -60.40 -14.68
CA ALA B 1428 19.02 -59.07 -14.45
C ALA B 1428 19.20 -58.30 -15.75
N ALA B 1429 19.57 -59.01 -16.81
CA ALA B 1429 19.74 -58.35 -18.10
C ALA B 1429 18.37 -58.02 -18.74
N TYR B 1430 17.41 -58.93 -18.61
CA TYR B 1430 16.10 -58.74 -19.25
C TYR B 1430 15.26 -57.62 -18.63
N TYR B 1431 15.11 -57.66 -17.31
CA TYR B 1431 14.29 -56.69 -16.60
C TYR B 1431 15.04 -55.40 -16.25
N TYR B 1432 16.29 -55.32 -16.69
CA TYR B 1432 17.18 -54.19 -16.40
C TYR B 1432 17.33 -53.97 -14.90
N ILE B 1433 18.03 -54.92 -14.26
CA ILE B 1433 18.24 -54.91 -12.82
C ILE B 1433 19.71 -55.17 -12.52
N ASN B 1434 20.26 -54.46 -11.54
CA ASN B 1434 21.66 -54.62 -11.16
C ASN B 1434 21.96 -56.03 -10.65
N TYR B 1435 23.17 -56.51 -10.91
CA TYR B 1435 23.52 -57.88 -10.55
C TYR B 1435 23.53 -58.10 -9.04
N THR B 1436 23.92 -57.08 -8.27
CA THR B 1436 23.95 -57.24 -6.83
C THR B 1436 22.52 -57.35 -6.32
N THR B 1437 21.57 -56.75 -7.05
CA THR B 1437 20.17 -56.78 -6.66
C THR B 1437 19.57 -58.18 -6.81
N ILE B 1438 19.72 -58.81 -7.97
CA ILE B 1438 19.20 -60.15 -8.16
C ILE B 1438 19.99 -61.17 -7.33
N GLU B 1439 21.27 -60.87 -7.10
CA GLU B 1439 22.05 -61.71 -6.18
C GLU B 1439 21.41 -61.66 -4.80
N LEU B 1440 21.06 -60.44 -4.40
CA LEU B 1440 20.39 -60.22 -3.14
C LEU B 1440 19.04 -60.95 -3.08
N PHE B 1441 18.29 -60.87 -4.18
CA PHE B 1441 16.98 -61.52 -4.29
C PHE B 1441 17.09 -63.02 -4.10
N SER B 1442 17.93 -63.64 -4.92
CA SER B 1442 18.12 -65.09 -4.88
C SER B 1442 18.65 -65.51 -3.51
N MET B 1443 19.40 -64.63 -2.86
CA MET B 1443 19.91 -64.94 -1.53
C MET B 1443 18.82 -64.82 -0.45
N SER B 1444 17.92 -63.86 -0.62
CA SER B 1444 16.91 -63.56 0.40
C SER B 1444 15.53 -64.21 0.21
N LEU B 1445 15.27 -64.75 -0.97
CA LEU B 1445 13.95 -65.30 -1.25
C LEU B 1445 13.87 -66.80 -0.92
N ASN B 1446 12.73 -67.23 -0.37
CA ASN B 1446 12.55 -68.63 -0.03
C ASN B 1446 11.09 -69.09 -0.16
N ALA B 1447 10.84 -70.35 0.19
CA ALA B 1447 9.52 -70.95 0.03
C ALA B 1447 8.44 -70.30 0.88
N LYS B 1448 8.83 -69.70 2.00
CA LYS B 1448 7.86 -69.05 2.88
C LYS B 1448 7.65 -67.57 2.61
N THR B 1449 8.36 -67.04 1.62
CA THR B 1449 8.35 -65.59 1.39
C THR B 1449 6.95 -65.09 1.03
N LYS B 1450 6.53 -64.04 1.69
CA LYS B 1450 5.19 -63.46 1.51
C LYS B 1450 5.25 -62.01 1.05
N VAL B 1451 4.08 -61.38 0.96
CA VAL B 1451 3.96 -59.98 0.59
C VAL B 1451 4.85 -59.03 1.41
N ARG B 1452 4.65 -58.99 2.73
CA ARG B 1452 5.50 -58.14 3.58
C ARG B 1452 6.98 -58.40 3.35
N GLY B 1453 7.37 -59.68 3.37
CA GLY B 1453 8.76 -60.04 3.15
C GLY B 1453 9.25 -59.60 1.79
N LEU B 1454 8.35 -59.60 0.82
CA LEU B 1454 8.70 -59.21 -0.54
C LEU B 1454 8.93 -57.70 -0.60
N ILE B 1455 8.13 -56.95 0.15
CA ILE B 1455 8.31 -55.51 0.21
C ILE B 1455 9.65 -55.20 0.87
N GLU B 1456 9.91 -55.91 1.97
CA GLU B 1456 11.16 -55.79 2.70
C GLU B 1456 12.36 -56.10 1.80
N ILE B 1457 12.19 -57.06 0.91
CA ILE B 1457 13.26 -57.44 0.00
C ILE B 1457 13.44 -56.45 -1.15
N ILE B 1458 12.35 -56.09 -1.84
CA ILE B 1458 12.46 -55.19 -2.99
C ILE B 1458 12.89 -53.79 -2.60
N SER B 1459 12.55 -53.36 -1.39
CA SER B 1459 12.98 -52.04 -0.93
C SER B 1459 14.51 -52.03 -0.76
N ASN B 1460 15.11 -53.21 -0.63
CA ASN B 1460 16.56 -53.33 -0.44
C ASN B 1460 17.35 -53.40 -1.74
N ALA B 1461 16.67 -53.23 -2.85
CA ALA B 1461 17.31 -53.29 -4.15
C ALA B 1461 18.37 -52.21 -4.27
N ALA B 1462 19.35 -52.43 -5.13
CA ALA B 1462 20.42 -51.46 -5.30
C ALA B 1462 19.91 -50.22 -6.03
N GLU B 1463 18.84 -50.40 -6.81
CA GLU B 1463 18.23 -49.30 -7.56
C GLU B 1463 17.77 -48.17 -6.64
N TYR B 1464 17.48 -48.54 -5.40
CA TYR B 1464 16.92 -47.62 -4.41
C TYR B 1464 17.99 -47.02 -3.51
N GLU B 1465 19.25 -47.35 -3.77
CA GLU B 1465 20.37 -46.79 -3.02
C GLU B 1465 20.49 -45.28 -3.27
N ASN B 1466 20.08 -44.85 -4.45
CA ASN B 1466 20.23 -43.45 -4.86
C ASN B 1466 19.01 -42.59 -4.51
N ILE B 1467 18.06 -43.18 -3.82
CA ILE B 1467 16.97 -42.42 -3.22
C ILE B 1467 17.56 -41.45 -2.21
N PRO B 1468 17.25 -40.15 -2.35
CA PRO B 1468 17.88 -39.13 -1.50
C PRO B 1468 17.32 -39.10 -0.08
N ILE B 1469 18.14 -38.61 0.85
CA ILE B 1469 17.66 -38.26 2.19
C ILE B 1469 17.78 -36.76 2.42
N ARG B 1470 16.66 -36.07 2.61
CA ARG B 1470 16.71 -34.62 2.72
C ARG B 1470 16.73 -34.15 4.18
N HIS B 1471 16.81 -32.83 4.36
CA HIS B 1471 16.98 -32.22 5.68
C HIS B 1471 15.79 -32.45 6.60
N HIS B 1472 16.07 -32.97 7.79
CA HIS B 1472 15.07 -33.27 8.81
C HIS B 1472 13.99 -34.19 8.26
N GLU B 1473 14.35 -35.03 7.31
CA GLU B 1473 13.41 -36.01 6.76
C GLU B 1473 13.26 -37.16 7.74
N ASP B 1474 14.23 -37.31 8.63
CA ASP B 1474 14.17 -38.35 9.64
C ASP B 1474 12.93 -38.17 10.51
N ASN B 1475 12.59 -36.93 10.82
CA ASN B 1475 11.39 -36.64 11.59
C ASN B 1475 10.11 -37.06 10.86
N LEU B 1476 10.07 -36.77 9.56
CA LEU B 1476 8.87 -37.00 8.77
C LEU B 1476 8.69 -38.48 8.50
N LEU B 1477 9.81 -39.19 8.34
CA LEU B 1477 9.80 -40.63 8.14
C LEU B 1477 9.55 -41.35 9.45
N ARG B 1478 9.83 -40.67 10.56
CA ARG B 1478 9.58 -41.23 11.88
C ARG B 1478 8.09 -41.15 12.15
N GLN B 1479 7.48 -40.04 11.74
CA GLN B 1479 6.03 -39.91 11.86
C GLN B 1479 5.35 -40.91 10.94
N LEU B 1480 5.92 -41.07 9.75
CA LEU B 1480 5.39 -42.02 8.77
C LEU B 1480 5.53 -43.47 9.24
N ALA B 1481 6.60 -43.75 9.97
CA ALA B 1481 6.89 -45.09 10.48
C ALA B 1481 5.80 -45.64 11.40
N GLN B 1482 5.16 -44.75 12.15
CA GLN B 1482 4.05 -45.11 13.03
C GLN B 1482 2.73 -45.31 12.30
N LYS B 1483 2.60 -44.70 11.12
CA LYS B 1483 1.35 -44.73 10.36
C LYS B 1483 1.24 -45.85 9.32
N VAL B 1484 2.21 -46.75 9.28
CA VAL B 1484 2.21 -47.75 8.21
C VAL B 1484 1.89 -49.11 8.81
N PRO B 1485 1.27 -49.98 8.00
CA PRO B 1485 0.87 -51.34 8.40
C PRO B 1485 2.01 -52.15 9.03
N HIS B 1486 3.19 -52.10 8.42
CA HIS B 1486 4.31 -52.93 8.88
C HIS B 1486 5.33 -52.10 9.63
N LYS B 1487 5.45 -52.33 10.93
CA LYS B 1487 6.47 -51.67 11.73
C LYS B 1487 7.83 -52.26 11.38
N LEU B 1488 8.84 -51.41 11.31
CA LEU B 1488 10.19 -51.88 11.02
C LEU B 1488 11.00 -51.95 12.32
N ASN B 1489 11.76 -53.03 12.52
CA ASN B 1489 12.60 -53.15 13.71
C ASN B 1489 13.90 -52.38 13.51
N ASN B 1490 14.30 -51.63 14.55
CA ASN B 1490 15.45 -50.73 14.56
C ASN B 1490 15.78 -50.02 13.23
N PRO B 1491 14.79 -49.30 12.66
CA PRO B 1491 15.05 -48.64 11.38
C PRO B 1491 15.94 -47.42 11.55
N LYS B 1492 16.94 -47.26 10.69
CA LYS B 1492 17.72 -46.02 10.64
C LYS B 1492 17.11 -45.12 9.56
N PHE B 1493 16.79 -43.88 9.91
CA PHE B 1493 15.97 -43.05 9.03
C PHE B 1493 16.77 -42.19 8.05
N ASN B 1494 18.08 -42.34 8.06
CA ASN B 1494 18.89 -41.82 6.96
C ASN B 1494 19.20 -42.94 5.95
N ASP B 1495 18.63 -44.12 6.20
CA ASP B 1495 18.77 -45.27 5.30
C ASP B 1495 17.74 -45.21 4.18
N PRO B 1496 18.21 -45.09 2.92
CA PRO B 1496 17.32 -45.01 1.75
C PRO B 1496 16.42 -46.24 1.59
N HIS B 1497 16.83 -47.39 2.09
CA HIS B 1497 16.04 -48.61 1.96
C HIS B 1497 14.90 -48.66 2.97
N VAL B 1498 15.15 -48.11 4.16
CA VAL B 1498 14.11 -47.94 5.15
C VAL B 1498 13.06 -46.98 4.59
N LYS B 1499 13.56 -45.92 3.94
CA LYS B 1499 12.71 -44.93 3.32
C LYS B 1499 11.85 -45.54 2.21
N THR B 1500 12.46 -46.32 1.32
CA THR B 1500 11.67 -46.90 0.22
C THR B 1500 10.66 -47.89 0.77
N ASN B 1501 10.99 -48.55 1.87
CA ASN B 1501 10.00 -49.41 2.53
C ASN B 1501 8.80 -48.59 2.99
N LEU B 1502 9.08 -47.53 3.75
CA LEU B 1502 8.03 -46.67 4.29
C LEU B 1502 7.17 -46.05 3.18
N LEU B 1503 7.81 -45.59 2.11
CA LEU B 1503 7.07 -45.00 1.01
C LEU B 1503 6.29 -46.04 0.22
N LEU B 1504 6.76 -47.28 0.22
CA LEU B 1504 6.06 -48.36 -0.45
C LEU B 1504 4.76 -48.67 0.30
N GLN B 1505 4.85 -48.81 1.62
CA GLN B 1505 3.66 -49.00 2.44
C GLN B 1505 2.73 -47.79 2.33
N ALA B 1506 3.33 -46.59 2.30
CA ALA B 1506 2.58 -45.35 2.17
C ALA B 1506 1.78 -45.34 0.88
N HIS B 1507 2.41 -45.82 -0.19
CA HIS B 1507 1.77 -45.83 -1.49
C HIS B 1507 0.63 -46.84 -1.49
N LEU B 1508 0.85 -47.99 -0.87
CA LEU B 1508 -0.21 -48.98 -0.77
C LEU B 1508 -1.38 -48.48 0.08
N SER B 1509 -1.08 -47.67 1.10
CA SER B 1509 -2.12 -47.12 1.97
C SER B 1509 -2.74 -45.83 1.43
N ARG B 1510 -2.20 -45.35 0.30
CA ARG B 1510 -2.64 -44.10 -0.31
C ARG B 1510 -2.54 -42.92 0.66
N MET B 1511 -1.50 -42.95 1.48
CA MET B 1511 -1.19 -41.85 2.37
C MET B 1511 -0.57 -40.71 1.59
N GLN B 1512 -1.11 -39.51 1.73
CA GLN B 1512 -0.57 -38.36 1.03
C GLN B 1512 0.57 -37.76 1.85
N LEU B 1513 1.60 -37.30 1.16
CA LEU B 1513 2.85 -36.89 1.79
C LEU B 1513 3.33 -35.57 1.22
N SER B 1514 4.47 -35.08 1.71
CA SER B 1514 5.09 -33.86 1.19
C SER B 1514 5.54 -34.03 -0.27
N ALA B 1515 5.74 -32.90 -0.94
CA ALA B 1515 6.12 -32.89 -2.36
C ALA B 1515 7.32 -33.79 -2.68
N GLU B 1516 8.34 -33.69 -1.84
CA GLU B 1516 9.59 -34.41 -2.04
C GLU B 1516 9.39 -35.92 -1.92
N LEU B 1517 8.67 -36.32 -0.87
CA LEU B 1517 8.30 -37.72 -0.68
C LEU B 1517 7.45 -38.24 -1.84
N GLN B 1518 6.70 -37.34 -2.48
CA GLN B 1518 5.89 -37.69 -3.63
C GLN B 1518 6.78 -37.99 -4.83
N SER B 1519 7.80 -37.14 -5.02
CA SER B 1519 8.72 -37.34 -6.13
C SER B 1519 9.52 -38.62 -5.92
N ASP B 1520 9.91 -38.87 -4.67
CA ASP B 1520 10.61 -40.09 -4.32
C ASP B 1520 9.75 -41.32 -4.60
N THR B 1521 8.48 -41.25 -4.19
CA THR B 1521 7.55 -42.33 -4.44
C THR B 1521 7.42 -42.58 -5.94
N GLU B 1522 7.44 -41.51 -6.74
CA GLU B 1522 7.46 -41.67 -8.20
C GLU B 1522 8.67 -42.51 -8.63
N GLU B 1523 9.85 -42.10 -8.15
CA GLU B 1523 11.11 -42.76 -8.52
C GLU B 1523 11.12 -44.24 -8.15
N ILE B 1524 10.60 -44.56 -6.97
CA ILE B 1524 10.45 -45.94 -6.51
C ILE B 1524 9.48 -46.76 -7.37
N LEU B 1525 8.28 -46.21 -7.56
CA LEU B 1525 7.23 -46.89 -8.29
C LEU B 1525 7.64 -47.23 -9.71
N SER B 1526 8.45 -46.37 -10.32
CA SER B 1526 8.91 -46.65 -11.68
C SER B 1526 9.56 -48.04 -11.82
N LYS B 1527 10.49 -48.36 -10.93
CA LYS B 1527 11.24 -49.62 -11.03
C LYS B 1527 10.64 -50.77 -10.20
N ALA B 1528 9.65 -50.44 -9.38
CA ALA B 1528 9.01 -51.44 -8.53
C ALA B 1528 8.47 -52.65 -9.32
N ILE B 1529 7.91 -52.41 -10.49
CA ILE B 1529 7.34 -53.48 -11.30
C ILE B 1529 8.40 -54.47 -11.77
N ARG B 1530 9.45 -53.95 -12.40
CA ARG B 1530 10.52 -54.81 -12.89
C ARG B 1530 11.14 -55.61 -11.73
N LEU B 1531 11.29 -54.98 -10.58
CA LEU B 1531 11.82 -55.70 -9.41
C LEU B 1531 10.90 -56.85 -9.00
N ILE B 1532 9.60 -56.57 -8.94
CA ILE B 1532 8.63 -57.59 -8.54
C ILE B 1532 8.63 -58.77 -9.51
N GLN B 1533 8.63 -58.46 -10.81
CA GLN B 1533 8.67 -59.50 -11.83
C GLN B 1533 9.94 -60.36 -11.75
N ALA B 1534 11.08 -59.74 -11.44
CA ALA B 1534 12.29 -60.52 -11.22
C ALA B 1534 12.12 -61.44 -10.01
N CYS B 1535 11.44 -60.94 -8.98
CA CYS B 1535 11.16 -61.79 -7.84
C CYS B 1535 10.32 -63.00 -8.25
N VAL B 1536 9.38 -62.77 -9.15
CA VAL B 1536 8.54 -63.85 -9.68
C VAL B 1536 9.37 -64.90 -10.40
N ASP B 1537 10.19 -64.44 -11.34
CA ASP B 1537 11.06 -65.35 -12.10
C ASP B 1537 12.00 -66.15 -11.20
N VAL B 1538 12.68 -65.50 -10.25
CA VAL B 1538 13.56 -66.23 -9.34
C VAL B 1538 12.76 -67.28 -8.55
N LEU B 1539 11.63 -66.85 -8.00
CA LEU B 1539 10.85 -67.71 -7.12
C LEU B 1539 10.32 -68.93 -7.86
N SER B 1540 9.81 -68.71 -9.06
CA SER B 1540 9.29 -69.81 -9.87
C SER B 1540 10.44 -70.71 -10.30
N SER B 1541 11.56 -70.11 -10.68
CA SER B 1541 12.75 -70.86 -11.07
C SER B 1541 13.18 -71.80 -9.95
N ASN B 1542 12.86 -71.47 -8.70
CA ASN B 1542 13.12 -72.41 -7.60
C ASN B 1542 11.94 -73.33 -7.31
N GLY B 1543 10.87 -73.20 -8.10
CA GLY B 1543 9.70 -74.06 -7.97
C GLY B 1543 8.91 -73.89 -6.69
N TRP B 1544 8.68 -72.64 -6.28
CA TRP B 1544 7.88 -72.33 -5.10
C TRP B 1544 6.61 -71.59 -5.51
N LEU B 1545 5.45 -72.15 -5.15
CA LEU B 1545 4.17 -71.66 -5.67
C LEU B 1545 3.68 -70.41 -4.93
N SER B 1546 3.41 -70.58 -3.63
CA SER B 1546 2.88 -69.48 -2.82
C SER B 1546 3.68 -68.17 -2.93
N PRO B 1547 5.03 -68.21 -2.86
CA PRO B 1547 5.73 -66.92 -2.96
C PRO B 1547 5.57 -66.25 -4.33
N ALA B 1548 5.48 -67.06 -5.38
CA ALA B 1548 5.31 -66.52 -6.73
C ALA B 1548 3.95 -65.86 -6.85
N LEU B 1549 2.93 -66.55 -6.34
CA LEU B 1549 1.57 -66.01 -6.36
C LEU B 1549 1.49 -64.70 -5.57
N ALA B 1550 2.09 -64.72 -4.38
CA ALA B 1550 2.22 -63.56 -3.51
C ALA B 1550 2.89 -62.40 -4.24
N ALA B 1551 3.93 -62.71 -5.00
CA ALA B 1551 4.62 -61.71 -5.80
C ALA B 1551 3.71 -61.11 -6.87
N MET B 1552 2.89 -61.95 -7.51
CA MET B 1552 2.01 -61.45 -8.57
C MET B 1552 0.94 -60.53 -7.99
N GLU B 1553 0.35 -60.95 -6.88
CA GLU B 1553 -0.65 -60.11 -6.23
C GLU B 1553 0.01 -58.82 -5.75
N LEU B 1554 1.25 -58.90 -5.26
CA LEU B 1554 1.99 -57.70 -4.90
C LEU B 1554 2.15 -56.77 -6.08
N ALA B 1555 2.39 -57.34 -7.26
CA ALA B 1555 2.49 -56.53 -8.47
C ALA B 1555 1.19 -55.79 -8.71
N GLN B 1556 0.07 -56.53 -8.63
CA GLN B 1556 -1.24 -55.93 -8.83
C GLN B 1556 -1.48 -54.77 -7.85
N MET B 1557 -1.29 -55.06 -6.57
CA MET B 1557 -1.61 -54.12 -5.52
C MET B 1557 -0.64 -52.94 -5.44
N VAL B 1558 0.52 -53.08 -6.08
CA VAL B 1558 1.42 -51.94 -6.24
C VAL B 1558 0.94 -51.10 -7.42
N THR B 1559 0.38 -51.76 -8.44
CA THR B 1559 -0.12 -51.05 -9.62
C THR B 1559 -1.36 -50.21 -9.32
N GLN B 1560 -2.34 -50.81 -8.64
CA GLN B 1560 -3.59 -50.12 -8.36
C GLN B 1560 -3.57 -49.40 -7.02
N ALA B 1561 -2.43 -49.47 -6.33
CA ALA B 1561 -2.19 -48.79 -5.06
C ALA B 1561 -3.22 -49.16 -3.99
N MET B 1562 -3.19 -50.43 -3.59
CA MET B 1562 -4.09 -50.93 -2.58
C MET B 1562 -3.43 -52.06 -1.82
N TRP B 1563 -3.95 -52.42 -0.66
CA TRP B 1563 -3.31 -53.42 0.16
C TRP B 1563 -3.83 -54.82 -0.14
N SER B 1564 -3.25 -55.82 0.53
CA SER B 1564 -3.58 -57.23 0.32
C SER B 1564 -5.08 -57.44 0.48
N LYS B 1565 -5.58 -57.24 1.69
CA LYS B 1565 -7.00 -57.27 1.95
C LYS B 1565 -7.56 -55.86 2.06
N ASP B 1566 -8.34 -55.53 1.03
CA ASP B 1566 -9.01 -54.26 0.88
C ASP B 1566 -10.12 -54.54 -0.11
N SER B 1567 -11.07 -53.63 -0.23
CA SER B 1567 -12.12 -53.78 -1.22
C SER B 1567 -11.49 -53.85 -2.61
N TYR B 1568 -11.93 -54.80 -3.42
CA TYR B 1568 -11.41 -54.91 -4.79
C TYR B 1568 -11.94 -53.72 -5.59
N LEU B 1569 -12.89 -53.01 -4.97
CA LEU B 1569 -13.58 -51.89 -5.60
C LEU B 1569 -12.78 -50.60 -5.42
N LYS B 1570 -11.70 -50.67 -4.64
CA LYS B 1570 -10.85 -49.52 -4.38
C LYS B 1570 -10.11 -49.09 -5.65
N GLN B 1571 -10.10 -49.96 -6.65
CA GLN B 1571 -9.41 -49.69 -7.91
C GLN B 1571 -10.09 -48.54 -8.66
N LEU B 1572 -11.39 -48.42 -8.44
CA LEU B 1572 -12.22 -47.42 -9.12
C LEU B 1572 -11.99 -46.02 -8.53
N PRO B 1573 -11.71 -45.03 -9.40
CA PRO B 1573 -11.36 -43.66 -9.02
C PRO B 1573 -12.39 -42.98 -8.11
N HIS B 1574 -11.90 -42.16 -7.17
CA HIS B 1574 -12.72 -41.26 -6.34
C HIS B 1574 -13.49 -41.91 -5.18
N PHE B 1575 -13.39 -43.23 -5.02
CA PHE B 1575 -14.16 -43.94 -3.98
C PHE B 1575 -13.68 -43.74 -2.54
N THR B 1576 -14.63 -43.44 -1.66
CA THR B 1576 -14.37 -43.19 -0.24
C THR B 1576 -14.08 -44.43 0.59
N SER B 1577 -13.03 -44.36 1.41
CA SER B 1577 -12.75 -45.36 2.43
C SER B 1577 -13.99 -45.62 3.30
N VAL B 1591 -16.34 -54.04 -8.07
CA VAL B 1591 -16.04 -55.36 -8.62
C VAL B 1591 -16.41 -55.35 -10.11
N PHE B 1592 -16.85 -56.50 -10.61
CA PHE B 1592 -17.35 -56.66 -11.97
C PHE B 1592 -18.77 -56.15 -12.06
N ASP B 1593 -19.42 -56.06 -10.90
CA ASP B 1593 -20.83 -55.71 -10.83
C ASP B 1593 -21.05 -54.24 -11.16
N ILE B 1594 -20.03 -53.43 -10.96
CA ILE B 1594 -20.03 -52.02 -11.37
C ILE B 1594 -19.91 -51.89 -12.89
N MET B 1595 -19.24 -52.85 -13.50
CA MET B 1595 -18.91 -52.78 -14.92
C MET B 1595 -20.04 -53.21 -15.86
N GLU B 1596 -20.98 -54.02 -15.38
CA GLU B 1596 -22.21 -54.18 -16.15
C GLU B 1596 -23.43 -53.59 -15.45
N MET B 1597 -23.84 -52.37 -15.80
CA MET B 1597 -25.20 -51.94 -15.48
C MET B 1597 -25.82 -50.96 -16.49
N GLU B 1598 -26.81 -51.45 -17.24
CA GLU B 1598 -27.92 -50.65 -17.76
C GLU B 1598 -27.59 -49.22 -18.22
N ASP B 1599 -28.40 -48.27 -17.76
CA ASP B 1599 -28.18 -46.85 -17.99
C ASP B 1599 -27.33 -46.37 -16.83
N GLU B 1600 -27.91 -46.45 -15.63
CA GLU B 1600 -27.17 -46.60 -14.37
C GLU B 1600 -28.06 -46.64 -13.14
N GLU B 1601 -27.60 -47.36 -12.12
CA GLU B 1601 -28.25 -47.41 -10.82
C GLU B 1601 -27.47 -46.50 -9.86
N ARG B 1602 -26.51 -45.78 -10.43
CA ARG B 1602 -25.61 -44.85 -9.73
C ARG B 1602 -26.19 -43.81 -8.76
N ASN B 1603 -27.35 -43.24 -9.09
CA ASN B 1603 -27.80 -42.01 -8.44
C ASN B 1603 -27.94 -42.14 -6.94
N LEU B 1608 -23.59 -39.01 -5.04
CA LEU B 1608 -22.54 -39.75 -5.72
C LEU B 1608 -21.80 -38.75 -6.64
N THR B 1609 -20.85 -39.23 -7.44
CA THR B 1609 -20.04 -38.38 -8.33
C THR B 1609 -20.60 -38.07 -9.73
N ASP B 1610 -20.27 -36.88 -10.26
CA ASP B 1610 -20.70 -36.47 -11.60
C ASP B 1610 -19.64 -36.79 -12.68
N SER B 1611 -18.41 -36.32 -12.51
CA SER B 1611 -17.34 -36.54 -13.49
C SER B 1611 -16.83 -37.97 -13.45
N GLN B 1612 -16.81 -38.52 -12.24
CA GLN B 1612 -16.31 -39.85 -12.01
C GLN B 1612 -17.33 -40.87 -12.51
N ILE B 1613 -18.48 -40.40 -12.96
CA ILE B 1613 -19.35 -41.31 -13.69
C ILE B 1613 -18.68 -41.65 -15.01
N ALA B 1614 -18.14 -40.61 -15.65
CA ALA B 1614 -17.43 -40.76 -16.91
C ALA B 1614 -16.09 -41.44 -16.69
N ASP B 1615 -15.45 -41.14 -15.56
CA ASP B 1615 -14.16 -41.74 -15.26
C ASP B 1615 -14.25 -43.21 -14.86
N VAL B 1616 -15.22 -43.54 -14.01
CA VAL B 1616 -15.47 -44.94 -13.65
C VAL B 1616 -15.89 -45.72 -14.89
N ALA B 1617 -16.72 -45.10 -15.72
CA ALA B 1617 -17.11 -45.73 -16.98
C ALA B 1617 -15.90 -45.98 -17.87
N ARG B 1618 -14.95 -45.03 -17.86
CA ARG B 1618 -13.73 -45.17 -18.65
C ARG B 1618 -12.84 -46.29 -18.07
N PHE B 1619 -12.97 -46.52 -16.77
CA PHE B 1619 -12.24 -47.57 -16.10
C PHE B 1619 -12.82 -48.93 -16.49
N CYS B 1620 -14.14 -49.00 -16.58
CA CYS B 1620 -14.84 -50.26 -16.82
C CYS B 1620 -14.75 -50.77 -18.26
N ASN B 1621 -14.49 -49.88 -19.22
CA ASN B 1621 -14.36 -50.29 -20.62
C ASN B 1621 -12.98 -50.85 -20.89
N ARG B 1622 -12.14 -50.75 -19.86
CA ARG B 1622 -10.75 -51.14 -19.89
C ARG B 1622 -10.52 -52.41 -19.09
N TYR B 1623 -10.97 -52.38 -17.83
CA TYR B 1623 -10.81 -53.45 -16.85
C TYR B 1623 -11.07 -54.83 -17.46
N PRO B 1624 -10.15 -55.78 -17.24
CA PRO B 1624 -10.08 -57.07 -17.94
C PRO B 1624 -11.37 -57.91 -17.91
N ASN B 1625 -11.74 -58.39 -19.09
CA ASN B 1625 -12.88 -59.28 -19.26
C ASN B 1625 -12.35 -60.55 -19.92
N ILE B 1626 -12.44 -61.68 -19.22
CA ILE B 1626 -11.85 -62.92 -19.72
C ILE B 1626 -12.69 -64.11 -19.28
N GLU B 1627 -12.83 -65.10 -20.16
CA GLU B 1627 -13.51 -66.33 -19.76
C GLU B 1627 -12.58 -67.49 -20.07
N LEU B 1628 -12.59 -68.50 -19.21
CA LEU B 1628 -11.59 -69.55 -19.29
C LEU B 1628 -12.12 -70.98 -19.19
N SER B 1629 -11.94 -71.75 -20.25
CA SER B 1629 -11.97 -73.20 -20.17
C SER B 1629 -10.55 -73.72 -20.32
N TYR B 1630 -10.33 -74.99 -20.03
CA TYR B 1630 -9.01 -75.59 -20.15
C TYR B 1630 -9.12 -77.08 -20.43
N GLU B 1631 -8.23 -77.62 -21.26
CA GLU B 1631 -8.20 -79.07 -21.47
C GLU B 1631 -6.82 -79.66 -21.24
N VAL B 1632 -6.77 -80.85 -20.65
CA VAL B 1632 -5.53 -81.59 -20.57
C VAL B 1632 -5.47 -82.55 -21.77
N VAL B 1633 -4.58 -82.24 -22.71
CA VAL B 1633 -4.53 -82.94 -23.98
C VAL B 1633 -4.24 -84.42 -23.79
N ASP B 1634 -5.06 -85.27 -24.40
CA ASP B 1634 -4.90 -86.71 -24.31
C ASP B 1634 -4.89 -87.17 -22.85
N LYS B 1635 -6.06 -87.14 -22.21
CA LYS B 1635 -6.18 -87.33 -20.78
C LYS B 1635 -5.54 -88.64 -20.31
N ASP B 1636 -5.79 -89.72 -21.06
CA ASP B 1636 -5.38 -91.05 -20.65
C ASP B 1636 -4.09 -91.56 -21.30
N SER B 1637 -3.47 -90.73 -22.13
CA SER B 1637 -2.19 -91.08 -22.75
C SER B 1637 -1.03 -90.89 -21.78
N ILE B 1638 -1.33 -90.32 -20.63
CA ILE B 1638 -0.29 -89.96 -19.67
C ILE B 1638 0.13 -91.08 -18.75
N ARG B 1639 1.43 -91.37 -18.80
CA ARG B 1639 2.06 -92.38 -17.98
C ARG B 1639 3.26 -91.76 -17.29
N SER B 1640 3.72 -92.37 -16.20
CA SER B 1640 4.75 -91.78 -15.36
C SER B 1640 6.01 -91.43 -16.14
N GLY B 1641 6.59 -90.27 -15.85
CA GLY B 1641 7.80 -89.84 -16.53
C GLY B 1641 7.56 -89.26 -17.90
N GLY B 1642 6.33 -89.32 -18.37
CA GLY B 1642 5.99 -88.89 -19.71
C GLY B 1642 5.39 -87.50 -19.78
N PRO B 1643 5.24 -86.97 -21.00
CA PRO B 1643 4.74 -85.61 -21.23
C PRO B 1643 3.27 -85.43 -20.86
N VAL B 1644 3.01 -84.35 -20.12
CA VAL B 1644 1.66 -83.90 -19.85
C VAL B 1644 1.50 -82.50 -20.42
N VAL B 1645 0.51 -82.30 -21.28
CA VAL B 1645 0.31 -80.97 -21.85
C VAL B 1645 -1.08 -80.45 -21.51
N VAL B 1646 -1.12 -79.39 -20.71
CA VAL B 1646 -2.37 -78.72 -20.40
C VAL B 1646 -2.49 -77.50 -21.29
N LEU B 1647 -3.44 -77.55 -22.19
CA LEU B 1647 -3.69 -76.44 -23.10
C LEU B 1647 -4.81 -75.58 -22.52
N VAL B 1648 -4.49 -74.31 -22.28
CA VAL B 1648 -5.45 -73.40 -21.66
C VAL B 1648 -5.69 -72.26 -22.64
N GLN B 1649 -6.92 -71.75 -22.72
CA GLN B 1649 -7.17 -70.73 -23.72
C GLN B 1649 -8.05 -69.56 -23.27
N LEU B 1650 -7.51 -68.36 -23.50
CA LEU B 1650 -8.07 -67.12 -23.01
C LEU B 1650 -8.85 -66.36 -24.07
N GLU B 1651 -10.14 -66.20 -23.79
CA GLU B 1651 -11.06 -65.54 -24.71
C GLU B 1651 -11.78 -64.34 -24.08
N ARG B 1652 -12.05 -63.33 -24.90
CA ARG B 1652 -12.63 -62.07 -24.47
C ARG B 1652 -13.83 -61.62 -25.30
N GLU B 1653 -14.82 -61.02 -24.64
CA GLU B 1653 -15.86 -60.25 -25.31
C GLU B 1653 -15.44 -58.80 -25.31
N GLU B 1654 -15.70 -58.08 -26.40
CA GLU B 1654 -15.47 -56.63 -26.43
C GLU B 1654 -14.01 -56.26 -26.13
N GLU B 1655 -13.14 -56.47 -27.09
CA GLU B 1655 -11.70 -56.33 -26.88
C GLU B 1655 -11.20 -54.95 -26.46
N VAL B 1656 -10.03 -54.96 -25.84
CA VAL B 1656 -9.44 -53.80 -25.16
C VAL B 1656 -8.73 -52.85 -26.15
N THR B 1657 -8.95 -51.54 -25.96
CA THR B 1657 -8.17 -50.52 -26.68
C THR B 1657 -7.59 -49.49 -25.71
N GLY B 1658 -6.27 -49.33 -25.76
CA GLY B 1658 -5.55 -48.43 -24.87
C GLY B 1658 -4.92 -49.16 -23.70
N PRO B 1659 -3.95 -48.51 -23.01
CA PRO B 1659 -3.18 -49.14 -21.93
C PRO B 1659 -4.00 -49.42 -20.68
N VAL B 1660 -3.37 -49.91 -19.62
CA VAL B 1660 -4.09 -50.10 -18.36
C VAL B 1660 -4.34 -48.75 -17.71
N ILE B 1661 -5.49 -48.61 -17.08
CA ILE B 1661 -5.75 -47.41 -16.30
C ILE B 1661 -5.45 -47.73 -14.83
N ALA B 1662 -4.38 -47.11 -14.34
CA ALA B 1662 -3.96 -47.20 -12.96
C ALA B 1662 -3.55 -45.80 -12.53
N PRO B 1663 -4.52 -45.01 -12.07
CA PRO B 1663 -4.36 -43.58 -11.78
C PRO B 1663 -3.17 -43.25 -10.88
N LEU B 1664 -2.92 -44.09 -9.88
CA LEU B 1664 -1.87 -43.81 -8.90
C LEU B 1664 -0.50 -44.33 -9.35
N PHE B 1665 -0.46 -45.09 -10.43
CA PHE B 1665 0.81 -45.54 -10.99
C PHE B 1665 1.26 -44.66 -12.15
N PRO B 1666 2.47 -44.10 -12.04
CA PRO B 1666 3.08 -43.10 -12.93
C PRO B 1666 3.44 -43.59 -14.35
N GLN B 1667 3.73 -44.87 -14.54
CA GLN B 1667 4.26 -45.32 -15.83
C GLN B 1667 3.37 -46.24 -16.67
N LYS B 1668 2.64 -45.68 -17.65
CA LYS B 1668 2.35 -46.30 -18.95
C LYS B 1668 2.34 -47.84 -18.99
N ARG B 1669 1.37 -48.50 -18.34
CA ARG B 1669 1.51 -49.96 -18.25
C ARG B 1669 0.55 -50.77 -19.12
N GLU B 1670 0.98 -51.98 -19.48
CA GLU B 1670 0.14 -52.93 -20.22
C GLU B 1670 -0.24 -54.07 -19.29
N GLU B 1671 -1.44 -54.61 -19.47
CA GLU B 1671 -1.79 -55.80 -18.70
C GLU B 1671 -1.02 -56.98 -19.23
N GLY B 1672 -0.63 -57.85 -18.32
CA GLY B 1672 0.14 -59.03 -18.67
C GLY B 1672 -0.27 -60.09 -17.68
N TRP B 1673 -0.10 -61.34 -18.06
CA TRP B 1673 -0.73 -62.41 -17.31
C TRP B 1673 0.21 -63.58 -17.11
N TRP B 1674 0.00 -64.27 -16.00
CA TRP B 1674 0.71 -65.50 -15.71
C TRP B 1674 -0.30 -66.65 -15.71
N VAL B 1675 -0.02 -67.60 -16.59
CA VAL B 1675 -0.73 -68.87 -16.58
C VAL B 1675 0.18 -69.84 -15.85
N VAL B 1676 -0.25 -70.29 -14.68
CA VAL B 1676 0.62 -71.08 -13.81
C VAL B 1676 -0.03 -72.41 -13.47
N ILE B 1677 0.75 -73.47 -13.55
CA ILE B 1677 0.27 -74.76 -13.09
C ILE B 1677 1.08 -75.16 -11.88
N GLY B 1678 0.38 -75.46 -10.79
CA GLY B 1678 1.09 -75.82 -9.57
C GLY B 1678 0.27 -76.73 -8.67
N ASP B 1679 0.99 -77.50 -7.86
CA ASP B 1679 0.35 -78.34 -6.86
C ASP B 1679 0.30 -77.61 -5.53
N ALA B 1680 -0.91 -77.33 -5.06
CA ALA B 1680 -1.11 -76.46 -3.91
C ALA B 1680 -0.81 -77.23 -2.62
N LYS B 1681 -0.49 -78.51 -2.78
CA LYS B 1681 -0.15 -79.36 -1.65
C LYS B 1681 1.34 -79.25 -1.32
N SER B 1682 2.20 -79.61 -2.27
CA SER B 1682 3.64 -79.66 -2.02
C SER B 1682 4.33 -78.29 -2.14
N ASN B 1683 3.55 -77.27 -2.47
CA ASN B 1683 4.05 -75.91 -2.71
C ASN B 1683 5.12 -75.97 -3.81
N SER B 1684 4.77 -76.66 -4.89
CA SER B 1684 5.66 -76.83 -6.03
C SER B 1684 5.04 -76.23 -7.27
N LEU B 1685 5.71 -75.25 -7.87
CA LEU B 1685 5.22 -74.67 -9.11
C LEU B 1685 5.61 -75.62 -10.24
N ILE B 1686 4.62 -76.19 -10.91
CA ILE B 1686 4.86 -77.30 -11.83
C ILE B 1686 5.13 -76.80 -13.24
N SER B 1687 4.75 -75.56 -13.50
CA SER B 1687 4.99 -74.91 -14.78
C SER B 1687 4.47 -73.50 -14.71
N ILE B 1688 4.97 -72.65 -15.60
CA ILE B 1688 4.60 -71.25 -15.60
C ILE B 1688 4.78 -70.68 -17.00
N LYS B 1689 3.95 -69.70 -17.34
CA LYS B 1689 4.08 -68.99 -18.60
C LYS B 1689 3.62 -67.55 -18.42
N ARG B 1690 4.29 -66.62 -19.11
CA ARG B 1690 3.93 -65.22 -19.03
C ARG B 1690 3.53 -64.73 -20.42
N LEU B 1691 2.49 -63.92 -20.50
CA LEU B 1691 2.02 -63.48 -21.81
C LEU B 1691 1.23 -62.18 -21.77
N THR B 1692 0.82 -61.72 -22.94
CA THR B 1692 -0.09 -60.59 -23.04
C THR B 1692 -1.21 -61.02 -23.99
N LEU B 1693 -2.43 -60.55 -23.75
CA LEU B 1693 -3.57 -61.09 -24.45
C LEU B 1693 -3.85 -60.42 -25.79
N GLN B 1694 -4.22 -59.14 -25.75
CA GLN B 1694 -4.79 -58.45 -26.90
C GLN B 1694 -6.00 -59.22 -27.43
N GLN B 1695 -5.94 -59.73 -28.65
CA GLN B 1695 -7.10 -60.41 -29.25
C GLN B 1695 -7.18 -61.87 -28.83
N LYS B 1696 -6.31 -62.70 -29.43
CA LYS B 1696 -6.19 -64.09 -29.02
C LYS B 1696 -4.71 -64.43 -28.85
N ALA B 1697 -4.43 -65.36 -27.94
CA ALA B 1697 -3.11 -65.98 -27.86
C ALA B 1697 -3.33 -67.47 -27.67
N LYS B 1698 -2.37 -68.30 -28.06
CA LYS B 1698 -2.46 -69.72 -27.71
C LYS B 1698 -1.54 -70.04 -26.54
N VAL B 1699 -2.03 -70.82 -25.58
CA VAL B 1699 -1.25 -71.14 -24.39
C VAL B 1699 -1.15 -72.63 -24.11
N LYS B 1700 0.06 -73.16 -24.28
CA LYS B 1700 0.37 -74.56 -24.03
C LYS B 1700 1.31 -74.69 -22.83
N LEU B 1701 0.93 -75.51 -21.84
CA LEU B 1701 1.81 -75.72 -20.70
C LEU B 1701 2.22 -77.18 -20.59
N ASP B 1702 3.53 -77.43 -20.67
CA ASP B 1702 4.03 -78.79 -20.67
C ASP B 1702 4.80 -79.10 -19.38
N PHE B 1703 4.53 -80.26 -18.79
CA PHE B 1703 5.27 -80.71 -17.61
C PHE B 1703 5.31 -82.23 -17.50
N VAL B 1704 6.23 -82.74 -16.68
CA VAL B 1704 6.46 -84.18 -16.54
C VAL B 1704 5.58 -84.82 -15.47
N ALA B 1705 5.03 -86.01 -15.77
CA ALA B 1705 4.15 -86.71 -14.84
C ALA B 1705 4.91 -87.61 -13.87
N PRO B 1706 4.45 -87.69 -12.62
CA PRO B 1706 5.01 -88.59 -11.59
C PRO B 1706 4.45 -90.02 -11.65
N ALA B 1707 4.95 -90.87 -10.75
CA ALA B 1707 4.47 -92.23 -10.55
C ALA B 1707 3.14 -92.25 -9.79
N THR B 1708 2.45 -93.40 -9.79
CA THR B 1708 1.23 -93.64 -9.00
C THR B 1708 0.16 -92.56 -9.28
N GLY B 1709 -0.51 -92.73 -10.41
CA GLY B 1709 -1.17 -91.64 -11.09
C GLY B 1709 -2.34 -90.92 -10.45
N ALA B 1710 -2.60 -91.14 -9.17
CA ALA B 1710 -3.57 -90.26 -8.52
C ALA B 1710 -2.84 -88.96 -8.17
N HIS B 1711 -3.22 -87.87 -8.84
CA HIS B 1711 -2.59 -86.57 -8.59
C HIS B 1711 -3.54 -85.39 -8.79
N ASN B 1712 -3.52 -84.47 -7.83
CA ASN B 1712 -4.39 -83.30 -7.83
C ASN B 1712 -3.59 -82.03 -8.10
N TYR B 1713 -3.96 -81.29 -9.14
CA TYR B 1713 -3.25 -80.08 -9.52
C TYR B 1713 -4.16 -78.85 -9.51
N THR B 1714 -3.54 -77.69 -9.71
CA THR B 1714 -4.26 -76.42 -9.72
C THR B 1714 -3.74 -75.52 -10.85
N LEU B 1715 -4.66 -74.83 -11.50
CA LEU B 1715 -4.34 -73.92 -12.59
C LEU B 1715 -4.73 -72.48 -12.22
N TYR B 1716 -3.72 -71.62 -12.10
CA TYR B 1716 -3.92 -70.23 -11.75
C TYR B 1716 -3.79 -69.31 -12.96
N PHE B 1717 -4.66 -68.32 -13.04
CA PHE B 1717 -4.56 -67.28 -14.06
C PHE B 1717 -4.58 -65.92 -13.36
N MET B 1718 -3.44 -65.23 -13.38
CA MET B 1718 -3.31 -64.01 -12.57
C MET B 1718 -2.73 -62.84 -13.35
N SER B 1719 -3.11 -61.61 -12.98
CA SER B 1719 -2.61 -60.45 -13.71
C SER B 1719 -1.42 -59.80 -13.00
N ASP B 1720 -0.75 -58.90 -13.71
CA ASP B 1720 0.28 -58.07 -13.12
C ASP B 1720 -0.27 -56.67 -12.87
N ALA B 1721 -1.52 -56.45 -13.27
CA ALA B 1721 -2.08 -55.11 -13.38
C ALA B 1721 -3.25 -54.86 -12.43
N TYR B 1722 -4.30 -55.65 -12.55
CA TYR B 1722 -5.51 -55.44 -11.75
C TYR B 1722 -5.76 -56.55 -10.73
N MET B 1723 -6.47 -56.20 -9.66
CA MET B 1723 -6.93 -57.20 -8.67
C MET B 1723 -8.38 -57.58 -8.94
N GLY B 1724 -8.71 -58.84 -8.70
CA GLY B 1724 -10.06 -59.31 -8.89
C GLY B 1724 -10.25 -60.11 -10.18
N CYS B 1725 -9.29 -60.04 -11.08
CA CYS B 1725 -9.40 -60.76 -12.35
C CYS B 1725 -8.80 -62.16 -12.28
N ASP B 1726 -8.33 -62.56 -11.11
CA ASP B 1726 -7.67 -63.84 -10.98
C ASP B 1726 -8.67 -64.99 -11.03
N GLN B 1727 -8.29 -66.07 -11.70
CA GLN B 1727 -9.17 -67.24 -11.81
C GLN B 1727 -8.41 -68.50 -11.42
N GLU B 1728 -9.08 -69.43 -10.75
CA GLU B 1728 -8.47 -70.71 -10.42
C GLU B 1728 -9.31 -71.88 -10.89
N TYR B 1729 -8.66 -72.88 -11.47
CA TYR B 1729 -9.34 -74.13 -11.81
C TYR B 1729 -8.56 -75.34 -11.28
N LYS B 1730 -9.17 -76.08 -10.36
CA LYS B 1730 -8.57 -77.32 -9.87
C LYS B 1730 -8.83 -78.48 -10.84
N PHE B 1731 -7.90 -79.44 -10.90
CA PHE B 1731 -8.12 -80.64 -11.71
C PHE B 1731 -7.25 -81.82 -11.26
N SER B 1732 -7.35 -82.93 -11.98
CA SER B 1732 -6.61 -84.14 -11.64
C SER B 1732 -6.02 -84.80 -12.88
N VAL B 1733 -4.95 -85.58 -12.70
CA VAL B 1733 -4.29 -86.24 -13.84
C VAL B 1733 -3.96 -87.70 -13.56
N ASP B 1734 -4.07 -88.54 -14.60
CA ASP B 1734 -3.61 -89.93 -14.59
C ASP B 1734 -4.33 -90.78 -13.55
#